data_2Q4P
#
_entry.id   2Q4P
#
_cell.length_a   73.541
_cell.length_b   73.541
_cell.length_c   236.078
_cell.angle_alpha   90.000
_cell.angle_beta   90.000
_cell.angle_gamma   120.000
#
_symmetry.space_group_name_H-M   'P 65 2 2'
#
loop_
_entity.id
_entity.type
_entity.pdbx_description
1 polymer 'Protein RS21-C6'
2 water water
#
_entity_poly.entity_id   1
_entity_poly.type   'polypeptide(L)'
_entity_poly.pdbx_seq_one_letter_code
;(MSE)STAGDGERGTVGQEDSAAARPFRFSPEPTLEDIRRLHAEFAAERDWEQFHQPRNLLLALVGEVGELAELFQWKSD
TEPGPQAWPPKERAALQEELSDVLIYLVALAARCHVDLPQAVISK(MSE)DTNRQRYPVHLSRGSACKYTDLPRGTISEN
QAVGAGDPASELRDQAST
;
_entity_poly.pdbx_strand_id   A,B
#
# COMPACT_ATOMS: atom_id res chain seq x y z
N PRO A 22 -18.97 7.77 9.39
CA PRO A 22 -18.92 6.34 9.03
C PRO A 22 -18.40 6.23 7.61
N PHE A 23 -17.09 6.33 7.45
CA PHE A 23 -16.44 6.28 6.13
C PHE A 23 -15.88 4.93 5.72
N ARG A 24 -16.28 4.43 4.56
CA ARG A 24 -15.75 3.16 4.05
C ARG A 24 -14.88 3.51 2.83
N PHE A 25 -14.40 2.50 2.09
CA PHE A 25 -13.58 2.75 0.87
C PHE A 25 -14.49 2.50 -0.36
N SER A 26 -14.45 1.24 -0.80
CA SER A 26 -15.17 0.69 -1.93
C SER A 26 -14.58 -0.71 -2.12
N PRO A 27 -15.48 -1.67 -2.52
CA PRO A 27 -15.32 -3.09 -2.81
C PRO A 27 -14.44 -3.20 -4.04
N GLU A 28 -14.79 -2.40 -5.07
CA GLU A 28 -14.14 -2.31 -6.41
C GLU A 28 -13.29 -1.07 -6.61
N PRO A 29 -12.26 -1.15 -7.44
CA PRO A 29 -11.76 -2.28 -8.27
C PRO A 29 -11.16 -3.46 -7.50
N THR A 30 -11.12 -4.66 -8.07
CA THR A 30 -10.48 -5.71 -7.28
C THR A 30 -9.06 -5.11 -7.21
N LEU A 31 -8.16 -5.79 -6.53
CA LEU A 31 -6.76 -5.35 -6.41
C LEU A 31 -6.18 -5.80 -7.74
N GLU A 32 -6.81 -6.88 -8.19
CA GLU A 32 -6.56 -7.54 -9.43
C GLU A 32 -6.56 -6.40 -10.44
N ASP A 33 -7.73 -5.79 -10.56
CA ASP A 33 -8.00 -4.68 -11.47
C ASP A 33 -7.07 -3.46 -11.37
N ILE A 34 -6.48 -3.23 -10.19
CA ILE A 34 -5.58 -2.11 -10.08
C ILE A 34 -4.30 -2.60 -10.73
N ARG A 35 -4.09 -3.90 -10.66
CA ARG A 35 -2.93 -4.51 -11.26
C ARG A 35 -3.13 -4.30 -12.76
N ARG A 36 -4.41 -4.21 -13.11
CA ARG A 36 -4.92 -4.01 -14.46
C ARG A 36 -4.68 -2.62 -15.03
N LEU A 37 -5.14 -1.59 -14.32
CA LEU A 37 -5.00 -0.23 -14.83
C LEU A 37 -3.58 0.31 -15.00
N HIS A 38 -2.66 0.00 -14.07
CA HIS A 38 -1.26 0.48 -14.23
C HIS A 38 -0.27 -0.57 -14.86
N ALA A 39 -0.75 -1.22 -15.95
CA ALA A 39 0.00 -2.25 -16.74
C ALA A 39 -0.12 -1.96 -18.28
N GLU A 40 -1.34 -1.69 -18.71
CA GLU A 40 -1.74 -1.34 -20.10
C GLU A 40 -1.37 0.16 -20.06
N PHE A 41 -1.59 0.79 -18.91
CA PHE A 41 -1.25 2.20 -18.68
C PHE A 41 0.29 2.36 -18.84
N ALA A 42 1.05 1.49 -18.20
CA ALA A 42 2.49 1.51 -18.26
C ALA A 42 2.98 1.08 -19.64
N ALA A 43 2.12 0.37 -20.36
CA ALA A 43 2.42 -0.16 -21.71
C ALA A 43 2.55 0.94 -22.80
N GLU A 44 1.71 1.98 -22.71
CA GLU A 44 1.76 3.07 -23.70
C GLU A 44 2.84 4.07 -23.28
N ARG A 45 3.79 3.59 -22.47
CA ARG A 45 4.90 4.40 -21.94
C ARG A 45 6.25 3.62 -21.86
N ASP A 46 7.33 4.21 -21.38
CA ASP A 46 8.61 3.48 -21.36
C ASP A 46 8.54 2.11 -20.69
N TRP A 47 8.84 1.07 -21.47
CA TRP A 47 8.75 -0.27 -20.92
C TRP A 47 9.57 -0.53 -19.66
N GLU A 48 10.88 -0.64 -19.78
CA GLU A 48 11.68 -0.92 -18.59
C GLU A 48 11.44 0.07 -17.49
N GLN A 49 10.87 1.23 -17.83
CA GLN A 49 10.62 2.26 -16.84
C GLN A 49 9.47 1.87 -15.91
N PHE A 50 8.25 1.86 -16.44
CA PHE A 50 7.16 1.50 -15.58
C PHE A 50 7.04 -0.02 -15.53
N HIS A 51 8.11 -0.69 -15.97
CA HIS A 51 8.14 -2.14 -15.94
C HIS A 51 9.26 -2.76 -15.07
N GLN A 52 10.34 -2.05 -14.79
CA GLN A 52 11.30 -2.69 -13.88
C GLN A 52 10.63 -2.67 -12.49
N PRO A 53 10.48 -3.85 -11.85
CA PRO A 53 9.85 -3.81 -10.54
C PRO A 53 10.59 -2.70 -9.78
N ARG A 54 11.92 -2.82 -9.76
CA ARG A 54 12.76 -1.88 -9.04
C ARG A 54 12.53 -0.38 -9.36
N ASN A 55 11.90 -0.10 -10.51
CA ASN A 55 11.54 1.27 -10.88
C ASN A 55 10.26 1.74 -10.13
N LEU A 56 9.25 0.83 -10.08
CA LEU A 56 7.92 1.00 -9.47
C LEU A 56 8.00 1.11 -7.93
N LEU A 57 8.91 0.29 -7.39
CA LEU A 57 9.26 0.18 -5.96
C LEU A 57 9.91 1.48 -5.48
N LEU A 58 11.05 1.83 -6.10
CA LEU A 58 11.71 3.05 -5.72
C LEU A 58 10.73 4.20 -5.99
N ALA A 59 9.83 4.01 -6.95
CA ALA A 59 8.84 5.02 -7.26
C ALA A 59 7.91 5.16 -6.03
N LEU A 60 7.59 4.00 -5.42
CA LEU A 60 6.75 3.88 -4.22
C LEU A 60 7.45 4.44 -2.98
N VAL A 61 8.69 4.00 -2.75
CA VAL A 61 9.48 4.45 -1.61
C VAL A 61 9.55 5.96 -1.57
N GLY A 62 9.72 6.56 -2.75
CA GLY A 62 9.80 8.01 -2.80
C GLY A 62 8.43 8.53 -2.45
N GLU A 63 7.41 7.88 -3.03
CA GLU A 63 6.04 8.25 -2.77
C GLU A 63 5.74 8.04 -1.25
N VAL A 64 6.17 6.91 -0.68
CA VAL A 64 5.89 6.71 0.73
C VAL A 64 6.74 7.79 1.33
N GLY A 65 7.80 8.14 0.60
CA GLY A 65 8.67 9.19 1.08
C GLY A 65 8.01 10.55 1.02
N GLU A 66 7.38 10.91 -0.10
CA GLU A 66 6.79 12.25 -0.21
C GLU A 66 5.64 12.40 0.84
N LEU A 67 5.04 11.25 1.18
CA LEU A 67 3.96 11.16 2.18
C LEU A 67 4.58 11.51 3.56
N ALA A 68 5.72 10.86 3.87
CA ALA A 68 6.39 11.13 5.17
C ALA A 68 6.43 12.65 5.39
N GLU A 69 7.06 13.34 4.43
CA GLU A 69 7.24 14.77 4.49
C GLU A 69 5.90 15.42 4.44
N LEU A 70 4.97 14.75 3.77
CA LEU A 70 3.70 15.40 3.65
C LEU A 70 2.92 15.26 4.90
N PHE A 71 3.66 14.97 5.97
CA PHE A 71 3.17 14.81 7.34
C PHE A 71 4.28 15.11 8.30
N GLN A 72 5.45 15.50 7.75
CA GLN A 72 6.62 15.72 8.60
C GLN A 72 6.53 16.71 9.78
N TRP A 73 5.96 17.89 9.58
CA TRP A 73 5.91 18.79 10.71
C TRP A 73 4.53 18.91 11.41
N LYS A 74 3.56 18.07 11.02
CA LYS A 74 2.20 18.06 11.60
C LYS A 74 2.20 17.42 12.96
N SER A 75 1.39 17.96 13.86
CA SER A 75 1.27 17.42 15.20
C SER A 75 0.42 16.16 15.18
N ASP A 76 0.98 15.11 15.79
CA ASP A 76 0.33 13.82 15.92
C ASP A 76 -1.10 14.17 16.34
N THR A 77 -1.20 15.39 16.88
CA THR A 77 -2.36 16.10 17.40
C THR A 77 -3.07 17.10 16.41
N GLU A 78 -2.46 18.28 16.18
CA GLU A 78 -3.01 19.34 15.30
C GLU A 78 -3.95 18.89 14.14
N PRO A 79 -4.84 19.81 13.66
CA PRO A 79 -5.80 19.53 12.58
C PRO A 79 -5.38 18.54 11.50
N GLY A 80 -5.84 17.30 11.67
CA GLY A 80 -5.54 16.24 10.74
C GLY A 80 -5.84 16.49 9.27
N PRO A 81 -5.36 15.56 8.40
CA PRO A 81 -5.55 15.66 6.97
C PRO A 81 -6.78 16.42 6.48
N GLN A 82 -7.95 16.09 7.02
CA GLN A 82 -9.18 16.76 6.56
C GLN A 82 -9.26 18.27 6.92
N ALA A 83 -8.64 18.67 8.04
CA ALA A 83 -8.64 20.09 8.43
C ALA A 83 -7.40 20.91 7.92
N TRP A 84 -7.14 20.84 6.60
CA TRP A 84 -6.03 21.55 5.90
C TRP A 84 -6.48 22.22 4.54
N PRO A 85 -5.53 22.85 3.80
CA PRO A 85 -6.02 23.38 2.52
C PRO A 85 -6.38 22.08 1.77
N PRO A 86 -6.91 22.16 0.54
CA PRO A 86 -7.29 21.00 -0.26
C PRO A 86 -6.21 20.49 -1.17
N LYS A 87 -5.24 21.33 -1.48
CA LYS A 87 -4.13 21.00 -2.40
C LYS A 87 -3.17 20.07 -1.67
N GLU A 88 -3.50 19.89 -0.37
CA GLU A 88 -2.79 19.09 0.64
C GLU A 88 -3.47 17.72 0.87
N ARG A 89 -4.75 17.71 1.29
CA ARG A 89 -5.46 16.41 1.47
C ARG A 89 -5.38 15.85 0.08
N ALA A 90 -5.51 16.77 -0.86
CA ALA A 90 -5.46 16.49 -2.28
C ALA A 90 -4.31 15.63 -2.72
N ALA A 91 -3.11 16.09 -2.41
CA ALA A 91 -1.83 15.45 -2.73
C ALA A 91 -1.46 14.37 -1.73
N LEU A 92 -1.89 14.57 -0.49
CA LEU A 92 -1.67 13.63 0.60
C LEU A 92 -2.47 12.37 0.19
N GLN A 93 -3.66 12.61 -0.37
CA GLN A 93 -4.55 11.55 -0.86
C GLN A 93 -3.82 11.00 -2.10
N GLU A 94 -2.98 11.86 -2.67
CA GLU A 94 -2.21 11.50 -3.86
C GLU A 94 -1.01 10.62 -3.55
N GLU A 95 -0.19 11.01 -2.56
CA GLU A 95 0.97 10.18 -2.24
C GLU A 95 0.45 8.82 -1.78
N LEU A 96 -0.77 8.82 -1.22
CA LEU A 96 -1.43 7.58 -0.77
C LEU A 96 -1.82 6.75 -2.00
N SER A 97 -2.58 7.37 -2.89
CA SER A 97 -2.99 6.71 -4.12
C SER A 97 -1.77 6.17 -4.89
N ASP A 98 -0.67 6.93 -4.90
CA ASP A 98 0.56 6.52 -5.59
C ASP A 98 1.35 5.44 -4.88
N VAL A 99 1.38 5.48 -3.54
CA VAL A 99 2.11 4.48 -2.81
C VAL A 99 1.42 3.16 -3.11
N LEU A 100 0.11 3.23 -3.26
CA LEU A 100 -0.67 2.02 -3.50
C LEU A 100 -0.62 1.58 -4.94
N ILE A 101 -0.63 2.54 -5.85
CA ILE A 101 -0.55 2.23 -7.29
C ILE A 101 0.81 1.57 -7.51
N TYR A 102 1.85 2.16 -6.94
CA TYR A 102 3.19 1.58 -7.06
C TYR A 102 3.33 0.29 -6.26
N LEU A 103 2.50 0.12 -5.21
CA LEU A 103 2.52 -1.08 -4.42
C LEU A 103 1.84 -2.16 -5.25
N VAL A 104 0.73 -1.79 -5.89
CA VAL A 104 -0.04 -2.72 -6.71
C VAL A 104 0.69 -3.18 -7.98
N ALA A 105 1.37 -2.22 -8.64
CA ALA A 105 2.09 -2.49 -9.89
C ALA A 105 3.24 -3.49 -9.67
N LEU A 106 3.91 -3.32 -8.52
CA LEU A 106 5.00 -4.19 -8.11
C LEU A 106 4.45 -5.58 -7.90
N ALA A 107 3.61 -5.70 -6.87
CA ALA A 107 2.99 -6.94 -6.49
C ALA A 107 2.64 -7.72 -7.72
N ALA A 108 1.98 -7.02 -8.63
CA ALA A 108 1.58 -7.61 -9.92
C ALA A 108 2.76 -8.27 -10.58
N ARG A 109 3.79 -7.47 -10.81
CA ARG A 109 5.04 -7.90 -11.45
C ARG A 109 5.69 -9.10 -10.77
N CYS A 110 5.51 -9.19 -9.44
CA CYS A 110 6.08 -10.30 -8.66
C CYS A 110 5.15 -11.50 -8.66
N HIS A 111 4.02 -11.32 -9.37
CA HIS A 111 2.94 -12.31 -9.48
C HIS A 111 2.51 -12.64 -8.06
N VAL A 112 2.65 -11.65 -7.16
CA VAL A 112 2.21 -11.92 -5.81
C VAL A 112 0.74 -11.60 -5.72
N ASP A 113 -0.04 -12.55 -5.20
CA ASP A 113 -1.48 -12.33 -5.08
C ASP A 113 -1.90 -11.68 -3.75
N LEU A 114 -1.47 -10.43 -3.65
CA LEU A 114 -1.70 -9.54 -2.54
C LEU A 114 -2.96 -9.92 -1.79
N PRO A 115 -4.12 -10.02 -2.49
CA PRO A 115 -5.36 -10.39 -1.77
C PRO A 115 -5.11 -11.61 -0.91
N GLN A 116 -4.58 -12.68 -1.50
CA GLN A 116 -4.32 -13.87 -0.69
C GLN A 116 -3.17 -13.68 0.30
N ALA A 117 -2.11 -12.99 -0.12
CA ALA A 117 -0.94 -12.79 0.69
C ALA A 117 -1.33 -12.08 2.03
N VAL A 118 -2.06 -10.97 1.91
CA VAL A 118 -2.50 -10.22 3.10
C VAL A 118 -3.23 -11.17 4.08
N ILE A 119 -4.08 -12.02 3.53
CA ILE A 119 -4.85 -12.96 4.31
C ILE A 119 -4.08 -13.67 5.43
N SER A 120 -3.26 -14.66 5.10
CA SER A 120 -2.52 -15.31 6.18
C SER A 120 -1.62 -14.29 6.86
N LYS A 121 -1.11 -13.31 6.11
CA LYS A 121 -0.30 -12.30 6.77
C LYS A 121 -1.16 -11.85 7.97
N MSE A 122 -2.42 -11.53 7.68
CA MSE A 122 -3.37 -11.10 8.69
C MSE A 122 -3.74 -12.30 9.56
O MSE A 122 -3.76 -12.18 10.79
CB MSE A 122 -4.60 -10.51 8.03
CG MSE A 122 -4.30 -9.24 7.28
SE MSE A 122 -5.81 -8.04 7.29
CE MSE A 122 -5.65 -7.46 9.09
N ASP A 123 -4.02 -13.45 8.93
CA ASP A 123 -4.31 -14.65 9.69
C ASP A 123 -3.03 -14.95 10.52
N THR A 124 -1.86 -14.80 9.90
CA THR A 124 -0.58 -15.03 10.61
C THR A 124 -0.36 -14.02 11.76
N ASN A 125 -0.52 -12.73 11.44
CA ASN A 125 -0.39 -11.66 12.42
C ASN A 125 -1.47 -11.86 13.48
N ARG A 126 -2.64 -12.32 13.03
CA ARG A 126 -3.71 -12.55 13.95
C ARG A 126 -3.17 -13.61 14.93
N GLN A 127 -2.48 -14.62 14.41
CA GLN A 127 -1.91 -15.64 15.29
C GLN A 127 -0.92 -14.97 16.24
N ARG A 128 0.34 -14.90 15.80
CA ARG A 128 1.46 -14.30 16.54
C ARG A 128 1.02 -13.34 17.65
N TYR A 129 -0.02 -12.58 17.34
CA TYR A 129 -0.59 -11.63 18.28
C TYR A 129 -1.96 -12.11 18.81
N PRO A 130 -1.97 -12.92 19.88
CA PRO A 130 -3.22 -13.41 20.46
C PRO A 130 -3.91 -12.16 20.97
N VAL A 131 -5.24 -12.05 20.89
CA VAL A 131 -5.90 -10.86 21.47
C VAL A 131 -5.84 -10.98 23.02
N HIS A 132 -6.04 -9.88 23.74
CA HIS A 132 -6.01 -9.94 25.20
C HIS A 132 -7.38 -9.65 25.81
N LEU A 133 -7.95 -10.66 26.47
CA LEU A 133 -9.25 -10.50 27.12
C LEU A 133 -9.01 -10.01 28.53
N SER A 134 -9.59 -10.70 29.50
CA SER A 134 -9.41 -10.32 30.92
C SER A 134 -8.86 -11.44 31.79
N PRO B 22 -2.69 -15.15 -18.20
CA PRO B 22 -2.75 -13.74 -17.78
C PRO B 22 -3.00 -13.71 -16.25
N PHE B 23 -1.88 -13.62 -15.51
CA PHE B 23 -1.77 -13.62 -14.03
C PHE B 23 -2.90 -13.01 -13.15
N ARG B 24 -3.27 -13.70 -12.10
CA ARG B 24 -4.28 -13.02 -11.33
C ARG B 24 -4.09 -12.86 -9.82
N PHE B 25 -4.54 -11.70 -9.32
CA PHE B 25 -4.54 -11.37 -7.87
C PHE B 25 -5.85 -12.04 -7.58
N SER B 26 -6.61 -11.49 -6.63
CA SER B 26 -7.93 -12.01 -6.39
C SER B 26 -8.87 -10.80 -6.41
N PRO B 27 -10.11 -11.00 -6.88
CA PRO B 27 -11.22 -10.06 -7.03
C PRO B 27 -11.73 -9.61 -5.67
N GLU B 28 -11.16 -10.23 -4.65
CA GLU B 28 -11.42 -9.98 -3.24
C GLU B 28 -10.26 -10.86 -2.80
N PRO B 29 -9.73 -10.65 -1.58
CA PRO B 29 -10.30 -9.60 -0.77
C PRO B 29 -9.96 -8.18 -1.25
N THR B 30 -10.99 -7.36 -1.17
CA THR B 30 -10.96 -5.96 -1.50
C THR B 30 -10.16 -5.20 -0.41
N LEU B 31 -9.75 -3.96 -0.73
CA LEU B 31 -8.97 -3.14 0.22
C LEU B 31 -9.77 -2.84 1.48
N GLU B 32 -11.08 -3.05 1.34
CA GLU B 32 -12.09 -2.85 2.36
C GLU B 32 -12.19 -4.16 3.12
N ASP B 33 -12.19 -5.27 2.39
CA ASP B 33 -12.23 -6.55 3.07
C ASP B 33 -11.06 -6.46 4.08
N ILE B 34 -9.83 -6.49 3.53
CA ILE B 34 -8.61 -6.39 4.27
C ILE B 34 -8.76 -5.31 5.33
N ARG B 35 -9.27 -4.16 4.89
CA ARG B 35 -9.41 -3.05 5.84
C ARG B 35 -10.11 -3.55 7.11
N ARG B 36 -11.11 -4.42 6.94
CA ARG B 36 -11.83 -4.94 8.10
C ARG B 36 -10.98 -5.92 8.89
N LEU B 37 -10.32 -6.86 8.22
CA LEU B 37 -9.53 -7.79 8.99
C LEU B 37 -8.63 -7.11 10.01
N HIS B 38 -8.14 -5.92 9.62
CA HIS B 38 -7.25 -5.08 10.42
C HIS B 38 -7.85 -4.15 11.53
N ALA B 39 -8.92 -3.40 11.21
CA ALA B 39 -9.55 -2.46 12.16
C ALA B 39 -10.04 -3.23 13.39
N GLU B 40 -10.53 -4.43 13.05
CA GLU B 40 -11.07 -5.42 13.99
C GLU B 40 -9.88 -6.08 14.73
N PHE B 41 -8.86 -6.51 13.98
CA PHE B 41 -7.70 -7.19 14.60
C PHE B 41 -6.92 -6.29 15.55
N ALA B 42 -7.05 -4.98 15.36
CA ALA B 42 -6.40 -4.01 16.25
C ALA B 42 -7.45 -3.59 17.26
N ALA B 43 -8.70 -3.94 16.98
CA ALA B 43 -9.80 -3.59 17.85
C ALA B 43 -9.58 -4.31 19.14
N GLU B 44 -9.43 -5.63 19.02
CA GLU B 44 -9.20 -6.57 20.14
C GLU B 44 -7.77 -6.48 20.77
N ARG B 45 -6.89 -5.72 20.15
CA ARG B 45 -5.52 -5.54 20.64
C ARG B 45 -5.17 -4.15 21.17
N ASP B 46 -3.88 -3.79 21.13
CA ASP B 46 -3.45 -2.46 21.58
C ASP B 46 -4.05 -1.63 20.47
N TRP B 47 -5.18 -0.99 20.78
CA TRP B 47 -5.91 -0.17 19.82
C TRP B 47 -5.29 1.21 19.57
N GLU B 48 -5.39 2.10 20.54
CA GLU B 48 -4.86 3.46 20.39
C GLU B 48 -3.45 3.51 19.76
N GLN B 49 -2.72 2.40 19.89
CA GLN B 49 -1.38 2.22 19.31
C GLN B 49 -1.51 2.27 17.78
N PHE B 50 -2.65 1.77 17.28
CA PHE B 50 -2.91 1.73 15.84
C PHE B 50 -3.74 2.89 15.40
N HIS B 51 -4.02 3.76 16.36
CA HIS B 51 -4.80 4.93 16.04
C HIS B 51 -3.84 6.02 15.53
N GLN B 52 -3.03 6.59 16.41
CA GLN B 52 -2.12 7.68 16.07
C GLN B 52 -1.53 7.49 14.70
N PRO B 53 -1.90 8.38 13.76
CA PRO B 53 -1.45 8.36 12.36
C PRO B 53 -0.01 7.96 12.20
N ARG B 54 0.88 8.80 12.75
CA ARG B 54 2.32 8.56 12.62
C ARG B 54 2.82 7.20 13.14
N ASN B 55 2.01 6.50 13.91
CA ASN B 55 2.36 5.16 14.37
C ASN B 55 2.25 4.27 13.13
N LEU B 56 1.16 4.50 12.37
CA LEU B 56 0.86 3.77 11.14
C LEU B 56 1.84 4.17 10.03
N LEU B 57 2.15 5.46 9.92
CA LEU B 57 3.05 5.89 8.88
C LEU B 57 4.44 5.30 9.07
N LEU B 58 4.95 5.34 10.30
CA LEU B 58 6.28 4.81 10.60
C LEU B 58 6.28 3.26 10.42
N ALA B 59 5.13 2.63 10.65
CA ALA B 59 5.04 1.16 10.54
C ALA B 59 5.05 0.81 9.05
N LEU B 60 4.45 1.70 8.23
CA LEU B 60 4.41 1.55 6.77
C LEU B 60 5.87 1.70 6.29
N VAL B 61 6.55 2.75 6.75
CA VAL B 61 7.93 2.97 6.42
C VAL B 61 8.78 1.78 6.81
N GLY B 62 8.65 1.30 8.05
CA GLY B 62 9.45 0.15 8.47
C GLY B 62 9.33 -1.05 7.53
N GLU B 63 8.08 -1.42 7.25
CA GLU B 63 7.79 -2.55 6.37
C GLU B 63 8.41 -2.33 5.01
N VAL B 64 8.40 -1.07 4.55
CA VAL B 64 8.98 -0.80 3.25
C VAL B 64 10.48 -1.12 3.25
N GLY B 65 11.13 -0.92 4.39
CA GLY B 65 12.52 -1.27 4.51
C GLY B 65 12.64 -2.79 4.63
N GLU B 66 11.67 -3.42 5.30
CA GLU B 66 11.63 -4.87 5.44
C GLU B 66 11.66 -5.30 3.97
N LEU B 67 10.77 -4.68 3.20
CA LEU B 67 10.67 -4.95 1.78
C LEU B 67 12.00 -4.69 1.05
N ALA B 68 12.37 -3.42 0.92
CA ALA B 68 13.60 -3.02 0.25
C ALA B 68 14.81 -3.89 0.59
N GLU B 69 14.84 -4.49 1.78
CA GLU B 69 15.97 -5.35 2.20
C GLU B 69 16.17 -6.55 1.26
N LEU B 70 15.07 -6.97 0.63
CA LEU B 70 15.02 -8.05 -0.35
C LEU B 70 15.47 -7.55 -1.73
N PHE B 71 14.84 -6.45 -2.14
CA PHE B 71 15.10 -5.91 -3.43
C PHE B 71 16.52 -5.40 -3.56
N GLN B 72 17.05 -4.86 -2.46
CA GLN B 72 18.39 -4.23 -2.35
C GLN B 72 19.58 -4.93 -2.99
N TRP B 73 19.73 -6.22 -2.74
CA TRP B 73 20.86 -6.94 -3.30
C TRP B 73 20.54 -7.60 -4.64
N LYS B 74 19.25 -7.66 -4.98
CA LYS B 74 18.82 -8.28 -6.24
C LYS B 74 19.30 -7.57 -7.51
N SER B 75 20.16 -8.26 -8.25
CA SER B 75 20.71 -7.78 -9.52
C SER B 75 19.61 -8.03 -10.52
N ASP B 76 19.57 -7.23 -11.58
CA ASP B 76 18.52 -7.41 -12.59
C ASP B 76 18.65 -8.74 -13.34
N THR B 77 19.90 -9.11 -13.61
CA THR B 77 20.33 -10.32 -14.30
C THR B 77 19.89 -11.60 -13.63
N GLU B 78 19.91 -11.61 -12.30
CA GLU B 78 19.52 -12.82 -11.55
C GLU B 78 17.99 -13.08 -11.60
N PRO B 79 17.51 -14.17 -10.94
CA PRO B 79 16.07 -14.40 -11.00
C PRO B 79 15.37 -13.10 -10.66
N GLY B 80 14.19 -12.92 -11.25
CA GLY B 80 13.38 -11.73 -11.04
C GLY B 80 12.19 -12.00 -10.14
N PRO B 81 11.49 -10.96 -9.69
CA PRO B 81 10.33 -11.14 -8.82
C PRO B 81 9.49 -12.36 -9.18
N GLN B 82 9.13 -12.51 -10.45
CA GLN B 82 8.32 -13.67 -10.88
C GLN B 82 8.93 -15.05 -10.48
N ALA B 83 10.26 -15.21 -10.59
CA ALA B 83 10.91 -16.50 -10.25
C ALA B 83 11.20 -16.65 -8.77
N TRP B 84 11.03 -15.55 -8.04
CA TRP B 84 11.22 -15.56 -6.62
C TRP B 84 10.56 -16.82 -6.02
N PRO B 85 11.39 -17.70 -5.42
CA PRO B 85 11.11 -18.98 -4.75
C PRO B 85 10.40 -18.82 -3.39
N PRO B 86 9.98 -19.95 -2.77
CA PRO B 86 9.27 -19.98 -1.49
C PRO B 86 9.56 -18.90 -0.47
N LYS B 87 10.59 -19.11 0.34
CA LYS B 87 10.95 -18.16 1.39
C LYS B 87 10.99 -16.72 0.86
N GLU B 88 10.93 -16.55 -0.46
CA GLU B 88 10.96 -15.22 -1.04
C GLU B 88 9.61 -14.56 -1.17
N ARG B 89 8.73 -15.25 -1.89
CA ARG B 89 7.37 -14.80 -2.15
C ARG B 89 6.61 -14.65 -0.86
N ALA B 90 6.85 -15.54 0.09
CA ALA B 90 6.14 -15.44 1.35
C ALA B 90 6.47 -14.09 2.01
N ALA B 91 7.74 -13.86 2.29
CA ALA B 91 8.16 -12.61 2.90
C ALA B 91 7.66 -11.38 2.11
N LEU B 92 7.81 -11.41 0.78
CA LEU B 92 7.37 -10.33 -0.11
C LEU B 92 5.87 -10.09 0.00
N GLN B 93 5.14 -11.17 -0.15
CA GLN B 93 3.69 -11.14 -0.05
C GLN B 93 3.23 -10.44 1.22
N GLU B 94 3.65 -11.03 2.33
CA GLU B 94 3.33 -10.50 3.67
C GLU B 94 3.79 -9.07 3.69
N GLU B 95 4.93 -8.82 3.04
CA GLU B 95 5.56 -7.50 2.95
C GLU B 95 4.70 -6.53 2.11
N LEU B 96 4.36 -6.95 0.89
CA LEU B 96 3.49 -6.11 0.06
C LEU B 96 2.23 -5.89 0.86
N SER B 97 1.78 -6.97 1.50
CA SER B 97 0.55 -7.01 2.29
C SER B 97 0.58 -6.09 3.53
N ASP B 98 1.69 -6.14 4.30
CA ASP B 98 1.80 -5.26 5.48
C ASP B 98 1.81 -3.80 5.00
N VAL B 99 2.39 -3.54 3.82
CA VAL B 99 2.40 -2.17 3.28
C VAL B 99 0.95 -1.77 2.94
N LEU B 100 0.22 -2.70 2.35
CA LEU B 100 -1.12 -2.43 1.95
C LEU B 100 -2.01 -2.08 3.16
N ILE B 101 -2.00 -2.95 4.16
CA ILE B 101 -2.82 -2.78 5.37
C ILE B 101 -2.62 -1.42 6.04
N TYR B 102 -1.35 -1.04 6.21
CA TYR B 102 -1.04 0.24 6.86
C TYR B 102 -1.43 1.39 5.97
N LEU B 103 -1.38 1.14 4.67
CA LEU B 103 -1.77 2.17 3.69
C LEU B 103 -3.30 2.20 3.59
N VAL B 104 -3.97 1.03 3.68
CA VAL B 104 -5.43 1.09 3.65
C VAL B 104 -5.80 1.72 4.98
N ALA B 105 -5.12 1.36 6.06
CA ALA B 105 -5.44 2.02 7.34
C ALA B 105 -5.19 3.54 7.30
N LEU B 106 -3.96 3.95 7.01
CA LEU B 106 -3.63 5.38 7.01
C LEU B 106 -4.64 6.25 6.24
N ALA B 107 -4.98 5.84 5.01
CA ALA B 107 -5.94 6.63 4.24
C ALA B 107 -7.23 6.76 5.07
N ALA B 108 -7.63 5.66 5.70
CA ALA B 108 -8.86 5.63 6.56
C ALA B 108 -8.80 6.70 7.65
N ARG B 109 -7.67 6.77 8.36
CA ARG B 109 -7.46 7.78 9.40
C ARG B 109 -7.46 9.18 8.78
N CYS B 110 -7.28 9.25 7.46
CA CYS B 110 -7.27 10.54 6.71
C CYS B 110 -8.49 10.85 5.86
N HIS B 111 -9.51 9.99 5.95
CA HIS B 111 -10.79 10.15 5.20
C HIS B 111 -10.66 9.90 3.70
N VAL B 112 -9.64 9.13 3.29
CA VAL B 112 -9.45 8.81 1.86
C VAL B 112 -9.93 7.42 1.43
N ASP B 113 -10.68 7.40 0.32
CA ASP B 113 -11.25 6.19 -0.33
C ASP B 113 -10.28 5.51 -1.34
N LEU B 114 -9.45 4.59 -0.85
CA LEU B 114 -8.50 3.90 -1.75
C LEU B 114 -9.03 3.21 -3.08
N PRO B 115 -9.77 2.06 -2.99
CA PRO B 115 -10.24 1.45 -4.24
C PRO B 115 -10.71 2.53 -5.21
N GLN B 116 -11.78 3.22 -4.83
CA GLN B 116 -12.34 4.31 -5.61
C GLN B 116 -11.45 5.47 -6.03
N ALA B 117 -10.20 5.51 -5.59
CA ALA B 117 -9.36 6.66 -5.92
C ALA B 117 -8.26 6.41 -6.93
N VAL B 118 -7.58 5.30 -6.76
CA VAL B 118 -6.48 4.91 -7.63
C VAL B 118 -6.86 5.22 -9.05
N ILE B 119 -8.17 5.11 -9.30
CA ILE B 119 -8.76 5.42 -10.60
C ILE B 119 -8.58 6.92 -10.68
N SER B 120 -9.37 7.60 -9.85
CA SER B 120 -9.34 9.04 -9.78
C SER B 120 -7.92 9.51 -10.07
N LYS B 121 -6.96 9.18 -9.19
CA LYS B 121 -5.57 9.64 -9.35
C LYS B 121 -4.87 9.28 -10.68
N MSE B 122 -5.49 8.43 -11.47
CA MSE B 122 -4.89 8.08 -12.74
C MSE B 122 -4.58 9.34 -13.51
O MSE B 122 -3.60 9.39 -14.30
CB MSE B 122 -5.84 7.22 -13.55
CG MSE B 122 -5.98 5.87 -12.98
SE MSE B 122 -7.10 5.00 -14.14
CE MSE B 122 -5.92 3.64 -14.83
N ASP B 123 -5.41 10.35 -13.30
CA ASP B 123 -5.24 11.64 -13.98
C ASP B 123 -3.88 12.26 -13.75
N THR B 124 -3.48 12.38 -12.49
CA THR B 124 -2.16 12.94 -12.19
C THR B 124 -1.11 12.25 -13.03
N ASN B 125 -1.16 10.91 -13.03
CA ASN B 125 -0.23 10.05 -13.76
C ASN B 125 -0.44 10.04 -15.27
N ARG B 126 -1.69 10.05 -15.73
CA ARG B 126 -1.93 10.09 -17.18
C ARG B 126 -1.35 11.41 -17.72
N GLN B 127 -1.00 12.33 -16.82
CA GLN B 127 -0.39 13.63 -17.16
C GLN B 127 1.04 13.66 -16.62
N ARG B 128 1.28 13.01 -15.48
CA ARG B 128 2.63 13.03 -14.97
C ARG B 128 3.52 12.25 -15.96
N TYR B 129 2.88 11.54 -16.88
CA TYR B 129 3.54 10.72 -17.88
C TYR B 129 2.60 10.78 -19.09
N PRO B 130 2.90 11.62 -20.11
CA PRO B 130 2.05 11.74 -21.30
C PRO B 130 1.77 10.42 -22.04
N PRO A 22 -19.34 4.91 10.90
CA PRO A 22 -19.66 4.49 9.53
C PRO A 22 -18.88 5.24 8.43
N PHE A 23 -17.60 4.86 8.22
CA PHE A 23 -16.66 5.44 7.21
C PHE A 23 -15.98 4.36 6.34
N ARG A 24 -16.56 3.96 5.21
CA ARG A 24 -15.92 2.90 4.40
C ARG A 24 -14.95 3.37 3.28
N PHE A 25 -14.40 2.45 2.50
CA PHE A 25 -13.51 2.82 1.36
C PHE A 25 -14.38 2.74 0.11
N SER A 26 -14.23 1.59 -0.54
CA SER A 26 -14.96 1.25 -1.75
C SER A 26 -14.61 -0.20 -2.09
N PRO A 27 -15.65 -0.95 -2.55
CA PRO A 27 -15.70 -2.35 -2.96
C PRO A 27 -14.72 -2.54 -4.09
N GLU A 28 -14.88 -1.75 -5.14
CA GLU A 28 -14.01 -1.76 -6.35
C GLU A 28 -13.28 -0.43 -6.50
N PRO A 29 -12.23 -0.39 -7.34
CA PRO A 29 -11.68 -1.49 -8.18
C PRO A 29 -11.18 -2.73 -7.39
N THR A 30 -11.24 -3.90 -8.01
CA THR A 30 -10.71 -5.08 -7.33
C THR A 30 -9.20 -4.67 -7.19
N LEU A 31 -8.43 -5.32 -6.31
CA LEU A 31 -6.98 -5.00 -6.21
C LEU A 31 -6.46 -5.55 -7.57
N GLU A 32 -7.23 -6.50 -8.07
CA GLU A 32 -6.98 -7.16 -9.32
C GLU A 32 -7.18 -6.02 -10.30
N ASP A 33 -8.30 -5.29 -10.13
CA ASP A 33 -8.59 -4.16 -11.03
C ASP A 33 -7.38 -3.23 -11.07
N ILE A 34 -6.92 -2.74 -9.90
CA ILE A 34 -5.75 -1.90 -9.91
C ILE A 34 -4.66 -2.64 -10.67
N ARG A 35 -4.69 -3.95 -10.64
CA ARG A 35 -3.64 -4.63 -11.38
C ARG A 35 -3.99 -4.55 -12.87
N ARG A 36 -5.28 -4.67 -13.21
CA ARG A 36 -5.73 -4.59 -14.61
C ARG A 36 -5.24 -3.28 -15.12
N LEU A 37 -5.06 -2.36 -14.18
CA LEU A 37 -4.55 -1.09 -14.55
C LEU A 37 -3.05 -1.16 -14.31
N HIS A 38 -2.51 -2.21 -13.65
CA HIS A 38 -1.06 -2.29 -13.51
C HIS A 38 -0.85 -2.24 -15.00
N ALA A 39 -1.47 -3.25 -15.57
CA ALA A 39 -1.55 -3.60 -16.93
C ALA A 39 -1.67 -2.37 -17.80
N GLU A 40 -2.76 -1.61 -17.67
CA GLU A 40 -2.86 -0.41 -18.53
C GLU A 40 -1.93 0.67 -17.93
N PHE A 41 -0.72 0.18 -17.65
CA PHE A 41 0.38 1.00 -17.18
C PHE A 41 1.79 0.63 -17.69
N ALA A 42 2.25 -0.63 -17.60
CA ALA A 42 3.57 -0.96 -18.18
C ALA A 42 3.40 -1.64 -19.57
N ALA A 43 2.35 -1.22 -20.26
CA ALA A 43 2.06 -1.71 -21.60
C ALA A 43 2.30 -0.51 -22.53
N GLU A 44 1.90 0.69 -22.06
CA GLU A 44 2.02 1.91 -22.85
C GLU A 44 3.23 2.76 -22.50
N ARG A 45 3.95 2.43 -21.44
CA ARG A 45 5.14 3.22 -21.13
C ARG A 45 6.49 2.44 -21.26
N ASP A 46 7.63 3.10 -21.06
CA ASP A 46 8.90 2.39 -21.15
C ASP A 46 8.68 1.06 -20.45
N TRP A 47 8.80 -0.03 -21.21
CA TRP A 47 8.54 -1.36 -20.68
C TRP A 47 8.73 -1.67 -19.20
N GLU A 48 9.99 -1.89 -18.81
CA GLU A 48 10.34 -2.27 -17.48
C GLU A 48 10.50 -1.13 -16.49
N GLN A 49 10.94 0.03 -16.97
CA GLN A 49 11.10 1.18 -16.06
C GLN A 49 9.83 1.19 -15.21
N PHE A 50 8.74 0.77 -15.84
CA PHE A 50 7.45 0.70 -15.16
C PHE A 50 7.08 -0.75 -14.94
N HIS A 51 8.03 -1.64 -15.28
CA HIS A 51 7.89 -3.08 -15.07
C HIS A 51 8.99 -3.79 -14.24
N GLN A 52 10.27 -3.40 -14.34
CA GLN A 52 11.25 -4.06 -13.47
C GLN A 52 10.95 -3.77 -11.96
N PRO A 53 10.50 -4.80 -11.25
CA PRO A 53 10.17 -4.75 -9.82
C PRO A 53 10.83 -3.59 -9.04
N ARG A 54 12.15 -3.57 -9.07
CA ARG A 54 12.95 -2.59 -8.31
C ARG A 54 12.72 -1.09 -8.57
N ASN A 55 12.46 -0.69 -9.83
CA ASN A 55 12.17 0.75 -10.05
C ASN A 55 10.83 1.09 -9.36
N LEU A 56 9.83 0.25 -9.68
CA LEU A 56 8.45 0.31 -9.24
C LEU A 56 8.29 0.29 -7.73
N LEU A 57 9.42 -0.06 -7.12
CA LEU A 57 9.64 -0.16 -5.69
C LEU A 57 10.24 1.19 -5.27
N LEU A 58 11.10 1.73 -6.13
CA LEU A 58 11.73 3.02 -5.90
C LEU A 58 10.73 4.15 -5.88
N ALA A 59 9.84 4.16 -6.86
CA ALA A 59 8.81 5.20 -6.91
C ALA A 59 8.00 5.04 -5.60
N LEU A 60 7.42 3.85 -5.39
CA LEU A 60 6.68 3.52 -4.16
C LEU A 60 7.32 4.29 -3.00
N VAL A 61 8.64 4.38 -3.05
CA VAL A 61 9.44 5.06 -2.04
C VAL A 61 9.34 6.52 -2.28
N GLY A 62 9.46 6.88 -3.54
CA GLY A 62 9.32 8.27 -3.91
C GLY A 62 7.98 8.72 -3.32
N GLU A 63 7.15 7.71 -3.02
CA GLU A 63 5.85 7.86 -2.39
C GLU A 63 5.97 7.53 -0.85
N VAL A 64 6.75 6.55 -0.45
CA VAL A 64 6.83 6.33 1.01
C VAL A 64 7.46 7.55 1.66
N GLY A 65 8.57 8.03 1.08
CA GLY A 65 9.19 9.21 1.64
C GLY A 65 8.30 10.43 1.45
N GLU A 66 7.58 10.56 0.32
CA GLU A 66 6.76 11.75 0.17
C GLU A 66 5.69 11.82 1.30
N LEU A 67 5.29 10.64 1.82
CA LEU A 67 4.30 10.63 2.91
C LEU A 67 4.95 11.23 4.15
N ALA A 68 6.14 10.73 4.47
CA ALA A 68 6.88 11.22 5.64
C ALA A 68 6.99 12.77 5.66
N GLU A 69 7.06 13.41 4.48
CA GLU A 69 7.22 14.85 4.44
C GLU A 69 5.87 15.55 4.56
N LEU A 70 4.80 14.90 4.11
CA LEU A 70 3.49 15.54 4.22
C LEU A 70 3.14 15.70 5.67
N PHE A 71 3.84 14.94 6.48
CA PHE A 71 3.57 14.91 7.89
C PHE A 71 4.76 15.25 8.71
N GLN A 72 5.86 15.61 8.03
CA GLN A 72 7.12 15.88 8.72
C GLN A 72 7.02 16.74 9.98
N TRP A 73 6.34 17.88 9.90
CA TRP A 73 6.29 18.74 11.09
C TRP A 73 4.95 18.89 11.85
N LYS A 74 3.95 18.12 11.40
CA LYS A 74 2.59 18.07 11.95
C LYS A 74 2.47 17.64 13.41
N SER A 75 1.26 17.78 13.93
CA SER A 75 1.05 17.38 15.29
C SER A 75 -0.05 16.34 15.51
N ASP A 76 0.16 15.64 16.61
CA ASP A 76 -0.76 14.66 17.12
C ASP A 76 -1.95 15.57 17.45
N THR A 77 -1.73 16.54 18.33
CA THR A 77 -2.73 17.54 18.79
C THR A 77 -3.55 18.26 17.70
N GLU A 78 -2.89 18.75 16.66
CA GLU A 78 -3.60 19.47 15.62
C GLU A 78 -4.63 18.52 15.01
N PRO A 79 -5.69 19.06 14.34
CA PRO A 79 -6.77 18.31 13.69
C PRO A 79 -6.17 17.33 12.67
N GLY A 80 -6.37 16.03 12.86
CA GLY A 80 -5.81 15.10 11.89
C GLY A 80 -6.32 15.27 10.45
N PRO A 81 -5.55 14.76 9.46
CA PRO A 81 -5.66 14.72 7.97
C PRO A 81 -7.06 14.69 7.28
N GLN A 82 -8.10 14.68 8.11
CA GLN A 82 -9.47 14.67 7.66
C GLN A 82 -9.89 16.13 7.56
N ALA A 83 -9.28 16.92 8.48
CA ALA A 83 -9.46 18.37 8.67
C ALA A 83 -8.44 19.24 7.97
N TRP A 84 -7.54 18.61 7.23
CA TRP A 84 -6.51 19.27 6.45
C TRP A 84 -6.90 20.30 5.40
N PRO A 85 -5.90 21.07 4.93
CA PRO A 85 -6.07 22.13 3.93
C PRO A 85 -6.40 21.57 2.56
N PRO A 86 -6.74 22.45 1.60
CA PRO A 86 -7.08 22.07 0.23
C PRO A 86 -5.90 21.36 -0.42
N LYS A 87 -4.80 22.10 -0.49
CA LYS A 87 -3.54 21.62 -1.06
C LYS A 87 -3.01 20.37 -0.39
N GLU A 88 -2.96 20.40 0.95
CA GLU A 88 -2.45 19.28 1.74
C GLU A 88 -3.35 18.05 1.76
N ARG A 89 -4.65 18.27 1.91
CA ARG A 89 -5.60 17.15 1.91
C ARG A 89 -5.32 16.38 0.62
N ALA A 90 -5.27 17.12 -0.48
CA ALA A 90 -5.01 16.57 -1.80
C ALA A 90 -3.62 15.96 -1.89
N ALA A 91 -2.60 16.74 -1.58
CA ALA A 91 -1.21 16.25 -1.59
C ALA A 91 -1.17 14.89 -0.82
N LEU A 92 -1.77 14.86 0.38
CA LEU A 92 -1.84 13.65 1.18
C LEU A 92 -2.77 12.58 0.54
N GLN A 93 -3.92 13.05 0.03
CA GLN A 93 -4.91 12.16 -0.59
C GLN A 93 -4.46 11.62 -1.98
N GLU A 94 -3.94 12.47 -2.88
CA GLU A 94 -3.47 11.96 -4.21
C GLU A 94 -2.19 11.14 -4.05
N GLU A 95 -1.54 11.27 -2.89
CA GLU A 95 -0.31 10.55 -2.68
C GLU A 95 -0.50 9.12 -2.16
N LEU A 96 -1.26 8.95 -1.06
CA LEU A 96 -1.48 7.61 -0.50
C LEU A 96 -1.62 6.56 -1.61
N SER A 97 -2.33 6.98 -2.64
CA SER A 97 -2.57 6.14 -3.78
C SER A 97 -1.37 6.11 -4.72
N ASP A 98 -0.48 7.11 -4.67
CA ASP A 98 0.72 7.09 -5.52
C ASP A 98 1.36 5.83 -4.97
N VAL A 99 1.23 5.66 -3.65
CA VAL A 99 1.77 4.50 -3.00
C VAL A 99 1.00 3.24 -3.47
N LEU A 100 -0.32 3.24 -3.28
CA LEU A 100 -1.13 2.06 -3.64
C LEU A 100 -0.89 1.76 -5.10
N ILE A 101 -0.49 2.80 -5.81
CA ILE A 101 -0.20 2.61 -7.23
C ILE A 101 1.06 1.79 -7.39
N TYR A 102 2.16 2.30 -6.89
CA TYR A 102 3.42 1.55 -7.02
C TYR A 102 3.38 0.23 -6.27
N LEU A 103 2.65 0.16 -5.14
CA LEU A 103 2.53 -1.07 -4.39
C LEU A 103 1.82 -2.13 -5.25
N VAL A 104 0.71 -1.73 -5.87
CA VAL A 104 -0.04 -2.66 -6.69
C VAL A 104 0.74 -3.10 -7.97
N ALA A 105 1.45 -2.13 -8.55
CA ALA A 105 2.22 -2.37 -9.77
C ALA A 105 3.35 -3.38 -9.48
N LEU A 106 4.00 -3.20 -8.33
CA LEU A 106 5.07 -4.08 -7.87
C LEU A 106 4.54 -5.48 -7.70
N ALA A 107 3.58 -5.62 -6.77
CA ALA A 107 2.98 -6.90 -6.44
C ALA A 107 2.71 -7.68 -7.69
N ALA A 108 2.05 -7.03 -8.63
CA ALA A 108 1.73 -7.66 -9.90
C ALA A 108 2.97 -8.18 -10.58
N ARG A 109 3.98 -7.33 -10.74
CA ARG A 109 5.22 -7.72 -11.40
C ARG A 109 5.85 -8.95 -10.73
N CYS A 110 5.65 -9.09 -9.41
CA CYS A 110 6.20 -10.23 -8.64
C CYS A 110 5.25 -11.43 -8.61
N HIS A 111 4.14 -11.28 -9.35
CA HIS A 111 3.04 -12.27 -9.43
C HIS A 111 2.59 -12.59 -8.01
N VAL A 112 2.64 -11.61 -7.12
CA VAL A 112 2.14 -11.88 -5.78
C VAL A 112 0.67 -11.54 -5.75
N ASP A 113 -0.15 -12.51 -5.32
CA ASP A 113 -1.61 -12.32 -5.26
C ASP A 113 -2.01 -11.52 -4.00
N LEU A 114 -1.60 -10.27 -4.09
CA LEU A 114 -1.74 -9.22 -3.11
C LEU A 114 -2.99 -9.29 -2.25
N PRO A 115 -4.20 -9.40 -2.85
CA PRO A 115 -5.45 -9.50 -2.08
C PRO A 115 -5.38 -10.75 -1.24
N GLN A 116 -4.96 -11.85 -1.87
CA GLN A 116 -4.89 -13.09 -1.11
C GLN A 116 -3.78 -13.03 -0.07
N ALA A 117 -2.66 -12.40 -0.45
CA ALA A 117 -1.49 -12.27 0.39
C ALA A 117 -1.79 -11.57 1.71
N VAL A 118 -2.61 -10.53 1.62
CA VAL A 118 -3.01 -9.75 2.79
C VAL A 118 -3.77 -10.70 3.74
N ILE A 119 -4.51 -11.64 3.16
CA ILE A 119 -5.23 -12.59 3.98
C ILE A 119 -4.24 -13.31 4.90
N SER A 120 -3.41 -14.16 4.35
CA SER A 120 -2.42 -14.88 5.19
C SER A 120 -1.70 -13.93 6.13
N LYS A 121 -1.43 -12.72 5.64
CA LYS A 121 -0.75 -11.75 6.45
C LYS A 121 -1.57 -11.50 7.75
N MSE A 122 -2.85 -11.17 7.58
CA MSE A 122 -3.73 -10.92 8.72
C MSE A 122 -3.64 -12.07 9.72
O MSE A 122 -3.72 -11.86 10.93
CB MSE A 122 -5.16 -10.71 8.23
CG MSE A 122 -5.27 -9.56 7.26
SE MSE A 122 -5.38 -7.76 8.05
CE MSE A 122 -4.00 -7.86 9.38
N ASP A 123 -3.46 -13.29 9.20
CA ASP A 123 -3.30 -14.44 10.09
C ASP A 123 -2.05 -14.39 10.97
N THR A 124 -0.86 -14.22 10.38
CA THR A 124 0.39 -14.12 11.18
C THR A 124 0.20 -13.06 12.27
N ASN A 125 -0.59 -12.05 11.94
CA ASN A 125 -0.94 -10.96 12.86
C ASN A 125 -1.98 -11.48 13.89
N ARG A 126 -3.07 -12.10 13.42
CA ARG A 126 -4.01 -12.64 14.39
C ARG A 126 -3.37 -13.89 15.05
N GLN A 127 -2.41 -14.53 14.38
CA GLN A 127 -1.73 -15.70 14.94
C GLN A 127 -0.45 -15.36 15.73
N ARG A 128 0.27 -14.27 15.39
CA ARG A 128 1.51 -13.91 16.15
C ARG A 128 1.19 -13.09 17.42
N TYR A 129 0.22 -12.20 17.27
CA TYR A 129 -0.19 -11.36 18.37
C TYR A 129 -1.71 -11.58 18.65
N PRO A 130 -2.14 -12.84 18.94
CA PRO A 130 -3.55 -13.19 19.22
C PRO A 130 -4.12 -12.34 20.35
N VAL A 131 -5.45 -12.13 20.36
CA VAL A 131 -6.09 -11.25 21.37
C VAL A 131 -5.86 -11.52 22.87
N HIS A 132 -6.11 -10.49 23.67
CA HIS A 132 -5.92 -10.56 25.10
C HIS A 132 -7.26 -10.74 25.78
N LEU A 133 -7.36 -11.69 26.69
CA LEU A 133 -8.66 -11.87 27.34
C LEU A 133 -8.64 -11.52 28.81
N SER A 134 -9.67 -11.95 29.52
CA SER A 134 -9.74 -11.72 30.96
C SER A 134 -8.64 -12.46 31.69
N PRO B 22 -1.79 -16.31 -17.24
CA PRO B 22 -1.72 -14.84 -17.44
C PRO B 22 -1.93 -14.27 -16.03
N PHE B 23 -0.90 -13.70 -15.42
CA PHE B 23 -1.06 -13.25 -14.03
C PHE B 23 -2.12 -12.24 -13.58
N ARG B 24 -2.77 -12.56 -12.47
CA ARG B 24 -3.72 -11.64 -11.86
C ARG B 24 -4.03 -11.94 -10.36
N PHE B 25 -4.70 -10.99 -9.69
CA PHE B 25 -5.01 -11.18 -8.26
C PHE B 25 -6.34 -11.87 -8.08
N SER B 26 -6.61 -12.37 -6.87
CA SER B 26 -7.89 -12.99 -6.56
C SER B 26 -8.94 -11.91 -6.62
N PRO B 27 -10.20 -12.32 -6.59
CA PRO B 27 -11.17 -11.25 -6.66
C PRO B 27 -11.41 -10.54 -5.36
N GLU B 28 -10.80 -11.01 -4.29
CA GLU B 28 -10.98 -10.40 -2.95
C GLU B 28 -9.83 -10.83 -2.09
N PRO B 29 -9.62 -10.19 -0.94
CA PRO B 29 -10.39 -9.06 -0.40
C PRO B 29 -10.26 -7.74 -1.13
N THR B 30 -11.32 -6.93 -1.05
CA THR B 30 -11.33 -5.58 -1.59
C THR B 30 -10.51 -4.75 -0.58
N LEU B 31 -10.11 -3.53 -0.95
CA LEU B 31 -9.33 -2.71 -0.01
C LEU B 31 -10.17 -2.42 1.25
N GLU B 32 -11.50 -2.43 1.07
CA GLU B 32 -12.50 -2.22 2.11
C GLU B 32 -12.45 -3.45 3.00
N ASP B 33 -12.35 -4.62 2.36
CA ASP B 33 -12.33 -5.86 3.11
C ASP B 33 -11.15 -5.94 4.06
N ILE B 34 -9.96 -5.95 3.43
CA ILE B 34 -8.72 -6.03 4.10
C ILE B 34 -8.80 -5.03 5.26
N ARG B 35 -9.37 -3.87 4.93
CA ARG B 35 -9.54 -2.81 5.91
C ARG B 35 -10.16 -3.46 7.18
N ARG B 36 -11.02 -4.47 6.96
CA ARG B 36 -11.69 -5.18 8.08
C ARG B 36 -10.73 -6.08 8.86
N LEU B 37 -9.99 -6.96 8.19
CA LEU B 37 -9.13 -7.81 8.97
C LEU B 37 -8.25 -6.96 9.92
N HIS B 38 -7.81 -5.78 9.45
CA HIS B 38 -7.00 -4.84 10.26
C HIS B 38 -7.69 -4.06 11.45
N ALA B 39 -8.78 -3.34 11.15
CA ALA B 39 -9.52 -2.50 12.14
C ALA B 39 -10.04 -3.24 13.38
N GLU B 40 -10.64 -4.40 13.09
CA GLU B 40 -11.18 -5.32 14.12
C GLU B 40 -9.97 -5.94 14.82
N PHE B 41 -9.00 -6.37 14.03
CA PHE B 41 -7.79 -7.01 14.59
C PHE B 41 -7.16 -6.13 15.67
N ALA B 42 -6.87 -4.89 15.33
CA ALA B 42 -6.29 -3.92 16.27
C ALA B 42 -7.32 -3.49 17.29
N ALA B 43 -8.54 -4.00 17.19
CA ALA B 43 -9.60 -3.61 18.08
C ALA B 43 -9.38 -4.29 19.40
N GLU B 44 -9.30 -5.61 19.34
CA GLU B 44 -9.07 -6.54 20.46
C GLU B 44 -7.65 -6.37 21.01
N ARG B 45 -6.78 -5.97 20.09
CA ARG B 45 -5.39 -5.75 20.40
C ARG B 45 -5.07 -4.39 20.94
N ASP B 46 -4.22 -3.63 20.29
CA ASP B 46 -3.92 -2.34 20.84
C ASP B 46 -4.34 -1.26 19.88
N TRP B 47 -5.64 -0.96 20.00
CA TRP B 47 -6.33 0.00 19.20
C TRP B 47 -5.74 1.40 19.21
N GLU B 48 -5.34 1.86 20.40
CA GLU B 48 -4.76 3.20 20.52
C GLU B 48 -3.40 3.29 19.83
N GLN B 49 -2.66 2.19 19.87
CA GLN B 49 -1.34 2.04 19.25
C GLN B 49 -1.57 2.27 17.74
N PHE B 50 -2.67 1.70 17.23
CA PHE B 50 -2.99 1.78 15.81
C PHE B 50 -3.84 2.95 15.38
N HIS B 51 -4.00 3.90 16.29
CA HIS B 51 -4.82 5.07 15.99
C HIS B 51 -3.99 6.31 15.57
N GLN B 52 -2.67 6.23 15.69
CA GLN B 52 -1.83 7.39 15.32
C GLN B 52 -1.45 7.43 13.85
N PRO B 53 -1.69 8.58 13.17
CA PRO B 53 -1.37 8.75 11.74
C PRO B 53 0.13 8.56 11.47
N ARG B 54 0.96 9.38 12.12
CA ARG B 54 2.41 9.27 11.92
C ARG B 54 2.91 7.80 12.13
N ASN B 55 2.74 7.28 13.33
CA ASN B 55 3.17 5.91 13.65
C ASN B 55 2.74 4.96 12.51
N LEU B 56 1.47 5.10 12.07
CA LEU B 56 0.93 4.29 10.99
C LEU B 56 1.88 4.42 9.80
N LEU B 57 2.30 5.66 9.50
CA LEU B 57 3.20 5.89 8.38
C LEU B 57 4.57 5.24 8.66
N LEU B 58 5.03 5.38 9.91
CA LEU B 58 6.33 4.82 10.31
C LEU B 58 6.43 3.32 9.99
N ALA B 59 5.76 2.48 10.77
CA ALA B 59 5.74 1.02 10.63
C ALA B 59 5.52 0.67 9.17
N LEU B 60 4.79 1.53 8.46
CA LEU B 60 4.58 1.33 7.02
C LEU B 60 6.06 1.48 6.52
N VAL B 61 6.73 2.58 6.88
CA VAL B 61 8.11 2.80 6.54
C VAL B 61 8.97 1.63 7.01
N GLY B 62 8.72 1.05 8.18
CA GLY B 62 9.55 -0.08 8.59
C GLY B 62 9.75 -1.22 7.58
N GLU B 63 8.63 -1.86 7.21
CA GLU B 63 8.48 -3.02 6.29
C GLU B 63 8.94 -2.82 4.85
N VAL B 64 8.55 -1.69 4.24
CA VAL B 64 9.01 -1.42 2.86
C VAL B 64 10.53 -1.47 2.91
N GLY B 65 11.11 -1.16 4.06
CA GLY B 65 12.55 -1.28 4.23
C GLY B 65 12.81 -2.77 4.40
N GLU B 66 11.94 -3.46 5.15
CA GLU B 66 12.05 -4.91 5.31
C GLU B 66 11.98 -5.40 3.83
N LEU B 67 11.02 -4.86 3.08
CA LEU B 67 10.80 -5.15 1.67
C LEU B 67 12.04 -4.71 0.88
N ALA B 68 12.74 -3.71 1.43
CA ALA B 68 13.98 -3.23 0.84
C ALA B 68 15.08 -4.28 1.18
N GLU B 69 14.88 -5.06 2.25
CA GLU B 69 15.88 -6.10 2.58
C GLU B 69 15.68 -7.31 1.61
N LEU B 70 14.42 -7.60 1.23
CA LEU B 70 14.15 -8.72 0.29
C LEU B 70 15.02 -8.79 -1.00
N PHE B 71 15.25 -7.60 -1.58
CA PHE B 71 16.00 -7.38 -2.81
C PHE B 71 17.41 -6.92 -2.47
N GLN B 72 17.49 -6.00 -1.50
CA GLN B 72 18.74 -5.42 -1.02
C GLN B 72 20.05 -5.87 -1.69
N TRP B 73 20.21 -7.18 -1.85
CA TRP B 73 21.44 -7.67 -2.43
C TRP B 73 21.17 -8.33 -3.76
N LYS B 74 19.89 -8.62 -3.99
CA LYS B 74 19.45 -9.26 -5.22
C LYS B 74 19.95 -8.55 -6.48
N SER B 75 20.42 -9.33 -7.45
CA SER B 75 20.86 -8.78 -8.71
C SER B 75 19.60 -8.80 -9.56
N ASP B 76 19.46 -7.89 -10.51
CA ASP B 76 18.23 -7.87 -11.33
C ASP B 76 18.47 -8.73 -12.60
N THR B 77 19.68 -9.29 -12.65
CA THR B 77 20.21 -10.17 -13.70
C THR B 77 19.56 -11.53 -13.48
N GLU B 78 19.22 -11.79 -12.21
CA GLU B 78 18.62 -13.05 -11.80
C GLU B 78 17.11 -13.11 -12.00
N PRO B 79 16.47 -14.24 -11.57
CA PRO B 79 15.04 -14.55 -11.62
C PRO B 79 14.17 -13.53 -10.91
N GLY B 80 13.80 -12.48 -11.66
CA GLY B 80 12.95 -11.42 -11.12
C GLY B 80 11.87 -11.90 -10.18
N PRO B 81 11.45 -11.07 -9.23
CA PRO B 81 10.43 -11.40 -8.25
C PRO B 81 9.41 -12.48 -8.67
N GLN B 82 9.19 -12.64 -9.98
CA GLN B 82 8.25 -13.65 -10.48
C GLN B 82 8.57 -15.11 -10.10
N ALA B 83 9.86 -15.46 -10.09
CA ALA B 83 10.34 -16.82 -9.77
C ALA B 83 10.60 -17.05 -8.27
N TRP B 84 10.58 -15.97 -7.52
CA TRP B 84 10.77 -16.06 -6.09
C TRP B 84 9.96 -17.19 -5.53
N PRO B 85 10.65 -18.18 -4.97
CA PRO B 85 9.92 -19.30 -4.36
C PRO B 85 9.82 -18.89 -2.87
N PRO B 86 9.11 -19.69 -2.07
CA PRO B 86 8.83 -19.59 -0.64
C PRO B 86 9.36 -18.46 0.27
N LYS B 87 10.39 -18.77 1.06
CA LYS B 87 10.96 -17.80 2.02
C LYS B 87 10.99 -16.35 1.50
N GLU B 88 11.49 -16.12 0.28
CA GLU B 88 11.52 -14.74 -0.26
C GLU B 88 10.08 -14.39 -0.58
N ARG B 89 9.38 -15.35 -1.17
CA ARG B 89 7.97 -15.17 -1.56
C ARG B 89 7.03 -14.94 -0.40
N ALA B 90 7.10 -15.80 0.62
CA ALA B 90 6.23 -15.62 1.78
C ALA B 90 6.36 -14.20 2.35
N ALA B 91 7.59 -13.79 2.67
CA ALA B 91 7.85 -12.45 3.23
C ALA B 91 7.48 -11.35 2.25
N LEU B 92 7.90 -11.54 0.98
CA LEU B 92 7.61 -10.60 -0.07
C LEU B 92 6.11 -10.39 -0.10
N GLN B 93 5.39 -11.50 -0.06
CA GLN B 93 3.94 -11.53 -0.05
C GLN B 93 3.46 -10.70 1.16
N GLU B 94 3.94 -11.09 2.34
CA GLU B 94 3.54 -10.39 3.57
C GLU B 94 3.93 -8.92 3.49
N GLU B 95 5.05 -8.65 2.83
CA GLU B 95 5.56 -7.28 2.69
C GLU B 95 4.61 -6.39 1.90
N LEU B 96 4.26 -6.83 0.71
CA LEU B 96 3.31 -6.06 -0.10
C LEU B 96 2.05 -5.90 0.73
N SER B 97 1.72 -6.98 1.45
CA SER B 97 0.50 -7.02 2.28
C SER B 97 0.60 -6.12 3.52
N ASP B 98 1.72 -6.20 4.27
CA ASP B 98 1.89 -5.34 5.45
C ASP B 98 1.93 -3.87 5.04
N VAL B 99 2.61 -3.56 3.94
CA VAL B 99 2.62 -2.18 3.48
C VAL B 99 1.14 -1.81 3.21
N LEU B 100 0.49 -2.65 2.40
CA LEU B 100 -0.89 -2.43 2.03
C LEU B 100 -1.78 -2.20 3.24
N ILE B 101 -1.68 -3.07 4.24
CA ILE B 101 -2.50 -2.96 5.45
C ILE B 101 -2.31 -1.61 6.13
N TYR B 102 -1.07 -1.16 6.21
CA TYR B 102 -0.78 0.11 6.88
C TYR B 102 -1.18 1.25 5.98
N LEU B 103 -1.17 0.97 4.67
CA LEU B 103 -1.56 1.96 3.66
C LEU B 103 -3.09 2.03 3.62
N VAL B 104 -3.79 0.88 3.72
CA VAL B 104 -5.25 0.97 3.72
C VAL B 104 -5.60 1.54 5.10
N ALA B 105 -4.89 1.14 6.15
CA ALA B 105 -5.20 1.74 7.47
C ALA B 105 -4.97 3.27 7.52
N LEU B 106 -3.86 3.76 6.97
CA LEU B 106 -3.58 5.20 7.03
C LEU B 106 -4.65 5.97 6.25
N ALA B 107 -4.91 5.53 5.02
CA ALA B 107 -5.88 6.16 4.16
C ALA B 107 -7.22 6.27 4.94
N ALA B 108 -7.44 5.30 5.85
CA ALA B 108 -8.67 5.28 6.70
C ALA B 108 -8.63 6.33 7.81
N ARG B 109 -7.57 6.29 8.61
CA ARG B 109 -7.35 7.27 9.69
C ARG B 109 -7.45 8.74 9.26
N CYS B 110 -7.00 9.03 8.04
CA CYS B 110 -6.98 10.39 7.47
C CYS B 110 -8.15 10.73 6.54
N HIS B 111 -9.16 9.89 6.54
CA HIS B 111 -10.32 10.08 5.68
C HIS B 111 -10.02 10.21 4.17
N VAL B 112 -9.62 9.09 3.56
CA VAL B 112 -9.38 9.02 2.13
C VAL B 112 -9.89 7.69 1.53
N ASP B 113 -10.76 7.80 0.52
CA ASP B 113 -11.30 6.61 -0.21
C ASP B 113 -10.14 6.15 -1.11
N LEU B 114 -9.26 5.31 -0.57
CA LEU B 114 -8.07 4.84 -1.29
C LEU B 114 -8.18 4.01 -2.61
N PRO B 115 -9.35 3.40 -2.90
CA PRO B 115 -9.43 2.63 -4.16
C PRO B 115 -9.83 3.60 -5.27
N GLN B 116 -10.19 4.78 -4.82
CA GLN B 116 -10.62 5.88 -5.68
C GLN B 116 -9.42 6.80 -5.73
N ALA B 117 -8.82 7.01 -4.56
CA ALA B 117 -7.65 7.83 -4.41
C ALA B 117 -6.70 7.43 -5.54
N VAL B 118 -6.46 6.13 -5.69
CA VAL B 118 -5.58 5.58 -6.73
C VAL B 118 -6.15 5.70 -8.15
N ILE B 119 -7.46 5.60 -8.27
CA ILE B 119 -8.07 5.78 -9.58
C ILE B 119 -7.68 7.22 -9.92
N SER B 120 -7.68 8.06 -8.88
CA SER B 120 -7.37 9.48 -9.00
C SER B 120 -5.85 9.81 -8.98
N LYS B 121 -5.01 8.93 -8.50
CA LYS B 121 -3.59 9.26 -8.56
C LYS B 121 -2.96 8.62 -9.77
N MSE B 122 -3.66 7.65 -10.36
CA MSE B 122 -3.15 6.94 -11.55
C MSE B 122 -3.34 7.76 -12.80
O MSE B 122 -2.49 7.75 -13.74
CB MSE B 122 -3.87 5.61 -11.74
CG MSE B 122 -3.48 4.52 -10.76
SE MSE B 122 -4.23 2.86 -11.32
CE MSE B 122 -2.79 2.18 -12.49
N ASP B 123 -4.46 8.47 -12.84
CA ASP B 123 -4.68 9.27 -14.02
C ASP B 123 -3.57 10.34 -14.07
N THR B 124 -2.88 10.52 -12.93
CA THR B 124 -1.78 11.48 -12.76
C THR B 124 -0.49 10.98 -13.36
N ASN B 125 -0.17 9.73 -13.04
CA ASN B 125 1.08 9.12 -13.49
C ASN B 125 1.16 8.81 -14.97
N ARG B 126 0.09 9.16 -15.66
CA ARG B 126 -0.03 9.03 -17.10
C ARG B 126 0.47 10.41 -17.58
N GLN B 127 -0.30 11.47 -17.32
CA GLN B 127 0.13 12.84 -17.68
C GLN B 127 1.45 13.10 -16.91
N ARG B 128 1.65 12.44 -15.77
CA ARG B 128 2.92 12.61 -15.08
C ARG B 128 4.01 11.89 -15.91
N TYR B 129 3.64 10.78 -16.56
CA TYR B 129 4.58 9.98 -17.35
C TYR B 129 4.15 9.79 -18.82
N PRO B 130 4.28 10.83 -19.67
CA PRO B 130 3.91 10.85 -21.10
C PRO B 130 3.77 9.47 -21.75
N PRO A 22 -18.20 6.38 11.16
CA PRO A 22 -17.29 5.30 10.71
C PRO A 22 -16.83 5.59 9.27
N PHE A 23 -15.56 5.95 9.06
CA PHE A 23 -15.07 6.26 7.69
C PHE A 23 -14.75 5.01 6.86
N ARG A 24 -15.48 4.86 5.76
CA ARG A 24 -15.33 3.73 4.84
C ARG A 24 -14.93 4.11 3.41
N PHE A 25 -14.39 3.11 2.69
CA PHE A 25 -13.97 3.33 1.29
C PHE A 25 -15.08 2.87 0.36
N SER A 26 -15.08 3.40 -0.87
CA SER A 26 -16.00 2.98 -1.90
C SER A 26 -15.68 1.55 -2.33
N PRO A 27 -16.69 0.80 -2.74
CA PRO A 27 -16.60 -0.59 -3.20
C PRO A 27 -15.59 -0.84 -4.33
N GLU A 28 -15.34 0.16 -5.15
CA GLU A 28 -14.37 -0.03 -6.24
C GLU A 28 -13.61 1.27 -6.51
N PRO A 29 -12.44 1.20 -7.20
CA PRO A 29 -11.76 0.02 -7.74
C PRO A 29 -11.19 -1.05 -6.76
N THR A 30 -11.17 -2.29 -7.27
CA THR A 30 -10.59 -3.44 -6.58
C THR A 30 -9.09 -3.36 -6.86
N LEU A 31 -8.32 -4.07 -6.06
CA LEU A 31 -6.89 -4.18 -6.26
C LEU A 31 -6.64 -4.69 -7.71
N GLU A 32 -7.53 -5.58 -8.14
CA GLU A 32 -7.53 -6.15 -9.47
C GLU A 32 -7.80 -5.06 -10.52
N ASP A 33 -8.80 -4.21 -10.25
CA ASP A 33 -9.14 -3.15 -11.18
C ASP A 33 -7.94 -2.22 -11.28
N ILE A 34 -7.36 -1.87 -10.13
CA ILE A 34 -6.19 -1.04 -10.16
C ILE A 34 -5.06 -1.78 -10.92
N ARG A 35 -4.85 -3.06 -10.64
CA ARG A 35 -3.77 -3.80 -11.32
C ARG A 35 -3.96 -3.70 -12.85
N ARG A 36 -5.18 -4.00 -13.29
CA ARG A 36 -5.51 -3.89 -14.70
C ARG A 36 -5.13 -2.52 -15.20
N LEU A 37 -5.66 -1.49 -14.55
CA LEU A 37 -5.32 -0.13 -14.99
C LEU A 37 -3.83 0.04 -15.00
N HIS A 38 -3.14 -0.56 -14.03
CA HIS A 38 -1.68 -0.41 -14.03
C HIS A 38 -0.81 -1.56 -14.60
N ALA A 39 -1.46 -2.39 -15.43
CA ALA A 39 -0.81 -3.51 -16.15
C ALA A 39 -0.91 -2.97 -17.56
N GLU A 40 -1.98 -2.19 -17.79
CA GLU A 40 -2.13 -1.50 -19.09
C GLU A 40 -0.92 -0.52 -18.95
N PHE A 41 -1.14 0.59 -18.24
CA PHE A 41 -0.11 1.63 -18.00
C PHE A 41 1.30 1.16 -18.37
N ALA A 42 1.98 0.47 -17.45
CA ALA A 42 3.34 -0.05 -17.68
C ALA A 42 3.70 -0.35 -19.13
N ALA A 43 2.78 -1.11 -19.73
CA ALA A 43 2.78 -1.58 -21.09
C ALA A 43 3.02 -0.47 -22.09
N GLU A 44 2.46 0.73 -21.84
CA GLU A 44 2.63 1.85 -22.76
C GLU A 44 3.71 2.88 -22.44
N ARG A 45 4.61 2.55 -21.52
CA ARG A 45 5.74 3.44 -21.15
C ARG A 45 7.08 2.64 -21.19
N ASP A 46 8.22 3.21 -20.79
CA ASP A 46 9.48 2.43 -20.84
C ASP A 46 9.15 1.09 -20.17
N TRP A 47 9.69 -0.01 -20.70
CA TRP A 47 9.38 -1.32 -20.17
C TRP A 47 9.91 -1.72 -18.78
N GLU A 48 11.17 -2.11 -18.69
CA GLU A 48 11.76 -2.52 -17.42
C GLU A 48 11.96 -1.33 -16.49
N GLN A 49 11.37 -0.18 -16.87
CA GLN A 49 11.43 1.06 -16.09
C GLN A 49 10.43 0.92 -14.93
N PHE A 50 9.33 0.22 -15.23
CA PHE A 50 8.26 -0.05 -14.26
C PHE A 50 8.11 -1.59 -14.27
N HIS A 51 8.98 -2.30 -15.00
CA HIS A 51 8.93 -3.76 -15.00
C HIS A 51 10.21 -4.30 -14.31
N GLN A 52 11.12 -3.41 -13.93
CA GLN A 52 12.30 -3.84 -13.16
C GLN A 52 11.83 -3.87 -11.70
N PRO A 53 11.63 -5.07 -11.14
CA PRO A 53 11.18 -5.20 -9.76
C PRO A 53 11.85 -4.19 -8.84
N ARG A 54 13.15 -4.40 -8.62
CA ARG A 54 14.01 -3.56 -7.80
C ARG A 54 14.02 -2.18 -8.37
N ASN A 55 13.49 -2.03 -9.60
CA ASN A 55 13.46 -0.70 -10.17
C ASN A 55 12.13 -0.04 -9.88
N LEU A 56 11.13 -0.90 -9.60
CA LEU A 56 9.79 -0.50 -9.20
C LEU A 56 9.76 -0.43 -7.66
N LEU A 57 10.55 -1.23 -6.94
CA LEU A 57 10.56 -1.16 -5.47
C LEU A 57 10.80 0.29 -5.06
N LEU A 58 11.64 0.98 -5.82
CA LEU A 58 11.96 2.34 -5.51
C LEU A 58 10.79 3.26 -5.73
N ALA A 59 10.11 3.17 -6.86
CA ALA A 59 8.98 4.07 -7.05
C ALA A 59 8.07 4.02 -5.80
N LEU A 60 8.09 2.91 -5.08
CA LEU A 60 7.29 2.76 -3.85
C LEU A 60 7.95 3.56 -2.73
N VAL A 61 9.27 3.37 -2.53
CA VAL A 61 10.00 4.07 -1.46
C VAL A 61 9.94 5.60 -1.49
N GLY A 62 10.11 6.19 -2.66
CA GLY A 62 10.09 7.65 -2.72
C GLY A 62 8.69 8.02 -2.32
N GLU A 63 7.78 7.07 -2.57
CA GLU A 63 6.36 7.26 -2.27
C GLU A 63 6.12 7.29 -0.75
N VAL A 64 6.85 6.51 -0.02
CA VAL A 64 6.64 6.53 1.40
C VAL A 64 7.30 7.81 1.96
N GLY A 65 8.39 8.23 1.32
CA GLY A 65 9.03 9.47 1.74
C GLY A 65 8.12 10.66 1.47
N GLU A 66 7.36 10.68 0.37
CA GLU A 66 6.47 11.85 0.11
C GLU A 66 5.46 12.12 1.30
N LEU A 67 4.75 11.09 1.78
CA LEU A 67 3.81 11.24 2.92
C LEU A 67 4.56 11.68 4.20
N ALA A 68 5.76 11.11 4.37
CA ALA A 68 6.62 11.41 5.54
C ALA A 68 6.86 12.94 5.57
N GLU A 69 6.98 13.54 4.40
CA GLU A 69 7.24 14.97 4.35
C GLU A 69 5.93 15.71 4.50
N LEU A 70 4.83 15.12 4.00
CA LEU A 70 3.51 15.75 4.09
C LEU A 70 3.11 15.83 5.53
N PHE A 71 3.73 14.96 6.31
CA PHE A 71 3.39 14.84 7.71
C PHE A 71 4.52 15.10 8.67
N GLN A 72 5.72 15.33 8.13
CA GLN A 72 6.87 15.50 9.03
C GLN A 72 6.75 16.69 9.99
N TRP A 73 6.08 17.77 9.57
CA TRP A 73 5.97 18.92 10.47
C TRP A 73 4.65 19.09 11.23
N LYS A 74 3.62 18.29 10.88
CA LYS A 74 2.31 18.36 11.52
C LYS A 74 2.52 18.06 12.97
N SER A 75 2.48 19.10 13.79
CA SER A 75 2.67 18.90 15.22
C SER A 75 1.55 17.96 15.67
N ASP A 76 1.87 16.81 16.23
CA ASP A 76 0.82 15.90 16.65
C ASP A 76 -0.34 16.66 17.34
N THR A 77 -0.02 17.87 17.82
CA THR A 77 -0.93 18.77 18.54
C THR A 77 -1.74 19.76 17.68
N GLU A 78 -1.31 20.03 16.44
CA GLU A 78 -1.98 20.95 15.52
C GLU A 78 -3.05 20.16 14.77
N PRO A 79 -3.90 20.85 13.97
CA PRO A 79 -4.93 20.10 13.25
C PRO A 79 -4.35 18.92 12.50
N GLY A 80 -5.22 18.00 12.10
CA GLY A 80 -4.84 16.79 11.37
C GLY A 80 -5.07 16.84 9.86
N PRO A 81 -4.75 15.76 9.13
CA PRO A 81 -4.92 15.70 7.66
C PRO A 81 -6.23 16.31 7.10
N GLN A 82 -7.34 15.94 7.71
CA GLN A 82 -8.64 16.39 7.29
C GLN A 82 -8.96 17.84 7.67
N ALA A 83 -8.19 18.35 8.62
CA ALA A 83 -8.36 19.73 9.06
C ALA A 83 -7.16 20.55 8.55
N TRP A 84 -6.63 20.12 7.39
CA TRP A 84 -5.51 20.82 6.74
C TRP A 84 -6.12 21.61 5.59
N PRO A 85 -5.27 22.20 4.72
CA PRO A 85 -5.88 22.95 3.61
C PRO A 85 -6.19 21.88 2.54
N PRO A 86 -7.11 22.19 1.62
CA PRO A 86 -7.51 21.28 0.53
C PRO A 86 -6.37 20.88 -0.41
N LYS A 87 -5.40 21.79 -0.54
CA LYS A 87 -4.22 21.63 -1.39
C LYS A 87 -3.35 20.45 -0.94
N GLU A 88 -3.28 20.34 0.39
CA GLU A 88 -2.53 19.33 1.15
C GLU A 88 -3.28 18.01 1.25
N ARG A 89 -4.60 18.07 1.46
CA ARG A 89 -5.40 16.84 1.51
C ARG A 89 -5.40 16.39 0.07
N ALA A 90 -5.45 17.38 -0.83
CA ALA A 90 -5.45 17.14 -2.27
C ALA A 90 -4.25 16.27 -2.64
N ALA A 91 -3.09 16.71 -2.17
CA ALA A 91 -1.81 16.04 -2.38
C ALA A 91 -1.76 14.78 -1.52
N LEU A 92 -2.41 14.85 -0.34
CA LEU A 92 -2.44 13.74 0.61
C LEU A 92 -3.01 12.54 -0.13
N GLN A 93 -4.10 12.81 -0.81
CA GLN A 93 -4.84 11.84 -1.62
C GLN A 93 -3.84 11.26 -2.59
N GLU A 94 -3.00 12.16 -3.10
CA GLU A 94 -1.98 11.85 -4.08
C GLU A 94 -0.87 10.93 -3.58
N GLU A 95 -0.12 11.36 -2.57
CA GLU A 95 0.96 10.51 -2.12
C GLU A 95 0.36 9.17 -1.67
N LEU A 96 -0.81 9.23 -0.98
CA LEU A 96 -1.49 8.02 -0.53
C LEU A 96 -1.88 7.19 -1.76
N SER A 97 -2.68 7.78 -2.64
CA SER A 97 -3.09 7.09 -3.86
C SER A 97 -1.89 6.66 -4.73
N ASP A 98 -0.92 7.58 -4.96
CA ASP A 98 0.28 7.24 -5.79
C ASP A 98 0.89 6.02 -5.18
N VAL A 99 0.90 5.98 -3.83
CA VAL A 99 1.47 4.83 -3.16
C VAL A 99 0.74 3.54 -3.55
N LEU A 100 -0.58 3.52 -3.34
CA LEU A 100 -1.36 2.32 -3.63
C LEU A 100 -0.89 1.82 -4.97
N ILE A 101 -0.67 2.77 -5.86
CA ILE A 101 -0.23 2.47 -7.21
C ILE A 101 1.10 1.74 -7.36
N TYR A 102 2.20 2.30 -6.89
CA TYR A 102 3.44 1.52 -7.05
C TYR A 102 3.33 0.17 -6.36
N LEU A 103 2.83 0.12 -5.11
CA LEU A 103 2.65 -1.13 -4.40
C LEU A 103 1.90 -2.14 -5.26
N VAL A 104 0.79 -1.71 -5.86
CA VAL A 104 0.01 -2.61 -6.71
C VAL A 104 0.90 -3.03 -7.90
N ALA A 105 1.76 -2.09 -8.33
CA ALA A 105 2.69 -2.33 -9.45
C ALA A 105 3.78 -3.34 -9.03
N LEU A 106 4.33 -3.18 -7.84
CA LEU A 106 5.35 -4.10 -7.34
C LEU A 106 4.81 -5.52 -7.16
N ALA A 107 3.58 -5.63 -6.64
CA ALA A 107 2.97 -6.92 -6.39
C ALA A 107 2.72 -7.67 -7.67
N ALA A 108 2.07 -6.99 -8.61
CA ALA A 108 1.77 -7.57 -9.90
C ALA A 108 3.01 -8.15 -10.56
N ARG A 109 4.06 -7.33 -10.67
CA ARG A 109 5.31 -7.78 -11.31
C ARG A 109 5.88 -9.05 -10.67
N CYS A 110 5.70 -9.19 -9.34
CA CYS A 110 6.20 -10.36 -8.59
C CYS A 110 5.12 -11.45 -8.50
N HIS A 111 4.11 -11.32 -9.38
CA HIS A 111 2.92 -12.20 -9.44
C HIS A 111 2.42 -12.49 -8.02
N VAL A 112 2.34 -11.44 -7.20
CA VAL A 112 1.77 -11.63 -5.87
C VAL A 112 0.32 -11.24 -5.91
N ASP A 113 -0.53 -12.19 -5.50
CA ASP A 113 -1.98 -11.99 -5.46
C ASP A 113 -2.27 -11.17 -4.20
N LEU A 114 -1.94 -9.89 -4.34
CA LEU A 114 -2.02 -8.90 -3.30
C LEU A 114 -3.25 -9.00 -2.40
N PRO A 115 -4.48 -8.93 -2.95
CA PRO A 115 -5.76 -9.02 -2.21
C PRO A 115 -5.73 -10.26 -1.34
N GLN A 116 -5.59 -11.42 -1.99
CA GLN A 116 -5.53 -12.67 -1.23
C GLN A 116 -4.36 -12.67 -0.24
N ALA A 117 -3.23 -12.06 -0.62
CA ALA A 117 -2.06 -12.03 0.26
C ALA A 117 -2.31 -11.24 1.55
N VAL A 118 -3.17 -10.24 1.44
CA VAL A 118 -3.53 -9.39 2.57
C VAL A 118 -4.42 -10.18 3.57
N ILE A 119 -5.31 -11.02 3.07
CA ILE A 119 -6.16 -11.72 4.02
C ILE A 119 -5.33 -12.74 4.73
N SER A 120 -4.30 -13.23 4.02
CA SER A 120 -3.39 -14.18 4.61
C SER A 120 -2.61 -13.42 5.69
N LYS A 121 -2.33 -12.13 5.43
CA LYS A 121 -1.58 -11.35 6.38
C LYS A 121 -2.34 -10.70 7.58
N MSE A 122 -3.62 -10.35 7.43
CA MSE A 122 -4.35 -9.73 8.52
C MSE A 122 -4.68 -10.72 9.64
O MSE A 122 -4.69 -10.36 10.83
CB MSE A 122 -5.62 -9.04 8.01
CG MSE A 122 -5.39 -7.58 7.55
SE MSE A 122 -4.59 -6.32 8.84
CE MSE A 122 -6.13 -6.21 9.98
N ASP A 123 -4.95 -11.98 9.28
CA ASP A 123 -5.20 -13.00 10.28
C ASP A 123 -3.80 -13.22 10.85
N THR A 124 -2.89 -13.60 9.95
CA THR A 124 -1.51 -13.84 10.34
C THR A 124 -1.08 -12.74 11.32
N ASN A 125 -1.52 -11.51 11.09
CA ASN A 125 -1.21 -10.43 12.06
C ASN A 125 -1.90 -10.75 13.44
N ARG A 126 -3.14 -11.26 13.41
CA ARG A 126 -3.88 -11.55 14.62
C ARG A 126 -3.18 -12.61 15.49
N GLN A 127 -2.52 -13.57 14.85
CA GLN A 127 -1.82 -14.59 15.58
C GLN A 127 -0.70 -14.01 16.45
N ARG A 128 0.38 -13.57 15.81
CA ARG A 128 1.56 -13.00 16.52
C ARG A 128 1.08 -11.99 17.55
N TYR A 129 -0.15 -11.53 17.37
CA TYR A 129 -0.78 -10.56 18.27
C TYR A 129 -2.17 -11.10 18.75
N PRO A 130 -2.20 -11.95 19.80
CA PRO A 130 -3.41 -12.55 20.38
C PRO A 130 -4.24 -11.45 21.03
N VAL A 131 -5.57 -11.44 20.84
CA VAL A 131 -6.37 -10.38 21.50
C VAL A 131 -6.13 -10.36 23.02
N HIS A 132 -6.07 -9.18 23.63
CA HIS A 132 -5.83 -9.15 25.06
C HIS A 132 -7.12 -9.56 25.79
N LEU A 133 -7.16 -10.78 26.34
CA LEU A 133 -8.41 -11.20 27.02
C LEU A 133 -8.56 -10.89 28.51
N SER A 134 -9.62 -11.44 29.10
CA SER A 134 -9.86 -11.28 30.54
C SER A 134 -10.20 -12.55 31.27
N PRO B 22 -2.63 -15.44 -17.99
CA PRO B 22 -2.46 -13.97 -17.79
C PRO B 22 -2.75 -13.66 -16.30
N PHE B 23 -1.71 -13.23 -15.58
CA PHE B 23 -1.78 -12.94 -14.13
C PHE B 23 -2.69 -11.80 -13.62
N ARG B 24 -3.66 -12.15 -12.79
CA ARG B 24 -4.52 -11.13 -12.23
C ARG B 24 -4.83 -11.34 -10.73
N PHE B 25 -5.21 -10.25 -10.05
CA PHE B 25 -5.53 -10.30 -8.61
C PHE B 25 -6.87 -10.90 -8.34
N SER B 26 -7.01 -11.37 -7.09
CA SER B 26 -8.26 -11.92 -6.64
C SER B 26 -9.28 -10.79 -6.60
N PRO B 27 -10.51 -11.16 -6.83
CA PRO B 27 -11.59 -10.20 -6.83
C PRO B 27 -11.91 -9.62 -5.48
N GLU B 28 -11.26 -10.14 -4.43
CA GLU B 28 -11.51 -9.69 -3.05
C GLU B 28 -10.40 -10.29 -2.20
N PRO B 29 -10.16 -9.76 -0.99
CA PRO B 29 -10.86 -8.65 -0.34
C PRO B 29 -10.90 -7.34 -1.16
N THR B 30 -11.81 -6.42 -0.87
CA THR B 30 -11.86 -5.12 -1.53
C THR B 30 -11.02 -4.25 -0.62
N LEU B 31 -10.63 -3.05 -1.08
CA LEU B 31 -9.88 -2.18 -0.18
C LEU B 31 -10.84 -1.94 0.99
N GLU B 32 -12.15 -2.02 0.72
CA GLU B 32 -13.12 -1.83 1.79
C GLU B 32 -13.04 -3.06 2.69
N ASP B 33 -12.82 -4.22 2.08
CA ASP B 33 -12.75 -5.44 2.88
C ASP B 33 -11.59 -5.38 3.87
N ILE B 34 -10.43 -4.98 3.34
CA ILE B 34 -9.22 -4.88 4.10
C ILE B 34 -9.22 -3.86 5.26
N ARG B 35 -9.81 -2.69 5.04
CA ARG B 35 -9.86 -1.67 6.07
C ARG B 35 -10.69 -2.25 7.23
N ARG B 36 -11.83 -2.84 6.88
CA ARG B 36 -12.73 -3.44 7.89
C ARG B 36 -11.99 -4.57 8.59
N LEU B 37 -11.06 -5.25 7.89
CA LEU B 37 -10.28 -6.26 8.60
C LEU B 37 -9.27 -5.47 9.51
N HIS B 38 -8.67 -4.42 8.94
CA HIS B 38 -7.72 -3.56 9.67
C HIS B 38 -8.36 -3.03 10.99
N ALA B 39 -9.58 -2.46 10.83
CA ALA B 39 -10.37 -1.84 11.93
C ALA B 39 -10.67 -2.75 13.13
N GLU B 40 -11.13 -3.96 12.80
CA GLU B 40 -11.46 -5.01 13.76
C GLU B 40 -10.13 -5.45 14.46
N PHE B 41 -9.07 -5.62 13.67
CA PHE B 41 -7.79 -6.04 14.25
C PHE B 41 -7.29 -5.00 15.24
N ALA B 42 -7.48 -3.73 14.88
CA ALA B 42 -7.07 -2.57 15.73
C ALA B 42 -8.09 -2.32 16.89
N ALA B 43 -9.36 -2.69 16.71
CA ALA B 43 -10.32 -2.47 17.80
C ALA B 43 -10.08 -3.42 18.96
N GLU B 44 -9.85 -4.68 18.63
CA GLU B 44 -9.66 -5.76 19.61
C GLU B 44 -8.28 -5.74 20.30
N ARG B 45 -7.52 -4.71 19.96
CA ARG B 45 -6.17 -4.46 20.49
C ARG B 45 -5.99 -3.01 20.97
N ASP B 46 -4.74 -2.57 21.03
CA ASP B 46 -4.41 -1.22 21.46
C ASP B 46 -4.79 -0.25 20.31
N TRP B 47 -6.05 0.16 20.33
CA TRP B 47 -6.66 1.05 19.34
C TRP B 47 -5.92 2.38 19.14
N GLU B 48 -5.31 2.92 20.20
CA GLU B 48 -4.56 4.17 20.07
C GLU B 48 -3.23 3.95 19.34
N GLN B 49 -2.54 2.85 19.68
CA GLN B 49 -1.28 2.48 19.05
C GLN B 49 -1.51 2.52 17.53
N PHE B 50 -2.73 2.12 17.11
CA PHE B 50 -3.09 2.09 15.70
C PHE B 50 -3.89 3.30 15.23
N HIS B 51 -4.37 4.07 16.19
CA HIS B 51 -5.15 5.26 15.87
C HIS B 51 -4.25 6.43 15.45
N GLN B 52 -2.96 6.34 15.72
CA GLN B 52 -2.10 7.47 15.34
C GLN B 52 -1.47 7.39 13.97
N PRO B 53 -1.69 8.43 13.13
CA PRO B 53 -1.20 8.60 11.74
C PRO B 53 0.32 8.45 11.67
N ARG B 54 1.04 9.12 12.58
CA ARG B 54 2.50 8.95 12.54
C ARG B 54 2.82 7.47 12.85
N ASN B 55 2.11 6.87 13.80
CA ASN B 55 2.32 5.46 14.14
C ASN B 55 2.15 4.62 12.87
N LEU B 56 0.98 4.78 12.22
CA LEU B 56 0.66 4.04 10.99
C LEU B 56 1.69 4.38 9.93
N LEU B 57 2.03 5.67 9.81
CA LEU B 57 2.98 6.05 8.80
C LEU B 57 4.36 5.42 9.02
N LEU B 58 4.83 5.45 10.26
CA LEU B 58 6.14 4.86 10.56
C LEU B 58 6.05 3.33 10.39
N ALA B 59 4.87 2.77 10.63
CA ALA B 59 4.71 1.31 10.48
C ALA B 59 4.83 0.96 9.00
N LEU B 60 4.30 1.87 8.16
CA LEU B 60 4.32 1.76 6.68
C LEU B 60 5.79 1.91 6.21
N VAL B 61 6.45 2.98 6.63
CA VAL B 61 7.83 3.18 6.27
C VAL B 61 8.65 1.95 6.52
N GLY B 62 8.66 1.46 7.75
CA GLY B 62 9.42 0.25 8.08
C GLY B 62 8.96 -0.93 7.20
N GLU B 63 7.67 -0.95 6.94
CA GLU B 63 7.15 -2.03 6.14
C GLU B 63 7.74 -1.90 4.76
N VAL B 64 7.83 -0.66 4.24
CA VAL B 64 8.45 -0.47 2.91
C VAL B 64 9.98 -0.70 2.99
N GLY B 65 10.56 -0.44 4.14
CA GLY B 65 11.98 -0.68 4.31
C GLY B 65 12.32 -2.17 4.24
N GLU B 66 11.63 -3.03 4.97
CA GLU B 66 11.89 -4.48 4.98
C GLU B 66 11.93 -5.06 3.54
N LEU B 67 10.97 -4.61 2.75
CA LEU B 67 10.80 -4.95 1.34
C LEU B 67 12.13 -4.56 0.66
N ALA B 68 12.64 -3.39 1.02
CA ALA B 68 13.91 -2.93 0.49
C ALA B 68 15.02 -3.94 0.89
N GLU B 69 14.96 -4.53 2.08
CA GLU B 69 16.01 -5.49 2.49
C GLU B 69 15.95 -6.74 1.60
N LEU B 70 14.74 -7.16 1.23
CA LEU B 70 14.57 -8.30 0.29
C LEU B 70 15.21 -7.92 -1.08
N PHE B 71 14.75 -6.79 -1.62
CA PHE B 71 15.19 -6.35 -2.91
C PHE B 71 16.61 -5.84 -2.89
N GLN B 72 17.12 -5.50 -1.71
CA GLN B 72 18.47 -4.91 -1.63
C GLN B 72 19.66 -5.63 -2.29
N TRP B 73 19.88 -6.90 -1.96
CA TRP B 73 21.02 -7.53 -2.58
C TRP B 73 20.57 -8.27 -3.81
N LYS B 74 19.26 -8.48 -3.90
CA LYS B 74 18.68 -9.20 -5.03
C LYS B 74 19.34 -8.82 -6.35
N SER B 75 19.47 -9.82 -7.21
CA SER B 75 20.14 -9.61 -8.47
C SER B 75 19.30 -9.21 -9.69
N ASP B 76 19.94 -8.35 -10.48
CA ASP B 76 19.36 -7.82 -11.70
C ASP B 76 19.35 -8.89 -12.84
N THR B 77 20.31 -9.84 -12.79
CA THR B 77 20.45 -10.92 -13.78
C THR B 77 19.73 -12.22 -13.35
N GLU B 78 19.54 -12.37 -12.02
CA GLU B 78 18.91 -13.56 -11.45
C GLU B 78 17.38 -13.55 -11.55
N PRO B 79 16.73 -14.71 -11.22
CA PRO B 79 15.28 -14.93 -11.23
C PRO B 79 14.53 -13.81 -10.54
N GLY B 80 13.51 -13.30 -11.21
CA GLY B 80 12.68 -12.24 -10.69
C GLY B 80 11.91 -12.73 -9.49
N PRO B 81 11.06 -11.89 -8.88
CA PRO B 81 10.26 -12.23 -7.69
C PRO B 81 9.09 -13.24 -7.83
N GLN B 82 8.63 -13.51 -9.06
CA GLN B 82 7.51 -14.44 -9.30
C GLN B 82 7.84 -15.94 -9.11
N ALA B 83 9.17 -16.13 -9.17
CA ALA B 83 9.97 -17.35 -9.04
C ALA B 83 10.73 -17.51 -7.68
N TRP B 84 10.93 -16.40 -6.97
CA TRP B 84 11.68 -16.45 -5.70
C TRP B 84 11.43 -17.75 -4.95
N PRO B 85 12.34 -18.11 -4.03
CA PRO B 85 12.07 -19.39 -3.35
C PRO B 85 10.72 -19.35 -2.64
N PRO B 86 10.46 -20.29 -1.75
CA PRO B 86 9.13 -20.07 -1.20
C PRO B 86 9.14 -18.89 -0.24
N LYS B 87 9.91 -19.03 0.82
CA LYS B 87 10.08 -18.04 1.88
C LYS B 87 10.20 -16.61 1.34
N GLU B 88 11.26 -16.33 0.56
CA GLU B 88 11.50 -15.01 -0.04
C GLU B 88 10.24 -14.50 -0.73
N ARG B 89 9.59 -15.38 -1.48
CA ARG B 89 8.34 -15.03 -2.18
C ARG B 89 7.24 -14.76 -1.17
N ALA B 90 7.25 -15.51 -0.07
CA ALA B 90 6.24 -15.33 0.96
C ALA B 90 6.52 -14.06 1.79
N ALA B 91 7.78 -13.83 2.15
CA ALA B 91 8.12 -12.63 2.90
C ALA B 91 7.64 -11.42 2.09
N LEU B 92 7.94 -11.43 0.78
CA LEU B 92 7.54 -10.37 -0.14
C LEU B 92 6.04 -10.14 -0.07
N GLN B 93 5.32 -11.26 -0.07
CA GLN B 93 3.87 -11.24 -0.01
C GLN B 93 3.35 -10.73 1.34
N GLU B 94 3.78 -11.38 2.43
CA GLU B 94 3.32 -10.99 3.77
C GLU B 94 3.63 -9.50 3.95
N GLU B 95 4.75 -9.05 3.39
CA GLU B 95 5.22 -7.66 3.47
C GLU B 95 4.53 -6.69 2.49
N LEU B 96 4.37 -7.11 1.23
CA LEU B 96 3.70 -6.22 0.30
C LEU B 96 2.36 -5.90 0.97
N SER B 97 1.75 -6.96 1.50
CA SER B 97 0.44 -6.90 2.17
C SER B 97 0.44 -5.97 3.39
N ASP B 98 1.57 -5.90 4.13
CA ASP B 98 1.57 -4.99 5.27
C ASP B 98 1.56 -3.53 4.80
N VAL B 99 2.01 -3.27 3.56
CA VAL B 99 2.00 -1.89 3.02
C VAL B 99 0.59 -1.38 2.63
N LEU B 100 -0.25 -2.30 2.17
CA LEU B 100 -1.58 -1.92 1.77
C LEU B 100 -2.48 -1.67 3.02
N ILE B 101 -2.60 -2.66 3.89
CA ILE B 101 -3.40 -2.56 5.14
C ILE B 101 -3.18 -1.15 5.78
N TYR B 102 -1.90 -0.81 5.94
CA TYR B 102 -1.54 0.48 6.51
C TYR B 102 -1.99 1.69 5.69
N LEU B 103 -1.58 1.75 4.42
CA LEU B 103 -1.98 2.89 3.61
C LEU B 103 -3.50 3.12 3.83
N VAL B 104 -4.37 2.13 3.55
CA VAL B 104 -5.84 2.28 3.75
C VAL B 104 -6.15 2.77 5.18
N ALA B 105 -5.52 2.19 6.19
CA ALA B 105 -5.79 2.66 7.55
C ALA B 105 -5.42 4.13 7.55
N LEU B 106 -4.21 4.44 7.07
CA LEU B 106 -3.78 5.82 7.03
C LEU B 106 -4.75 6.66 6.19
N ALA B 107 -5.08 6.23 4.96
CA ALA B 107 -6.01 7.04 4.18
C ALA B 107 -7.35 7.18 4.94
N ALA B 108 -7.98 6.06 5.27
CA ALA B 108 -9.25 6.14 6.04
C ALA B 108 -9.16 7.10 7.26
N ARG B 109 -8.03 7.05 7.99
CA ARG B 109 -7.81 7.92 9.15
C ARG B 109 -7.70 9.40 8.76
N CYS B 110 -7.34 9.65 7.50
CA CYS B 110 -7.21 11.00 6.91
C CYS B 110 -8.51 11.44 6.29
N HIS B 111 -9.49 10.55 6.31
CA HIS B 111 -10.81 10.82 5.72
C HIS B 111 -10.61 11.09 4.23
N VAL B 112 -9.90 10.15 3.61
CA VAL B 112 -9.57 10.18 2.18
C VAL B 112 -10.08 8.89 1.55
N ASP B 113 -10.97 8.98 0.56
CA ASP B 113 -11.45 7.74 -0.02
C ASP B 113 -10.45 7.15 -1.05
N LEU B 114 -9.50 6.37 -0.51
CA LEU B 114 -8.40 5.77 -1.29
C LEU B 114 -8.70 5.19 -2.66
N PRO B 115 -9.76 4.38 -2.80
CA PRO B 115 -9.99 3.83 -4.13
C PRO B 115 -10.35 4.89 -5.18
N GLN B 116 -11.09 5.92 -4.78
CA GLN B 116 -11.49 6.99 -5.71
C GLN B 116 -10.38 7.99 -6.03
N ALA B 117 -9.51 8.19 -5.05
CA ALA B 117 -8.41 9.11 -5.13
C ALA B 117 -7.28 8.49 -5.95
N VAL B 118 -7.24 7.17 -6.00
CA VAL B 118 -6.21 6.46 -6.78
C VAL B 118 -6.45 6.65 -8.29
N ILE B 119 -7.72 6.65 -8.71
CA ILE B 119 -8.05 6.86 -10.11
C ILE B 119 -7.55 8.29 -10.32
N SER B 120 -7.89 9.15 -9.35
CA SER B 120 -7.47 10.55 -9.37
C SER B 120 -5.93 10.61 -9.47
N LYS B 121 -5.25 9.65 -8.82
CA LYS B 121 -3.80 9.58 -8.86
C LYS B 121 -3.31 8.72 -10.03
N MSE B 122 -3.94 7.58 -10.27
CA MSE B 122 -3.54 6.72 -11.39
C MSE B 122 -3.69 7.63 -12.59
O MSE B 122 -3.00 7.47 -13.63
CB MSE B 122 -4.47 5.48 -11.58
CG MSE B 122 -4.39 4.33 -10.53
SE MSE B 122 -5.12 2.59 -11.18
CE MSE B 122 -3.67 2.17 -12.42
N ASP B 123 -4.57 8.63 -12.44
CA ASP B 123 -4.73 9.54 -13.55
C ASP B 123 -3.81 10.76 -13.52
N THR B 124 -2.98 10.84 -12.47
CA THR B 124 -1.98 11.89 -12.31
C THR B 124 -0.63 11.52 -12.91
N ASN B 125 -0.24 10.25 -12.76
CA ASN B 125 1.05 9.75 -13.27
C ASN B 125 1.10 9.50 -14.77
N ARG B 126 -0.05 9.68 -15.43
CA ARG B 126 -0.13 9.53 -16.87
C ARG B 126 0.74 10.70 -17.40
N GLN B 127 0.39 11.93 -17.01
CA GLN B 127 1.15 13.11 -17.45
C GLN B 127 2.59 13.25 -16.94
N ARG B 128 2.93 12.63 -15.80
CA ARG B 128 4.30 12.63 -15.26
C ARG B 128 5.09 11.51 -15.97
N TYR B 129 4.35 10.70 -16.72
CA TYR B 129 4.91 9.59 -17.47
C TYR B 129 4.23 9.52 -18.86
N PRO B 130 4.24 10.63 -19.63
CA PRO B 130 3.65 10.86 -20.97
C PRO B 130 3.38 9.61 -21.80
N PRO A 22 -17.47 5.67 11.32
CA PRO A 22 -16.76 4.75 10.38
C PRO A 22 -16.64 5.33 8.97
N PHE A 23 -15.61 6.13 8.73
CA PHE A 23 -15.39 6.72 7.40
C PHE A 23 -15.55 5.68 6.27
N ARG A 24 -16.05 6.07 5.10
CA ARG A 24 -16.19 5.11 4.03
C ARG A 24 -15.60 5.45 2.63
N PHE A 25 -15.00 4.42 2.03
CA PHE A 25 -14.33 4.43 0.70
C PHE A 25 -15.30 4.03 -0.45
N SER A 26 -15.12 4.62 -1.63
CA SER A 26 -15.96 4.29 -2.77
C SER A 26 -15.73 2.82 -3.05
N PRO A 27 -16.73 2.15 -3.64
CA PRO A 27 -16.63 0.72 -3.97
C PRO A 27 -15.72 0.42 -5.10
N GLU A 28 -15.46 1.44 -5.92
CA GLU A 28 -14.51 1.30 -7.01
C GLU A 28 -13.69 2.58 -7.16
N PRO A 29 -12.50 2.48 -7.76
CA PRO A 29 -12.05 1.18 -8.22
C PRO A 29 -11.68 0.24 -7.10
N THR A 30 -11.60 -1.02 -7.51
CA THR A 30 -11.17 -2.13 -6.70
C THR A 30 -9.65 -2.17 -7.04
N LEU A 31 -8.94 -3.07 -6.35
CA LEU A 31 -7.51 -3.29 -6.55
C LEU A 31 -7.22 -3.86 -7.95
N GLU A 32 -8.06 -4.84 -8.33
CA GLU A 32 -7.96 -5.45 -9.64
C GLU A 32 -8.20 -4.36 -10.69
N ASP A 33 -9.15 -3.44 -10.45
CA ASP A 33 -9.40 -2.39 -11.41
C ASP A 33 -8.13 -1.53 -11.61
N ILE A 34 -7.49 -1.16 -10.49
CA ILE A 34 -6.30 -0.35 -10.52
C ILE A 34 -5.06 -1.09 -11.11
N ARG A 35 -4.94 -2.39 -10.87
CA ARG A 35 -3.79 -3.14 -11.42
C ARG A 35 -4.00 -3.22 -12.96
N ARG A 36 -5.17 -3.71 -13.34
CA ARG A 36 -5.51 -3.76 -14.74
C ARG A 36 -5.36 -2.37 -15.31
N LEU A 37 -6.03 -1.40 -14.69
CA LEU A 37 -5.93 -0.01 -15.17
C LEU A 37 -4.48 0.33 -15.37
N HIS A 38 -3.69 -0.01 -14.36
CA HIS A 38 -2.27 0.28 -14.39
C HIS A 38 -1.44 -0.44 -15.47
N ALA A 39 -1.51 -1.77 -15.58
CA ALA A 39 -0.64 -2.46 -16.55
C ALA A 39 -0.64 -1.82 -17.96
N GLU A 40 -1.85 -1.40 -18.37
CA GLU A 40 -2.14 -0.73 -19.66
C GLU A 40 -1.37 0.61 -19.56
N PHE A 41 -1.68 1.35 -18.49
CA PHE A 41 -1.02 2.62 -18.25
C PHE A 41 0.51 2.54 -18.52
N ALA A 42 1.17 1.54 -17.93
CA ALA A 42 2.59 1.34 -18.06
C ALA A 42 2.89 0.88 -19.49
N ALA A 43 2.00 0.05 -20.00
CA ALA A 43 2.15 -0.52 -21.33
C ALA A 43 2.19 0.54 -22.44
N GLU A 44 1.72 1.75 -22.16
CA GLU A 44 1.74 2.75 -23.23
C GLU A 44 2.85 3.78 -23.00
N ARG A 45 3.82 3.38 -22.18
CA ARG A 45 4.97 4.23 -21.81
C ARG A 45 6.31 3.43 -21.79
N ASP A 46 7.43 4.06 -21.50
CA ASP A 46 8.73 3.35 -21.50
C ASP A 46 8.68 1.99 -20.81
N TRP A 47 8.94 0.92 -21.55
CA TRP A 47 8.84 -0.40 -20.96
C TRP A 47 9.56 -0.56 -19.63
N GLU A 48 10.81 -1.02 -19.66
CA GLU A 48 11.50 -1.28 -18.42
C GLU A 48 11.53 -0.19 -17.38
N GLN A 49 11.10 1.03 -17.74
CA GLN A 49 11.11 2.08 -16.74
C GLN A 49 10.00 1.68 -15.81
N PHE A 50 8.81 1.62 -16.39
CA PHE A 50 7.65 1.24 -15.63
C PHE A 50 7.50 -0.25 -15.81
N HIS A 51 8.57 -0.94 -16.20
CA HIS A 51 8.44 -2.37 -16.38
C HIS A 51 9.39 -3.32 -15.66
N GLN A 52 10.13 -2.76 -14.69
CA GLN A 52 11.04 -3.49 -13.79
C GLN A 52 10.60 -3.28 -12.30
N PRO A 53 10.44 -4.39 -11.56
CA PRO A 53 10.04 -4.42 -10.15
C PRO A 53 11.00 -3.71 -9.19
N ARG A 54 12.30 -4.03 -9.27
CA ARG A 54 13.30 -3.42 -8.39
C ARG A 54 13.50 -2.02 -8.80
N ASN A 55 12.65 -1.62 -9.75
CA ASN A 55 12.59 -0.24 -10.17
C ASN A 55 11.31 0.31 -9.52
N LEU A 56 10.25 -0.50 -9.61
CA LEU A 56 8.96 -0.20 -9.04
C LEU A 56 9.02 -0.08 -7.51
N LEU A 57 9.98 -0.77 -6.88
CA LEU A 57 10.15 -0.74 -5.43
C LEU A 57 10.70 0.59 -4.90
N LEU A 58 11.87 0.95 -5.43
CA LEU A 58 12.56 2.17 -5.04
C LEU A 58 11.60 3.30 -5.20
N ALA A 59 10.68 3.10 -6.14
CA ALA A 59 9.68 4.10 -6.38
C ALA A 59 8.75 4.04 -5.15
N LEU A 60 8.32 2.82 -4.81
CA LEU A 60 7.47 2.59 -3.65
C LEU A 60 8.19 3.11 -2.41
N VAL A 61 9.51 3.02 -2.37
CA VAL A 61 10.20 3.52 -1.18
C VAL A 61 10.12 5.04 -0.99
N GLY A 62 10.64 5.75 -1.96
CA GLY A 62 10.62 7.20 -1.89
C GLY A 62 9.24 7.71 -2.15
N GLU A 63 8.37 6.87 -2.73
CA GLU A 63 7.00 7.34 -2.99
C GLU A 63 6.15 7.41 -1.72
N VAL A 64 6.75 7.10 -0.57
CA VAL A 64 6.10 7.20 0.74
C VAL A 64 6.70 8.51 1.33
N GLY A 65 7.75 8.99 0.64
CA GLY A 65 8.45 10.19 1.07
C GLY A 65 7.62 11.42 0.86
N GLU A 66 6.90 11.46 -0.25
CA GLU A 66 5.99 12.59 -0.46
C GLU A 66 5.10 12.69 0.83
N LEU A 67 4.46 11.57 1.16
CA LEU A 67 3.64 11.41 2.37
C LEU A 67 4.42 11.86 3.62
N ALA A 68 5.52 11.17 3.94
CA ALA A 68 6.33 11.52 5.11
C ALA A 68 6.59 13.03 5.12
N GLU A 69 6.73 13.61 3.95
CA GLU A 69 7.03 15.03 3.88
C GLU A 69 5.93 15.83 4.61
N LEU A 70 4.68 15.47 4.31
CA LEU A 70 3.48 16.10 4.88
C LEU A 70 3.41 16.00 6.41
N PHE A 71 3.79 14.81 6.90
CA PHE A 71 3.76 14.45 8.29
C PHE A 71 4.93 14.87 9.15
N GLN A 72 6.11 15.00 8.52
CA GLN A 72 7.32 15.33 9.25
C GLN A 72 7.19 16.47 10.26
N TRP A 73 6.46 17.54 9.91
CA TRP A 73 6.34 18.65 10.86
C TRP A 73 5.01 18.72 11.63
N LYS A 74 4.17 17.67 11.48
CA LYS A 74 2.86 17.56 12.14
C LYS A 74 2.94 16.99 13.56
N SER A 75 2.57 17.79 14.54
CA SER A 75 2.55 17.40 15.95
C SER A 75 1.60 16.25 16.09
N ASP A 76 1.79 15.41 17.08
CA ASP A 76 0.83 14.34 17.23
C ASP A 76 -0.34 14.95 18.03
N THR A 77 -0.09 16.15 18.57
CA THR A 77 -1.09 16.91 19.33
C THR A 77 -2.25 17.40 18.46
N GLU A 78 -2.59 16.69 17.37
CA GLU A 78 -3.72 17.16 16.54
C GLU A 78 -4.72 16.18 15.98
N PRO A 79 -5.82 16.72 15.42
CA PRO A 79 -6.82 15.81 14.85
C PRO A 79 -6.09 15.17 13.70
N GLY A 80 -6.37 13.91 13.39
CA GLY A 80 -5.66 13.30 12.28
C GLY A 80 -5.71 14.07 10.96
N PRO A 81 -5.04 13.58 9.91
CA PRO A 81 -5.02 14.25 8.59
C PRO A 81 -6.35 15.00 8.27
N GLN A 82 -7.43 14.60 8.96
CA GLN A 82 -8.74 15.24 8.82
C GLN A 82 -8.50 16.72 9.04
N ALA A 83 -7.40 17.06 9.72
CA ALA A 83 -7.16 18.48 9.99
C ALA A 83 -5.83 19.06 9.60
N TRP A 84 -5.65 19.28 8.31
CA TRP A 84 -4.42 19.91 7.90
C TRP A 84 -4.72 21.14 7.09
N PRO A 85 -3.76 21.58 6.28
CA PRO A 85 -3.98 22.74 5.42
C PRO A 85 -4.59 22.22 4.10
N PRO A 86 -5.50 23.02 3.50
CA PRO A 86 -6.18 22.74 2.25
C PRO A 86 -5.24 22.35 1.20
N LYS A 87 -4.23 23.19 0.98
CA LYS A 87 -3.26 22.80 -0.06
C LYS A 87 -2.77 21.40 0.36
N GLU A 88 -2.80 21.12 1.68
CA GLU A 88 -2.35 19.81 2.19
C GLU A 88 -3.35 18.62 2.03
N ARG A 89 -4.65 18.90 1.91
CA ARG A 89 -5.62 17.84 1.68
C ARG A 89 -5.53 17.59 0.18
N ALA A 90 -5.44 18.67 -0.57
CA ALA A 90 -5.36 18.57 -2.04
C ALA A 90 -4.18 17.61 -2.34
N ALA A 91 -3.10 17.83 -1.60
CA ALA A 91 -1.89 17.03 -1.73
C ALA A 91 -2.14 15.58 -1.32
N LEU A 92 -2.36 15.38 -0.01
CA LEU A 92 -2.58 14.07 0.62
C LEU A 92 -3.19 13.02 -0.29
N GLN A 93 -4.26 13.40 -0.97
CA GLN A 93 -4.97 12.52 -1.89
C GLN A 93 -3.98 11.94 -2.89
N GLU A 94 -3.33 12.85 -3.62
CA GLU A 94 -2.37 12.52 -4.66
C GLU A 94 -1.33 11.57 -4.09
N GLU A 95 -0.58 12.01 -3.08
CA GLU A 95 0.41 11.14 -2.51
C GLU A 95 -0.27 9.85 -2.10
N LEU A 96 -1.11 9.92 -1.07
CA LEU A 96 -1.83 8.75 -0.62
C LEU A 96 -2.26 7.97 -1.83
N SER A 97 -3.02 8.60 -2.70
CA SER A 97 -3.48 7.90 -3.90
C SER A 97 -2.41 7.50 -4.93
N ASP A 98 -1.25 8.18 -4.96
CA ASP A 98 -0.14 7.80 -5.88
C ASP A 98 0.42 6.49 -5.33
N VAL A 99 0.72 6.51 -4.01
CA VAL A 99 1.30 5.35 -3.30
C VAL A 99 0.53 4.10 -3.57
N LEU A 100 -0.78 4.21 -3.45
CA LEU A 100 -1.60 3.05 -3.68
C LEU A 100 -1.25 2.60 -5.10
N ILE A 101 -1.39 3.51 -6.05
CA ILE A 101 -1.13 3.13 -7.43
C ILE A 101 0.18 2.35 -7.63
N TYR A 102 1.27 2.75 -6.96
CA TYR A 102 2.50 2.04 -7.11
C TYR A 102 2.36 0.65 -6.53
N LEU A 103 1.84 0.57 -5.28
CA LEU A 103 1.62 -0.72 -4.65
C LEU A 103 0.54 -1.32 -5.51
N VAL A 104 -0.36 -0.49 -6.01
CA VAL A 104 -1.32 -1.08 -6.87
C VAL A 104 -0.64 -1.80 -8.01
N ALA A 105 0.51 -1.25 -8.44
CA ALA A 105 1.33 -1.75 -9.57
C ALA A 105 2.49 -2.66 -9.26
N LEU A 106 3.41 -2.21 -8.41
CA LEU A 106 4.58 -2.99 -8.05
C LEU A 106 4.29 -4.43 -7.84
N ALA A 107 3.21 -4.69 -7.08
CA ALA A 107 2.82 -6.03 -6.75
C ALA A 107 2.00 -6.47 -7.90
N ALA A 108 1.19 -5.55 -8.39
CA ALA A 108 0.40 -5.89 -9.58
C ALA A 108 1.32 -6.60 -10.57
N ARG A 109 2.41 -5.91 -10.88
CA ARG A 109 3.43 -6.32 -11.83
C ARG A 109 4.36 -7.45 -11.37
N CYS A 110 4.13 -7.96 -10.16
CA CYS A 110 4.92 -9.07 -9.59
C CYS A 110 4.18 -10.43 -9.60
N HIS A 111 2.93 -10.44 -10.09
CA HIS A 111 2.07 -11.60 -10.10
C HIS A 111 1.84 -12.01 -8.65
N VAL A 112 1.86 -11.00 -7.79
CA VAL A 112 1.60 -11.16 -6.36
C VAL A 112 0.13 -10.79 -6.19
N ASP A 113 -0.71 -11.78 -5.84
CA ASP A 113 -2.15 -11.59 -5.63
C ASP A 113 -2.31 -10.81 -4.34
N LEU A 114 -2.36 -9.49 -4.46
CA LEU A 114 -2.38 -8.66 -3.28
C LEU A 114 -3.69 -8.77 -2.47
N PRO A 115 -4.88 -8.61 -3.10
CA PRO A 115 -6.25 -8.68 -2.51
C PRO A 115 -6.48 -9.94 -1.70
N GLN A 116 -5.77 -11.02 -2.08
CA GLN A 116 -5.84 -12.27 -1.32
C GLN A 116 -4.66 -12.32 -0.34
N ALA A 117 -3.53 -11.70 -0.71
CA ALA A 117 -2.36 -11.69 0.17
C ALA A 117 -2.64 -10.96 1.47
N VAL A 118 -3.55 -10.01 1.43
CA VAL A 118 -3.91 -9.23 2.62
C VAL A 118 -4.68 -10.10 3.62
N ILE A 119 -5.49 -11.04 3.12
CA ILE A 119 -6.27 -11.85 4.05
C ILE A 119 -5.31 -12.85 4.67
N SER A 120 -4.51 -13.49 3.83
CA SER A 120 -3.56 -14.47 4.29
C SER A 120 -2.69 -13.91 5.37
N LYS A 121 -2.13 -12.72 5.11
CA LYS A 121 -1.24 -12.10 6.07
C LYS A 121 -1.94 -11.45 7.27
N MSE A 122 -3.05 -10.75 7.03
CA MSE A 122 -3.73 -10.07 8.13
C MSE A 122 -3.97 -11.06 9.25
O MSE A 122 -3.50 -10.86 10.38
CB MSE A 122 -5.05 -9.47 7.68
CG MSE A 122 -5.54 -8.35 8.59
SE MSE A 122 -5.35 -8.79 10.43
CE MSE A 122 -3.71 -7.75 10.82
N ASP A 123 -4.68 -12.13 8.97
CA ASP A 123 -4.93 -13.11 10.01
C ASP A 123 -3.58 -13.48 10.67
N THR A 124 -2.57 -13.88 9.87
CA THR A 124 -1.28 -14.19 10.48
C THR A 124 -1.00 -13.07 11.50
N ASN A 125 -1.06 -11.80 11.07
CA ASN A 125 -0.85 -10.66 12.01
C ASN A 125 -1.87 -10.86 13.19
N ARG A 126 -3.13 -11.15 12.84
CA ARG A 126 -4.19 -11.31 13.82
C ARG A 126 -3.65 -12.26 14.88
N GLN A 127 -3.56 -13.55 14.54
CA GLN A 127 -3.04 -14.54 15.49
C GLN A 127 -1.74 -14.05 16.13
N ARG A 128 -0.75 -13.73 15.29
CA ARG A 128 0.54 -13.30 15.80
C ARG A 128 0.48 -12.26 16.92
N TYR A 129 -0.53 -11.39 16.89
CA TYR A 129 -0.77 -10.35 17.91
C TYR A 129 -2.15 -10.72 18.57
N PRO A 130 -2.14 -11.46 19.72
CA PRO A 130 -3.41 -11.83 20.36
C PRO A 130 -4.11 -10.64 21.05
N VAL A 131 -5.45 -10.59 20.96
CA VAL A 131 -6.18 -9.50 21.61
C VAL A 131 -6.18 -9.67 23.14
N HIS A 132 -6.42 -8.61 23.88
CA HIS A 132 -6.46 -8.83 25.32
C HIS A 132 -7.92 -8.99 25.78
N LEU A 133 -8.17 -9.89 26.74
CA LEU A 133 -9.51 -10.14 27.28
C LEU A 133 -9.66 -9.24 28.48
N SER A 134 -10.57 -9.63 29.39
CA SER A 134 -10.94 -8.94 30.64
C SER A 134 -9.95 -8.99 31.81
N PRO B 22 -2.89 -14.61 -18.42
CA PRO B 22 -3.66 -13.36 -18.26
C PRO B 22 -3.83 -12.98 -16.77
N PHE B 23 -2.79 -12.41 -16.12
CA PHE B 23 -2.82 -12.03 -14.66
C PHE B 23 -3.79 -11.00 -14.06
N ARG B 24 -4.62 -11.40 -13.11
CA ARG B 24 -5.48 -10.42 -12.43
C ARG B 24 -5.77 -10.75 -10.96
N PHE B 25 -5.81 -9.73 -10.08
CA PHE B 25 -6.12 -9.86 -8.62
C PHE B 25 -7.58 -10.35 -8.38
N SER B 26 -7.96 -10.51 -7.10
CA SER B 26 -9.35 -10.87 -6.77
C SER B 26 -10.12 -9.54 -6.83
N PRO B 27 -11.45 -9.67 -6.93
CA PRO B 27 -12.61 -8.79 -7.00
C PRO B 27 -13.10 -8.52 -5.61
N GLU B 28 -12.21 -8.69 -4.64
CA GLU B 28 -12.57 -8.55 -3.22
C GLU B 28 -11.39 -9.10 -2.42
N PRO B 29 -11.21 -8.62 -1.18
CA PRO B 29 -11.98 -7.65 -0.45
C PRO B 29 -11.91 -6.30 -1.17
N THR B 30 -12.83 -5.35 -0.92
CA THR B 30 -12.79 -4.06 -1.61
C THR B 30 -11.60 -3.42 -0.94
N LEU B 31 -11.35 -2.14 -1.21
CA LEU B 31 -10.30 -1.43 -0.49
C LEU B 31 -11.11 -1.16 0.80
N GLU B 32 -12.41 -0.98 0.64
CA GLU B 32 -13.30 -0.72 1.77
C GLU B 32 -13.23 -1.95 2.67
N ASP B 33 -13.36 -3.12 2.04
CA ASP B 33 -13.33 -4.38 2.78
C ASP B 33 -12.12 -4.35 3.72
N ILE B 34 -10.97 -4.16 3.07
CA ILE B 34 -9.68 -4.09 3.76
C ILE B 34 -9.76 -3.09 4.93
N ARG B 35 -10.41 -1.97 4.71
CA ARG B 35 -10.53 -0.96 5.75
C ARG B 35 -11.43 -1.47 6.89
N ARG B 36 -12.63 -1.93 6.51
CA ARG B 36 -13.67 -2.47 7.44
C ARG B 36 -13.01 -3.50 8.35
N LEU B 37 -12.17 -4.33 7.74
CA LEU B 37 -11.42 -5.36 8.45
C LEU B 37 -10.39 -4.74 9.42
N HIS B 38 -9.30 -4.22 8.85
CA HIS B 38 -8.28 -3.66 9.68
C HIS B 38 -8.90 -2.81 10.80
N ALA B 39 -10.05 -2.21 10.52
CA ALA B 39 -10.74 -1.39 11.53
C ALA B 39 -10.99 -2.23 12.81
N GLU B 40 -11.58 -3.41 12.53
CA GLU B 40 -11.94 -4.42 13.50
C GLU B 40 -10.64 -4.77 14.21
N PHE B 41 -9.69 -5.29 13.44
CA PHE B 41 -8.41 -5.66 13.96
C PHE B 41 -8.03 -4.71 15.08
N ALA B 42 -7.88 -3.45 14.71
CA ALA B 42 -7.49 -2.37 15.63
C ALA B 42 -8.57 -2.11 16.72
N ALA B 43 -9.83 -2.33 16.39
CA ALA B 43 -10.86 -2.10 17.41
C ALA B 43 -10.71 -3.08 18.55
N GLU B 44 -10.23 -4.28 18.25
CA GLU B 44 -10.10 -5.30 19.30
C GLU B 44 -8.77 -5.23 20.07
N ARG B 45 -7.89 -4.33 19.63
CA ARG B 45 -6.58 -4.09 20.27
C ARG B 45 -6.39 -2.62 20.76
N ASP B 46 -5.14 -2.29 21.07
CA ASP B 46 -4.76 -0.94 21.49
C ASP B 46 -5.08 0.03 20.32
N TRP B 47 -6.30 0.55 20.36
CA TRP B 47 -6.83 1.47 19.35
C TRP B 47 -6.01 2.75 19.11
N GLU B 48 -5.38 3.29 20.15
CA GLU B 48 -4.56 4.49 19.97
C GLU B 48 -3.24 4.23 19.26
N GLN B 49 -2.58 3.14 19.66
CA GLN B 49 -1.32 2.73 19.05
C GLN B 49 -1.54 2.71 17.52
N PHE B 50 -2.77 2.33 17.10
CA PHE B 50 -3.14 2.26 15.69
C PHE B 50 -3.91 3.50 15.19
N HIS B 51 -4.44 4.27 16.12
CA HIS B 51 -5.20 5.47 15.78
C HIS B 51 -4.27 6.63 15.42
N GLN B 52 -2.97 6.48 15.66
CA GLN B 52 -2.08 7.61 15.33
C GLN B 52 -1.56 7.56 13.91
N PRO B 53 -1.86 8.62 13.11
CA PRO B 53 -1.45 8.74 11.70
C PRO B 53 0.05 8.56 11.56
N ARG B 54 0.80 9.35 12.34
CA ARG B 54 2.25 9.27 12.27
C ARG B 54 2.75 7.86 12.71
N ASN B 55 1.94 7.18 13.52
CA ASN B 55 2.24 5.81 13.95
C ASN B 55 2.05 4.91 12.72
N LEU B 56 0.84 5.01 12.12
CA LEU B 56 0.51 4.22 10.94
C LEU B 56 1.53 4.60 9.88
N LEU B 57 1.83 5.90 9.82
CA LEU B 57 2.77 6.37 8.84
C LEU B 57 4.13 5.73 9.07
N LEU B 58 4.59 5.65 10.31
CA LEU B 58 5.89 5.03 10.56
C LEU B 58 5.79 3.55 10.26
N ALA B 59 4.66 2.92 10.60
CA ALA B 59 4.52 1.48 10.32
C ALA B 59 4.70 1.27 8.80
N LEU B 60 3.99 2.11 8.02
CA LEU B 60 4.01 2.06 6.56
C LEU B 60 5.46 2.25 6.08
N VAL B 61 6.14 3.28 6.57
CA VAL B 61 7.51 3.46 6.17
C VAL B 61 8.31 2.21 6.47
N GLY B 62 8.12 1.60 7.63
CA GLY B 62 8.87 0.38 7.96
C GLY B 62 8.57 -0.77 6.97
N GLU B 63 7.35 -0.76 6.46
CA GLU B 63 6.91 -1.76 5.51
C GLU B 63 7.75 -1.64 4.29
N VAL B 64 7.89 -0.40 3.80
CA VAL B 64 8.70 -0.14 2.62
C VAL B 64 10.14 -0.64 2.82
N GLY B 65 10.68 -0.40 4.01
CA GLY B 65 12.01 -0.87 4.33
C GLY B 65 12.17 -2.38 4.45
N GLU B 66 11.15 -3.08 4.92
CA GLU B 66 11.25 -4.53 5.02
C GLU B 66 11.06 -5.04 3.58
N LEU B 67 10.31 -4.27 2.80
CA LEU B 67 10.05 -4.57 1.38
C LEU B 67 11.34 -4.28 0.60
N ALA B 68 12.00 -3.17 0.95
CA ALA B 68 13.27 -2.77 0.35
C ALA B 68 14.18 -3.91 0.75
N GLU B 69 13.91 -4.54 1.88
CA GLU B 69 14.74 -5.68 2.24
C GLU B 69 14.37 -6.93 1.44
N LEU B 70 13.84 -6.70 0.25
CA LEU B 70 13.63 -7.80 -0.72
C LEU B 70 14.31 -7.34 -2.06
N PHE B 71 14.89 -6.16 -2.12
CA PHE B 71 15.52 -5.80 -3.39
C PHE B 71 16.99 -5.30 -3.44
N GLN B 72 17.28 -4.20 -2.74
CA GLN B 72 18.59 -3.51 -2.62
C GLN B 72 19.89 -4.11 -3.19
N TRP B 73 19.99 -5.43 -3.30
CA TRP B 73 21.21 -6.09 -3.79
C TRP B 73 20.96 -6.98 -4.98
N LYS B 74 19.71 -7.00 -5.43
CA LYS B 74 19.33 -7.86 -6.53
C LYS B 74 19.45 -7.19 -7.87
N SER B 75 19.92 -8.00 -8.82
CA SER B 75 20.14 -7.61 -10.21
C SER B 75 18.84 -7.36 -10.96
N ASP B 76 18.78 -6.22 -11.65
CA ASP B 76 17.59 -5.93 -12.43
C ASP B 76 17.64 -6.92 -13.64
N THR B 77 18.46 -7.97 -13.44
CA THR B 77 18.75 -9.04 -14.40
C THR B 77 17.71 -10.17 -14.40
N GLU B 78 18.19 -11.41 -14.20
CA GLU B 78 17.40 -12.65 -14.17
C GLU B 78 16.00 -12.23 -13.76
N PRO B 79 14.94 -12.93 -14.21
CA PRO B 79 13.50 -12.75 -13.98
C PRO B 79 12.98 -11.83 -12.83
N GLY B 80 13.64 -11.87 -11.69
CA GLY B 80 13.16 -11.03 -10.61
C GLY B 80 11.81 -11.47 -10.11
N PRO B 81 10.82 -10.57 -9.88
CA PRO B 81 9.54 -11.09 -9.40
C PRO B 81 9.67 -12.57 -9.20
N GLN B 82 9.55 -13.30 -10.30
CA GLN B 82 9.71 -14.75 -10.25
C GLN B 82 11.19 -15.06 -10.63
N ALA B 83 11.83 -16.00 -9.90
CA ALA B 83 13.25 -16.48 -10.03
C ALA B 83 13.87 -16.74 -8.63
N TRP B 84 13.59 -15.82 -7.68
CA TRP B 84 14.11 -15.96 -6.31
C TRP B 84 13.50 -17.16 -5.53
N PRO B 85 14.21 -17.72 -4.54
CA PRO B 85 13.62 -18.88 -3.84
C PRO B 85 12.30 -18.74 -3.06
N PRO B 86 11.74 -19.91 -2.68
CA PRO B 86 10.49 -20.02 -1.93
C PRO B 86 10.53 -18.99 -0.84
N LYS B 87 11.66 -19.04 -0.15
CA LYS B 87 12.03 -18.19 0.96
C LYS B 87 11.76 -16.67 0.77
N GLU B 88 11.85 -16.14 -0.45
CA GLU B 88 11.64 -14.69 -0.64
C GLU B 88 10.41 -14.30 -1.45
N ARG B 89 9.73 -15.29 -2.02
CA ARG B 89 8.49 -15.05 -2.77
C ARG B 89 7.47 -14.88 -1.64
N ALA B 90 7.57 -15.75 -0.63
CA ALA B 90 6.67 -15.70 0.51
C ALA B 90 6.89 -14.39 1.26
N ALA B 91 8.16 -14.05 1.47
CA ALA B 91 8.48 -12.83 2.15
C ALA B 91 8.16 -11.61 1.26
N LEU B 92 7.85 -11.82 -0.02
CA LEU B 92 7.47 -10.70 -0.86
C LEU B 92 6.03 -10.26 -0.57
N GLN B 93 5.10 -11.16 -0.86
CA GLN B 93 3.68 -10.91 -0.62
C GLN B 93 3.42 -10.50 0.86
N GLU B 94 4.12 -11.13 1.79
CA GLU B 94 3.92 -10.82 3.22
C GLU B 94 4.06 -9.36 3.58
N GLU B 95 5.13 -8.74 3.05
CA GLU B 95 5.43 -7.35 3.31
C GLU B 95 4.66 -6.40 2.37
N LEU B 96 4.45 -6.86 1.14
CA LEU B 96 3.68 -6.04 0.22
C LEU B 96 2.34 -5.80 0.93
N SER B 97 1.76 -6.90 1.42
CA SER B 97 0.47 -6.92 2.11
C SER B 97 0.50 -6.07 3.38
N ASP B 98 1.62 -6.13 4.12
CA ASP B 98 1.69 -5.29 5.32
C ASP B 98 1.79 -3.83 4.89
N VAL B 99 2.13 -3.56 3.62
CA VAL B 99 2.18 -2.17 3.15
C VAL B 99 0.75 -1.62 2.88
N LEU B 100 -0.03 -2.44 2.19
CA LEU B 100 -1.36 -2.07 1.82
C LEU B 100 -2.32 -1.87 3.02
N ILE B 101 -2.24 -2.71 4.03
CA ILE B 101 -3.12 -2.63 5.22
C ILE B 101 -2.94 -1.25 5.89
N TYR B 102 -1.68 -0.87 6.08
CA TYR B 102 -1.37 0.42 6.69
C TYR B 102 -1.80 1.61 5.85
N LEU B 103 -1.46 1.58 4.56
CA LEU B 103 -1.84 2.69 3.71
C LEU B 103 -3.36 2.96 3.91
N VAL B 104 -4.25 1.96 3.66
CA VAL B 104 -5.72 2.16 3.84
C VAL B 104 -6.05 2.67 5.25
N ALA B 105 -5.46 2.08 6.29
CA ALA B 105 -5.76 2.58 7.62
C ALA B 105 -5.43 4.05 7.58
N LEU B 106 -4.28 4.38 7.00
CA LEU B 106 -3.87 5.78 6.91
C LEU B 106 -4.89 6.59 6.07
N ALA B 107 -5.23 6.15 4.85
CA ALA B 107 -6.19 6.95 4.07
C ALA B 107 -7.60 6.98 4.74
N ALA B 108 -8.03 5.85 5.27
CA ALA B 108 -9.35 5.82 5.97
C ALA B 108 -9.34 6.89 7.10
N ARG B 109 -8.26 6.92 7.89
CA ARG B 109 -8.07 7.86 8.98
C ARG B 109 -7.89 9.32 8.51
N CYS B 110 -7.49 9.49 7.24
CA CYS B 110 -7.28 10.81 6.61
C CYS B 110 -8.56 11.38 6.05
N HIS B 111 -9.52 10.50 5.77
CA HIS B 111 -10.83 10.91 5.22
C HIS B 111 -10.66 11.39 3.80
N VAL B 112 -10.14 10.46 2.99
CA VAL B 112 -9.81 10.65 1.58
C VAL B 112 -10.44 9.43 0.84
N ASP B 113 -11.48 9.62 0.04
CA ASP B 113 -12.07 8.42 -0.62
C ASP B 113 -11.11 7.68 -1.62
N LEU B 114 -10.11 7.01 -1.04
CA LEU B 114 -9.03 6.27 -1.72
C LEU B 114 -9.22 5.66 -3.11
N PRO B 115 -10.23 4.80 -3.30
CA PRO B 115 -10.35 4.27 -4.66
C PRO B 115 -10.43 5.39 -5.70
N GLN B 116 -11.24 6.41 -5.45
CA GLN B 116 -11.44 7.59 -6.32
C GLN B 116 -10.37 8.72 -6.29
N ALA B 117 -9.56 8.75 -5.23
CA ALA B 117 -8.56 9.78 -5.09
C ALA B 117 -7.33 9.42 -5.91
N VAL B 118 -7.37 8.18 -6.39
CA VAL B 118 -6.36 7.52 -7.21
C VAL B 118 -6.75 7.63 -8.68
N ILE B 119 -8.05 7.45 -8.97
CA ILE B 119 -8.51 7.57 -10.37
C ILE B 119 -8.01 8.98 -10.62
N SER B 120 -8.37 9.86 -9.70
CA SER B 120 -7.88 11.23 -9.75
C SER B 120 -6.35 11.19 -9.96
N LYS B 121 -5.65 10.34 -9.19
CA LYS B 121 -4.21 10.21 -9.29
C LYS B 121 -3.70 9.62 -10.62
N MSE B 122 -4.21 8.45 -11.03
CA MSE B 122 -3.75 7.79 -12.25
C MSE B 122 -4.07 8.53 -13.54
O MSE B 122 -3.24 8.64 -14.47
CB MSE B 122 -4.31 6.35 -12.38
CG MSE B 122 -3.36 5.22 -11.97
SE MSE B 122 -3.08 3.65 -13.12
CE MSE B 122 -1.12 3.78 -13.31
N ASP B 123 -5.32 9.02 -13.58
CA ASP B 123 -5.84 9.74 -14.71
C ASP B 123 -4.95 10.98 -14.95
N THR B 124 -4.63 11.62 -13.83
CA THR B 124 -3.82 12.83 -13.74
C THR B 124 -2.28 12.68 -13.96
N ASN B 125 -1.70 11.58 -13.49
CA ASN B 125 -0.26 11.31 -13.63
C ASN B 125 0.19 10.94 -15.09
N ARG B 126 -0.79 10.70 -15.97
CA ARG B 126 -0.62 10.35 -17.41
C ARG B 126 -0.03 11.54 -18.19
N GLN B 127 0.14 12.64 -17.45
CA GLN B 127 0.71 13.89 -17.94
C GLN B 127 2.04 14.16 -17.18
N ARG B 128 2.19 13.59 -16.00
CA ARG B 128 3.44 13.70 -15.22
C ARG B 128 4.40 12.74 -15.97
N TYR B 129 3.84 11.62 -16.38
CA TYR B 129 4.54 10.63 -17.16
C TYR B 129 3.70 10.54 -18.45
N PRO B 130 3.90 11.49 -19.42
CA PRO B 130 3.16 11.54 -20.69
C PRO B 130 3.43 10.36 -21.59
N PRO A 22 -18.46 6.62 10.98
CA PRO A 22 -17.63 5.46 10.59
C PRO A 22 -17.19 5.64 9.13
N PHE A 23 -15.88 5.77 8.88
CA PHE A 23 -15.37 5.98 7.51
C PHE A 23 -15.07 4.75 6.67
N ARG A 24 -15.80 4.61 5.57
CA ARG A 24 -15.64 3.48 4.68
C ARG A 24 -15.17 3.87 3.26
N PHE A 25 -14.68 2.88 2.51
CA PHE A 25 -14.25 3.14 1.12
C PHE A 25 -15.41 2.95 0.13
N SER A 26 -15.41 3.77 -0.92
CA SER A 26 -16.40 3.70 -2.00
C SER A 26 -16.35 2.28 -2.53
N PRO A 27 -17.00 2.01 -3.67
CA PRO A 27 -16.85 0.60 -4.05
C PRO A 27 -15.81 0.36 -5.09
N GLU A 28 -15.54 1.38 -5.91
CA GLU A 28 -14.48 1.25 -6.91
C GLU A 28 -13.66 2.52 -7.12
N PRO A 29 -12.44 2.36 -7.66
CA PRO A 29 -11.92 1.04 -8.01
C PRO A 29 -11.50 0.19 -6.82
N THR A 30 -11.30 -1.08 -7.13
CA THR A 30 -10.79 -2.10 -6.24
C THR A 30 -9.34 -2.16 -6.73
N LEU A 31 -8.64 -3.16 -6.19
CA LEU A 31 -7.25 -3.47 -6.49
C LEU A 31 -7.06 -4.00 -7.92
N GLU A 32 -7.98 -4.91 -8.29
CA GLU A 32 -7.98 -5.46 -9.61
C GLU A 32 -8.42 -4.34 -10.56
N ASP A 33 -9.41 -3.54 -10.15
CA ASP A 33 -9.86 -2.44 -10.95
C ASP A 33 -8.55 -1.68 -11.15
N ILE A 34 -7.90 -1.39 -10.01
CA ILE A 34 -6.68 -0.65 -10.08
C ILE A 34 -5.70 -1.33 -11.00
N ARG A 35 -5.38 -2.61 -10.75
CA ARG A 35 -4.42 -3.34 -11.60
C ARG A 35 -4.65 -3.06 -13.12
N ARG A 36 -5.86 -3.37 -13.58
CA ARG A 36 -6.28 -3.13 -14.96
C ARG A 36 -5.82 -1.74 -15.42
N LEU A 37 -6.10 -0.73 -14.60
CA LEU A 37 -5.71 0.64 -14.94
C LEU A 37 -4.20 0.84 -15.05
N HIS A 38 -3.50 0.55 -13.96
CA HIS A 38 -2.06 0.68 -13.99
C HIS A 38 -1.55 -0.04 -15.26
N ALA A 39 -2.11 -1.20 -15.55
CA ALA A 39 -1.67 -1.94 -16.70
C ALA A 39 -1.88 -1.10 -17.96
N GLU A 40 -3.11 -0.63 -18.21
CA GLU A 40 -3.40 0.22 -19.39
C GLU A 40 -2.47 1.46 -19.35
N PHE A 41 -2.35 2.07 -18.17
CA PHE A 41 -1.48 3.21 -18.02
C PHE A 41 -0.04 2.89 -18.56
N ALA A 42 0.63 1.95 -17.89
CA ALA A 42 1.97 1.52 -18.22
C ALA A 42 2.08 1.05 -19.66
N ALA A 43 0.95 0.65 -20.23
CA ALA A 43 0.93 0.18 -21.60
C ALA A 43 1.15 1.39 -22.53
N GLU A 44 0.98 2.59 -21.97
CA GLU A 44 1.13 3.82 -22.75
C GLU A 44 2.52 4.41 -22.66
N ARG A 45 3.21 4.06 -21.57
CA ARG A 45 4.55 4.58 -21.32
C ARG A 45 5.65 3.56 -21.69
N ASP A 46 6.79 3.66 -21.04
CA ASP A 46 7.90 2.75 -21.26
C ASP A 46 7.71 1.40 -20.58
N TRP A 47 8.07 0.38 -21.34
CA TRP A 47 7.93 -0.99 -20.90
C TRP A 47 8.64 -1.33 -19.62
N GLU A 48 9.97 -1.34 -19.69
CA GLU A 48 10.75 -1.74 -18.55
C GLU A 48 11.02 -0.60 -17.64
N GLN A 49 10.41 0.55 -17.93
CA GLN A 49 10.57 1.70 -17.07
C GLN A 49 9.61 1.43 -15.90
N PHE A 50 8.34 1.20 -16.21
CA PHE A 50 7.38 0.89 -15.15
C PHE A 50 7.52 -0.53 -14.65
N HIS A 51 7.78 -1.44 -15.61
CA HIS A 51 7.98 -2.87 -15.36
C HIS A 51 9.30 -3.26 -14.62
N GLN A 52 10.31 -2.40 -14.56
CA GLN A 52 11.49 -2.80 -13.78
C GLN A 52 11.06 -2.93 -12.29
N PRO A 53 11.26 -4.12 -11.67
CA PRO A 53 10.82 -4.20 -10.26
C PRO A 53 11.42 -3.07 -9.43
N ARG A 54 12.75 -2.94 -9.44
CA ARG A 54 13.40 -1.90 -8.65
C ARG A 54 12.90 -0.50 -9.04
N ASN A 55 12.43 -0.32 -10.28
CA ASN A 55 11.88 0.99 -10.66
C ASN A 55 10.66 1.23 -9.75
N LEU A 56 9.80 0.18 -9.67
CA LEU A 56 8.60 0.19 -8.85
C LEU A 56 8.89 0.43 -7.36
N LEU A 57 9.67 -0.50 -6.78
CA LEU A 57 10.05 -0.48 -5.37
C LEU A 57 10.66 0.84 -4.93
N LEU A 58 11.75 1.25 -5.58
CA LEU A 58 12.44 2.49 -5.24
C LEU A 58 11.46 3.61 -5.34
N ALA A 59 10.51 3.46 -6.28
CA ALA A 59 9.49 4.46 -6.46
C ALA A 59 8.56 4.32 -5.24
N LEU A 60 8.20 3.07 -4.91
CA LEU A 60 7.37 2.79 -3.75
C LEU A 60 8.11 3.35 -2.53
N VAL A 61 9.42 3.15 -2.47
CA VAL A 61 10.16 3.67 -1.30
C VAL A 61 10.13 5.19 -1.18
N GLY A 62 10.40 5.87 -2.29
CA GLY A 62 10.41 7.33 -2.23
C GLY A 62 8.99 7.77 -2.06
N GLU A 63 8.08 6.96 -2.62
CA GLU A 63 6.66 7.27 -2.57
C GLU A 63 6.19 7.26 -1.10
N VAL A 64 6.95 6.63 -0.24
CA VAL A 64 6.56 6.62 1.15
C VAL A 64 7.26 7.79 1.85
N GLY A 65 8.44 8.17 1.33
CA GLY A 65 9.12 9.33 1.90
C GLY A 65 8.26 10.56 1.60
N GLU A 66 7.51 10.57 0.49
CA GLU A 66 6.69 11.74 0.18
C GLU A 66 5.58 12.01 1.29
N LEU A 67 4.87 10.97 1.73
CA LEU A 67 3.85 11.14 2.80
C LEU A 67 4.57 11.64 4.08
N ALA A 68 5.79 11.13 4.29
CA ALA A 68 6.61 11.50 5.46
C ALA A 68 6.88 13.02 5.46
N GLU A 69 6.89 13.66 4.29
CA GLU A 69 7.20 15.08 4.24
C GLU A 69 6.04 15.95 4.74
N LEU A 70 4.86 15.68 4.15
CA LEU A 70 3.59 16.35 4.44
C LEU A 70 3.35 16.37 5.93
N PHE A 71 3.69 15.24 6.52
CA PHE A 71 3.52 14.94 7.92
C PHE A 71 4.64 15.44 8.78
N GLN A 72 5.86 15.40 8.22
CA GLN A 72 7.08 15.76 8.94
C GLN A 72 7.15 17.17 9.56
N TRP A 73 6.13 17.99 9.35
CA TRP A 73 6.12 19.35 9.92
C TRP A 73 4.66 19.59 10.42
N LYS A 74 3.81 18.58 10.13
CA LYS A 74 2.37 18.53 10.46
C LYS A 74 2.06 18.17 11.89
N SER A 75 2.36 19.09 12.78
CA SER A 75 2.16 18.91 14.21
C SER A 75 0.89 18.10 14.50
N ASP A 76 1.07 16.97 15.17
CA ASP A 76 -0.06 16.12 15.51
C ASP A 76 -0.79 16.88 16.62
N THR A 77 -0.24 18.06 16.93
CA THR A 77 -0.74 19.03 17.93
C THR A 77 -1.71 20.04 17.27
N GLU A 78 -1.73 20.12 15.94
CA GLU A 78 -2.63 21.01 15.17
C GLU A 78 -3.73 20.13 14.56
N PRO A 79 -4.84 20.72 14.05
CA PRO A 79 -5.83 19.80 13.48
C PRO A 79 -5.12 18.73 12.65
N GLY A 80 -5.47 17.47 12.88
CA GLY A 80 -4.90 16.33 12.17
C GLY A 80 -5.16 16.29 10.67
N PRO A 81 -4.89 15.14 10.01
CA PRO A 81 -5.07 14.93 8.56
C PRO A 81 -6.42 15.41 7.93
N GLN A 82 -7.52 14.73 8.26
CA GLN A 82 -8.84 15.07 7.74
C GLN A 82 -9.17 16.56 7.74
N ALA A 83 -8.60 17.30 8.70
CA ALA A 83 -8.82 18.74 8.85
C ALA A 83 -7.67 19.67 8.39
N TRP A 84 -6.96 19.26 7.36
CA TRP A 84 -5.89 20.07 6.79
C TRP A 84 -6.50 21.03 5.78
N PRO A 85 -5.66 21.88 5.16
CA PRO A 85 -6.20 22.80 4.16
C PRO A 85 -6.30 21.96 2.87
N PRO A 86 -7.17 22.34 1.93
CA PRO A 86 -7.39 21.64 0.65
C PRO A 86 -6.13 21.10 -0.04
N LYS A 87 -5.16 21.99 -0.29
CA LYS A 87 -3.90 21.60 -0.92
C LYS A 87 -3.18 20.53 -0.10
N GLU A 88 -3.12 20.74 1.21
CA GLU A 88 -2.47 19.78 2.09
C GLU A 88 -3.43 18.58 2.34
N ARG A 89 -4.73 18.79 2.12
CA ARG A 89 -5.76 17.76 2.27
C ARG A 89 -5.92 16.99 0.95
N ALA A 90 -5.09 17.36 -0.03
CA ALA A 90 -5.14 16.71 -1.34
C ALA A 90 -3.81 16.08 -1.72
N ALA A 91 -2.73 16.47 -1.05
CA ALA A 91 -1.40 15.87 -1.32
C ALA A 91 -1.42 14.57 -0.51
N LEU A 92 -2.23 14.56 0.56
CA LEU A 92 -2.39 13.34 1.36
C LEU A 92 -2.96 12.30 0.38
N GLN A 93 -4.06 12.69 -0.23
CA GLN A 93 -4.80 11.86 -1.20
C GLN A 93 -3.87 11.45 -2.31
N GLU A 94 -3.32 12.45 -3.01
CA GLU A 94 -2.43 12.18 -4.14
C GLU A 94 -1.31 11.20 -3.76
N GLU A 95 -0.55 11.52 -2.72
CA GLU A 95 0.50 10.60 -2.36
C GLU A 95 -0.10 9.23 -1.99
N LEU A 96 -1.09 9.17 -1.08
CA LEU A 96 -1.68 7.88 -0.74
C LEU A 96 -2.03 7.16 -2.05
N SER A 97 -2.63 7.92 -2.96
CA SER A 97 -2.96 7.41 -4.28
C SER A 97 -1.66 6.90 -4.90
N ASP A 98 -0.64 7.75 -4.85
CA ASP A 98 0.68 7.43 -5.42
C ASP A 98 1.20 6.10 -4.91
N VAL A 99 1.17 5.92 -3.59
CA VAL A 99 1.65 4.70 -2.99
C VAL A 99 0.85 3.47 -3.43
N LEU A 100 -0.46 3.51 -3.18
CA LEU A 100 -1.32 2.37 -3.49
C LEU A 100 -0.94 1.97 -4.90
N ILE A 101 -0.75 2.98 -5.73
CA ILE A 101 -0.39 2.69 -7.10
C ILE A 101 0.99 2.04 -7.23
N TYR A 102 2.04 2.56 -6.61
CA TYR A 102 3.29 1.83 -6.80
C TYR A 102 3.31 0.44 -6.15
N LEU A 103 2.62 0.26 -4.99
CA LEU A 103 2.55 -1.05 -4.36
C LEU A 103 1.80 -2.04 -5.27
N VAL A 104 0.74 -1.57 -5.93
CA VAL A 104 -0.06 -2.41 -6.82
C VAL A 104 0.69 -2.84 -8.11
N ALA A 105 1.27 -1.85 -8.80
CA ALA A 105 2.00 -2.11 -10.04
C ALA A 105 3.08 -3.15 -9.75
N LEU A 106 3.69 -2.97 -8.58
CA LEU A 106 4.73 -3.85 -8.08
C LEU A 106 4.19 -5.22 -7.74
N ALA A 107 3.07 -5.26 -6.99
CA ALA A 107 2.48 -6.52 -6.59
C ALA A 107 2.28 -7.32 -7.84
N ALA A 108 1.81 -6.63 -8.84
CA ALA A 108 1.55 -7.27 -10.12
C ALA A 108 2.86 -7.69 -10.75
N ARG A 109 3.81 -6.77 -10.90
CA ARG A 109 5.09 -7.11 -11.50
C ARG A 109 5.70 -8.36 -10.88
N CYS A 110 5.55 -8.52 -9.56
CA CYS A 110 6.10 -9.71 -8.89
C CYS A 110 5.12 -10.89 -8.97
N HIS A 111 4.09 -10.72 -9.82
CA HIS A 111 2.96 -11.64 -10.02
C HIS A 111 2.65 -12.21 -8.69
N VAL A 112 2.69 -11.33 -7.68
CA VAL A 112 2.36 -11.70 -6.30
C VAL A 112 0.86 -11.46 -6.05
N ASP A 113 0.13 -12.51 -5.66
CA ASP A 113 -1.33 -12.38 -5.43
C ASP A 113 -1.54 -11.66 -4.09
N LEU A 114 -1.63 -10.34 -4.24
CA LEU A 114 -1.72 -9.37 -3.15
C LEU A 114 -2.98 -9.39 -2.30
N PRO A 115 -4.18 -9.42 -2.91
CA PRO A 115 -5.41 -9.45 -2.12
C PRO A 115 -5.35 -10.72 -1.30
N GLN A 116 -4.77 -11.77 -1.89
CA GLN A 116 -4.73 -13.00 -1.12
C GLN A 116 -3.63 -13.07 -0.08
N ALA A 117 -2.44 -12.54 -0.40
CA ALA A 117 -1.30 -12.58 0.49
C ALA A 117 -1.61 -11.79 1.78
N VAL A 118 -2.50 -10.80 1.66
CA VAL A 118 -2.91 -9.96 2.78
C VAL A 118 -3.79 -10.75 3.79
N ILE A 119 -4.67 -11.62 3.31
CA ILE A 119 -5.47 -12.37 4.26
C ILE A 119 -4.52 -13.36 4.94
N SER A 120 -3.72 -14.07 4.15
CA SER A 120 -2.77 -15.01 4.74
C SER A 120 -1.87 -14.30 5.75
N LYS A 121 -1.37 -13.13 5.37
CA LYS A 121 -0.56 -12.36 6.28
C LYS A 121 -1.35 -12.11 7.57
N MSE A 122 -2.62 -11.73 7.42
CA MSE A 122 -3.49 -11.47 8.57
C MSE A 122 -3.50 -12.60 9.59
O MSE A 122 -3.49 -12.35 10.80
CB MSE A 122 -4.93 -11.21 8.13
CG MSE A 122 -5.12 -9.88 7.48
SE MSE A 122 -4.27 -8.48 8.44
CE MSE A 122 -5.72 -7.94 9.59
N ASP A 123 -3.50 -13.83 9.10
CA ASP A 123 -3.50 -15.00 9.98
C ASP A 123 -2.22 -15.04 10.84
N THR A 124 -1.07 -14.90 10.18
CA THR A 124 0.23 -14.87 10.87
C THR A 124 0.35 -13.76 11.94
N ASN A 125 -0.19 -12.59 11.59
CA ASN A 125 -0.19 -11.43 12.49
C ASN A 125 -1.20 -11.73 13.59
N ARG A 126 -2.30 -12.39 13.21
CA ARG A 126 -3.28 -12.72 14.21
C ARG A 126 -2.59 -13.71 15.16
N GLN A 127 -1.72 -14.56 14.64
CA GLN A 127 -0.99 -15.50 15.50
C GLN A 127 0.21 -14.80 16.16
N ARG A 128 0.80 -13.86 15.44
CA ARG A 128 1.95 -13.13 15.95
C ARG A 128 1.44 -12.05 16.91
N TYR A 129 0.12 -12.00 17.11
CA TYR A 129 -0.48 -11.02 18.02
C TYR A 129 -1.92 -11.46 18.46
N PRO A 130 -2.05 -12.66 19.04
CA PRO A 130 -3.33 -13.18 19.50
C PRO A 130 -3.81 -12.25 20.60
N VAL A 131 -5.12 -12.02 20.71
CA VAL A 131 -5.69 -11.09 21.74
C VAL A 131 -5.67 -11.53 23.22
N HIS A 132 -5.78 -10.60 24.17
CA HIS A 132 -5.75 -10.94 25.60
C HIS A 132 -6.99 -11.64 26.09
N LEU A 133 -7.28 -11.40 27.37
CA LEU A 133 -8.48 -11.91 28.07
C LEU A 133 -8.37 -11.58 29.58
N SER A 134 -9.41 -11.95 30.34
CA SER A 134 -9.46 -11.64 31.77
C SER A 134 -8.40 -12.21 32.75
N PRO B 22 -3.05 -15.09 -18.46
CA PRO B 22 -3.29 -13.64 -18.31
C PRO B 22 -3.40 -13.41 -16.80
N PHE B 23 -2.29 -13.08 -16.12
CA PHE B 23 -2.29 -12.88 -14.64
C PHE B 23 -3.14 -11.72 -14.02
N ARG B 24 -3.52 -11.92 -12.78
CA ARG B 24 -4.28 -10.92 -12.04
C ARG B 24 -4.49 -11.21 -10.54
N PHE B 25 -4.94 -10.18 -9.83
CA PHE B 25 -5.20 -10.26 -8.38
C PHE B 25 -6.53 -10.87 -8.24
N SER B 26 -6.77 -11.48 -7.06
CA SER B 26 -8.05 -12.10 -6.77
C SER B 26 -9.21 -11.11 -6.71
N PRO B 27 -10.40 -11.67 -6.80
CA PRO B 27 -11.53 -10.76 -6.78
C PRO B 27 -11.76 -10.11 -5.43
N GLU B 28 -11.17 -10.67 -4.38
CA GLU B 28 -11.36 -10.16 -3.01
C GLU B 28 -10.20 -10.70 -2.18
N PRO B 29 -9.91 -10.12 -1.02
CA PRO B 29 -10.57 -8.96 -0.41
C PRO B 29 -10.44 -7.65 -1.17
N THR B 30 -11.48 -6.83 -1.12
CA THR B 30 -11.48 -5.50 -1.71
C THR B 30 -10.72 -4.61 -0.71
N LEU B 31 -10.35 -3.39 -1.10
CA LEU B 31 -9.63 -2.54 -0.13
C LEU B 31 -10.56 -2.25 1.06
N GLU B 32 -11.87 -2.23 0.80
CA GLU B 32 -12.88 -2.01 1.83
C GLU B 32 -12.77 -3.20 2.78
N ASP B 33 -12.62 -4.39 2.20
CA ASP B 33 -12.54 -5.58 3.02
C ASP B 33 -11.41 -5.47 4.04
N ILE B 34 -10.23 -5.14 3.52
CA ILE B 34 -9.06 -4.98 4.31
C ILE B 34 -9.19 -3.94 5.43
N ARG B 35 -9.81 -2.80 5.11
CA ARG B 35 -9.99 -1.75 6.09
C ARG B 35 -10.81 -2.26 7.28
N ARG B 36 -12.02 -2.74 7.00
CA ARG B 36 -12.90 -3.29 8.06
C ARG B 36 -12.16 -4.48 8.71
N LEU B 37 -11.32 -5.21 7.96
CA LEU B 37 -10.57 -6.30 8.58
C LEU B 37 -9.49 -5.75 9.58
N HIS B 38 -8.56 -4.94 9.07
CA HIS B 38 -7.54 -4.40 9.94
C HIS B 38 -8.20 -3.77 11.20
N ALA B 39 -9.43 -3.27 11.00
CA ALA B 39 -10.20 -2.61 12.08
C ALA B 39 -10.38 -3.55 13.27
N GLU B 40 -10.75 -4.78 12.94
CA GLU B 40 -10.98 -5.88 13.91
C GLU B 40 -9.71 -6.18 14.69
N PHE B 41 -8.64 -6.46 13.95
CA PHE B 41 -7.35 -6.82 14.57
C PHE B 41 -6.90 -5.68 15.50
N ALA B 42 -6.90 -4.44 15.01
CA ALA B 42 -6.49 -3.30 15.85
C ALA B 42 -7.53 -3.15 16.99
N ALA B 43 -8.83 -3.17 16.66
CA ALA B 43 -9.85 -3.00 17.69
C ALA B 43 -9.60 -3.90 18.86
N GLU B 44 -9.27 -5.15 18.57
CA GLU B 44 -9.04 -6.16 19.61
C GLU B 44 -7.62 -6.14 20.24
N ARG B 45 -6.85 -5.09 19.90
CA ARG B 45 -5.48 -4.87 20.36
C ARG B 45 -5.03 -3.44 20.80
N ASP B 46 -3.82 -3.00 20.40
CA ASP B 46 -3.33 -1.67 20.78
C ASP B 46 -3.96 -0.68 19.82
N TRP B 47 -5.29 -0.80 19.79
CA TRP B 47 -6.21 -0.03 18.96
C TRP B 47 -6.00 1.48 18.85
N GLU B 48 -5.63 2.09 19.98
CA GLU B 48 -5.39 3.53 20.16
C GLU B 48 -3.97 3.86 19.65
N GLN B 49 -3.06 2.90 19.80
CA GLN B 49 -1.69 3.04 19.28
C GLN B 49 -1.86 2.88 17.74
N PHE B 50 -2.75 1.95 17.35
CA PHE B 50 -3.02 1.69 15.94
C PHE B 50 -3.77 2.87 15.46
N HIS B 51 -3.98 3.79 16.39
CA HIS B 51 -4.69 4.97 16.02
C HIS B 51 -3.83 6.19 15.86
N GLN B 52 -2.56 5.97 16.05
CA GLN B 52 -1.60 7.04 15.91
C GLN B 52 -1.07 6.97 14.51
N PRO B 53 -1.35 8.02 13.73
CA PRO B 53 -0.93 8.16 12.32
C PRO B 53 0.56 7.87 12.14
N ARG B 54 1.39 8.42 13.04
CA ARG B 54 2.86 8.19 12.98
C ARG B 54 3.28 6.76 13.40
N ASN B 55 2.40 6.07 14.09
CA ASN B 55 2.70 4.69 14.44
C ASN B 55 2.59 3.92 13.10
N LEU B 56 1.41 4.02 12.50
CA LEU B 56 1.10 3.37 11.22
C LEU B 56 2.05 3.89 10.11
N LEU B 57 2.44 5.17 10.16
CA LEU B 57 3.32 5.67 9.12
C LEU B 57 4.70 5.04 9.20
N LEU B 58 5.27 5.09 10.41
CA LEU B 58 6.59 4.51 10.66
C LEU B 58 6.53 2.96 10.52
N ALA B 59 5.32 2.41 10.56
CA ALA B 59 5.16 0.96 10.48
C ALA B 59 5.11 0.60 9.02
N LEU B 60 4.50 1.51 8.23
CA LEU B 60 4.37 1.40 6.77
C LEU B 60 5.81 1.66 6.23
N VAL B 61 6.40 2.80 6.60
CA VAL B 61 7.75 3.09 6.20
C VAL B 61 8.60 1.94 6.69
N GLY B 62 8.36 1.48 7.91
CA GLY B 62 9.13 0.35 8.43
C GLY B 62 8.93 -0.88 7.54
N GLU B 63 7.76 -0.95 6.91
CA GLU B 63 7.49 -2.08 6.05
C GLU B 63 8.02 -1.92 4.64
N VAL B 64 7.93 -0.71 4.08
CA VAL B 64 8.43 -0.48 2.72
C VAL B 64 9.98 -0.72 2.68
N GLY B 65 10.62 -0.50 3.83
CA GLY B 65 12.04 -0.74 3.92
C GLY B 65 12.51 -2.19 4.00
N GLU B 66 11.91 -3.04 4.84
CA GLU B 66 12.36 -4.45 4.96
C GLU B 66 12.42 -5.12 3.56
N LEU B 67 11.40 -4.83 2.78
CA LEU B 67 11.19 -5.28 1.40
C LEU B 67 12.44 -4.82 0.63
N ALA B 68 13.14 -3.84 1.19
CA ALA B 68 14.37 -3.33 0.62
C ALA B 68 15.59 -4.18 1.10
N GLU B 69 15.52 -4.77 2.29
CA GLU B 69 16.65 -5.56 2.82
C GLU B 69 16.83 -6.87 1.99
N LEU B 70 15.69 -7.33 1.51
CA LEU B 70 15.53 -8.51 0.70
C LEU B 70 15.95 -8.25 -0.77
N PHE B 71 15.62 -7.06 -1.28
CA PHE B 71 15.93 -6.78 -2.66
C PHE B 71 17.20 -5.95 -2.80
N GLN B 72 17.83 -5.62 -1.67
CA GLN B 72 19.05 -4.82 -1.70
C GLN B 72 20.29 -5.40 -2.41
N TRP B 73 20.45 -6.71 -2.43
CA TRP B 73 21.65 -7.23 -3.09
C TRP B 73 21.28 -7.81 -4.44
N LYS B 74 19.99 -7.85 -4.72
CA LYS B 74 19.48 -8.39 -5.97
C LYS B 74 19.74 -7.57 -7.23
N SER B 75 20.48 -8.19 -8.14
CA SER B 75 20.87 -7.65 -9.44
C SER B 75 19.64 -7.71 -10.31
N ASP B 76 19.40 -6.68 -11.13
CA ASP B 76 18.19 -6.69 -11.96
C ASP B 76 18.30 -7.72 -13.11
N THR B 77 19.49 -8.31 -13.22
CA THR B 77 19.80 -9.37 -14.20
C THR B 77 19.37 -10.66 -13.55
N GLU B 78 19.97 -10.94 -12.39
CA GLU B 78 19.73 -12.17 -11.65
C GLU B 78 18.25 -12.66 -11.54
N PRO B 79 18.04 -13.79 -10.83
CA PRO B 79 16.65 -14.31 -10.69
C PRO B 79 15.74 -13.28 -10.02
N GLY B 80 14.73 -12.84 -10.76
CA GLY B 80 13.77 -11.87 -10.26
C GLY B 80 12.78 -12.47 -9.27
N PRO B 81 11.93 -11.66 -8.62
CA PRO B 81 10.96 -12.17 -7.62
C PRO B 81 10.39 -13.53 -7.98
N GLN B 82 9.95 -13.72 -9.22
CA GLN B 82 9.38 -15.02 -9.64
C GLN B 82 10.38 -16.17 -9.61
N ALA B 83 11.61 -15.91 -10.07
CA ALA B 83 12.71 -16.89 -10.06
C ALA B 83 13.31 -16.93 -8.63
N TRP B 84 13.15 -15.82 -7.89
CA TRP B 84 13.64 -15.69 -6.52
C TRP B 84 13.49 -17.07 -5.84
N PRO B 85 14.39 -17.37 -4.89
CA PRO B 85 14.27 -18.68 -4.24
C PRO B 85 12.96 -18.93 -3.48
N PRO B 86 12.79 -20.16 -3.00
CA PRO B 86 11.65 -20.66 -2.24
C PRO B 86 11.15 -19.73 -1.14
N LYS B 87 11.53 -20.06 0.10
CA LYS B 87 11.12 -19.28 1.26
C LYS B 87 11.25 -17.78 1.03
N GLU B 88 12.29 -17.33 0.31
CA GLU B 88 12.49 -15.89 0.08
C GLU B 88 11.23 -15.24 -0.49
N ARG B 89 10.45 -16.01 -1.22
CA ARG B 89 9.20 -15.44 -1.72
C ARG B 89 8.32 -15.33 -0.47
N ALA B 90 8.37 -16.35 0.37
CA ALA B 90 7.62 -16.32 1.61
C ALA B 90 8.01 -15.03 2.35
N ALA B 91 9.30 -14.80 2.55
CA ALA B 91 9.67 -13.58 3.26
C ALA B 91 9.01 -12.42 2.55
N LEU B 92 9.01 -12.52 1.21
CA LEU B 92 8.44 -11.52 0.31
C LEU B 92 6.93 -11.43 0.38
N GLN B 93 6.28 -12.56 0.18
CA GLN B 93 4.83 -12.61 0.25
C GLN B 93 4.54 -11.93 1.58
N GLU B 94 5.58 -11.74 2.39
CA GLU B 94 5.40 -11.08 3.69
C GLU B 94 5.43 -9.53 3.67
N GLU B 95 6.60 -8.90 3.44
CA GLU B 95 6.65 -7.42 3.47
C GLU B 95 5.53 -6.85 2.62
N LEU B 96 5.34 -7.43 1.46
CA LEU B 96 4.31 -6.97 0.55
C LEU B 96 2.95 -6.99 1.26
N SER B 97 2.72 -8.00 2.05
CA SER B 97 1.46 -8.06 2.75
C SER B 97 1.41 -6.99 3.84
N ASP B 98 2.45 -6.83 4.66
CA ASP B 98 2.42 -5.80 5.74
C ASP B 98 2.46 -4.36 5.19
N VAL B 99 3.18 -4.13 4.11
CA VAL B 99 3.20 -2.82 3.56
C VAL B 99 1.75 -2.54 3.15
N LEU B 100 1.06 -3.56 2.65
CA LEU B 100 -0.31 -3.34 2.26
C LEU B 100 -1.15 -3.17 3.51
N ILE B 101 -1.17 -4.17 4.40
CA ILE B 101 -1.95 -4.00 5.63
C ILE B 101 -1.67 -2.65 6.25
N TYR B 102 -0.42 -2.33 6.54
CA TYR B 102 -0.21 -1.02 7.15
C TYR B 102 -0.66 0.11 6.26
N LEU B 103 -0.56 -0.06 4.93
CA LEU B 103 -0.96 1.04 4.05
C LEU B 103 -2.43 1.37 4.22
N VAL B 104 -3.29 0.36 4.07
CA VAL B 104 -4.72 0.53 4.27
C VAL B 104 -4.89 0.90 5.72
N ALA B 105 -4.07 0.32 6.58
CA ALA B 105 -4.11 0.61 8.04
C ALA B 105 -3.61 2.00 8.43
N LEU B 106 -3.17 2.77 7.43
CA LEU B 106 -2.72 4.15 7.62
C LEU B 106 -3.66 4.99 6.79
N ALA B 107 -4.23 4.41 5.73
CA ALA B 107 -5.17 5.18 4.86
C ALA B 107 -6.58 5.17 5.46
N ALA B 108 -7.06 4.03 5.95
CA ALA B 108 -8.41 3.99 6.60
C ALA B 108 -8.40 5.01 7.72
N ARG B 109 -7.40 4.94 8.61
CA ARG B 109 -7.24 5.96 9.66
C ARG B 109 -7.25 7.40 9.17
N CYS B 110 -6.83 7.63 7.92
CA CYS B 110 -6.80 9.00 7.42
C CYS B 110 -8.20 9.41 7.03
N HIS B 111 -9.09 8.44 7.13
CA HIS B 111 -10.46 8.69 6.83
C HIS B 111 -10.44 9.19 5.36
N VAL B 112 -9.26 9.09 4.73
CA VAL B 112 -9.05 9.46 3.35
C VAL B 112 -9.67 8.40 2.46
N ASP B 113 -10.45 8.87 1.50
CA ASP B 113 -11.19 8.04 0.59
C ASP B 113 -10.26 7.51 -0.51
N LEU B 114 -9.41 6.54 -0.13
CA LEU B 114 -8.41 5.97 -1.04
C LEU B 114 -8.84 5.62 -2.46
N PRO B 115 -9.97 4.90 -2.63
CA PRO B 115 -10.44 4.53 -3.97
C PRO B 115 -10.75 5.68 -4.93
N GLN B 116 -10.98 6.88 -4.38
CA GLN B 116 -11.23 8.07 -5.23
C GLN B 116 -9.94 8.95 -5.26
N ALA B 117 -8.99 8.58 -4.41
CA ALA B 117 -7.72 9.26 -4.28
C ALA B 117 -6.72 8.78 -5.32
N VAL B 118 -6.61 7.45 -5.42
CA VAL B 118 -5.73 6.71 -6.32
C VAL B 118 -6.09 6.84 -7.80
N ILE B 119 -7.37 6.61 -8.09
CA ILE B 119 -7.89 6.63 -9.45
C ILE B 119 -7.76 8.02 -10.05
N SER B 120 -8.45 8.96 -9.43
CA SER B 120 -8.41 10.36 -9.85
C SER B 120 -6.95 10.80 -10.13
N LYS B 121 -6.04 10.42 -9.24
CA LYS B 121 -4.63 10.79 -9.37
C LYS B 121 -4.06 10.21 -10.66
N MSE B 122 -4.69 9.16 -11.17
CA MSE B 122 -4.25 8.49 -12.37
C MSE B 122 -4.38 9.31 -13.67
O MSE B 122 -3.43 9.36 -14.49
CB MSE B 122 -4.99 7.16 -12.51
CG MSE B 122 -4.45 6.07 -11.57
SE MSE B 122 -5.36 4.36 -11.66
CE MSE B 122 -4.04 3.43 -12.77
N ASP B 123 -5.55 9.93 -13.84
CA ASP B 123 -5.80 10.75 -15.02
C ASP B 123 -4.75 11.85 -15.00
N THR B 124 -4.38 12.22 -13.78
CA THR B 124 -3.37 13.24 -13.53
C THR B 124 -1.98 12.70 -13.92
N ASN B 125 -1.76 11.41 -13.62
CA ASN B 125 -0.52 10.68 -13.92
C ASN B 125 -0.30 10.48 -15.44
N ARG B 126 -1.40 10.52 -16.22
CA ARG B 126 -1.36 10.39 -17.68
C ARG B 126 -0.89 11.71 -18.33
N GLN B 127 -0.60 12.69 -17.47
CA GLN B 127 -0.09 14.02 -17.82
C GLN B 127 1.29 14.21 -17.14
N ARG B 128 1.49 13.57 -15.98
CA ARG B 128 2.78 13.69 -15.32
C ARG B 128 3.78 12.80 -16.07
N TYR B 129 3.29 11.69 -16.58
CA TYR B 129 4.12 10.78 -17.36
C TYR B 129 3.40 10.64 -18.70
N PRO B 130 3.44 11.71 -19.55
CA PRO B 130 2.81 11.78 -20.88
C PRO B 130 3.19 10.57 -21.72
N PRO A 22 -19.68 7.02 11.60
CA PRO A 22 -19.00 6.19 10.56
C PRO A 22 -18.20 7.02 9.54
N PHE A 23 -17.43 6.34 8.69
CA PHE A 23 -16.60 6.95 7.62
C PHE A 23 -16.35 5.94 6.47
N ARG A 24 -15.95 6.43 5.28
CA ARG A 24 -15.70 5.52 4.18
C ARG A 24 -15.26 5.99 2.76
N PHE A 25 -14.59 5.05 2.11
CA PHE A 25 -14.05 5.16 0.75
C PHE A 25 -15.20 4.84 -0.21
N SER A 26 -14.94 4.81 -1.52
CA SER A 26 -15.92 4.52 -2.57
C SER A 26 -15.64 3.06 -2.92
N PRO A 27 -16.54 2.40 -3.66
CA PRO A 27 -16.38 1.00 -4.07
C PRO A 27 -15.33 0.80 -5.14
N GLU A 28 -15.71 0.99 -6.40
CA GLU A 28 -14.70 0.85 -7.45
C GLU A 28 -13.60 1.87 -7.14
N PRO A 29 -12.33 1.57 -7.46
CA PRO A 29 -11.90 0.33 -8.09
C PRO A 29 -11.44 -0.79 -7.11
N THR A 30 -11.35 -2.00 -7.63
CA THR A 30 -10.80 -3.12 -6.91
C THR A 30 -9.29 -3.04 -7.21
N LEU A 31 -8.54 -3.76 -6.40
CA LEU A 31 -7.11 -3.89 -6.57
C LEU A 31 -6.81 -4.56 -7.95
N GLU A 32 -7.61 -5.57 -8.28
CA GLU A 32 -7.50 -6.24 -9.54
C GLU A 32 -7.79 -5.20 -10.63
N ASP A 33 -8.73 -4.28 -10.34
CA ASP A 33 -9.08 -3.25 -11.30
C ASP A 33 -7.88 -2.32 -11.44
N ILE A 34 -7.27 -1.96 -10.29
CA ILE A 34 -6.11 -1.12 -10.29
C ILE A 34 -4.87 -1.73 -11.02
N ARG A 35 -4.50 -2.97 -10.69
CA ARG A 35 -3.33 -3.62 -11.32
C ARG A 35 -3.43 -3.56 -12.85
N ARG A 36 -4.60 -3.98 -13.29
CA ARG A 36 -4.98 -4.02 -14.68
C ARG A 36 -4.93 -2.65 -15.31
N LEU A 37 -5.27 -1.63 -14.53
CA LEU A 37 -5.21 -0.27 -15.05
C LEU A 37 -3.77 0.10 -15.20
N HIS A 38 -2.97 -0.32 -14.23
CA HIS A 38 -1.54 0.01 -14.26
C HIS A 38 -0.61 -0.77 -15.24
N ALA A 39 -1.09 -1.87 -15.82
CA ALA A 39 -0.23 -2.67 -16.71
C ALA A 39 -0.27 -2.25 -18.23
N GLU A 40 -1.31 -1.45 -18.53
CA GLU A 40 -1.58 -0.87 -19.85
C GLU A 40 -0.81 0.44 -19.69
N PHE A 41 -1.17 1.13 -18.61
CA PHE A 41 -0.52 2.39 -18.26
C PHE A 41 1.01 2.25 -18.35
N ALA A 42 1.54 1.11 -17.91
CA ALA A 42 2.98 0.80 -17.89
C ALA A 42 3.59 0.50 -19.24
N ALA A 43 2.68 0.14 -20.15
CA ALA A 43 2.91 -0.29 -21.54
C ALA A 43 3.05 0.86 -22.58
N GLU A 44 2.24 1.91 -22.43
CA GLU A 44 2.39 3.02 -23.37
C GLU A 44 3.57 3.82 -22.88
N ARG A 45 4.40 3.18 -22.05
CA ARG A 45 5.59 3.83 -21.45
C ARG A 45 6.86 2.94 -21.47
N ASP A 46 8.05 3.50 -21.26
CA ASP A 46 9.30 2.70 -21.29
C ASP A 46 9.26 1.47 -20.39
N TRP A 47 9.12 0.32 -21.04
CA TRP A 47 9.00 -0.98 -20.38
C TRP A 47 9.89 -1.28 -19.17
N GLU A 48 11.19 -1.08 -19.31
CA GLU A 48 12.12 -1.40 -18.23
C GLU A 48 11.98 -0.52 -17.03
N GLN A 49 11.44 0.67 -17.25
CA GLN A 49 11.22 1.65 -16.21
C GLN A 49 9.97 1.14 -15.50
N PHE A 50 9.11 0.50 -16.29
CA PHE A 50 7.91 -0.05 -15.72
C PHE A 50 7.83 -1.55 -15.80
N HIS A 51 8.92 -2.21 -15.42
CA HIS A 51 8.94 -3.67 -15.43
C HIS A 51 9.72 -4.18 -14.25
N GLN A 52 10.91 -3.62 -14.10
CA GLN A 52 11.83 -3.98 -13.01
C GLN A 52 11.28 -3.65 -11.59
N PRO A 53 11.35 -4.65 -10.69
CA PRO A 53 10.91 -4.68 -9.29
C PRO A 53 11.49 -3.59 -8.35
N ARG A 54 12.80 -3.37 -8.51
CA ARG A 54 13.55 -2.43 -7.72
C ARG A 54 13.22 -1.02 -8.15
N ASN A 55 12.86 -0.84 -9.43
CA ASN A 55 12.44 0.49 -9.91
C ASN A 55 11.16 0.80 -9.14
N LEU A 56 10.17 -0.08 -9.40
CA LEU A 56 8.87 -0.03 -8.79
C LEU A 56 9.08 0.13 -7.28
N LEU A 57 9.89 -0.76 -6.70
CA LEU A 57 10.17 -0.74 -5.27
C LEU A 57 10.62 0.69 -4.91
N LEU A 58 11.53 1.23 -5.71
CA LEU A 58 12.00 2.58 -5.46
C LEU A 58 10.90 3.61 -5.68
N ALA A 59 10.08 3.43 -6.72
CA ALA A 59 9.02 4.40 -6.95
C ALA A 59 8.05 4.35 -5.74
N LEU A 60 7.90 3.17 -5.14
CA LEU A 60 7.06 2.99 -3.96
C LEU A 60 7.73 3.76 -2.83
N VAL A 61 9.01 3.44 -2.57
CA VAL A 61 9.79 4.11 -1.50
C VAL A 61 9.78 5.63 -1.57
N GLY A 62 9.83 6.17 -2.78
CA GLY A 62 9.85 7.63 -2.90
C GLY A 62 8.54 8.22 -2.46
N GLU A 63 7.46 7.70 -3.08
CA GLU A 63 6.12 8.17 -2.79
C GLU A 63 5.79 8.02 -1.28
N VAL A 64 6.34 7.00 -0.60
CA VAL A 64 6.07 6.88 0.83
C VAL A 64 6.86 7.99 1.53
N GLY A 65 8.11 8.19 1.09
CA GLY A 65 8.92 9.25 1.67
C GLY A 65 8.17 10.56 1.50
N GLU A 66 7.41 10.72 0.42
CA GLU A 66 6.67 11.98 0.23
C GLU A 66 5.58 12.20 1.36
N LEU A 67 4.93 11.12 1.82
CA LEU A 67 3.92 11.20 2.92
C LEU A 67 4.66 11.55 4.22
N ALA A 68 5.85 10.93 4.41
CA ALA A 68 6.69 11.16 5.59
C ALA A 68 6.93 12.66 5.78
N GLU A 69 7.14 13.37 4.68
CA GLU A 69 7.44 14.79 4.73
C GLU A 69 6.19 15.54 5.12
N LEU A 70 5.07 15.08 4.56
CA LEU A 70 3.78 15.71 4.84
C LEU A 70 3.55 15.70 6.33
N PHE A 71 3.88 14.57 6.94
CA PHE A 71 3.70 14.33 8.34
C PHE A 71 4.89 14.76 9.19
N GLN A 72 6.06 14.91 8.57
CA GLN A 72 7.30 15.27 9.28
C GLN A 72 7.09 16.34 10.35
N TRP A 73 6.34 17.41 10.00
CA TRP A 73 6.08 18.47 10.97
C TRP A 73 4.75 18.30 11.70
N LYS A 74 4.07 17.17 11.46
CA LYS A 74 2.77 16.92 12.09
C LYS A 74 2.85 16.18 13.42
N SER A 75 3.54 16.75 14.42
CA SER A 75 3.69 16.12 15.73
C SER A 75 2.31 15.86 16.34
N ASP A 76 2.11 14.62 16.74
CA ASP A 76 0.87 14.10 17.31
C ASP A 76 -0.02 15.10 18.05
N THR A 77 0.59 16.21 18.49
CA THR A 77 -0.11 17.30 19.21
C THR A 77 -0.83 18.22 18.24
N GLU A 78 -0.53 18.05 16.95
CA GLU A 78 -1.10 18.87 15.87
C GLU A 78 -2.27 18.27 15.07
N PRO A 79 -2.85 19.10 14.18
CA PRO A 79 -3.96 18.61 13.37
C PRO A 79 -3.74 17.25 12.67
N GLY A 80 -4.73 16.38 12.85
CA GLY A 80 -4.69 15.09 12.21
C GLY A 80 -5.15 15.38 10.80
N PRO A 81 -4.66 14.62 9.82
CA PRO A 81 -4.97 14.75 8.38
C PRO A 81 -6.39 15.31 8.09
N GLN A 82 -7.36 14.84 8.87
CA GLN A 82 -8.75 15.25 8.76
C GLN A 82 -8.97 16.76 8.71
N ALA A 83 -8.22 17.51 9.50
CA ALA A 83 -8.40 18.97 9.57
C ALA A 83 -7.24 19.77 8.97
N TRP A 84 -6.59 19.18 7.98
CA TRP A 84 -5.50 19.85 7.31
C TRP A 84 -6.10 20.74 6.25
N PRO A 85 -5.37 21.78 5.79
CA PRO A 85 -5.96 22.64 4.75
C PRO A 85 -6.12 21.84 3.42
N PRO A 86 -7.27 21.99 2.75
CA PRO A 86 -7.63 21.32 1.49
C PRO A 86 -6.48 20.88 0.59
N LYS A 87 -5.67 21.86 0.17
CA LYS A 87 -4.52 21.62 -0.69
C LYS A 87 -3.69 20.45 -0.14
N GLU A 88 -3.27 20.56 1.12
CA GLU A 88 -2.47 19.50 1.77
C GLU A 88 -3.25 18.20 1.82
N ARG A 89 -4.57 18.33 1.92
CA ARG A 89 -5.44 17.15 1.96
C ARG A 89 -5.41 16.58 0.52
N ALA A 90 -5.46 17.50 -0.44
CA ALA A 90 -5.48 17.14 -1.86
C ALA A 90 -4.25 16.35 -2.28
N ALA A 91 -3.10 16.86 -1.89
CA ALA A 91 -1.82 16.22 -2.16
C ALA A 91 -1.77 14.95 -1.32
N LEU A 92 -2.59 14.93 -0.26
CA LEU A 92 -2.70 13.84 0.68
C LEU A 92 -3.60 12.77 0.08
N GLN A 93 -3.93 12.96 -1.19
CA GLN A 93 -4.80 12.03 -1.91
C GLN A 93 -3.89 11.54 -3.03
N GLU A 94 -2.66 12.04 -2.95
CA GLU A 94 -1.63 11.75 -3.93
C GLU A 94 -0.57 10.74 -3.48
N GLU A 95 0.22 11.06 -2.45
CA GLU A 95 1.28 10.13 -2.05
C GLU A 95 0.69 8.78 -1.62
N LEU A 96 -0.50 8.81 -0.99
CA LEU A 96 -1.19 7.58 -0.57
C LEU A 96 -1.59 6.72 -1.78
N SER A 97 -2.36 7.33 -2.68
CA SER A 97 -2.80 6.65 -3.90
C SER A 97 -1.69 5.98 -4.71
N ASP A 98 -0.55 6.64 -4.86
CA ASP A 98 0.56 6.09 -5.63
C ASP A 98 1.47 5.11 -4.88
N VAL A 99 1.51 5.18 -3.54
CA VAL A 99 2.34 4.23 -2.82
C VAL A 99 1.57 2.92 -3.09
N LEU A 100 0.26 3.05 -3.22
CA LEU A 100 -0.57 1.87 -3.45
C LEU A 100 -0.32 1.29 -4.83
N ILE A 101 -0.27 2.19 -5.80
CA ILE A 101 -0.06 1.85 -7.22
C ILE A 101 1.26 1.07 -7.45
N TYR A 102 2.35 1.61 -6.93
CA TYR A 102 3.64 0.91 -7.06
C TYR A 102 3.69 -0.42 -6.36
N LEU A 103 3.33 -0.45 -5.07
CA LEU A 103 3.30 -1.70 -4.31
C LEU A 103 2.41 -2.68 -5.10
N VAL A 104 1.32 -2.17 -5.71
CA VAL A 104 0.45 -3.05 -6.51
C VAL A 104 1.26 -3.63 -7.73
N ALA A 105 2.19 -2.80 -8.24
CA ALA A 105 3.09 -3.11 -9.38
C ALA A 105 4.05 -4.21 -8.99
N LEU A 106 4.78 -3.95 -7.92
CA LEU A 106 5.74 -4.89 -7.40
C LEU A 106 5.17 -6.28 -7.13
N ALA A 107 4.18 -6.38 -6.24
CA ALA A 107 3.60 -7.67 -5.85
C ALA A 107 3.45 -8.65 -7.03
N ALA A 108 2.79 -8.19 -8.10
CA ALA A 108 2.60 -9.01 -9.29
C ALA A 108 3.96 -9.38 -9.92
N ARG A 109 5.00 -8.56 -9.75
CA ARG A 109 6.30 -8.90 -10.36
C ARG A 109 6.90 -10.08 -9.58
N CYS A 110 6.38 -10.19 -8.36
CA CYS A 110 6.72 -11.22 -7.40
C CYS A 110 5.61 -12.23 -7.54
N HIS A 111 4.45 -11.71 -7.95
CA HIS A 111 3.26 -12.53 -8.16
C HIS A 111 2.19 -12.52 -7.09
N VAL A 112 1.84 -11.36 -6.55
CA VAL A 112 0.85 -11.28 -5.49
C VAL A 112 -0.53 -10.70 -5.86
N ASP A 113 -1.58 -11.35 -5.31
CA ASP A 113 -3.02 -11.01 -5.42
C ASP A 113 -3.19 -10.17 -4.19
N LEU A 114 -3.05 -8.85 -4.36
CA LEU A 114 -3.09 -7.99 -3.19
C LEU A 114 -4.27 -8.32 -2.29
N PRO A 115 -5.52 -8.13 -2.73
CA PRO A 115 -6.63 -8.47 -1.81
C PRO A 115 -6.39 -9.78 -1.06
N GLN A 116 -6.39 -10.93 -1.76
CA GLN A 116 -6.15 -12.18 -1.03
C GLN A 116 -4.93 -12.06 -0.11
N ALA A 117 -3.80 -11.56 -0.63
CA ALA A 117 -2.60 -11.43 0.20
C ALA A 117 -2.94 -10.70 1.50
N VAL A 118 -3.86 -9.75 1.43
CA VAL A 118 -4.24 -8.99 2.62
C VAL A 118 -5.05 -9.85 3.63
N ILE A 119 -5.74 -10.89 3.14
CA ILE A 119 -6.51 -11.72 4.07
C ILE A 119 -5.53 -12.59 4.80
N SER A 120 -4.55 -13.09 4.04
CA SER A 120 -3.55 -13.97 4.60
C SER A 120 -2.70 -13.18 5.61
N LYS A 121 -2.48 -11.89 5.35
CA LYS A 121 -1.69 -11.11 6.25
C LYS A 121 -2.31 -10.91 7.68
N MSE A 122 -3.63 -10.95 7.82
CA MSE A 122 -4.20 -10.85 9.15
C MSE A 122 -3.79 -12.12 9.90
O MSE A 122 -3.74 -12.15 11.13
CB MSE A 122 -5.74 -10.68 9.12
CG MSE A 122 -6.26 -9.25 8.73
SE MSE A 122 -6.32 -7.77 10.09
CE MSE A 122 -7.77 -8.46 11.18
N ASP A 123 -3.47 -13.18 9.14
CA ASP A 123 -2.99 -14.43 9.75
C ASP A 123 -1.56 -14.39 10.23
N THR A 124 -1.13 -13.20 10.64
CA THR A 124 0.21 -12.93 11.19
C THR A 124 0.25 -11.45 11.59
N ASN A 125 -0.96 -10.95 11.85
CA ASN A 125 -1.36 -9.61 12.28
C ASN A 125 -2.13 -9.83 13.63
N ARG A 126 -3.27 -10.55 13.55
CA ARG A 126 -4.14 -10.85 14.69
C ARG A 126 -3.51 -11.87 15.62
N GLN A 127 -2.80 -12.83 15.02
CA GLN A 127 -2.11 -13.89 15.73
C GLN A 127 -0.93 -13.24 16.41
N ARG A 128 -0.20 -12.45 15.63
CA ARG A 128 0.96 -11.67 16.11
C ARG A 128 0.29 -10.36 16.54
N TYR A 129 -0.61 -10.60 17.50
CA TYR A 129 -1.47 -9.64 18.21
C TYR A 129 -2.87 -10.23 18.56
N PRO A 130 -2.94 -11.29 19.42
CA PRO A 130 -4.28 -11.83 19.76
C PRO A 130 -5.04 -10.87 20.68
N VAL A 131 -6.36 -10.96 20.72
CA VAL A 131 -7.10 -10.08 21.64
C VAL A 131 -6.82 -10.65 23.04
N HIS A 132 -6.16 -9.87 23.91
CA HIS A 132 -5.87 -10.35 25.27
C HIS A 132 -7.13 -10.81 25.94
N LEU A 133 -7.02 -11.60 27.00
CA LEU A 133 -8.26 -12.00 27.68
C LEU A 133 -8.14 -12.25 29.19
N SER A 134 -9.19 -12.90 29.71
CA SER A 134 -9.25 -13.26 31.10
C SER A 134 -8.51 -14.61 31.17
N PRO B 22 -2.43 -15.59 -17.82
CA PRO B 22 -2.17 -14.13 -17.63
C PRO B 22 -2.44 -13.77 -16.16
N PHE B 23 -1.42 -13.32 -15.44
CA PHE B 23 -1.52 -13.00 -14.01
C PHE B 23 -2.48 -11.86 -13.59
N ARG B 24 -3.40 -12.18 -12.70
CA ARG B 24 -4.29 -11.15 -12.22
C ARG B 24 -4.57 -11.21 -10.71
N PHE B 25 -5.24 -10.18 -10.19
CA PHE B 25 -5.59 -10.09 -8.76
C PHE B 25 -6.79 -10.91 -8.37
N SER B 26 -7.88 -10.17 -8.06
CA SER B 26 -9.21 -10.64 -7.56
C SER B 26 -10.06 -9.41 -7.01
N PRO B 27 -11.41 -9.61 -6.81
CA PRO B 27 -12.64 -8.92 -6.35
C PRO B 27 -13.08 -9.15 -4.88
N GLU B 28 -12.08 -9.43 -4.08
CA GLU B 28 -12.39 -9.58 -2.68
C GLU B 28 -11.08 -9.72 -1.98
N PRO B 29 -10.91 -8.92 -0.94
CA PRO B 29 -11.67 -7.87 -0.27
C PRO B 29 -11.61 -6.62 -1.14
N THR B 30 -12.35 -5.57 -0.77
CA THR B 30 -12.41 -4.28 -1.47
C THR B 30 -11.44 -3.45 -0.65
N LEU B 31 -11.30 -2.18 -1.02
CA LEU B 31 -10.50 -1.21 -0.25
C LEU B 31 -11.56 -0.71 0.76
N GLU B 32 -12.43 -1.64 1.12
CA GLU B 32 -13.47 -1.36 2.07
C GLU B 32 -13.44 -2.61 2.90
N ASP B 33 -13.51 -3.74 2.18
CA ASP B 33 -13.44 -5.04 2.84
C ASP B 33 -12.16 -4.91 3.67
N ILE B 34 -11.15 -4.31 3.05
CA ILE B 34 -9.86 -4.06 3.69
C ILE B 34 -9.95 -2.98 4.81
N ARG B 35 -10.66 -1.88 4.53
CA ARG B 35 -10.76 -0.83 5.54
C ARG B 35 -11.47 -1.30 6.81
N ARG B 36 -12.61 -1.95 6.64
CA ARG B 36 -13.43 -2.43 7.77
C ARG B 36 -12.80 -3.56 8.53
N LEU B 37 -12.05 -4.40 7.80
CA LEU B 37 -11.33 -5.50 8.42
C LEU B 37 -10.24 -4.92 9.33
N HIS B 38 -9.20 -4.35 8.72
CA HIS B 38 -8.17 -3.81 9.55
C HIS B 38 -8.91 -2.95 10.59
N ALA B 39 -10.04 -2.41 10.18
CA ALA B 39 -10.79 -1.60 11.15
C ALA B 39 -11.12 -2.48 12.39
N GLU B 40 -11.47 -3.75 12.12
CA GLU B 40 -11.81 -4.70 13.18
C GLU B 40 -10.53 -5.10 13.93
N PHE B 41 -9.45 -5.35 13.20
CA PHE B 41 -8.20 -5.71 13.80
C PHE B 41 -7.88 -4.77 14.93
N ALA B 42 -7.96 -3.47 14.64
CA ALA B 42 -7.63 -2.39 15.59
C ALA B 42 -8.74 -2.04 16.61
N ALA B 43 -9.99 -2.15 16.22
CA ALA B 43 -11.05 -1.84 17.21
C ALA B 43 -10.76 -2.42 18.59
N GLU B 44 -10.79 -3.74 18.67
CA GLU B 44 -10.61 -4.44 19.95
C GLU B 44 -9.19 -4.90 20.39
N ARG B 45 -8.18 -4.09 20.05
CA ARG B 45 -6.76 -4.29 20.45
C ARG B 45 -6.35 -3.00 21.20
N ASP B 46 -5.49 -2.20 20.55
CA ASP B 46 -5.02 -0.92 21.06
C ASP B 46 -5.34 0.19 20.02
N TRP B 47 -6.51 0.80 20.21
CA TRP B 47 -7.04 1.83 19.30
C TRP B 47 -6.42 3.22 19.19
N GLU B 48 -6.24 3.92 20.31
CA GLU B 48 -5.70 5.28 20.26
C GLU B 48 -4.41 5.36 19.43
N GLN B 49 -3.61 4.32 19.55
CA GLN B 49 -2.34 4.13 18.86
C GLN B 49 -2.59 4.01 17.32
N PHE B 50 -3.54 3.15 16.95
CA PHE B 50 -3.83 2.96 15.53
C PHE B 50 -4.58 4.12 14.88
N HIS B 51 -5.05 5.01 15.74
CA HIS B 51 -5.81 6.17 15.38
C HIS B 51 -4.99 7.42 14.96
N GLN B 52 -3.76 7.51 15.46
CA GLN B 52 -2.85 8.63 15.18
C GLN B 52 -2.26 8.44 13.81
N PRO B 53 -2.69 9.25 12.80
CA PRO B 53 -2.16 9.11 11.43
C PRO B 53 -0.68 8.76 11.35
N ARG B 54 0.16 9.54 12.04
CA ARG B 54 1.61 9.37 11.98
C ARG B 54 2.17 8.03 12.46
N ASN B 55 1.38 7.35 13.27
CA ASN B 55 1.75 6.01 13.69
C ASN B 55 1.41 5.10 12.50
N LEU B 56 0.32 5.40 11.76
CA LEU B 56 -0.02 4.58 10.59
C LEU B 56 1.05 4.88 9.54
N LEU B 57 1.49 6.15 9.46
CA LEU B 57 2.47 6.49 8.45
C LEU B 57 3.85 5.89 8.69
N LEU B 58 4.31 5.86 9.94
CA LEU B 58 5.63 5.30 10.17
C LEU B 58 5.59 3.80 9.96
N ALA B 59 4.58 3.12 10.47
CA ALA B 59 4.50 1.66 10.26
C ALA B 59 4.63 1.37 8.76
N LEU B 60 3.97 2.22 7.95
CA LEU B 60 3.98 2.11 6.50
C LEU B 60 5.43 2.24 6.02
N VAL B 61 6.13 3.28 6.48
CA VAL B 61 7.52 3.44 6.10
C VAL B 61 8.31 2.22 6.49
N GLY B 62 8.09 1.73 7.69
CA GLY B 62 8.82 0.54 8.15
C GLY B 62 8.59 -0.72 7.29
N GLU B 63 7.36 -1.00 6.94
CA GLU B 63 7.18 -2.22 6.19
C GLU B 63 7.77 -2.02 4.80
N VAL B 64 7.82 -0.77 4.35
CA VAL B 64 8.45 -0.53 3.04
C VAL B 64 9.97 -0.74 3.13
N GLY B 65 10.56 -0.40 4.27
CA GLY B 65 11.97 -0.67 4.41
C GLY B 65 12.18 -2.18 4.35
N GLU B 66 11.23 -2.95 4.87
CA GLU B 66 11.33 -4.42 4.85
C GLU B 66 11.27 -4.90 3.38
N LEU B 67 10.44 -4.23 2.60
CA LEU B 67 10.23 -4.52 1.17
C LEU B 67 11.47 -4.21 0.32
N ALA B 68 12.03 -3.01 0.50
CA ALA B 68 13.20 -2.61 -0.25
C ALA B 68 14.25 -3.64 0.08
N GLU B 69 14.35 -3.96 1.37
CA GLU B 69 15.33 -4.92 1.85
C GLU B 69 15.30 -6.23 1.07
N LEU B 70 14.11 -6.81 0.86
CA LEU B 70 14.04 -8.06 0.07
C LEU B 70 14.78 -7.91 -1.30
N PHE B 71 15.26 -6.71 -1.64
CA PHE B 71 15.92 -6.56 -2.93
C PHE B 71 17.31 -5.91 -3.06
N GLN B 72 17.69 -5.12 -2.06
CA GLN B 72 18.95 -4.36 -2.01
C GLN B 72 20.21 -4.89 -2.72
N TRP B 73 20.30 -6.19 -2.95
CA TRP B 73 21.48 -6.75 -3.57
C TRP B 73 21.20 -7.44 -4.88
N LYS B 74 19.98 -7.27 -5.38
CA LYS B 74 19.56 -7.92 -6.61
C LYS B 74 19.67 -7.06 -7.86
N SER B 75 20.24 -7.67 -8.88
CA SER B 75 20.48 -7.06 -10.20
C SER B 75 19.21 -6.84 -10.98
N ASP B 76 19.20 -5.84 -11.84
CA ASP B 76 18.02 -5.61 -12.63
C ASP B 76 18.05 -6.55 -13.85
N THR B 77 19.05 -7.45 -13.85
CA THR B 77 19.31 -8.45 -14.92
C THR B 77 19.47 -9.88 -14.36
N GLU B 78 19.66 -9.99 -13.05
CA GLU B 78 19.82 -11.27 -12.36
C GLU B 78 18.46 -11.98 -12.08
N PRO B 79 18.49 -13.08 -11.28
CA PRO B 79 17.25 -13.79 -10.96
C PRO B 79 16.24 -12.81 -10.37
N GLY B 80 14.99 -13.24 -10.32
CA GLY B 80 13.93 -12.39 -9.79
C GLY B 80 13.02 -13.07 -8.78
N PRO B 81 12.25 -12.28 -7.98
CA PRO B 81 11.32 -12.77 -6.95
C PRO B 81 10.71 -14.13 -7.28
N GLN B 82 9.67 -14.11 -8.08
CA GLN B 82 8.98 -15.35 -8.50
C GLN B 82 9.86 -16.63 -8.55
N ALA B 83 11.18 -16.47 -8.68
CA ALA B 83 12.13 -17.61 -8.78
C ALA B 83 13.09 -17.68 -7.56
N TRP B 84 12.64 -17.04 -6.49
CA TRP B 84 13.35 -17.01 -5.22
C TRP B 84 13.04 -18.34 -4.55
N PRO B 85 13.95 -18.83 -3.70
CA PRO B 85 13.93 -20.06 -2.90
C PRO B 85 13.13 -19.76 -1.65
N PRO B 86 12.03 -20.50 -1.43
CA PRO B 86 11.11 -20.38 -0.28
C PRO B 86 11.62 -19.76 1.01
N LYS B 87 12.60 -18.88 0.94
CA LYS B 87 13.12 -18.21 2.14
C LYS B 87 13.30 -16.74 1.81
N GLU B 88 12.82 -16.40 0.58
CA GLU B 88 12.83 -15.07 -0.09
C GLU B 88 11.44 -14.63 -0.59
N ARG B 89 10.72 -15.51 -1.32
CA ARG B 89 9.39 -15.16 -1.84
C ARG B 89 8.35 -15.12 -0.70
N ALA B 90 8.52 -15.97 0.31
CA ALA B 90 7.63 -16.03 1.44
C ALA B 90 7.24 -14.68 2.11
N ALA B 91 8.19 -14.00 2.77
CA ALA B 91 7.83 -12.72 3.43
C ALA B 91 7.67 -11.65 2.37
N LEU B 92 8.26 -11.93 1.21
CA LEU B 92 8.19 -11.07 0.07
C LEU B 92 6.70 -10.77 -0.07
N GLN B 93 5.93 -11.84 0.10
CA GLN B 93 4.49 -11.80 0.04
C GLN B 93 4.03 -11.28 1.42
N GLU B 94 4.60 -11.82 2.49
CA GLU B 94 4.23 -11.42 3.86
C GLU B 94 4.48 -9.92 4.10
N GLU B 95 5.65 -9.45 3.67
CA GLU B 95 6.04 -8.05 3.84
C GLU B 95 5.23 -7.22 2.89
N LEU B 96 4.94 -7.77 1.71
CA LEU B 96 4.14 -7.03 0.78
C LEU B 96 2.71 -6.93 1.37
N SER B 97 2.48 -7.62 2.47
CA SER B 97 1.16 -7.60 3.07
C SER B 97 0.71 -6.47 4.03
N ASP B 98 1.36 -6.27 5.19
CA ASP B 98 0.87 -5.17 6.06
C ASP B 98 1.06 -3.79 5.41
N VAL B 99 2.00 -3.73 4.45
CA VAL B 99 2.28 -2.53 3.68
C VAL B 99 1.02 -1.83 3.06
N LEU B 100 0.12 -2.60 2.45
CA LEU B 100 -1.07 -1.99 1.90
C LEU B 100 -2.11 -1.77 3.05
N ILE B 101 -2.07 -2.63 4.05
CA ILE B 101 -3.02 -2.54 5.19
C ILE B 101 -2.85 -1.20 5.92
N TYR B 102 -1.59 -0.86 6.18
CA TYR B 102 -1.23 0.40 6.86
C TYR B 102 -1.59 1.57 6.00
N LEU B 103 -1.44 1.38 4.70
CA LEU B 103 -1.77 2.45 3.75
C LEU B 103 -3.30 2.71 3.86
N VAL B 104 -4.16 1.67 3.80
CA VAL B 104 -5.62 1.90 3.92
C VAL B 104 -5.93 2.43 5.32
N ALA B 105 -5.33 1.86 6.35
CA ALA B 105 -5.61 2.38 7.68
C ALA B 105 -5.31 3.88 7.63
N LEU B 106 -4.20 4.24 7.00
CA LEU B 106 -3.85 5.66 6.91
C LEU B 106 -4.88 6.45 6.04
N ALA B 107 -5.17 5.99 4.81
CA ALA B 107 -6.15 6.73 4.01
C ALA B 107 -7.54 6.75 4.72
N ALA B 108 -7.85 5.67 5.44
CA ALA B 108 -9.14 5.63 6.21
C ALA B 108 -9.12 6.71 7.31
N ARG B 109 -8.01 6.78 8.07
CA ARG B 109 -7.88 7.80 9.13
C ARG B 109 -7.83 9.24 8.59
N CYS B 110 -7.28 9.41 7.39
CA CYS B 110 -7.19 10.74 6.74
C CYS B 110 -8.49 11.18 6.10
N HIS B 111 -9.48 10.31 6.14
CA HIS B 111 -10.79 10.60 5.54
C HIS B 111 -10.61 11.09 4.11
N VAL B 112 -9.97 10.22 3.33
CA VAL B 112 -9.65 10.50 1.92
C VAL B 112 -10.31 9.44 1.03
N ASP B 113 -11.32 9.80 0.26
CA ASP B 113 -11.92 8.72 -0.54
C ASP B 113 -10.93 8.18 -1.59
N LEU B 114 -10.23 7.11 -1.15
CA LEU B 114 -9.19 6.39 -1.90
C LEU B 114 -9.63 5.90 -3.27
N PRO B 115 -10.77 5.18 -3.37
CA PRO B 115 -11.13 4.78 -4.73
C PRO B 115 -11.56 5.95 -5.59
N GLN B 116 -11.66 7.13 -4.96
CA GLN B 116 -11.95 8.40 -5.63
C GLN B 116 -10.53 9.12 -5.71
N ALA B 117 -9.64 8.76 -4.80
CA ALA B 117 -8.31 9.34 -4.72
C ALA B 117 -7.39 8.89 -5.86
N VAL B 118 -7.08 7.60 -5.88
CA VAL B 118 -6.22 6.97 -6.86
C VAL B 118 -6.60 7.30 -8.33
N ILE B 119 -7.87 7.11 -8.67
CA ILE B 119 -8.34 7.38 -10.03
C ILE B 119 -8.06 8.83 -10.38
N SER B 120 -8.34 9.72 -9.44
CA SER B 120 -8.05 11.14 -9.65
C SER B 120 -6.56 11.35 -10.06
N LYS B 121 -5.66 10.72 -9.31
CA LYS B 121 -4.24 10.85 -9.57
C LYS B 121 -3.64 9.94 -10.65
N MSE B 122 -4.34 8.89 -11.07
CA MSE B 122 -3.77 8.01 -12.10
C MSE B 122 -3.93 8.61 -13.50
O MSE B 122 -2.98 8.64 -14.33
CB MSE B 122 -4.41 6.60 -12.07
CG MSE B 122 -3.66 5.56 -11.24
SE MSE B 122 -4.05 3.64 -11.60
CE MSE B 122 -2.84 3.29 -13.05
N ASP B 123 -5.15 9.08 -13.76
CA ASP B 123 -5.48 9.71 -15.02
C ASP B 123 -4.48 10.85 -15.14
N THR B 124 -4.02 11.22 -13.95
CA THR B 124 -3.05 12.27 -13.71
C THR B 124 -1.62 11.79 -13.93
N ASN B 125 -1.33 10.51 -13.69
CA ASN B 125 0.04 10.00 -13.92
C ASN B 125 0.37 9.84 -15.43
N ARG B 126 -0.65 10.08 -16.26
CA ARG B 126 -0.55 10.03 -17.73
C ARG B 126 0.09 11.33 -18.24
N GLN B 127 0.33 12.26 -17.30
CA GLN B 127 0.98 13.55 -17.56
C GLN B 127 2.43 13.64 -16.98
N ARG B 128 2.70 13.04 -15.80
CA ARG B 128 4.07 13.00 -15.20
C ARG B 128 4.91 12.02 -16.03
N TYR B 129 4.20 11.07 -16.62
CA TYR B 129 4.74 10.03 -17.49
C TYR B 129 3.75 10.10 -18.69
N PRO B 130 4.02 10.92 -19.74
CA PRO B 130 3.11 11.05 -20.90
C PRO B 130 3.06 9.88 -21.89
N PRO A 22 -18.10 5.45 11.04
CA PRO A 22 -18.10 4.44 9.97
C PRO A 22 -17.40 4.81 8.66
N PHE A 23 -16.08 4.99 8.70
CA PHE A 23 -15.31 5.37 7.49
C PHE A 23 -14.87 4.21 6.61
N ARG A 24 -15.70 3.90 5.62
CA ARG A 24 -15.46 2.78 4.70
C ARG A 24 -14.57 3.10 3.50
N PHE A 25 -13.83 2.14 2.95
CA PHE A 25 -12.98 2.44 1.76
C PHE A 25 -13.86 2.32 0.57
N SER A 26 -13.55 1.32 -0.25
CA SER A 26 -14.37 1.04 -1.43
C SER A 26 -14.23 -0.40 -1.86
N PRO A 27 -15.35 -0.98 -2.38
CA PRO A 27 -15.54 -2.33 -2.88
C PRO A 27 -14.65 -2.53 -4.10
N GLU A 28 -14.85 -1.69 -5.13
CA GLU A 28 -14.05 -1.72 -6.39
C GLU A 28 -13.26 -0.41 -6.57
N PRO A 29 -12.16 -0.45 -7.36
CA PRO A 29 -11.55 -1.59 -8.09
C PRO A 29 -11.19 -2.80 -7.19
N THR A 30 -11.17 -4.03 -7.72
CA THR A 30 -10.83 -5.23 -6.92
C THR A 30 -9.49 -4.85 -6.23
N LEU A 31 -8.42 -5.64 -6.41
CA LEU A 31 -7.00 -5.40 -5.93
C LEU A 31 -6.42 -6.26 -7.05
N GLU A 32 -7.20 -6.31 -8.11
CA GLU A 32 -6.91 -7.07 -9.30
C GLU A 32 -7.19 -6.05 -10.39
N ASP A 33 -8.28 -5.29 -10.20
CA ASP A 33 -8.67 -4.25 -11.16
C ASP A 33 -7.56 -3.20 -11.27
N ILE A 34 -6.86 -3.00 -10.14
CA ILE A 34 -5.76 -2.06 -10.11
C ILE A 34 -4.51 -2.68 -10.72
N ARG A 35 -4.40 -3.99 -10.68
CA ARG A 35 -3.22 -4.58 -11.29
C ARG A 35 -3.46 -4.44 -12.80
N ARG A 36 -4.74 -4.41 -13.15
CA ARG A 36 -5.19 -4.30 -14.53
C ARG A 36 -5.24 -2.91 -15.08
N LEU A 37 -5.85 -2.00 -14.34
CA LEU A 37 -5.90 -0.63 -14.79
C LEU A 37 -4.50 -0.08 -15.00
N HIS A 38 -3.71 -0.05 -13.91
CA HIS A 38 -2.35 0.44 -14.01
C HIS A 38 -1.67 -0.26 -15.19
N ALA A 39 -1.95 -1.55 -15.39
CA ALA A 39 -1.29 -2.25 -16.47
C ALA A 39 -1.31 -1.29 -17.68
N GLU A 40 -2.50 -0.77 -17.99
CA GLU A 40 -2.70 0.16 -19.12
C GLU A 40 -1.70 1.33 -19.01
N PHE A 41 -1.52 1.86 -17.80
CA PHE A 41 -0.54 2.94 -17.59
C PHE A 41 0.93 2.59 -18.00
N ALA A 42 1.35 1.37 -17.71
CA ALA A 42 2.72 0.91 -17.97
C ALA A 42 2.96 0.59 -19.41
N ALA A 43 1.96 -0.06 -20.02
CA ALA A 43 2.06 -0.50 -21.39
C ALA A 43 2.12 0.61 -22.45
N GLU A 44 1.64 1.80 -22.14
CA GLU A 44 1.70 2.83 -23.18
C GLU A 44 2.81 3.84 -22.96
N ARG A 45 3.79 3.46 -22.14
CA ARG A 45 4.94 4.31 -21.78
C ARG A 45 6.29 3.54 -21.75
N ASP A 46 7.37 4.12 -21.24
CA ASP A 46 8.64 3.38 -21.24
C ASP A 46 8.55 2.04 -20.53
N TRP A 47 8.89 0.97 -21.25
CA TRP A 47 8.78 -0.36 -20.67
C TRP A 47 9.63 -0.66 -19.42
N GLU A 48 10.90 -0.28 -19.43
CA GLU A 48 11.75 -0.56 -18.27
C GLU A 48 11.52 0.43 -17.14
N GLN A 49 11.05 1.63 -17.49
CA GLN A 49 10.80 2.60 -16.47
C GLN A 49 9.66 1.93 -15.71
N PHE A 50 8.87 1.18 -16.46
CA PHE A 50 7.78 0.51 -15.81
C PHE A 50 7.76 -1.01 -15.85
N HIS A 51 8.92 -1.61 -15.59
CA HIS A 51 8.98 -3.06 -15.50
C HIS A 51 10.08 -3.57 -14.56
N GLN A 52 11.11 -2.79 -14.28
CA GLN A 52 12.11 -3.32 -13.32
C GLN A 52 11.57 -3.38 -11.86
N PRO A 53 11.44 -4.60 -11.30
CA PRO A 53 10.94 -4.74 -9.92
C PRO A 53 11.42 -3.57 -9.05
N ARG A 54 12.74 -3.45 -8.93
CA ARG A 54 13.34 -2.38 -8.14
C ARG A 54 12.78 -1.04 -8.61
N ASN A 55 12.57 -0.86 -9.93
CA ASN A 55 11.99 0.43 -10.42
C ASN A 55 10.61 0.68 -9.77
N LEU A 56 9.81 -0.38 -9.60
CA LEU A 56 8.52 -0.28 -8.95
C LEU A 56 8.74 0.08 -7.47
N LEU A 57 9.65 -0.67 -6.83
CA LEU A 57 9.99 -0.52 -5.41
C LEU A 57 10.45 0.90 -5.07
N LEU A 58 11.42 1.40 -5.82
CA LEU A 58 11.89 2.74 -5.59
C LEU A 58 10.75 3.69 -5.92
N ALA A 59 9.93 3.35 -6.90
CA ALA A 59 8.81 4.23 -7.25
C ALA A 59 7.84 4.32 -6.05
N LEU A 60 7.82 3.27 -5.23
CA LEU A 60 6.97 3.21 -4.03
C LEU A 60 7.65 3.94 -2.87
N VAL A 61 8.91 3.58 -2.61
CA VAL A 61 9.71 4.18 -1.52
C VAL A 61 9.72 5.72 -1.55
N GLY A 62 9.84 6.28 -2.74
CA GLY A 62 9.89 7.73 -2.83
C GLY A 62 8.52 8.26 -2.48
N GLU A 63 7.51 7.58 -3.04
CA GLU A 63 6.11 7.93 -2.83
C GLU A 63 5.78 7.85 -1.32
N VAL A 64 6.33 6.87 -0.60
CA VAL A 64 6.06 6.80 0.82
C VAL A 64 6.84 7.96 1.38
N GLY A 65 7.96 8.25 0.69
CA GLY A 65 8.77 9.39 1.10
C GLY A 65 7.86 10.58 0.99
N GLU A 66 7.05 10.64 -0.07
CA GLU A 66 6.07 11.73 -0.24
C GLU A 66 5.15 11.77 1.03
N LEU A 67 4.81 10.59 1.56
CA LEU A 67 3.99 10.51 2.77
C LEU A 67 4.67 11.29 3.90
N ALA A 68 5.89 10.86 4.23
CA ALA A 68 6.67 11.51 5.31
C ALA A 68 6.89 13.01 4.99
N GLU A 69 6.73 13.41 3.75
CA GLU A 69 6.99 14.82 3.54
C GLU A 69 5.84 15.54 4.24
N LEU A 70 4.66 14.95 4.20
CA LEU A 70 3.55 15.63 4.86
C LEU A 70 3.74 15.60 6.36
N PHE A 71 4.24 14.48 6.86
CA PHE A 71 4.47 14.29 8.26
C PHE A 71 5.75 14.88 8.89
N GLN A 72 6.68 15.33 8.05
CA GLN A 72 7.95 15.94 8.52
C GLN A 72 7.77 16.49 9.95
N TRP A 73 6.79 17.40 10.14
CA TRP A 73 6.60 17.99 11.47
C TRP A 73 5.37 17.52 12.27
N LYS A 74 4.27 17.22 11.55
CA LYS A 74 2.95 16.82 12.09
C LYS A 74 2.83 15.91 13.32
N SER A 75 3.50 16.29 14.41
CA SER A 75 3.51 15.53 15.67
C SER A 75 2.21 14.89 16.10
N ASP A 76 2.39 13.82 16.86
CA ASP A 76 1.32 12.99 17.40
C ASP A 76 0.51 13.76 18.44
N THR A 77 0.56 15.08 18.34
CA THR A 77 -0.17 15.99 19.24
C THR A 77 -1.48 16.50 18.60
N GLU A 78 -1.88 16.04 17.43
CA GLU A 78 -3.04 16.71 16.84
C GLU A 78 -4.16 15.96 16.10
N PRO A 79 -5.03 16.71 15.40
CA PRO A 79 -6.10 16.00 14.68
C PRO A 79 -5.62 15.24 13.47
N GLY A 80 -6.15 14.03 13.30
CA GLY A 80 -5.68 13.25 12.15
C GLY A 80 -5.64 14.00 10.82
N PRO A 81 -4.79 13.55 9.88
CA PRO A 81 -4.65 14.16 8.54
C PRO A 81 -6.04 14.65 8.12
N GLN A 82 -7.00 13.82 8.53
CA GLN A 82 -8.42 13.91 8.35
C GLN A 82 -8.96 15.32 8.55
N ALA A 83 -8.25 16.13 9.33
CA ALA A 83 -8.72 17.48 9.57
C ALA A 83 -7.77 18.56 9.03
N TRP A 84 -6.73 18.12 8.31
CA TRP A 84 -5.76 19.04 7.72
C TRP A 84 -6.42 19.82 6.57
N PRO A 85 -6.05 21.10 6.40
CA PRO A 85 -6.58 22.00 5.35
C PRO A 85 -6.74 21.33 3.96
N PRO A 86 -7.79 21.74 3.22
CA PRO A 86 -8.07 21.21 1.89
C PRO A 86 -6.76 20.89 1.19
N LYS A 87 -5.83 21.84 1.26
CA LYS A 87 -4.57 21.59 0.63
C LYS A 87 -3.96 20.46 1.40
N GLU A 88 -3.16 20.76 2.42
CA GLU A 88 -2.50 19.72 3.22
C GLU A 88 -3.03 18.31 2.83
N ARG A 89 -4.35 18.15 2.70
CA ARG A 89 -4.90 16.85 2.31
C ARG A 89 -5.06 16.68 0.78
N ALA A 90 -5.20 17.79 0.06
CA ALA A 90 -5.35 17.71 -1.40
C ALA A 90 -4.07 17.01 -1.85
N ALA A 91 -3.00 17.35 -1.16
CA ALA A 91 -1.68 16.79 -1.41
C ALA A 91 -1.60 15.34 -0.84
N LEU A 92 -2.47 15.06 0.14
CA LEU A 92 -2.54 13.77 0.81
C LEU A 92 -3.06 12.62 -0.06
N GLN A 93 -4.34 12.71 -0.40
CA GLN A 93 -5.01 11.71 -1.22
C GLN A 93 -4.09 11.31 -2.38
N GLU A 94 -3.30 12.27 -2.84
CA GLU A 94 -2.37 12.03 -3.96
C GLU A 94 -1.23 11.05 -3.63
N GLU A 95 -0.42 11.39 -2.62
CA GLU A 95 0.69 10.50 -2.31
C GLU A 95 0.22 9.10 -1.87
N LEU A 96 -1.02 9.01 -1.35
CA LEU A 96 -1.58 7.72 -0.94
C LEU A 96 -1.91 6.82 -2.14
N SER A 97 -2.63 7.37 -3.10
CA SER A 97 -2.99 6.63 -4.31
C SER A 97 -1.82 6.02 -5.07
N ASP A 98 -0.67 6.69 -5.07
CA ASP A 98 0.51 6.20 -5.76
C ASP A 98 1.37 5.22 -4.96
N VAL A 99 1.39 5.31 -3.63
CA VAL A 99 2.17 4.38 -2.86
C VAL A 99 1.50 3.02 -3.11
N LEU A 100 0.18 3.07 -3.29
CA LEU A 100 -0.59 1.84 -3.47
C LEU A 100 -0.53 1.27 -4.88
N ILE A 101 -0.65 2.16 -5.87
CA ILE A 101 -0.58 1.78 -7.31
C ILE A 101 0.80 1.14 -7.54
N TYR A 102 1.83 1.76 -6.96
CA TYR A 102 3.21 1.19 -7.07
C TYR A 102 3.42 -0.04 -6.19
N LEU A 103 2.51 -0.33 -5.23
CA LEU A 103 2.63 -1.53 -4.40
C LEU A 103 1.98 -2.65 -5.20
N VAL A 104 0.82 -2.37 -5.76
CA VAL A 104 0.08 -3.35 -6.56
C VAL A 104 1.01 -3.77 -7.76
N ALA A 105 1.72 -2.76 -8.30
CA ALA A 105 2.64 -2.93 -9.42
C ALA A 105 3.83 -3.79 -8.99
N LEU A 106 4.41 -3.47 -7.84
CA LEU A 106 5.51 -4.28 -7.34
C LEU A 106 5.03 -5.72 -7.18
N ALA A 107 3.96 -5.91 -6.38
CA ALA A 107 3.40 -7.21 -6.14
C ALA A 107 3.20 -7.89 -7.47
N ALA A 108 2.74 -7.08 -8.42
CA ALA A 108 2.51 -7.54 -9.79
C ALA A 108 3.80 -8.10 -10.39
N ARG A 109 4.91 -7.40 -10.24
CA ARG A 109 6.15 -7.92 -10.84
C ARG A 109 6.59 -9.29 -10.25
N CYS A 110 6.20 -9.52 -8.98
CA CYS A 110 6.55 -10.74 -8.22
C CYS A 110 5.70 -11.99 -8.43
N HIS A 111 4.51 -11.83 -8.97
CA HIS A 111 3.60 -12.96 -9.14
C HIS A 111 3.32 -13.48 -7.72
N VAL A 112 2.93 -12.55 -6.87
CA VAL A 112 2.57 -12.87 -5.50
C VAL A 112 1.11 -12.44 -5.46
N ASP A 113 0.18 -13.33 -5.08
CA ASP A 113 -1.19 -12.82 -5.08
C ASP A 113 -1.57 -12.02 -3.82
N LEU A 114 -1.41 -10.71 -3.98
CA LEU A 114 -1.62 -9.63 -3.02
C LEU A 114 -2.90 -9.69 -2.19
N PRO A 115 -4.07 -9.88 -2.82
CA PRO A 115 -5.32 -9.94 -2.03
C PRO A 115 -5.23 -11.15 -1.13
N GLN A 116 -4.82 -12.27 -1.69
CA GLN A 116 -4.73 -13.46 -0.84
C GLN A 116 -3.59 -13.27 0.14
N ALA A 117 -2.55 -12.54 -0.28
CA ALA A 117 -1.38 -12.33 0.54
C ALA A 117 -1.72 -11.63 1.86
N VAL A 118 -2.54 -10.57 1.78
CA VAL A 118 -2.98 -9.81 2.95
C VAL A 118 -3.64 -10.81 3.94
N ILE A 119 -4.23 -11.86 3.37
CA ILE A 119 -4.88 -12.89 4.17
C ILE A 119 -3.92 -13.72 5.02
N SER A 120 -3.12 -14.54 4.36
CA SER A 120 -2.13 -15.39 5.07
C SER A 120 -1.33 -14.50 6.04
N LYS A 121 -1.19 -13.24 5.65
CA LYS A 121 -0.51 -12.25 6.46
C LYS A 121 -1.26 -11.95 7.77
N MSE A 122 -2.51 -11.52 7.66
CA MSE A 122 -3.32 -11.19 8.84
C MSE A 122 -3.51 -12.36 9.79
O MSE A 122 -3.63 -12.16 11.01
CB MSE A 122 -4.66 -10.61 8.40
CG MSE A 122 -4.59 -9.11 8.10
SE MSE A 122 -4.17 -7.96 9.64
CE MSE A 122 -5.92 -7.26 10.03
N ASP A 123 -3.56 -13.59 9.27
CA ASP A 123 -3.70 -14.76 10.15
C ASP A 123 -2.43 -14.82 11.04
N THR A 124 -1.28 -14.92 10.40
CA THR A 124 0.01 -14.94 11.13
C THR A 124 0.11 -13.82 12.19
N ASN A 125 -0.35 -12.63 11.83
CA ASN A 125 -0.35 -11.48 12.75
C ASN A 125 -1.16 -11.93 13.97
N ARG A 126 -2.49 -12.04 13.84
CA ARG A 126 -3.30 -12.52 14.96
C ARG A 126 -2.48 -13.67 15.62
N GLN A 127 -2.06 -14.64 14.80
CA GLN A 127 -1.25 -15.78 15.26
C GLN A 127 0.08 -15.34 15.93
N ARG A 128 0.33 -14.03 16.00
CA ARG A 128 1.57 -13.50 16.63
C ARG A 128 1.29 -12.51 17.78
N TYR A 129 0.46 -11.50 17.50
CA TYR A 129 0.07 -10.45 18.47
C TYR A 129 -1.40 -10.58 19.02
N PRO A 130 -1.57 -11.06 20.28
CA PRO A 130 -3.01 -11.11 20.59
C PRO A 130 -3.71 -9.77 21.00
N VAL A 131 -5.06 -9.81 20.92
CA VAL A 131 -5.99 -8.71 21.27
C VAL A 131 -5.98 -8.46 22.80
N HIS A 132 -6.52 -7.34 23.25
CA HIS A 132 -6.40 -7.18 24.67
C HIS A 132 -7.39 -7.96 25.54
N LEU A 133 -6.88 -8.91 26.34
CA LEU A 133 -7.75 -9.68 27.26
C LEU A 133 -7.59 -9.22 28.73
N SER A 134 -7.94 -10.10 29.68
CA SER A 134 -7.91 -9.85 31.13
C SER A 134 -7.00 -10.75 31.95
N PRO B 22 -1.81 -17.30 -16.99
CA PRO B 22 -1.51 -15.86 -16.98
C PRO B 22 -1.53 -15.31 -15.53
N PHE B 23 -0.40 -15.17 -14.84
CA PHE B 23 -0.44 -14.67 -13.46
C PHE B 23 -1.48 -13.58 -13.22
N ARG B 24 -2.21 -13.69 -12.11
CA ARG B 24 -3.12 -12.64 -11.64
C ARG B 24 -3.66 -12.79 -10.18
N PHE B 25 -4.33 -11.78 -9.66
CA PHE B 25 -4.79 -11.84 -8.26
C PHE B 25 -6.20 -12.23 -7.98
N SER B 26 -6.41 -12.97 -6.89
CA SER B 26 -7.72 -13.36 -6.45
C SER B 26 -8.57 -12.15 -6.43
N PRO B 27 -9.87 -12.36 -6.54
CA PRO B 27 -10.80 -11.27 -6.53
C PRO B 27 -11.14 -10.87 -5.12
N GLU B 28 -10.55 -11.58 -4.14
CA GLU B 28 -10.78 -11.36 -2.67
C GLU B 28 -9.52 -11.24 -1.87
N PRO B 29 -9.38 -10.26 -0.95
CA PRO B 29 -10.34 -9.23 -0.53
C PRO B 29 -10.22 -7.89 -1.27
N THR B 30 -11.24 -7.07 -1.14
CA THR B 30 -11.29 -5.73 -1.68
C THR B 30 -10.54 -4.83 -0.67
N LEU B 31 -10.20 -3.59 -1.04
CA LEU B 31 -9.49 -2.73 -0.08
C LEU B 31 -10.38 -2.39 1.13
N GLU B 32 -11.70 -2.35 0.90
CA GLU B 32 -12.68 -2.09 1.95
C GLU B 32 -12.59 -3.28 2.89
N ASP B 33 -12.52 -4.48 2.28
CA ASP B 33 -12.47 -5.68 3.08
C ASP B 33 -11.32 -5.60 4.05
N ILE B 34 -10.14 -5.33 3.48
CA ILE B 34 -8.94 -5.20 4.22
C ILE B 34 -9.11 -4.11 5.29
N ARG B 35 -9.79 -3.03 4.91
CA ARG B 35 -10.01 -1.95 5.84
C ARG B 35 -10.84 -2.53 6.99
N ARG B 36 -11.72 -3.48 6.65
CA ARG B 36 -12.58 -4.13 7.67
C ARG B 36 -11.76 -5.10 8.51
N LEU B 37 -10.86 -5.90 7.91
CA LEU B 37 -10.05 -6.80 8.74
C LEU B 37 -9.07 -6.03 9.66
N HIS B 38 -8.24 -5.15 9.08
CA HIS B 38 -7.33 -4.39 9.91
C HIS B 38 -8.13 -3.79 11.10
N ALA B 39 -9.37 -3.35 10.81
CA ALA B 39 -10.23 -2.74 11.83
C ALA B 39 -10.45 -3.65 13.00
N GLU B 40 -10.80 -4.89 12.69
CA GLU B 40 -11.03 -5.92 13.72
C GLU B 40 -9.72 -6.22 14.43
N PHE B 41 -8.60 -5.97 13.77
CA PHE B 41 -7.31 -6.26 14.41
C PHE B 41 -6.79 -5.11 15.27
N ALA B 42 -7.30 -3.91 15.03
CA ALA B 42 -6.92 -2.72 15.81
C ALA B 42 -7.97 -2.51 16.94
N ALA B 43 -9.26 -2.55 16.63
CA ALA B 43 -10.28 -2.35 17.67
C ALA B 43 -10.18 -3.37 18.77
N GLU B 44 -9.69 -4.56 18.45
CA GLU B 44 -9.59 -5.62 19.45
C GLU B 44 -8.26 -5.62 20.23
N ARG B 45 -7.26 -4.94 19.67
CA ARG B 45 -5.93 -4.83 20.28
C ARG B 45 -5.58 -3.46 20.88
N ASP B 46 -4.41 -2.90 20.58
CA ASP B 46 -4.08 -1.61 21.14
C ASP B 46 -4.53 -0.57 20.11
N TRP B 47 -5.84 -0.28 20.18
CA TRP B 47 -6.53 0.64 19.29
C TRP B 47 -5.85 2.00 19.12
N GLU B 48 -5.35 2.56 20.22
CA GLU B 48 -4.67 3.84 20.15
C GLU B 48 -3.28 3.70 19.54
N GLN B 49 -2.63 2.57 19.82
CA GLN B 49 -1.32 2.22 19.29
C GLN B 49 -1.52 2.31 17.77
N PHE B 50 -2.64 1.74 17.31
CA PHE B 50 -2.97 1.71 15.88
C PHE B 50 -3.80 2.88 15.45
N HIS B 51 -4.10 3.75 16.40
CA HIS B 51 -4.90 4.91 16.09
C HIS B 51 -3.97 6.07 15.71
N GLN B 52 -2.68 5.92 15.90
CA GLN B 52 -1.75 6.99 15.55
C GLN B 52 -1.30 6.87 14.10
N PRO B 53 -1.65 7.89 13.28
CA PRO B 53 -1.33 8.01 11.82
C PRO B 53 0.17 8.04 11.61
N ARG B 54 0.86 8.91 12.37
CA ARG B 54 2.30 8.97 12.25
C ARG B 54 2.86 7.57 12.60
N ASN B 55 2.23 6.90 13.57
CA ASN B 55 2.63 5.54 13.94
C ASN B 55 2.48 4.64 12.70
N LEU B 56 1.23 4.58 12.21
CA LEU B 56 0.89 3.79 11.02
C LEU B 56 1.90 4.16 9.95
N LEU B 57 2.26 5.45 9.91
CA LEU B 57 3.19 5.90 8.92
C LEU B 57 4.55 5.22 9.09
N LEU B 58 5.04 5.23 10.34
CA LEU B 58 6.35 4.64 10.64
C LEU B 58 6.45 3.12 10.34
N ALA B 59 5.58 2.32 10.95
CA ALA B 59 5.58 0.86 10.77
C ALA B 59 5.48 0.64 9.27
N LEU B 60 4.81 1.56 8.58
CA LEU B 60 4.68 1.45 7.14
C LEU B 60 6.16 1.61 6.61
N VAL B 61 7.01 2.43 7.25
CA VAL B 61 8.40 2.54 6.83
C VAL B 61 9.18 1.28 7.18
N GLY B 62 9.04 0.71 8.39
CA GLY B 62 9.79 -0.51 8.59
C GLY B 62 9.46 -1.51 7.47
N GLU B 63 8.18 -1.82 7.38
CA GLU B 63 7.68 -2.75 6.38
C GLU B 63 8.15 -2.46 4.95
N VAL B 64 7.82 -1.28 4.42
CA VAL B 64 8.29 -0.97 3.05
C VAL B 64 9.84 -0.93 3.07
N GLY B 65 10.40 -0.45 4.16
CA GLY B 65 11.85 -0.49 4.24
C GLY B 65 12.13 -1.96 3.93
N GLU B 66 11.61 -2.88 4.74
CA GLU B 66 11.76 -4.33 4.58
C GLU B 66 11.66 -4.86 3.16
N LEU B 67 10.72 -4.31 2.42
CA LEU B 67 10.48 -4.64 1.03
C LEU B 67 11.84 -4.35 0.38
N ALA B 68 12.32 -3.11 0.54
CA ALA B 68 13.61 -2.73 0.01
C ALA B 68 14.62 -3.67 0.66
N GLU B 69 14.35 -4.10 1.89
CA GLU B 69 15.26 -5.03 2.57
C GLU B 69 15.32 -6.31 1.72
N LEU B 70 14.16 -6.76 1.20
CA LEU B 70 14.18 -7.93 0.29
C LEU B 70 14.84 -7.61 -1.08
N PHE B 71 14.55 -6.43 -1.64
CA PHE B 71 15.08 -6.14 -2.95
C PHE B 71 16.46 -5.53 -3.02
N GLN B 72 16.90 -4.89 -1.95
CA GLN B 72 18.20 -4.19 -1.86
C GLN B 72 19.28 -4.82 -2.76
N TRP B 73 19.32 -6.14 -2.73
CA TRP B 73 20.30 -6.89 -3.48
C TRP B 73 19.80 -7.61 -4.74
N LYS B 74 18.81 -7.04 -5.42
CA LYS B 74 18.30 -7.69 -6.64
C LYS B 74 18.60 -7.03 -7.96
N SER B 75 19.67 -7.52 -8.60
CA SER B 75 20.12 -7.05 -9.93
C SER B 75 18.95 -6.67 -10.83
N ASP B 76 19.19 -5.85 -11.84
CA ASP B 76 18.09 -5.55 -12.71
C ASP B 76 18.21 -6.55 -13.89
N THR B 77 19.35 -7.29 -13.90
CA THR B 77 19.69 -8.29 -14.94
C THR B 77 19.11 -9.68 -14.67
N GLU B 78 18.72 -9.93 -13.42
CA GLU B 78 18.19 -11.25 -13.09
C GLU B 78 16.73 -11.45 -13.31
N PRO B 79 16.22 -12.62 -12.90
CA PRO B 79 14.78 -12.91 -13.06
C PRO B 79 14.12 -12.29 -11.82
N GLY B 80 13.01 -11.55 -12.01
CA GLY B 80 12.36 -10.88 -10.89
C GLY B 80 11.66 -11.74 -9.87
N PRO B 81 11.53 -11.29 -8.61
CA PRO B 81 10.88 -12.00 -7.49
C PRO B 81 9.65 -12.80 -7.91
N GLN B 82 9.44 -12.83 -9.22
CA GLN B 82 8.35 -13.56 -9.81
C GLN B 82 8.83 -15.00 -10.01
N ALA B 83 10.16 -15.19 -9.93
CA ALA B 83 10.84 -16.49 -10.08
C ALA B 83 11.76 -16.76 -8.89
N TRP B 84 11.76 -15.87 -7.90
CA TRP B 84 12.59 -16.03 -6.72
C TRP B 84 12.42 -17.42 -6.12
N PRO B 85 13.47 -17.93 -5.43
CA PRO B 85 13.32 -19.27 -4.84
C PRO B 85 12.08 -19.34 -4.01
N PRO B 86 11.65 -20.57 -3.72
CA PRO B 86 10.44 -20.66 -2.91
C PRO B 86 10.74 -19.85 -1.67
N LYS B 87 11.93 -20.06 -1.14
CA LYS B 87 12.39 -19.35 0.03
C LYS B 87 12.36 -17.83 -0.09
N GLU B 88 12.22 -17.29 -1.30
CA GLU B 88 12.23 -15.84 -1.46
C GLU B 88 10.89 -15.34 -1.94
N ARG B 89 9.96 -16.24 -2.02
CA ARG B 89 8.64 -15.85 -2.49
C ARG B 89 7.68 -15.58 -1.33
N ALA B 90 7.85 -16.31 -0.22
CA ALA B 90 6.99 -16.09 0.92
C ALA B 90 7.76 -15.29 1.93
N ALA B 91 8.98 -14.96 1.59
CA ALA B 91 9.81 -14.17 2.44
C ALA B 91 9.37 -12.80 2.01
N LEU B 92 8.78 -12.82 0.81
CA LEU B 92 8.25 -11.64 0.15
C LEU B 92 6.75 -11.60 0.39
N GLN B 93 6.18 -12.76 0.68
CA GLN B 93 4.74 -12.81 0.92
C GLN B 93 4.41 -11.95 2.12
N GLU B 94 4.78 -12.39 3.34
CA GLU B 94 4.47 -11.61 4.54
C GLU B 94 4.40 -10.10 4.20
N GLU B 95 5.37 -9.71 3.37
CA GLU B 95 5.60 -8.35 2.91
C GLU B 95 4.55 -7.50 2.23
N LEU B 96 4.52 -7.46 0.90
CA LEU B 96 3.56 -6.60 0.22
C LEU B 96 2.27 -6.51 1.02
N SER B 97 2.06 -7.52 1.86
CA SER B 97 0.88 -7.62 2.69
C SER B 97 0.79 -6.52 3.78
N ASP B 98 1.73 -6.40 4.74
CA ASP B 98 1.55 -5.29 5.71
C ASP B 98 1.78 -3.91 5.12
N VAL B 99 2.52 -3.82 4.01
CA VAL B 99 2.69 -2.52 3.39
C VAL B 99 1.28 -2.10 2.90
N LEU B 100 0.51 -3.09 2.44
CA LEU B 100 -0.83 -2.76 2.00
C LEU B 100 -1.66 -2.53 3.25
N ILE B 101 -1.38 -3.33 4.27
CA ILE B 101 -2.12 -3.21 5.53
C ILE B 101 -1.93 -1.87 6.21
N TYR B 102 -0.69 -1.42 6.33
CA TYR B 102 -0.45 -0.15 7.01
C TYR B 102 -0.85 1.02 6.14
N LEU B 103 -0.74 0.82 4.82
CA LEU B 103 -1.08 1.88 3.87
C LEU B 103 -2.59 2.10 4.06
N VAL B 104 -3.38 1.01 3.94
CA VAL B 104 -4.85 1.12 4.12
C VAL B 104 -5.17 1.61 5.53
N ALA B 105 -4.65 0.94 6.55
CA ALA B 105 -4.94 1.42 7.92
C ALA B 105 -4.69 2.94 7.98
N LEU B 106 -3.66 3.40 7.26
CA LEU B 106 -3.34 4.83 7.25
C LEU B 106 -4.38 5.62 6.47
N ALA B 107 -4.61 5.21 5.22
CA ALA B 107 -5.57 5.87 4.36
C ALA B 107 -6.84 6.01 5.22
N ALA B 108 -7.22 4.92 5.88
CA ALA B 108 -8.43 4.93 6.78
C ALA B 108 -8.23 5.98 7.87
N ARG B 109 -7.10 5.96 8.56
CA ARG B 109 -6.85 7.01 9.55
C ARG B 109 -6.70 8.36 8.82
N CYS B 110 -6.65 8.33 7.49
CA CYS B 110 -6.42 9.54 6.69
C CYS B 110 -7.51 9.93 5.70
N HIS B 111 -8.72 9.77 6.20
CA HIS B 111 -9.99 10.03 5.54
C HIS B 111 -10.07 9.94 4.04
N VAL B 112 -9.33 9.01 3.47
CA VAL B 112 -9.33 8.81 2.02
C VAL B 112 -9.83 7.42 1.62
N ASP B 113 -10.78 7.41 0.68
CA ASP B 113 -11.34 6.16 0.14
C ASP B 113 -10.29 5.58 -0.79
N LEU B 114 -9.23 4.99 -0.25
CA LEU B 114 -8.16 4.48 -1.09
C LEU B 114 -8.52 3.93 -2.49
N PRO B 115 -9.39 2.88 -2.59
CA PRO B 115 -9.75 2.34 -3.91
C PRO B 115 -10.12 3.53 -4.77
N GLN B 116 -11.33 4.04 -4.53
CA GLN B 116 -11.81 5.23 -5.21
C GLN B 116 -10.68 6.24 -5.23
N ALA B 117 -10.18 6.60 -4.05
CA ALA B 117 -9.06 7.57 -3.90
C ALA B 117 -8.26 7.47 -5.15
N VAL B 118 -7.40 6.45 -5.17
CA VAL B 118 -6.55 6.16 -6.31
C VAL B 118 -7.26 6.56 -7.62
N ILE B 119 -8.00 5.61 -8.20
CA ILE B 119 -8.67 5.84 -9.49
C ILE B 119 -8.59 7.31 -9.89
N SER B 120 -9.38 8.11 -9.18
CA SER B 120 -9.46 9.53 -9.39
C SER B 120 -8.12 10.26 -9.32
N LYS B 121 -7.01 9.50 -9.36
CA LYS B 121 -5.64 10.04 -9.32
C LYS B 121 -4.88 9.52 -10.56
N MSE B 122 -5.27 8.34 -10.99
CA MSE B 122 -4.68 7.72 -12.15
C MSE B 122 -4.67 8.74 -13.27
O MSE B 122 -3.93 8.58 -14.26
CB MSE B 122 -5.48 6.48 -12.55
CG MSE B 122 -5.03 5.26 -11.75
SE MSE B 122 -6.16 3.73 -11.86
CE MSE B 122 -5.43 2.88 -13.50
N ASP B 123 -5.46 9.77 -13.08
CA ASP B 123 -5.58 10.84 -14.04
C ASP B 123 -4.29 11.62 -14.20
N THR B 124 -3.68 11.96 -13.06
CA THR B 124 -2.42 12.68 -13.08
C THR B 124 -1.27 11.88 -13.67
N ASN B 125 -1.03 10.65 -13.21
CA ASN B 125 0.08 9.88 -13.75
C ASN B 125 0.00 9.80 -15.29
N ARG B 126 -1.22 9.92 -15.83
CA ARG B 126 -1.46 9.91 -17.28
C ARG B 126 -1.19 11.32 -17.84
N GLN B 127 -1.12 12.29 -16.93
CA GLN B 127 -0.87 13.68 -17.28
C GLN B 127 0.52 14.12 -16.80
N ARG B 128 1.03 13.48 -15.73
CA ARG B 128 2.35 13.79 -15.18
C ARG B 128 3.40 12.97 -15.93
N TYR B 129 2.97 12.24 -16.94
CA TYR B 129 3.88 11.38 -17.71
C TYR B 129 3.23 11.12 -19.07
N PRO B 130 3.20 12.13 -19.97
CA PRO B 130 2.65 12.17 -21.34
C PRO B 130 2.98 10.97 -22.21
N PRO A 22 -17.75 5.34 10.96
CA PRO A 22 -17.44 4.03 10.33
C PRO A 22 -16.85 4.21 8.93
N PHE A 23 -15.53 4.32 8.85
CA PHE A 23 -14.80 4.53 7.57
C PHE A 23 -14.48 3.27 6.76
N ARG A 24 -15.15 3.15 5.62
CA ARG A 24 -15.01 1.96 4.76
C ARG A 24 -14.38 2.17 3.39
N PHE A 25 -13.64 1.19 2.88
CA PHE A 25 -13.07 1.36 1.54
C PHE A 25 -14.18 0.90 0.59
N SER A 26 -14.35 1.66 -0.49
CA SER A 26 -15.36 1.41 -1.52
C SER A 26 -15.00 0.11 -2.21
N PRO A 27 -16.06 -0.58 -2.73
CA PRO A 27 -16.01 -1.85 -3.42
C PRO A 27 -15.08 -1.80 -4.59
N GLU A 28 -14.81 -0.62 -5.14
CA GLU A 28 -13.89 -0.57 -6.28
C GLU A 28 -13.10 0.73 -6.45
N PRO A 29 -11.99 0.73 -7.25
CA PRO A 29 -11.46 -0.43 -8.00
C PRO A 29 -10.94 -1.63 -7.15
N THR A 30 -11.13 -2.86 -7.67
CA THR A 30 -10.61 -4.08 -7.05
C THR A 30 -9.08 -3.83 -6.96
N LEU A 31 -8.37 -4.56 -6.09
CA LEU A 31 -6.90 -4.47 -6.08
C LEU A 31 -6.49 -5.01 -7.50
N GLU A 32 -7.31 -5.93 -8.01
CA GLU A 32 -7.13 -6.53 -9.30
C GLU A 32 -7.43 -5.47 -10.37
N ASP A 33 -8.56 -4.76 -10.18
CA ASP A 33 -8.98 -3.69 -11.10
C ASP A 33 -7.85 -2.68 -11.23
N ILE A 34 -7.26 -2.34 -10.08
CA ILE A 34 -6.13 -1.43 -10.08
C ILE A 34 -4.99 -2.04 -10.92
N ARG A 35 -4.63 -3.29 -10.66
CA ARG A 35 -3.52 -3.90 -11.41
C ARG A 35 -3.82 -3.81 -12.92
N ARG A 36 -5.04 -4.17 -13.29
CA ARG A 36 -5.45 -4.10 -14.67
C ARG A 36 -5.22 -2.73 -15.24
N LEU A 37 -5.66 -1.71 -14.52
CA LEU A 37 -5.46 -0.35 -15.01
C LEU A 37 -3.99 -0.07 -15.13
N HIS A 38 -3.23 -0.43 -14.11
CA HIS A 38 -1.81 -0.17 -14.19
C HIS A 38 -1.03 -1.01 -15.22
N ALA A 39 -1.44 -2.27 -15.45
CA ALA A 39 -0.69 -3.14 -16.38
C ALA A 39 -0.81 -2.53 -17.76
N GLU A 40 -1.96 -1.85 -17.96
CA GLU A 40 -2.19 -1.10 -19.22
C GLU A 40 -1.10 0.00 -19.07
N PHE A 41 -1.25 0.85 -18.04
CA PHE A 41 -0.29 1.93 -17.79
C PHE A 41 1.19 1.64 -18.04
N ALA A 42 1.75 0.61 -17.39
CA ALA A 42 3.16 0.23 -17.50
C ALA A 42 3.64 0.11 -18.92
N ALA A 43 2.84 -0.70 -19.61
CA ALA A 43 2.91 -1.11 -20.98
C ALA A 43 2.51 0.04 -21.88
N GLU A 44 1.62 0.90 -21.39
CA GLU A 44 1.27 2.00 -22.27
C GLU A 44 2.50 2.88 -22.27
N ARG A 45 3.37 2.59 -21.32
CA ARG A 45 4.58 3.35 -21.23
C ARG A 45 5.85 2.64 -21.67
N ASP A 46 6.96 3.33 -21.47
CA ASP A 46 8.28 2.83 -21.76
C ASP A 46 8.49 1.59 -20.90
N TRP A 47 8.93 0.53 -21.56
CA TRP A 47 9.13 -0.75 -20.88
C TRP A 47 9.74 -0.78 -19.48
N GLU A 48 11.06 -0.71 -19.41
CA GLU A 48 11.76 -0.80 -18.14
C GLU A 48 11.52 0.37 -17.20
N GLN A 49 10.85 1.40 -17.67
CA GLN A 49 10.59 2.52 -16.80
C GLN A 49 9.50 2.08 -15.81
N PHE A 50 8.48 1.42 -16.34
CA PHE A 50 7.42 0.96 -15.46
C PHE A 50 7.40 -0.54 -15.31
N HIS A 51 8.47 -1.21 -15.77
CA HIS A 51 8.52 -2.65 -15.62
C HIS A 51 9.69 -3.20 -14.76
N GLN A 52 10.74 -2.43 -14.52
CA GLN A 52 11.77 -2.97 -13.63
C GLN A 52 11.25 -3.01 -12.17
N PRO A 53 11.37 -4.18 -11.52
CA PRO A 53 10.85 -4.21 -10.14
C PRO A 53 11.43 -3.03 -9.34
N ARG A 54 12.71 -2.72 -9.56
CA ARG A 54 13.34 -1.62 -8.83
C ARG A 54 12.84 -0.26 -9.35
N ASN A 55 12.23 -0.26 -10.54
CA ASN A 55 11.62 0.97 -11.06
C ASN A 55 10.37 1.22 -10.21
N LEU A 56 9.65 0.14 -9.86
CA LEU A 56 8.44 0.23 -9.07
C LEU A 56 8.70 0.45 -7.57
N LEU A 57 9.60 -0.38 -7.03
CA LEU A 57 9.99 -0.35 -5.63
C LEU A 57 10.58 1.00 -5.23
N LEU A 58 11.36 1.63 -6.11
CA LEU A 58 11.94 2.93 -5.82
C LEU A 58 10.89 4.02 -5.79
N ALA A 59 9.96 3.99 -6.76
CA ALA A 59 8.91 4.99 -6.79
C ALA A 59 8.03 4.79 -5.52
N LEU A 60 7.62 3.54 -5.27
CA LEU A 60 6.85 3.20 -4.06
C LEU A 60 7.52 4.01 -2.96
N VAL A 61 8.85 3.89 -2.89
CA VAL A 61 9.63 4.64 -1.91
C VAL A 61 9.26 6.07 -2.18
N GLY A 62 9.50 6.46 -3.43
CA GLY A 62 9.23 7.80 -3.87
C GLY A 62 7.94 8.35 -3.27
N GLU A 63 7.09 7.40 -2.85
CA GLU A 63 5.80 7.66 -2.19
C GLU A 63 5.90 7.59 -0.64
N VAL A 64 6.59 6.62 -0.09
CA VAL A 64 6.67 6.57 1.37
C VAL A 64 7.20 7.93 1.87
N GLY A 65 8.31 8.36 1.28
CA GLY A 65 8.84 9.65 1.64
C GLY A 65 7.99 10.75 1.00
N GLU A 66 7.49 10.56 -0.22
CA GLU A 66 6.73 11.63 -0.89
C GLU A 66 5.57 11.95 -0.02
N LEU A 67 4.94 10.89 0.47
CA LEU A 67 3.79 10.97 1.34
C LEU A 67 4.27 11.39 2.71
N ALA A 68 5.54 11.14 2.99
CA ALA A 68 6.09 11.53 4.27
C ALA A 68 6.33 13.04 4.26
N GLU A 69 5.85 13.71 3.25
CA GLU A 69 6.14 15.12 3.29
C GLU A 69 4.93 15.90 3.81
N LEU A 70 3.74 15.33 3.76
CA LEU A 70 2.59 16.07 4.27
C LEU A 70 2.62 16.06 5.79
N PHE A 71 3.20 14.98 6.31
CA PHE A 71 3.30 14.69 7.75
C PHE A 71 4.50 15.18 8.48
N GLN A 72 5.66 15.17 7.78
CA GLN A 72 6.92 15.52 8.40
C GLN A 72 6.90 16.72 9.33
N TRP A 73 6.60 17.87 8.75
CA TRP A 73 6.55 19.11 9.46
C TRP A 73 5.07 19.27 9.62
N LYS A 74 4.42 18.24 10.23
CA LYS A 74 2.96 18.25 10.50
C LYS A 74 2.52 17.80 11.90
N SER A 75 2.60 18.75 12.82
CA SER A 75 2.31 18.57 14.24
C SER A 75 1.05 17.78 14.55
N ASP A 76 1.20 16.70 15.31
CA ASP A 76 0.05 15.89 15.65
C ASP A 76 -0.73 16.63 16.74
N THR A 77 -0.20 17.83 17.08
CA THR A 77 -0.74 18.75 18.08
C THR A 77 -1.74 19.74 17.47
N GLU A 78 -1.69 19.95 16.14
CA GLU A 78 -2.58 20.86 15.40
C GLU A 78 -3.72 20.01 14.82
N PRO A 79 -4.75 20.64 14.20
CA PRO A 79 -5.81 19.77 13.66
C PRO A 79 -5.16 18.70 12.78
N GLY A 80 -5.58 17.45 12.94
CA GLY A 80 -5.06 16.32 12.18
C GLY A 80 -5.30 16.35 10.68
N PRO A 81 -4.94 15.28 9.96
CA PRO A 81 -5.08 15.14 8.48
C PRO A 81 -6.40 15.73 7.89
N GLN A 82 -7.52 15.23 8.38
CA GLN A 82 -8.84 15.66 7.94
C GLN A 82 -9.09 17.17 8.05
N ALA A 83 -8.41 17.83 8.97
CA ALA A 83 -8.58 19.28 9.16
C ALA A 83 -7.35 20.10 8.71
N TRP A 84 -6.68 19.61 7.67
CA TRP A 84 -5.53 20.33 7.13
C TRP A 84 -6.06 21.29 6.08
N PRO A 85 -5.19 22.17 5.55
CA PRO A 85 -5.55 23.14 4.51
C PRO A 85 -5.70 22.44 3.14
N PRO A 86 -6.82 22.68 2.42
CA PRO A 86 -7.09 22.08 1.11
C PRO A 86 -5.88 21.62 0.33
N LYS A 87 -4.93 22.52 0.09
CA LYS A 87 -3.72 22.17 -0.65
C LYS A 87 -3.08 20.93 -0.01
N GLU A 88 -2.95 20.94 1.32
CA GLU A 88 -2.38 19.79 2.03
C GLU A 88 -3.29 18.56 1.87
N ARG A 89 -4.55 18.80 1.51
CA ARG A 89 -5.48 17.73 1.24
C ARG A 89 -5.36 17.31 -0.20
N ALA A 90 -5.17 18.30 -1.06
CA ALA A 90 -5.03 18.05 -2.49
C ALA A 90 -3.87 17.02 -2.58
N ALA A 91 -2.78 17.38 -1.90
CA ALA A 91 -1.57 16.58 -1.82
C ALA A 91 -1.73 15.19 -1.16
N LEU A 92 -2.37 15.13 0.02
CA LEU A 92 -2.56 13.88 0.77
C LEU A 92 -3.16 12.79 -0.10
N GLN A 93 -4.26 13.12 -0.73
CA GLN A 93 -5.01 12.23 -1.60
C GLN A 93 -4.17 11.80 -2.80
N GLU A 94 -2.98 12.40 -2.87
CA GLU A 94 -2.03 12.11 -3.96
C GLU A 94 -1.02 11.04 -3.57
N GLU A 95 -0.19 11.36 -2.56
CA GLU A 95 0.83 10.43 -2.17
C GLU A 95 0.24 9.10 -1.71
N LEU A 96 -0.83 9.17 -0.90
CA LEU A 96 -1.48 7.95 -0.44
C LEU A 96 -1.84 7.13 -1.68
N SER A 97 -2.61 7.74 -2.57
CA SER A 97 -3.00 7.06 -3.80
C SER A 97 -1.76 6.65 -4.64
N ASP A 98 -0.76 7.54 -4.75
CA ASP A 98 0.43 7.21 -5.56
C ASP A 98 1.05 5.97 -4.99
N VAL A 99 0.97 5.83 -3.66
CA VAL A 99 1.49 4.65 -3.02
C VAL A 99 0.75 3.39 -3.53
N LEU A 100 -0.56 3.36 -3.33
CA LEU A 100 -1.37 2.19 -3.70
C LEU A 100 -1.01 1.78 -5.11
N ILE A 101 -0.83 2.78 -5.96
CA ILE A 101 -0.49 2.49 -7.34
C ILE A 101 0.86 1.80 -7.45
N TYR A 102 1.89 2.40 -6.87
CA TYR A 102 3.20 1.78 -6.96
C TYR A 102 3.36 0.53 -6.10
N LEU A 103 2.43 0.32 -5.15
CA LEU A 103 2.44 -0.88 -4.34
C LEU A 103 1.80 -1.96 -5.20
N VAL A 104 0.70 -1.59 -5.86
CA VAL A 104 -0.01 -2.53 -6.72
C VAL A 104 0.86 -2.96 -7.93
N ALA A 105 1.67 -2.01 -8.40
CA ALA A 105 2.56 -2.26 -9.55
C ALA A 105 3.64 -3.30 -9.15
N LEU A 106 4.18 -3.17 -7.94
CA LEU A 106 5.18 -4.10 -7.43
C LEU A 106 4.60 -5.50 -7.17
N ALA A 107 3.35 -5.57 -6.70
CA ALA A 107 2.73 -6.85 -6.41
C ALA A 107 2.61 -7.62 -7.70
N ALA A 108 2.14 -6.90 -8.70
CA ALA A 108 1.97 -7.49 -10.03
C ALA A 108 3.28 -7.96 -10.62
N ARG A 109 4.26 -7.07 -10.75
CA ARG A 109 5.54 -7.45 -11.32
C ARG A 109 6.11 -8.73 -10.66
N CYS A 110 5.83 -8.92 -9.35
CA CYS A 110 6.32 -10.09 -8.58
C CYS A 110 5.47 -11.38 -8.57
N HIS A 111 4.28 -11.31 -9.18
CA HIS A 111 3.33 -12.44 -9.25
C HIS A 111 3.01 -13.00 -7.87
N VAL A 112 2.91 -12.10 -6.90
CA VAL A 112 2.55 -12.53 -5.57
C VAL A 112 1.04 -12.37 -5.49
N ASP A 113 0.32 -13.42 -5.08
CA ASP A 113 -1.13 -13.33 -4.98
C ASP A 113 -1.44 -12.39 -3.75
N LEU A 114 -1.29 -11.10 -3.98
CA LEU A 114 -1.46 -10.02 -2.99
C LEU A 114 -2.72 -10.12 -2.11
N PRO A 115 -3.90 -10.27 -2.73
CA PRO A 115 -5.10 -10.37 -1.90
C PRO A 115 -4.99 -11.56 -0.99
N GLN A 116 -4.52 -12.69 -1.53
CA GLN A 116 -4.39 -13.84 -0.69
C GLN A 116 -3.26 -13.71 0.35
N ALA A 117 -2.12 -13.15 -0.07
CA ALA A 117 -0.95 -12.97 0.76
C ALA A 117 -1.31 -12.21 2.05
N VAL A 118 -2.01 -11.08 1.88
CA VAL A 118 -2.42 -10.25 3.00
C VAL A 118 -3.32 -11.06 3.98
N ILE A 119 -4.16 -11.94 3.44
CA ILE A 119 -4.99 -12.78 4.30
C ILE A 119 -4.17 -13.94 4.88
N SER A 120 -3.04 -14.26 4.28
CA SER A 120 -2.20 -15.32 4.84
C SER A 120 -1.24 -14.70 5.85
N LYS A 121 -0.76 -13.50 5.51
CA LYS A 121 0.11 -12.75 6.41
C LYS A 121 -0.71 -12.46 7.64
N MSE A 122 -2.01 -12.26 7.43
CA MSE A 122 -2.94 -11.96 8.51
C MSE A 122 -3.19 -13.05 9.50
O MSE A 122 -3.41 -12.77 10.69
CB MSE A 122 -4.27 -11.46 7.95
CG MSE A 122 -4.23 -9.97 7.77
SE MSE A 122 -3.11 -9.31 9.16
CE MSE A 122 -4.48 -8.96 10.50
N ASP A 123 -3.17 -14.29 9.03
CA ASP A 123 -3.39 -15.42 9.91
C ASP A 123 -2.17 -15.42 10.86
N THR A 124 -1.00 -15.32 10.27
CA THR A 124 0.26 -15.28 11.02
C THR A 124 0.34 -14.14 12.05
N ASN A 125 -0.02 -12.94 11.62
CA ASN A 125 -0.03 -11.78 12.52
C ASN A 125 -0.98 -12.17 13.63
N ARG A 126 -2.19 -12.57 13.23
CA ARG A 126 -3.16 -12.95 14.21
C ARG A 126 -2.59 -14.04 15.13
N GLN A 127 -1.38 -14.53 14.83
CA GLN A 127 -0.75 -15.54 15.67
C GLN A 127 0.32 -14.90 16.57
N ARG A 128 1.01 -13.91 16.02
CA ARG A 128 2.09 -13.17 16.69
C ARG A 128 1.66 -12.59 18.06
N TYR A 129 0.64 -11.74 17.99
CA TYR A 129 0.04 -11.04 19.13
C TYR A 129 -1.42 -11.60 19.34
N PRO A 130 -1.61 -12.55 20.26
CA PRO A 130 -2.93 -13.14 20.53
C PRO A 130 -3.94 -12.09 20.94
N VAL A 131 -5.24 -12.39 20.83
CA VAL A 131 -6.26 -11.43 21.27
C VAL A 131 -6.06 -10.96 22.73
N HIS A 132 -6.61 -9.79 22.97
CA HIS A 132 -6.55 -9.08 24.21
C HIS A 132 -7.87 -9.20 25.06
N LEU A 133 -8.02 -10.30 25.83
CA LEU A 133 -9.23 -10.58 26.68
C LEU A 133 -9.30 -9.73 27.96
N SER A 134 -10.04 -10.24 28.95
CA SER A 134 -10.20 -9.55 30.26
C SER A 134 -9.46 -10.29 31.41
N PRO B 22 -1.71 -17.18 -16.95
CA PRO B 22 -1.57 -15.72 -16.99
C PRO B 22 -1.74 -15.15 -15.56
N PHE B 23 -0.69 -14.62 -14.93
CA PHE B 23 -0.84 -14.11 -13.55
C PHE B 23 -2.01 -13.20 -13.27
N ARG B 24 -2.81 -13.49 -12.24
CA ARG B 24 -3.87 -12.56 -11.86
C ARG B 24 -4.12 -12.53 -10.33
N PHE B 25 -4.83 -11.52 -9.83
CA PHE B 25 -5.12 -11.47 -8.40
C PHE B 25 -6.43 -12.07 -8.01
N SER B 26 -6.42 -12.88 -6.95
CA SER B 26 -7.63 -13.47 -6.43
C SER B 26 -8.56 -12.32 -6.37
N PRO B 27 -9.83 -12.61 -6.42
CA PRO B 27 -10.83 -11.56 -6.37
C PRO B 27 -10.92 -10.91 -5.03
N GLU B 28 -10.44 -11.60 -3.99
CA GLU B 28 -10.50 -11.05 -2.62
C GLU B 28 -9.48 -11.69 -1.70
N PRO B 29 -9.17 -11.04 -0.59
CA PRO B 29 -9.77 -9.78 -0.18
C PRO B 29 -9.58 -8.61 -1.12
N THR B 30 -10.50 -7.70 -0.88
CA THR B 30 -10.62 -6.43 -1.49
C THR B 30 -9.92 -5.60 -0.40
N LEU B 31 -9.62 -4.33 -0.71
CA LEU B 31 -8.95 -3.44 0.27
C LEU B 31 -9.87 -3.17 1.46
N GLU B 32 -11.15 -3.46 1.20
CA GLU B 32 -12.26 -3.28 2.13
C GLU B 32 -12.31 -4.54 2.95
N ASP B 33 -12.24 -5.67 2.25
CA ASP B 33 -12.19 -6.93 2.96
C ASP B 33 -11.03 -6.61 3.99
N ILE B 34 -9.82 -6.32 3.46
CA ILE B 34 -8.66 -6.01 4.25
C ILE B 34 -8.88 -4.91 5.32
N ARG B 35 -9.49 -3.81 4.89
CA ARG B 35 -9.74 -2.69 5.80
C ARG B 35 -10.44 -3.19 7.07
N ARG B 36 -11.55 -3.93 6.90
CA ARG B 36 -12.32 -4.46 8.05
C ARG B 36 -11.45 -5.38 8.90
N LEU B 37 -10.77 -6.34 8.27
CA LEU B 37 -9.94 -7.25 9.06
C LEU B 37 -9.11 -6.54 10.11
N HIS B 38 -8.00 -6.00 9.63
CA HIS B 38 -7.10 -5.27 10.49
C HIS B 38 -7.83 -4.22 11.39
N ALA B 39 -8.96 -3.68 10.90
CA ALA B 39 -9.70 -2.64 11.65
C ALA B 39 -10.21 -3.22 12.98
N GLU B 40 -10.88 -4.36 12.85
CA GLU B 40 -11.38 -5.10 14.00
C GLU B 40 -10.14 -5.78 14.66
N PHE B 41 -9.17 -6.16 13.83
CA PHE B 41 -7.97 -6.86 14.33
C PHE B 41 -7.30 -6.12 15.47
N ALA B 42 -7.62 -4.83 15.59
CA ALA B 42 -7.10 -4.00 16.66
C ALA B 42 -8.28 -3.25 17.27
N ALA B 43 -9.43 -3.28 16.61
CA ALA B 43 -10.56 -2.57 17.19
C ALA B 43 -10.75 -3.15 18.56
N GLU B 44 -10.47 -4.45 18.68
CA GLU B 44 -10.61 -5.18 19.95
C GLU B 44 -9.30 -5.92 20.28
N ARG B 45 -8.24 -5.11 20.35
CA ARG B 45 -6.83 -5.43 20.65
C ARG B 45 -6.17 -4.10 21.11
N ASP B 46 -4.99 -3.84 20.57
CA ASP B 46 -4.30 -2.57 20.88
C ASP B 46 -4.87 -1.55 19.93
N TRP B 47 -5.90 -0.85 20.39
CA TRP B 47 -6.52 0.16 19.56
C TRP B 47 -5.59 1.34 19.47
N GLU B 48 -5.12 1.81 20.63
CA GLU B 48 -4.25 2.98 20.69
C GLU B 48 -2.78 2.92 20.13
N GLN B 49 -2.11 1.76 20.09
CA GLN B 49 -0.71 1.62 19.57
C GLN B 49 -0.75 1.69 18.02
N PHE B 50 -1.22 0.61 17.41
CA PHE B 50 -1.42 0.52 15.95
C PHE B 50 -2.58 1.58 15.72
N HIS B 51 -2.64 2.65 16.52
CA HIS B 51 -3.65 3.69 16.37
C HIS B 51 -3.08 5.04 15.89
N GLN B 52 -2.05 5.51 16.54
CA GLN B 52 -1.48 6.78 16.14
C GLN B 52 -1.07 6.72 14.70
N PRO B 53 -1.42 7.78 13.98
CA PRO B 53 -1.09 7.87 12.54
C PRO B 53 0.37 7.46 12.33
N ARG B 54 1.27 8.21 13.00
CA ARG B 54 2.74 8.02 12.91
C ARG B 54 3.27 6.65 13.36
N ASN B 55 2.47 5.91 14.11
CA ASN B 55 2.90 4.58 14.46
C ASN B 55 2.81 3.81 13.12
N LEU B 56 1.57 3.70 12.62
CA LEU B 56 1.31 3.00 11.38
C LEU B 56 2.19 3.60 10.20
N LEU B 57 2.74 4.82 10.32
CA LEU B 57 3.54 5.33 9.20
C LEU B 57 4.93 4.74 9.22
N LEU B 58 5.54 4.76 10.39
CA LEU B 58 6.88 4.21 10.63
C LEU B 58 6.80 2.66 10.52
N ALA B 59 5.70 2.09 10.98
CA ALA B 59 5.52 0.66 10.92
C ALA B 59 5.48 0.45 9.45
N LEU B 60 4.87 1.38 8.75
CA LEU B 60 4.81 1.25 7.31
C LEU B 60 6.33 1.36 6.89
N VAL B 61 7.04 2.45 7.27
CA VAL B 61 8.44 2.58 6.94
C VAL B 61 9.23 1.35 7.37
N GLY B 62 8.90 0.69 8.48
CA GLY B 62 9.66 -0.50 8.76
C GLY B 62 9.54 -1.46 7.57
N GLU B 63 8.31 -1.85 7.27
CA GLU B 63 8.01 -2.80 6.19
C GLU B 63 8.44 -2.47 4.76
N VAL B 64 8.05 -1.30 4.23
CA VAL B 64 8.46 -0.96 2.85
C VAL B 64 10.01 -0.99 2.79
N GLY B 65 10.66 -0.64 3.90
CA GLY B 65 12.10 -0.73 3.95
C GLY B 65 12.50 -2.19 4.03
N GLU B 66 11.77 -3.02 4.77
CA GLU B 66 12.10 -4.47 4.88
C GLU B 66 12.16 -5.12 3.48
N LEU B 67 11.26 -4.67 2.60
CA LEU B 67 11.19 -5.13 1.22
C LEU B 67 12.60 -4.82 0.73
N ALA B 68 13.05 -3.60 1.02
CA ALA B 68 14.40 -3.20 0.66
C ALA B 68 15.33 -4.17 1.41
N GLU B 69 14.96 -4.59 2.62
CA GLU B 69 15.79 -5.52 3.39
C GLU B 69 15.88 -6.86 2.60
N LEU B 70 14.97 -7.06 1.62
CA LEU B 70 14.90 -8.26 0.72
C LEU B 70 15.72 -8.24 -0.62
N PHE B 71 15.78 -7.09 -1.30
CA PHE B 71 16.49 -7.07 -2.58
C PHE B 71 17.99 -6.69 -2.42
N GLN B 72 18.22 -5.56 -1.73
CA GLN B 72 19.56 -5.03 -1.50
C GLN B 72 20.74 -5.73 -2.17
N TRP B 73 21.00 -6.98 -1.81
CA TRP B 73 22.16 -7.69 -2.37
C TRP B 73 21.77 -8.58 -3.55
N LYS B 74 20.56 -8.40 -4.04
CA LYS B 74 20.10 -9.22 -5.16
C LYS B 74 20.29 -8.54 -6.51
N SER B 75 20.99 -9.24 -7.40
CA SER B 75 21.21 -8.71 -8.74
C SER B 75 19.87 -8.86 -9.44
N ASP B 76 19.58 -7.95 -10.38
CA ASP B 76 18.32 -8.06 -11.11
C ASP B 76 18.73 -8.94 -12.30
N THR B 77 20.01 -9.35 -12.22
CA THR B 77 20.75 -10.21 -13.14
C THR B 77 20.40 -11.65 -12.81
N GLU B 78 20.37 -11.93 -11.48
CA GLU B 78 20.04 -13.27 -10.95
C GLU B 78 18.51 -13.54 -11.04
N PRO B 79 18.03 -14.69 -10.49
CA PRO B 79 16.58 -14.95 -10.57
C PRO B 79 15.77 -13.90 -9.83
N GLY B 80 14.52 -13.72 -10.25
CA GLY B 80 13.65 -12.71 -9.66
C GLY B 80 12.71 -13.24 -8.61
N PRO B 81 12.04 -12.37 -7.81
CA PRO B 81 11.11 -12.85 -6.78
C PRO B 81 10.48 -14.11 -7.35
N GLN B 82 9.86 -13.94 -8.50
CA GLN B 82 9.20 -15.04 -9.21
C GLN B 82 9.99 -16.34 -9.09
N ALA B 83 11.32 -16.23 -9.12
CA ALA B 83 12.27 -17.37 -9.04
C ALA B 83 13.21 -17.29 -7.79
N TRP B 84 13.12 -16.15 -7.09
CA TRP B 84 13.84 -15.90 -5.82
C TRP B 84 13.27 -16.93 -4.84
N PRO B 85 13.99 -18.04 -4.58
CA PRO B 85 13.67 -19.21 -3.70
C PRO B 85 12.58 -19.02 -2.65
N PRO B 86 12.02 -20.13 -2.12
CA PRO B 86 10.97 -20.03 -1.10
C PRO B 86 11.23 -18.87 -0.14
N LYS B 87 11.70 -19.23 1.05
CA LYS B 87 12.02 -18.27 2.10
C LYS B 87 11.94 -16.80 1.62
N GLU B 88 12.56 -16.48 0.50
CA GLU B 88 12.54 -15.12 -0.06
C GLU B 88 11.14 -14.75 -0.51
N ARG B 89 10.52 -15.62 -1.29
CA ARG B 89 9.16 -15.37 -1.73
C ARG B 89 8.39 -15.31 -0.42
N ALA B 90 8.48 -16.38 0.36
CA ALA B 90 7.84 -16.44 1.64
C ALA B 90 8.08 -15.12 2.38
N ALA B 91 9.31 -14.65 2.41
CA ALA B 91 9.55 -13.42 3.14
C ALA B 91 8.85 -12.26 2.42
N LEU B 92 8.83 -12.36 1.09
CA LEU B 92 8.22 -11.37 0.20
C LEU B 92 6.71 -11.23 0.32
N GLN B 93 5.99 -12.32 0.12
CA GLN B 93 4.53 -12.27 0.23
C GLN B 93 4.29 -11.47 1.51
N GLU B 94 5.26 -11.52 2.41
CA GLU B 94 5.10 -10.81 3.68
C GLU B 94 5.17 -9.28 3.64
N GLU B 95 6.35 -8.69 3.39
CA GLU B 95 6.46 -7.22 3.42
C GLU B 95 5.37 -6.61 2.55
N LEU B 96 5.17 -7.24 1.39
CA LEU B 96 4.16 -6.77 0.49
C LEU B 96 2.80 -6.74 1.17
N SER B 97 2.51 -7.76 1.97
CA SER B 97 1.23 -7.78 2.66
C SER B 97 1.13 -6.71 3.75
N ASP B 98 2.16 -6.55 4.59
CA ASP B 98 2.11 -5.52 5.66
C ASP B 98 2.19 -4.10 5.10
N VAL B 99 3.04 -3.90 4.10
CA VAL B 99 3.11 -2.61 3.51
C VAL B 99 1.65 -2.33 3.09
N LEU B 100 0.97 -3.38 2.63
CA LEU B 100 -0.41 -3.17 2.24
C LEU B 100 -1.23 -2.97 3.51
N ILE B 101 -1.27 -3.98 4.39
CA ILE B 101 -2.03 -3.79 5.63
C ILE B 101 -1.72 -2.45 6.27
N TYR B 102 -0.46 -2.12 6.49
CA TYR B 102 -0.20 -0.82 7.12
C TYR B 102 -0.68 0.31 6.24
N LEU B 103 -0.59 0.14 4.92
CA LEU B 103 -1.00 1.23 4.03
C LEU B 103 -2.49 1.50 4.17
N VAL B 104 -3.28 0.43 4.12
CA VAL B 104 -4.74 0.54 4.26
C VAL B 104 -5.08 1.12 5.61
N ALA B 105 -4.41 0.69 6.66
CA ALA B 105 -4.71 1.25 8.01
C ALA B 105 -4.42 2.75 8.15
N LEU B 106 -3.36 3.23 7.50
CA LEU B 106 -3.00 4.65 7.56
C LEU B 106 -3.94 5.48 6.70
N ALA B 107 -4.37 4.92 5.57
CA ALA B 107 -5.27 5.64 4.67
C ALA B 107 -6.57 5.75 5.45
N ALA B 108 -6.91 4.70 6.20
CA ALA B 108 -8.14 4.74 7.03
C ALA B 108 -7.86 5.59 8.25
N ARG B 109 -6.75 5.40 8.92
CA ARG B 109 -6.54 6.31 10.04
C ARG B 109 -6.56 7.76 9.54
N CYS B 110 -6.58 7.92 8.21
CA CYS B 110 -6.58 9.22 7.51
C CYS B 110 -7.75 9.44 6.58
N HIS B 111 -8.94 9.13 7.08
CA HIS B 111 -10.19 9.26 6.37
C HIS B 111 -10.07 9.47 4.85
N VAL B 112 -9.10 8.78 4.27
CA VAL B 112 -8.88 8.86 2.86
C VAL B 112 -9.42 7.54 2.29
N ASP B 113 -10.43 7.65 1.43
CA ASP B 113 -11.01 6.45 0.86
C ASP B 113 -10.12 5.96 -0.28
N LEU B 114 -8.96 5.44 0.06
CA LEU B 114 -7.97 5.01 -0.92
C LEU B 114 -8.31 4.59 -2.37
N PRO B 115 -9.35 3.78 -2.59
CA PRO B 115 -9.64 3.39 -3.98
C PRO B 115 -10.05 4.44 -5.01
N GLN B 116 -10.98 5.32 -4.66
CA GLN B 116 -11.42 6.32 -5.64
C GLN B 116 -10.32 7.35 -5.95
N ALA B 117 -9.54 7.65 -4.92
CA ALA B 117 -8.46 8.60 -5.01
C ALA B 117 -7.45 8.05 -6.02
N VAL B 118 -7.04 6.81 -5.80
CA VAL B 118 -6.10 6.16 -6.71
C VAL B 118 -6.49 6.40 -8.19
N ILE B 119 -7.80 6.44 -8.46
CA ILE B 119 -8.28 6.71 -9.82
C ILE B 119 -7.74 8.10 -10.15
N SER B 120 -8.09 9.05 -9.30
CA SER B 120 -7.64 10.43 -9.47
C SER B 120 -6.10 10.54 -9.48
N LYS B 121 -5.41 9.63 -8.78
CA LYS B 121 -3.96 9.65 -8.76
C LYS B 121 -3.41 8.94 -9.99
N MSE B 122 -4.02 7.81 -10.37
CA MSE B 122 -3.56 7.08 -11.53
C MSE B 122 -3.82 8.00 -12.71
O MSE B 122 -3.15 7.91 -13.77
CB MSE B 122 -4.33 5.75 -11.76
CG MSE B 122 -4.15 4.66 -10.69
SE MSE B 122 -4.86 2.94 -11.28
CE MSE B 122 -3.41 2.39 -12.46
N ASP B 123 -4.78 8.91 -12.52
CA ASP B 123 -5.05 9.81 -13.62
C ASP B 123 -4.03 10.94 -13.73
N THR B 124 -3.34 11.23 -12.61
CA THR B 124 -2.31 12.26 -12.60
C THR B 124 -0.99 11.88 -13.24
N ASN B 125 -0.54 10.64 -13.03
CA ASN B 125 0.73 10.12 -13.55
C ASN B 125 0.99 10.08 -15.07
N ARG B 126 -0.05 10.40 -15.84
CA ARG B 126 0.00 10.43 -17.29
C ARG B 126 0.61 11.76 -17.75
N GLN B 127 0.01 12.88 -17.31
CA GLN B 127 0.53 14.22 -17.56
C GLN B 127 1.02 14.68 -16.18
N ARG B 128 2.09 14.03 -15.72
CA ARG B 128 2.76 14.26 -14.43
C ARG B 128 4.23 13.79 -14.49
N TYR B 129 4.82 13.78 -15.71
CA TYR B 129 6.25 13.39 -16.05
C TYR B 129 6.49 13.83 -17.56
N PRO B 130 7.09 15.04 -17.87
CA PRO B 130 7.34 15.55 -19.25
C PRO B 130 8.24 14.85 -20.28
N PRO A 22 -19.23 7.70 9.09
CA PRO A 22 -19.30 6.23 8.97
C PRO A 22 -18.62 5.77 7.70
N PHE A 23 -17.82 6.70 7.15
CA PHE A 23 -16.97 6.55 5.96
C PHE A 23 -16.65 5.08 5.74
N ARG A 24 -16.23 4.78 4.54
CA ARG A 24 -15.86 3.41 4.23
C ARG A 24 -15.15 3.57 2.90
N PHE A 25 -14.52 2.52 2.38
CA PHE A 25 -13.91 2.67 1.06
C PHE A 25 -14.99 2.31 0.06
N SER A 26 -15.11 3.10 -1.00
CA SER A 26 -16.05 2.77 -2.04
C SER A 26 -15.68 1.34 -2.44
N PRO A 27 -16.70 0.56 -2.79
CA PRO A 27 -16.59 -0.84 -3.20
C PRO A 27 -15.68 -1.03 -4.41
N GLU A 28 -15.69 -0.07 -5.32
CA GLU A 28 -14.88 -0.15 -6.53
C GLU A 28 -14.00 1.11 -6.66
N PRO A 29 -12.78 1.02 -7.25
CA PRO A 29 -12.09 -0.12 -7.87
C PRO A 29 -11.43 -1.17 -6.92
N THR A 30 -11.37 -2.41 -7.41
CA THR A 30 -10.71 -3.52 -6.72
C THR A 30 -9.18 -3.37 -6.95
N LEU A 31 -8.41 -4.05 -6.12
CA LEU A 31 -6.96 -4.11 -6.27
C LEU A 31 -6.64 -4.63 -7.69
N GLU A 32 -7.49 -5.57 -8.14
CA GLU A 32 -7.36 -6.13 -9.46
C GLU A 32 -7.64 -5.01 -10.47
N ASP A 33 -8.60 -4.14 -10.16
CA ASP A 33 -8.96 -3.04 -11.04
C ASP A 33 -7.79 -2.07 -11.17
N ILE A 34 -7.21 -1.67 -10.03
CA ILE A 34 -6.08 -0.78 -10.14
C ILE A 34 -4.94 -1.44 -10.94
N ARG A 35 -4.74 -2.75 -10.81
CA ARG A 35 -3.64 -3.39 -11.56
C ARG A 35 -3.86 -3.18 -13.09
N ARG A 36 -5.09 -3.40 -13.52
CA ARG A 36 -5.48 -3.18 -14.90
C ARG A 36 -5.18 -1.74 -15.33
N LEU A 37 -5.82 -0.78 -14.67
CA LEU A 37 -5.59 0.63 -14.99
C LEU A 37 -4.12 0.91 -15.14
N HIS A 38 -3.39 0.60 -14.08
CA HIS A 38 -1.96 0.78 -14.11
C HIS A 38 -1.38 0.00 -15.32
N ALA A 39 -1.96 -1.15 -15.62
CA ALA A 39 -1.44 -1.93 -16.71
C ALA A 39 -1.60 -1.11 -17.99
N GLU A 40 -2.78 -0.54 -18.15
CA GLU A 40 -3.14 0.30 -19.31
C GLU A 40 -2.27 1.58 -19.33
N PHE A 41 -2.21 2.26 -18.18
CA PHE A 41 -1.40 3.45 -18.06
C PHE A 41 0.09 3.17 -18.49
N ALA A 42 0.55 1.98 -18.13
CA ALA A 42 1.91 1.51 -18.39
C ALA A 42 2.11 0.96 -19.79
N ALA A 43 1.10 0.24 -20.29
CA ALA A 43 1.20 -0.32 -21.63
C ALA A 43 1.18 0.84 -22.65
N GLU A 44 0.38 1.86 -22.36
CA GLU A 44 0.28 3.01 -23.27
C GLU A 44 1.64 3.73 -23.34
N ARG A 45 2.51 3.40 -22.40
CA ARG A 45 3.81 4.05 -22.37
C ARG A 45 5.03 3.10 -22.46
N ASP A 46 6.07 3.55 -21.77
CA ASP A 46 7.40 2.99 -21.56
C ASP A 46 7.27 1.69 -20.72
N TRP A 47 7.15 0.55 -21.42
CA TRP A 47 7.00 -0.74 -20.79
C TRP A 47 7.62 -0.80 -19.41
N GLU A 48 8.74 -1.53 -19.39
CA GLU A 48 9.62 -1.79 -18.27
C GLU A 48 9.78 -0.61 -17.37
N GLN A 49 10.10 0.55 -17.93
CA GLN A 49 10.26 1.70 -17.05
C GLN A 49 9.15 1.53 -15.99
N PHE A 50 7.96 1.13 -16.43
CA PHE A 50 6.91 0.86 -15.46
C PHE A 50 6.89 -0.61 -15.05
N HIS A 51 7.72 -1.42 -15.73
CA HIS A 51 7.87 -2.85 -15.43
C HIS A 51 9.17 -3.22 -14.65
N GLN A 52 10.15 -2.34 -14.59
CA GLN A 52 11.33 -2.67 -13.78
C GLN A 52 10.89 -2.76 -12.28
N PRO A 53 11.10 -3.94 -11.64
CA PRO A 53 10.68 -4.05 -10.24
C PRO A 53 11.31 -2.95 -9.40
N ARG A 54 12.58 -2.61 -9.69
CA ARG A 54 13.25 -1.59 -8.89
C ARG A 54 12.86 -0.11 -9.19
N ASN A 55 12.28 0.19 -10.37
CA ASN A 55 11.82 1.57 -10.58
C ASN A 55 10.62 1.75 -9.64
N LEU A 56 9.55 0.99 -9.96
CA LEU A 56 8.26 0.90 -9.29
C LEU A 56 8.37 1.00 -7.77
N LEU A 57 9.20 0.09 -7.22
CA LEU A 57 9.53 -0.02 -5.81
C LEU A 57 10.13 1.34 -5.39
N LEU A 58 11.01 1.87 -6.25
CA LEU A 58 11.61 3.17 -6.01
C LEU A 58 10.56 4.24 -6.23
N ALA A 59 9.67 4.05 -7.18
CA ALA A 59 8.65 5.05 -7.41
C ALA A 59 7.80 5.12 -6.11
N LEU A 60 7.52 3.94 -5.52
CA LEU A 60 6.75 3.78 -4.27
C LEU A 60 7.42 4.46 -3.08
N VAL A 61 8.66 4.04 -2.80
CA VAL A 61 9.45 4.59 -1.70
C VAL A 61 9.48 6.11 -1.62
N GLY A 62 9.59 6.74 -2.79
CA GLY A 62 9.63 8.21 -2.83
C GLY A 62 8.27 8.83 -2.48
N GLU A 63 7.21 8.40 -3.18
CA GLU A 63 5.87 8.89 -2.91
C GLU A 63 5.58 8.83 -1.37
N VAL A 64 5.91 7.69 -0.73
CA VAL A 64 5.76 7.51 0.70
C VAL A 64 6.52 8.69 1.31
N GLY A 65 7.46 9.24 0.52
CA GLY A 65 8.27 10.34 0.99
C GLY A 65 7.55 11.61 0.75
N GLU A 66 6.91 11.74 -0.40
CA GLU A 66 6.12 12.93 -0.60
C GLU A 66 5.24 12.98 0.69
N LEU A 67 4.61 11.84 0.96
CA LEU A 67 3.77 11.56 2.11
C LEU A 67 4.53 11.58 3.44
N ALA A 68 5.59 10.76 3.51
CA ALA A 68 6.37 10.67 4.75
C ALA A 68 7.17 11.88 5.12
N GLU A 69 6.84 13.03 4.47
CA GLU A 69 7.46 14.34 4.74
C GLU A 69 6.31 15.11 5.35
N LEU A 70 5.17 14.43 5.34
CA LEU A 70 3.94 14.98 5.90
C LEU A 70 3.74 14.69 7.41
N PHE A 71 4.25 13.58 7.92
CA PHE A 71 4.16 13.33 9.36
C PHE A 71 5.33 13.99 10.20
N GLN A 72 6.52 14.04 9.60
CA GLN A 72 7.75 14.60 10.20
C GLN A 72 7.64 15.77 11.21
N TRP A 73 7.14 16.95 10.82
CA TRP A 73 7.00 18.08 11.75
C TRP A 73 5.64 18.02 12.44
N LYS A 74 4.91 16.93 12.21
CA LYS A 74 3.57 16.78 12.78
C LYS A 74 3.51 15.99 14.08
N SER A 75 2.73 16.50 15.04
CA SER A 75 2.52 15.80 16.31
C SER A 75 1.28 14.94 16.13
N ASP A 76 0.97 14.12 17.13
CA ASP A 76 -0.20 13.23 17.08
C ASP A 76 -1.18 13.74 18.15
N THR A 77 -1.58 15.01 18.07
CA THR A 77 -2.45 15.62 19.09
C THR A 77 -3.91 16.00 18.74
N GLU A 78 -4.11 16.71 17.61
CA GLU A 78 -5.47 17.08 17.16
C GLU A 78 -5.99 15.94 16.27
N PRO A 79 -7.32 15.91 15.92
CA PRO A 79 -7.76 14.80 15.04
C PRO A 79 -6.69 14.64 13.96
N GLY A 80 -6.53 13.45 13.40
CA GLY A 80 -5.49 13.29 12.36
C GLY A 80 -5.65 13.98 11.00
N PRO A 81 -4.88 13.54 9.98
CA PRO A 81 -4.91 14.10 8.62
C PRO A 81 -6.39 14.35 8.23
N GLN A 82 -7.22 13.54 8.89
CA GLN A 82 -8.65 13.51 8.79
C GLN A 82 -9.16 14.93 9.04
N ALA A 83 -8.24 15.88 9.07
CA ALA A 83 -8.58 17.28 9.28
C ALA A 83 -7.53 18.18 8.59
N TRP A 84 -6.78 17.61 7.67
CA TRP A 84 -5.82 18.44 6.97
C TRP A 84 -6.60 19.25 5.92
N PRO A 85 -6.41 20.59 5.91
CA PRO A 85 -7.08 21.54 4.99
C PRO A 85 -7.24 21.10 3.51
N PRO A 86 -8.32 21.55 2.84
CA PRO A 86 -8.68 21.26 1.45
C PRO A 86 -7.42 20.93 0.64
N LYS A 87 -6.59 21.96 0.64
CA LYS A 87 -5.31 22.03 -0.01
C LYS A 87 -4.35 21.01 0.64
N GLU A 88 -3.57 21.40 1.65
CA GLU A 88 -2.61 20.45 2.28
C GLU A 88 -3.00 18.95 2.12
N ARG A 89 -4.27 18.66 2.38
CA ARG A 89 -4.78 17.31 2.26
C ARG A 89 -4.88 16.82 0.81
N ALA A 90 -5.12 17.75 -0.12
CA ALA A 90 -5.25 17.37 -1.53
C ALA A 90 -3.99 16.62 -1.98
N ALA A 91 -2.86 17.05 -1.43
CA ALA A 91 -1.55 16.47 -1.72
C ALA A 91 -1.43 15.09 -1.04
N LEU A 92 -1.81 15.03 0.24
CA LEU A 92 -1.78 13.80 1.02
C LEU A 92 -2.51 12.63 0.31
N GLN A 93 -3.58 12.96 -0.40
CA GLN A 93 -4.38 11.96 -1.12
C GLN A 93 -3.48 11.16 -2.07
N GLU A 94 -3.67 11.42 -3.35
CA GLU A 94 -2.94 10.80 -4.45
C GLU A 94 -1.61 10.20 -3.96
N GLU A 95 -1.07 10.79 -2.88
CA GLU A 95 0.16 10.32 -2.25
C GLU A 95 -0.04 8.86 -1.82
N LEU A 96 -0.88 8.62 -0.81
CA LEU A 96 -1.14 7.24 -0.35
C LEU A 96 -1.48 6.39 -1.57
N SER A 97 -2.20 7.01 -2.50
CA SER A 97 -2.60 6.36 -3.74
C SER A 97 -1.39 5.89 -4.57
N ASP A 98 -0.36 6.73 -4.66
CA ASP A 98 0.86 6.41 -5.42
C ASP A 98 1.59 5.25 -4.75
N VAL A 99 1.57 5.22 -3.39
CA VAL A 99 2.22 4.15 -2.68
C VAL A 99 1.49 2.85 -3.07
N LEU A 100 0.17 2.95 -3.23
CA LEU A 100 -0.62 1.75 -3.54
C LEU A 100 -0.36 1.14 -4.91
N ILE A 101 -0.59 1.95 -5.93
CA ILE A 101 -0.39 1.59 -7.36
C ILE A 101 0.98 0.89 -7.56
N TYR A 102 2.05 1.49 -7.03
CA TYR A 102 3.39 0.87 -7.13
C TYR A 102 3.49 -0.43 -6.35
N LEU A 103 2.89 -0.51 -5.14
CA LEU A 103 2.92 -1.74 -4.34
C LEU A 103 2.22 -2.88 -5.12
N VAL A 104 1.04 -2.58 -5.68
CA VAL A 104 0.29 -3.58 -6.45
C VAL A 104 1.22 -4.02 -7.65
N ALA A 105 1.88 -3.03 -8.24
CA ALA A 105 2.80 -3.19 -9.38
C ALA A 105 3.82 -4.24 -9.02
N LEU A 106 4.55 -3.97 -7.95
CA LEU A 106 5.55 -4.88 -7.42
C LEU A 106 5.04 -6.28 -7.03
N ALA A 107 3.92 -6.36 -6.32
CA ALA A 107 3.39 -7.68 -5.87
C ALA A 107 3.37 -8.73 -7.00
N ALA A 108 2.46 -8.50 -7.95
CA ALA A 108 2.30 -9.37 -9.10
C ALA A 108 3.55 -9.19 -9.98
N ARG A 109 4.20 -8.02 -9.88
CA ARG A 109 5.39 -7.82 -10.67
C ARG A 109 6.32 -8.97 -10.26
N CYS A 110 6.18 -9.38 -8.98
CA CYS A 110 6.94 -10.50 -8.40
C CYS A 110 6.04 -11.72 -8.32
N HIS A 111 4.93 -11.63 -9.04
CA HIS A 111 3.96 -12.71 -9.08
C HIS A 111 3.16 -12.87 -7.77
N VAL A 112 2.80 -11.73 -7.15
CA VAL A 112 2.00 -11.74 -5.92
C VAL A 112 0.60 -11.17 -6.06
N ASP A 113 -0.37 -12.08 -5.92
CA ASP A 113 -1.77 -11.72 -6.01
C ASP A 113 -1.98 -10.99 -4.69
N LEU A 114 -2.17 -9.67 -4.78
CA LEU A 114 -2.21 -8.83 -3.59
C LEU A 114 -3.35 -8.95 -2.58
N PRO A 115 -4.63 -8.86 -3.02
CA PRO A 115 -5.86 -8.95 -2.21
C PRO A 115 -5.80 -10.15 -1.29
N GLN A 116 -5.87 -11.35 -1.88
CA GLN A 116 -5.79 -12.57 -1.06
C GLN A 116 -4.56 -12.53 -0.12
N ALA A 117 -3.45 -11.90 -0.56
CA ALA A 117 -2.24 -11.84 0.27
C ALA A 117 -2.48 -11.13 1.59
N VAL A 118 -3.31 -10.10 1.54
CA VAL A 118 -3.66 -9.31 2.71
C VAL A 118 -4.44 -10.19 3.72
N ILE A 119 -5.26 -11.11 3.20
CA ILE A 119 -6.03 -11.95 4.10
C ILE A 119 -5.08 -13.01 4.62
N SER A 120 -4.30 -13.61 3.74
CA SER A 120 -3.40 -14.64 4.20
C SER A 120 -2.57 -14.02 5.30
N LYS A 121 -2.03 -12.83 5.02
CA LYS A 121 -1.23 -12.10 5.99
C LYS A 121 -1.99 -12.04 7.34
N MSE A 122 -3.31 -12.27 7.28
CA MSE A 122 -4.17 -12.26 8.47
C MSE A 122 -3.68 -13.12 9.57
O MSE A 122 -3.52 -12.66 10.72
CB MSE A 122 -5.59 -12.72 8.14
CG MSE A 122 -6.55 -11.59 8.19
SE MSE A 122 -5.32 -10.12 7.98
CE MSE A 122 -5.57 -9.36 9.74
N ASP A 123 -3.40 -14.37 9.23
CA ASP A 123 -3.01 -15.30 10.24
C ASP A 123 -1.61 -15.26 10.84
N THR A 124 -0.72 -14.45 10.28
CA THR A 124 0.63 -14.32 10.85
C THR A 124 0.62 -13.16 11.86
N ASN A 125 -0.17 -12.13 11.54
CA ASN A 125 -0.34 -10.97 12.41
C ASN A 125 -1.30 -11.56 13.46
N ARG A 126 -2.16 -12.49 13.01
CA ARG A 126 -3.04 -13.12 13.95
C ARG A 126 -2.34 -14.34 14.54
N GLN A 127 -1.06 -14.15 14.85
CA GLN A 127 -0.28 -15.22 15.49
C GLN A 127 0.63 -14.57 16.53
N ARG A 128 1.47 -13.64 16.04
CA ARG A 128 2.45 -12.90 16.82
C ARG A 128 1.89 -11.99 17.90
N TYR A 129 0.78 -11.36 17.56
CA TYR A 129 0.10 -10.41 18.43
C TYR A 129 -1.24 -11.00 19.01
N PRO A 130 -1.17 -12.14 19.73
CA PRO A 130 -2.39 -12.72 20.28
C PRO A 130 -2.99 -11.68 21.21
N VAL A 131 -4.30 -11.77 21.44
CA VAL A 131 -5.05 -10.84 22.33
C VAL A 131 -5.19 -11.35 23.78
N HIS A 132 -5.79 -10.56 24.66
CA HIS A 132 -5.92 -11.00 26.05
C HIS A 132 -7.37 -11.37 26.31
N LEU A 133 -7.68 -11.84 27.52
CA LEU A 133 -9.06 -12.20 27.84
C LEU A 133 -9.50 -11.75 29.24
N SER A 134 -8.80 -12.18 30.31
CA SER A 134 -9.12 -11.81 31.70
C SER A 134 -8.13 -12.09 32.90
N PRO B 22 -1.64 -16.58 -16.93
CA PRO B 22 -1.48 -15.13 -17.13
C PRO B 22 -1.81 -14.48 -15.75
N PHE B 23 -0.83 -14.30 -14.86
CA PHE B 23 -1.10 -13.76 -13.53
C PHE B 23 -2.12 -12.64 -13.40
N ARG B 24 -2.94 -12.70 -12.35
CA ARG B 24 -3.90 -11.64 -12.09
C ARG B 24 -4.40 -11.72 -10.62
N PHE B 25 -5.23 -10.75 -10.18
CA PHE B 25 -5.78 -10.75 -8.81
C PHE B 25 -7.16 -11.37 -8.48
N SER B 26 -7.23 -11.81 -7.21
CA SER B 26 -8.43 -12.34 -6.62
C SER B 26 -9.36 -11.13 -6.61
N PRO B 27 -10.62 -11.41 -6.83
CA PRO B 27 -11.60 -10.34 -6.85
C PRO B 27 -11.95 -9.74 -5.52
N GLU B 28 -11.33 -10.22 -4.45
CA GLU B 28 -11.60 -9.75 -3.09
C GLU B 28 -10.45 -10.28 -2.23
N PRO B 29 -10.21 -9.72 -1.04
CA PRO B 29 -10.92 -8.62 -0.37
C PRO B 29 -10.96 -7.30 -1.17
N THR B 30 -11.87 -6.38 -0.87
CA THR B 30 -11.91 -5.05 -1.52
C THR B 30 -11.01 -4.23 -0.61
N LEU B 31 -10.62 -3.04 -1.06
CA LEU B 31 -9.83 -2.20 -0.18
C LEU B 31 -10.77 -1.97 1.00
N GLU B 32 -12.09 -2.00 0.75
CA GLU B 32 -13.07 -1.84 1.82
C GLU B 32 -12.97 -3.07 2.69
N ASP B 33 -12.84 -4.24 2.04
CA ASP B 33 -12.76 -5.47 2.81
C ASP B 33 -11.58 -5.45 3.77
N ILE B 34 -10.41 -5.14 3.19
CA ILE B 34 -9.17 -5.05 3.93
C ILE B 34 -9.21 -4.02 5.05
N ARG B 35 -9.89 -2.91 4.79
CA ARG B 35 -9.97 -1.87 5.80
C ARG B 35 -10.62 -2.53 7.03
N ARG B 36 -11.19 -3.73 6.82
CA ARG B 36 -11.84 -4.44 7.93
C ARG B 36 -11.01 -5.49 8.70
N LEU B 37 -10.47 -6.54 8.06
CA LEU B 37 -9.74 -7.50 8.89
C LEU B 37 -8.77 -6.82 9.88
N HIS B 38 -8.01 -5.83 9.40
CA HIS B 38 -7.10 -5.08 10.27
C HIS B 38 -7.84 -4.25 11.37
N ALA B 39 -9.03 -3.73 11.03
CA ALA B 39 -9.79 -2.91 11.98
C ALA B 39 -10.04 -3.74 13.23
N GLU B 40 -10.66 -4.87 12.97
CA GLU B 40 -11.01 -5.87 13.98
C GLU B 40 -9.75 -6.24 14.74
N PHE B 41 -8.67 -6.45 13.99
CA PHE B 41 -7.39 -6.85 14.58
C PHE B 41 -6.76 -5.75 15.42
N ALA B 42 -7.06 -4.49 15.11
CA ALA B 42 -6.55 -3.37 15.90
C ALA B 42 -7.58 -3.23 17.05
N ALA B 43 -8.87 -3.21 16.72
CA ALA B 43 -9.89 -3.06 17.73
C ALA B 43 -9.74 -4.06 18.83
N GLU B 44 -9.38 -5.29 18.49
CA GLU B 44 -9.23 -6.38 19.48
C GLU B 44 -7.83 -6.48 20.12
N ARG B 45 -6.97 -5.52 19.77
CA ARG B 45 -5.62 -5.43 20.28
C ARG B 45 -5.22 -4.06 20.81
N ASP B 46 -4.25 -3.40 20.20
CA ASP B 46 -3.86 -2.09 20.71
C ASP B 46 -4.30 -0.95 19.84
N TRP B 47 -5.60 -0.72 19.93
CA TRP B 47 -6.31 0.29 19.17
C TRP B 47 -5.69 1.68 19.24
N GLU B 48 -5.47 2.19 20.45
CA GLU B 48 -4.90 3.53 20.60
C GLU B 48 -3.57 3.70 19.83
N GLN B 49 -2.71 2.67 19.84
CA GLN B 49 -1.42 2.71 19.11
C GLN B 49 -1.66 2.71 17.56
N PHE B 50 -2.79 2.11 17.14
CA PHE B 50 -3.13 2.00 15.70
C PHE B 50 -3.98 3.15 15.20
N HIS B 51 -4.33 4.03 16.11
CA HIS B 51 -5.16 5.18 15.79
C HIS B 51 -4.34 6.41 15.40
N GLN B 52 -3.02 6.34 15.58
CA GLN B 52 -2.21 7.52 15.23
C GLN B 52 -1.85 7.65 13.75
N PRO B 53 -2.00 8.87 13.17
CA PRO B 53 -1.66 9.05 11.75
C PRO B 53 -0.19 8.76 11.54
N ARG B 54 0.67 9.57 12.16
CA ARG B 54 2.12 9.42 12.03
C ARG B 54 2.51 7.97 12.40
N ASN B 55 1.77 7.38 13.33
CA ASN B 55 2.03 6.01 13.71
C ASN B 55 1.83 5.07 12.51
N LEU B 56 0.70 5.24 11.80
CA LEU B 56 0.41 4.39 10.66
C LEU B 56 1.49 4.47 9.56
N LEU B 57 1.90 5.68 9.17
CA LEU B 57 2.90 5.78 8.10
C LEU B 57 4.28 5.26 8.47
N LEU B 58 4.73 5.48 9.72
CA LEU B 58 6.04 5.02 10.10
C LEU B 58 6.13 3.49 10.11
N ALA B 59 5.07 2.80 10.54
CA ALA B 59 5.09 1.32 10.59
C ALA B 59 4.99 0.80 9.16
N LEU B 60 4.54 1.70 8.27
CA LEU B 60 4.42 1.46 6.81
C LEU B 60 5.86 1.63 6.28
N VAL B 61 6.37 2.85 6.39
CA VAL B 61 7.72 3.14 6.00
C VAL B 61 8.55 2.02 6.57
N GLY B 62 8.24 1.62 7.80
CA GLY B 62 8.98 0.52 8.44
C GLY B 62 8.95 -0.78 7.62
N GLU B 63 7.83 -1.02 6.94
CA GLU B 63 7.69 -2.23 6.13
C GLU B 63 8.23 -2.06 4.73
N VAL B 64 8.14 -0.83 4.20
CA VAL B 64 8.64 -0.58 2.84
C VAL B 64 10.17 -0.87 2.76
N GLY B 65 10.86 -0.69 3.89
CA GLY B 65 12.28 -0.97 3.97
C GLY B 65 12.59 -2.45 4.19
N GLU B 66 11.77 -3.20 4.94
CA GLU B 66 12.03 -4.63 5.14
C GLU B 66 12.07 -5.24 3.72
N LEU B 67 11.13 -4.78 2.90
CA LEU B 67 10.97 -5.16 1.50
C LEU B 67 12.29 -4.73 0.83
N ALA B 68 12.82 -3.57 1.23
CA ALA B 68 14.09 -3.11 0.72
C ALA B 68 15.18 -4.12 1.19
N GLU B 69 15.03 -4.74 2.36
CA GLU B 69 16.05 -5.70 2.79
C GLU B 69 15.98 -6.96 1.89
N LEU B 70 14.77 -7.35 1.47
CA LEU B 70 14.59 -8.51 0.56
C LEU B 70 15.39 -8.34 -0.77
N PHE B 71 15.23 -7.18 -1.38
CA PHE B 71 15.85 -6.90 -2.66
C PHE B 71 17.32 -6.54 -2.58
N GLN B 72 17.60 -5.55 -1.73
CA GLN B 72 18.95 -5.01 -1.55
C GLN B 72 20.13 -5.74 -2.16
N TRP B 73 20.31 -7.00 -1.78
CA TRP B 73 21.46 -7.71 -2.28
C TRP B 73 21.11 -8.35 -3.60
N LYS B 74 19.82 -8.45 -3.85
CA LYS B 74 19.34 -9.06 -5.09
C LYS B 74 19.91 -8.38 -6.33
N SER B 75 20.36 -9.21 -7.25
CA SER B 75 20.91 -8.75 -8.51
C SER B 75 19.71 -8.80 -9.43
N ASP B 76 19.61 -7.85 -10.34
CA ASP B 76 18.48 -7.84 -11.25
C ASP B 76 18.88 -8.75 -12.44
N THR B 77 20.11 -9.27 -12.27
CA THR B 77 20.80 -10.18 -13.19
C THR B 77 20.51 -11.63 -12.81
N GLU B 78 20.40 -11.89 -11.49
CA GLU B 78 20.11 -13.24 -10.96
C GLU B 78 18.59 -13.57 -11.00
N PRO B 79 18.18 -14.73 -10.42
CA PRO B 79 16.75 -15.10 -10.42
C PRO B 79 15.81 -14.22 -9.58
N GLY B 80 14.59 -14.05 -10.08
CA GLY B 80 13.62 -13.20 -9.43
C GLY B 80 12.74 -13.69 -8.31
N PRO B 81 11.98 -12.77 -7.67
CA PRO B 81 11.04 -13.03 -6.57
C PRO B 81 10.07 -14.04 -7.11
N GLN B 82 10.21 -14.28 -8.41
CA GLN B 82 9.36 -15.23 -9.10
C GLN B 82 10.04 -16.59 -8.95
N ALA B 83 11.38 -16.57 -8.93
CA ALA B 83 12.25 -17.73 -8.82
C ALA B 83 13.08 -17.72 -7.52
N TRP B 84 12.52 -17.00 -6.53
CA TRP B 84 13.10 -16.88 -5.17
C TRP B 84 12.70 -18.17 -4.47
N PRO B 85 13.39 -18.49 -3.35
CA PRO B 85 13.20 -19.68 -2.52
C PRO B 85 11.83 -19.73 -1.85
N PRO B 86 11.72 -20.48 -0.73
CA PRO B 86 10.47 -20.65 0.03
C PRO B 86 10.30 -19.74 1.23
N LYS B 87 11.41 -19.21 1.74
CA LYS B 87 11.34 -18.31 2.89
C LYS B 87 11.41 -16.86 2.40
N GLU B 88 12.14 -16.64 1.31
CA GLU B 88 12.24 -15.30 0.76
C GLU B 88 10.88 -14.97 0.21
N ARG B 89 10.38 -15.86 -0.65
CA ARG B 89 9.05 -15.66 -1.19
C ARG B 89 8.22 -15.35 0.03
N ALA B 90 7.82 -16.40 0.73
CA ALA B 90 7.07 -16.26 1.95
C ALA B 90 7.43 -14.92 2.64
N ALA B 91 8.70 -14.57 2.65
CA ALA B 91 9.12 -13.34 3.30
C ALA B 91 8.53 -12.16 2.55
N LEU B 92 8.70 -12.22 1.22
CA LEU B 92 8.23 -11.24 0.26
C LEU B 92 6.71 -11.10 0.26
N GLN B 93 6.03 -12.23 0.18
CA GLN B 93 4.56 -12.19 0.18
C GLN B 93 4.25 -11.39 1.44
N GLU B 94 5.11 -11.52 2.44
CA GLU B 94 4.84 -10.81 3.68
C GLU B 94 5.04 -9.30 3.74
N GLU B 95 6.23 -8.79 3.38
CA GLU B 95 6.44 -7.33 3.47
C GLU B 95 5.39 -6.67 2.61
N LEU B 96 5.15 -7.28 1.45
CA LEU B 96 4.19 -6.74 0.54
C LEU B 96 2.80 -6.63 1.20
N SER B 97 2.36 -7.70 1.86
CA SER B 97 1.06 -7.65 2.49
C SER B 97 1.04 -6.64 3.65
N ASP B 98 2.10 -6.61 4.47
CA ASP B 98 2.16 -5.65 5.60
C ASP B 98 2.22 -4.19 5.13
N VAL B 99 2.81 -3.93 3.97
CA VAL B 99 2.84 -2.57 3.48
C VAL B 99 1.40 -2.16 3.16
N LEU B 100 0.70 -3.02 2.43
CA LEU B 100 -0.65 -2.69 2.04
C LEU B 100 -1.54 -2.58 3.26
N ILE B 101 -1.30 -3.44 4.26
CA ILE B 101 -2.10 -3.36 5.49
C ILE B 101 -1.86 -2.05 6.18
N TYR B 102 -0.61 -1.66 6.38
CA TYR B 102 -0.37 -0.39 7.07
C TYR B 102 -0.78 0.76 6.20
N LEU B 103 -0.69 0.54 4.89
CA LEU B 103 -1.04 1.61 3.94
C LEU B 103 -2.53 1.88 4.14
N VAL B 104 -3.36 0.80 4.05
CA VAL B 104 -4.81 0.95 4.24
C VAL B 104 -5.10 1.48 5.63
N ALA B 105 -4.60 0.83 6.66
CA ALA B 105 -4.86 1.36 8.02
C ALA B 105 -4.63 2.88 8.09
N LEU B 106 -3.59 3.38 7.42
CA LEU B 106 -3.30 4.82 7.43
C LEU B 106 -4.29 5.58 6.56
N ALA B 107 -4.60 5.01 5.39
CA ALA B 107 -5.53 5.63 4.46
C ALA B 107 -6.87 5.70 5.22
N ALA B 108 -7.41 4.54 5.64
CA ALA B 108 -8.68 4.50 6.45
C ALA B 108 -8.59 5.51 7.62
N ARG B 109 -7.57 5.40 8.47
CA ARG B 109 -7.39 6.39 9.56
C ARG B 109 -7.46 7.86 9.14
N CYS B 110 -7.08 8.18 7.92
CA CYS B 110 -7.13 9.58 7.49
C CYS B 110 -8.47 9.87 6.80
N HIS B 111 -9.37 8.90 6.91
CA HIS B 111 -10.70 8.94 6.30
C HIS B 111 -10.53 9.14 4.80
N VAL B 112 -9.30 9.02 4.32
CA VAL B 112 -9.01 9.16 2.91
C VAL B 112 -9.63 7.96 2.16
N ASP B 113 -10.54 8.24 1.24
CA ASP B 113 -11.18 7.17 0.50
C ASP B 113 -10.23 6.68 -0.58
N LEU B 114 -9.31 5.80 -0.20
CA LEU B 114 -8.27 5.34 -1.10
C LEU B 114 -8.59 4.85 -2.52
N PRO B 115 -9.65 4.05 -2.72
CA PRO B 115 -9.93 3.59 -4.08
C PRO B 115 -10.23 4.66 -5.13
N GLN B 116 -11.16 5.58 -4.82
CA GLN B 116 -11.51 6.63 -5.79
C GLN B 116 -10.30 7.52 -6.04
N ALA B 117 -9.52 7.71 -4.98
CA ALA B 117 -8.32 8.50 -4.98
C ALA B 117 -7.52 7.98 -6.17
N VAL B 118 -7.56 6.67 -6.34
CA VAL B 118 -6.84 6.04 -7.44
C VAL B 118 -7.42 6.50 -8.79
N ILE B 119 -8.69 6.86 -8.82
CA ILE B 119 -9.24 7.33 -10.08
C ILE B 119 -8.83 8.77 -10.36
N SER B 120 -8.52 9.52 -9.33
CA SER B 120 -8.08 10.92 -9.51
C SER B 120 -6.55 11.09 -9.73
N LYS B 121 -5.75 10.43 -8.87
CA LYS B 121 -4.31 10.54 -8.95
C LYS B 121 -3.82 9.99 -10.26
N MSE B 122 -4.33 8.81 -10.61
CA MSE B 122 -3.93 8.18 -11.83
C MSE B 122 -4.31 9.04 -13.01
O MSE B 122 -3.52 9.17 -13.98
CB MSE B 122 -4.59 6.82 -11.99
CG MSE B 122 -3.98 5.71 -11.16
SE MSE B 122 -4.65 3.97 -11.70
CE MSE B 122 -3.31 3.53 -13.03
N ASP B 123 -5.49 9.63 -12.95
CA ASP B 123 -5.88 10.46 -14.07
C ASP B 123 -5.03 11.72 -14.03
N THR B 124 -4.61 12.11 -12.82
CA THR B 124 -3.72 13.25 -12.73
C THR B 124 -2.50 12.75 -13.52
N ASN B 125 -2.14 11.49 -13.22
CA ASN B 125 -1.02 10.80 -13.87
C ASN B 125 -1.06 10.79 -15.41
N ARG B 126 -2.21 11.11 -16.01
CA ARG B 126 -2.29 11.19 -17.48
C ARG B 126 -1.88 12.60 -17.96
N GLN B 127 -1.61 13.50 -17.01
CA GLN B 127 -1.18 14.87 -17.29
C GLN B 127 0.01 15.20 -16.40
N ARG B 128 0.84 14.22 -16.07
CA ARG B 128 1.98 14.46 -15.21
C ARG B 128 3.09 13.46 -15.49
N TYR B 129 2.97 12.71 -16.58
CA TYR B 129 3.92 11.65 -16.92
C TYR B 129 3.65 11.06 -18.31
N PRO B 130 4.16 11.70 -19.39
CA PRO B 130 3.94 11.21 -20.75
C PRO B 130 4.14 9.71 -20.90
N PRO A 22 -21.94 9.50 7.40
CA PRO A 22 -20.56 9.02 7.69
C PRO A 22 -19.78 8.93 6.41
N PHE A 23 -18.45 8.73 6.53
CA PHE A 23 -17.48 8.65 5.41
C PHE A 23 -16.94 7.22 5.37
N ARG A 24 -17.06 6.52 4.23
CA ARG A 24 -16.49 5.18 4.16
C ARG A 24 -15.66 5.01 2.87
N PHE A 25 -15.08 3.81 2.68
CA PHE A 25 -14.35 3.50 1.46
C PHE A 25 -15.35 3.02 0.40
N SER A 26 -15.30 3.61 -0.78
CA SER A 26 -16.17 3.17 -1.87
C SER A 26 -15.73 1.79 -2.33
N PRO A 27 -16.70 0.93 -2.67
CA PRO A 27 -16.49 -0.45 -3.15
C PRO A 27 -15.66 -0.51 -4.42
N GLU A 28 -15.30 0.66 -4.94
CA GLU A 28 -14.50 0.77 -6.15
C GLU A 28 -13.89 2.17 -6.20
N PRO A 29 -12.93 2.40 -7.12
CA PRO A 29 -12.55 1.29 -7.96
C PRO A 29 -11.93 0.17 -7.16
N THR A 30 -12.20 -1.04 -7.60
CA THR A 30 -11.58 -2.17 -7.01
C THR A 30 -10.04 -2.11 -7.25
N LEU A 31 -9.33 -2.90 -6.46
CA LEU A 31 -7.89 -2.99 -6.58
C LEU A 31 -7.58 -3.51 -7.99
N GLU A 32 -8.32 -4.56 -8.37
CA GLU A 32 -8.17 -5.17 -9.69
C GLU A 32 -8.39 -4.12 -10.79
N ASP A 33 -9.35 -3.21 -10.63
CA ASP A 33 -9.57 -2.18 -11.66
C ASP A 33 -8.24 -1.37 -11.84
N ILE A 34 -7.63 -1.01 -10.69
CA ILE A 34 -6.40 -0.23 -10.60
C ILE A 34 -5.14 -0.85 -11.23
N ARG A 35 -4.95 -2.16 -11.10
CA ARG A 35 -3.76 -2.77 -11.68
C ARG A 35 -3.90 -2.78 -13.22
N ARG A 36 -5.16 -2.80 -13.65
CA ARG A 36 -5.59 -2.81 -15.04
C ARG A 36 -5.55 -1.41 -15.67
N LEU A 37 -6.42 -0.53 -15.19
CA LEU A 37 -6.47 0.84 -15.71
C LEU A 37 -5.05 1.38 -15.86
N HIS A 38 -4.21 0.94 -14.92
CA HIS A 38 -2.80 1.30 -14.86
C HIS A 38 -1.96 0.36 -15.71
N ALA A 39 -2.43 -0.86 -15.98
CA ALA A 39 -1.63 -1.75 -16.77
C ALA A 39 -1.68 -1.08 -18.13
N GLU A 40 -2.89 -0.55 -18.43
CA GLU A 40 -3.20 0.20 -19.64
C GLU A 40 -2.32 1.48 -19.59
N PHE A 41 -2.15 2.01 -18.37
CA PHE A 41 -1.32 3.19 -18.18
C PHE A 41 0.17 2.94 -18.59
N ALA A 42 0.75 1.88 -18.02
CA ALA A 42 2.13 1.52 -18.25
C ALA A 42 2.39 0.88 -19.61
N ALA A 43 1.40 0.14 -20.11
CA ALA A 43 1.58 -0.49 -21.42
C ALA A 43 1.61 0.63 -22.48
N GLU A 44 0.99 1.78 -22.19
CA GLU A 44 0.95 2.84 -23.19
C GLU A 44 2.15 3.80 -23.18
N ARG A 45 3.14 3.45 -22.37
CA ARG A 45 4.32 4.32 -22.21
C ARG A 45 5.66 3.56 -22.18
N ASP A 46 6.11 3.23 -20.97
CA ASP A 46 7.35 2.53 -20.75
C ASP A 46 7.14 1.20 -20.04
N TRP A 47 7.70 0.21 -20.73
CA TRP A 47 7.66 -1.17 -20.33
C TRP A 47 8.69 -1.56 -19.32
N GLU A 48 9.92 -1.71 -19.79
CA GLU A 48 10.98 -2.14 -18.91
C GLU A 48 11.23 -1.08 -17.89
N GLN A 49 10.63 0.08 -18.10
CA GLN A 49 10.78 1.17 -17.12
C GLN A 49 9.82 0.90 -15.95
N PHE A 50 8.56 0.66 -16.28
CA PHE A 50 7.57 0.37 -15.24
C PHE A 50 7.54 -1.07 -14.84
N HIS A 51 8.15 -1.92 -15.66
CA HIS A 51 8.18 -3.34 -15.36
C HIS A 51 9.42 -3.78 -14.54
N GLN A 52 10.45 -2.93 -14.44
CA GLN A 52 11.59 -3.32 -13.59
C GLN A 52 11.19 -3.29 -12.07
N PRO A 53 11.26 -4.45 -11.40
CA PRO A 53 10.90 -4.53 -9.97
C PRO A 53 11.47 -3.37 -9.16
N ARG A 54 12.79 -3.31 -9.02
CA ARG A 54 13.41 -2.24 -8.24
C ARG A 54 12.83 -0.89 -8.71
N ASN A 55 12.53 -0.76 -10.02
CA ASN A 55 11.92 0.51 -10.51
C ASN A 55 10.54 0.77 -9.86
N LEU A 56 9.78 -0.30 -9.58
CA LEU A 56 8.51 -0.17 -8.91
C LEU A 56 8.75 0.18 -7.43
N LEU A 57 9.65 -0.62 -6.81
CA LEU A 57 10.02 -0.51 -5.40
C LEU A 57 10.62 0.81 -4.93
N LEU A 58 11.81 1.13 -5.45
CA LEU A 58 12.52 2.34 -5.09
C LEU A 58 11.57 3.49 -5.23
N ALA A 59 10.62 3.28 -6.15
CA ALA A 59 9.60 4.29 -6.40
C ALA A 59 8.60 4.19 -5.24
N LEU A 60 8.20 2.96 -4.91
CA LEU A 60 7.29 2.76 -3.79
C LEU A 60 8.11 3.26 -2.59
N VAL A 61 9.43 3.01 -2.58
CA VAL A 61 10.27 3.53 -1.47
C VAL A 61 10.55 5.00 -1.77
N GLY A 62 9.82 5.50 -2.77
CA GLY A 62 9.97 6.86 -3.22
C GLY A 62 8.71 7.68 -3.07
N GLU A 63 7.60 7.16 -3.63
CA GLU A 63 6.32 7.88 -3.62
C GLU A 63 5.72 8.10 -2.25
N VAL A 64 6.21 7.33 -1.26
CA VAL A 64 5.75 7.53 0.11
C VAL A 64 6.28 8.92 0.49
N GLY A 65 7.53 9.16 0.06
CA GLY A 65 8.21 10.36 0.37
C GLY A 65 7.44 11.63 0.32
N GLU A 66 6.67 11.80 -0.74
CA GLU A 66 5.86 12.99 -0.79
C GLU A 66 5.05 13.03 0.55
N LEU A 67 4.24 11.99 0.76
CA LEU A 67 3.44 11.79 1.96
C LEU A 67 4.15 12.11 3.30
N ALA A 68 5.31 11.50 3.54
CA ALA A 68 6.03 11.77 4.77
C ALA A 68 6.28 13.27 4.81
N GLU A 69 6.66 13.81 3.68
CA GLU A 69 6.94 15.24 3.61
C GLU A 69 5.80 16.10 4.24
N LEU A 70 4.56 15.86 3.80
CA LEU A 70 3.34 16.55 4.28
C LEU A 70 3.23 16.56 5.80
N PHE A 71 3.65 15.42 6.35
CA PHE A 71 3.61 15.16 7.77
C PHE A 71 4.77 15.75 8.54
N GLN A 72 5.99 15.42 8.07
CA GLN A 72 7.22 15.74 8.78
C GLN A 72 7.32 16.98 9.69
N TRP A 73 6.27 17.82 9.74
CA TRP A 73 6.30 18.95 10.69
C TRP A 73 4.97 19.08 11.50
N LYS A 74 4.15 18.01 11.48
CA LYS A 74 2.84 17.89 12.19
C LYS A 74 2.96 17.24 13.58
N SER A 75 2.58 17.98 14.61
CA SER A 75 2.59 17.49 15.99
C SER A 75 1.60 16.37 16.09
N ASP A 76 1.79 15.48 17.05
CA ASP A 76 0.80 14.44 17.19
C ASP A 76 -0.35 15.08 18.01
N THR A 77 -0.08 16.27 18.54
CA THR A 77 -1.05 17.06 19.33
C THR A 77 -2.15 17.74 18.52
N GLU A 78 -1.83 18.13 17.28
CA GLU A 78 -2.81 18.82 16.41
C GLU A 78 -3.86 17.88 15.77
N PRO A 79 -4.86 18.45 15.05
CA PRO A 79 -5.88 17.60 14.42
C PRO A 79 -5.41 16.95 13.12
N GLY A 80 -5.60 15.64 13.01
CA GLY A 80 -5.19 14.94 11.80
C GLY A 80 -6.03 15.13 10.51
N PRO A 81 -5.53 14.58 9.38
CA PRO A 81 -6.01 14.56 7.99
C PRO A 81 -7.54 14.50 7.66
N GLN A 82 -8.37 14.26 8.66
CA GLN A 82 -9.82 14.22 8.47
C GLN A 82 -10.19 15.35 7.51
N ALA A 83 -9.60 16.51 7.76
CA ALA A 83 -9.77 17.67 6.92
C ALA A 83 -8.66 18.68 7.17
N TRP A 84 -7.45 18.32 6.72
CA TRP A 84 -6.25 19.16 6.83
C TRP A 84 -6.48 20.48 6.11
N PRO A 85 -5.42 21.30 5.90
CA PRO A 85 -5.68 22.58 5.18
C PRO A 85 -5.67 22.38 3.65
N PRO A 86 -6.52 23.12 2.92
CA PRO A 86 -6.59 23.02 1.46
C PRO A 86 -5.43 22.39 0.75
N LYS A 87 -4.37 23.13 0.43
CA LYS A 87 -3.28 22.45 -0.30
C LYS A 87 -2.91 21.13 0.36
N GLU A 88 -3.00 21.05 1.69
CA GLU A 88 -2.64 19.81 2.39
C GLU A 88 -3.64 18.62 2.35
N ARG A 89 -4.89 18.86 1.98
CA ARG A 89 -5.89 17.79 1.90
C ARG A 89 -5.74 17.05 0.57
N ALA A 90 -5.32 17.80 -0.43
CA ALA A 90 -5.15 17.22 -1.75
C ALA A 90 -3.73 16.70 -1.76
N ALA A 91 -2.88 17.44 -1.05
CA ALA A 91 -1.46 17.13 -0.89
C ALA A 91 -1.32 15.67 -0.38
N LEU A 92 -2.28 15.27 0.46
CA LEU A 92 -2.38 13.93 1.06
C LEU A 92 -2.96 12.88 0.09
N GLN A 93 -4.01 13.27 -0.62
CA GLN A 93 -4.74 12.41 -1.55
C GLN A 93 -3.92 11.76 -2.62
N GLU A 94 -3.53 12.57 -3.60
CA GLU A 94 -2.76 12.14 -4.76
C GLU A 94 -1.56 11.47 -4.16
N GLU A 95 -0.89 12.21 -3.29
CA GLU A 95 0.25 11.70 -2.58
C GLU A 95 -0.21 10.33 -2.08
N LEU A 96 -1.37 10.26 -1.42
CA LEU A 96 -1.89 8.96 -0.96
C LEU A 96 -2.35 8.12 -2.17
N SER A 97 -2.93 8.75 -3.18
CA SER A 97 -3.38 8.07 -4.41
C SER A 97 -2.20 7.32 -5.01
N ASP A 98 -1.10 8.06 -5.19
CA ASP A 98 0.15 7.52 -5.77
C ASP A 98 0.69 6.23 -5.19
N VAL A 99 0.89 6.21 -3.86
CA VAL A 99 1.44 5.05 -3.17
C VAL A 99 0.68 3.80 -3.54
N LEU A 100 -0.64 3.89 -3.39
CA LEU A 100 -1.48 2.76 -3.69
C LEU A 100 -1.21 2.33 -5.11
N ILE A 101 -1.29 3.28 -6.04
CA ILE A 101 -1.07 2.93 -7.42
C ILE A 101 0.27 2.22 -7.62
N TYR A 102 1.33 2.67 -6.93
CA TYR A 102 2.59 2.01 -7.09
C TYR A 102 2.55 0.62 -6.50
N LEU A 103 2.05 0.48 -5.25
CA LEU A 103 1.95 -0.81 -4.61
C LEU A 103 1.06 -1.66 -5.50
N VAL A 104 0.08 -1.06 -6.13
CA VAL A 104 -0.81 -1.76 -7.03
C VAL A 104 -0.03 -2.39 -8.20
N ALA A 105 0.76 -1.54 -8.88
CA ALA A 105 1.57 -1.95 -10.05
C ALA A 105 2.70 -2.90 -9.69
N LEU A 106 3.43 -2.54 -8.63
CA LEU A 106 4.53 -3.35 -8.16
C LEU A 106 4.08 -4.72 -7.79
N ALA A 107 2.90 -4.84 -7.16
CA ALA A 107 2.39 -6.13 -6.73
C ALA A 107 2.14 -6.95 -7.93
N ALA A 108 1.44 -6.35 -8.86
CA ALA A 108 1.08 -7.04 -10.09
C ALA A 108 2.30 -7.68 -10.68
N ARG A 109 3.39 -6.91 -10.78
CA ARG A 109 4.63 -7.43 -11.34
C ARG A 109 4.99 -8.69 -10.57
N CYS A 110 4.80 -8.65 -9.23
CA CYS A 110 5.05 -9.79 -8.32
C CYS A 110 4.01 -10.93 -8.44
N HIS A 111 3.14 -10.93 -9.45
CA HIS A 111 2.09 -11.94 -9.53
C HIS A 111 1.49 -12.23 -8.11
N VAL A 112 1.31 -11.20 -7.29
CA VAL A 112 0.75 -11.30 -5.95
C VAL A 112 -0.71 -10.85 -5.99
N ASP A 113 -1.57 -11.60 -5.29
CA ASP A 113 -3.01 -11.33 -5.17
C ASP A 113 -3.23 -10.61 -3.86
N LEU A 114 -2.96 -9.30 -3.91
CA LEU A 114 -3.07 -8.40 -2.76
C LEU A 114 -4.47 -8.42 -2.14
N PRO A 115 -5.52 -8.34 -2.97
CA PRO A 115 -6.91 -8.37 -2.45
C PRO A 115 -7.11 -9.70 -1.76
N GLN A 116 -6.14 -10.59 -1.98
CA GLN A 116 -6.10 -11.93 -1.38
C GLN A 116 -4.90 -12.09 -0.43
N ALA A 117 -3.74 -11.48 -0.74
CA ALA A 117 -2.56 -11.56 0.15
C ALA A 117 -2.89 -10.82 1.44
N VAL A 118 -3.51 -9.65 1.30
CA VAL A 118 -3.90 -8.86 2.44
C VAL A 118 -4.83 -9.70 3.31
N ILE A 119 -5.46 -10.73 2.71
CA ILE A 119 -6.36 -11.53 3.53
C ILE A 119 -5.52 -12.43 4.39
N SER A 120 -4.44 -12.98 3.80
CA SER A 120 -3.56 -13.87 4.53
C SER A 120 -2.77 -13.14 5.62
N LYS A 121 -2.28 -11.94 5.29
CA LYS A 121 -1.51 -11.20 6.26
C LYS A 121 -2.33 -10.80 7.52
N MSE A 122 -3.64 -10.65 7.37
CA MSE A 122 -4.48 -10.29 8.49
C MSE A 122 -4.49 -11.42 9.50
O MSE A 122 -4.30 -11.19 10.69
CB MSE A 122 -5.91 -9.99 8.01
CG MSE A 122 -6.08 -8.58 7.49
SE MSE A 122 -5.27 -7.34 8.70
CE MSE A 122 -6.81 -6.75 9.70
N ASP A 123 -4.67 -12.64 9.01
CA ASP A 123 -4.66 -13.80 9.89
C ASP A 123 -3.26 -13.85 10.53
N THR A 124 -2.21 -13.94 9.71
CA THR A 124 -0.86 -13.92 10.28
C THR A 124 -0.80 -12.78 11.32
N ASN A 125 -0.98 -11.52 10.89
CA ASN A 125 -0.97 -10.37 11.83
C ASN A 125 -1.77 -10.80 13.10
N ARG A 126 -2.96 -11.38 12.86
CA ARG A 126 -3.82 -11.80 13.94
C ARG A 126 -2.93 -12.56 14.94
N GLN A 127 -2.46 -13.76 14.60
CA GLN A 127 -1.60 -14.47 15.54
C GLN A 127 -0.38 -13.66 16.02
N ARG A 128 -0.01 -12.60 15.29
CA ARG A 128 1.13 -11.74 15.66
C ARG A 128 0.89 -10.96 16.96
N TYR A 129 -0.16 -10.15 16.94
CA TYR A 129 -0.55 -9.31 18.06
C TYR A 129 -1.76 -9.89 18.84
N PRO A 130 -1.54 -10.90 19.73
CA PRO A 130 -2.66 -11.45 20.48
C PRO A 130 -3.54 -10.37 21.15
N VAL A 131 -4.82 -10.71 21.29
CA VAL A 131 -5.81 -9.86 21.94
C VAL A 131 -5.75 -10.16 23.44
N HIS A 132 -6.14 -9.22 24.26
CA HIS A 132 -6.06 -9.54 25.68
C HIS A 132 -7.41 -9.59 26.40
N LEU A 133 -7.60 -10.62 27.19
CA LEU A 133 -8.87 -10.78 27.92
C LEU A 133 -8.66 -10.30 29.35
N SER A 134 -9.64 -10.57 30.20
CA SER A 134 -9.63 -10.16 31.61
C SER A 134 -8.64 -10.92 32.53
N PRO B 22 -3.00 -16.90 -17.13
CA PRO B 22 -2.94 -15.41 -17.18
C PRO B 22 -3.01 -14.65 -15.77
N PHE B 23 -2.30 -13.52 -15.59
CA PHE B 23 -2.35 -12.78 -14.29
C PHE B 23 -3.23 -11.52 -14.16
N ARG B 24 -3.97 -11.47 -13.05
CA ARG B 24 -4.82 -10.34 -12.69
C ARG B 24 -5.56 -10.61 -11.40
N PHE B 25 -5.69 -9.58 -10.55
CA PHE B 25 -6.38 -9.69 -9.26
C PHE B 25 -7.86 -10.13 -9.24
N SER B 26 -8.52 -9.47 -8.28
CA SER B 26 -9.88 -9.74 -7.91
C SER B 26 -10.61 -8.56 -7.38
N PRO B 27 -11.97 -8.63 -7.44
CA PRO B 27 -13.30 -7.97 -7.16
C PRO B 27 -13.70 -7.88 -5.73
N GLU B 28 -12.71 -7.94 -4.83
CA GLU B 28 -12.98 -7.90 -3.38
C GLU B 28 -11.75 -8.45 -2.63
N PRO B 29 -11.60 -8.03 -1.38
CA PRO B 29 -12.47 -7.15 -0.61
C PRO B 29 -12.40 -5.73 -1.20
N THR B 30 -13.48 -4.95 -1.13
CA THR B 30 -13.40 -3.62 -1.74
C THR B 30 -12.25 -3.22 -0.90
N LEU B 31 -11.51 -2.19 -1.29
CA LEU B 31 -10.40 -1.70 -0.46
C LEU B 31 -11.07 -1.43 0.90
N GLU B 32 -12.32 -0.98 0.84
CA GLU B 32 -13.17 -0.67 1.97
C GLU B 32 -13.12 -1.77 3.03
N ASP B 33 -13.57 -2.95 2.57
CA ASP B 33 -13.62 -4.18 3.38
C ASP B 33 -12.23 -4.36 4.06
N ILE B 34 -11.17 -4.01 3.33
CA ILE B 34 -9.79 -4.11 3.85
C ILE B 34 -9.68 -3.22 5.08
N ARG B 35 -10.25 -2.03 4.98
CA ARG B 35 -10.25 -1.08 6.08
C ARG B 35 -11.10 -1.70 7.21
N ARG B 36 -12.32 -2.07 6.85
CA ARG B 36 -13.32 -2.68 7.76
C ARG B 36 -12.67 -3.83 8.52
N LEU B 37 -11.87 -4.64 7.81
CA LEU B 37 -11.18 -5.73 8.47
C LEU B 37 -10.08 -5.17 9.40
N HIS B 38 -9.11 -4.45 8.84
CA HIS B 38 -8.07 -3.94 9.69
C HIS B 38 -8.62 -3.17 10.91
N ALA B 39 -9.78 -2.52 10.72
CA ALA B 39 -10.44 -1.73 11.78
C ALA B 39 -10.66 -2.53 13.07
N GLU B 40 -11.16 -3.76 12.82
CA GLU B 40 -11.45 -4.74 13.85
C GLU B 40 -10.08 -5.10 14.51
N PHE B 41 -9.13 -5.58 13.71
CA PHE B 41 -7.81 -5.93 14.26
C PHE B 41 -7.24 -4.83 15.12
N ALA B 42 -7.70 -3.61 14.90
CA ALA B 42 -7.25 -2.43 15.69
C ALA B 42 -8.24 -2.17 16.87
N ALA B 43 -9.50 -2.56 16.70
CA ALA B 43 -10.46 -2.34 17.80
C ALA B 43 -10.21 -3.28 18.95
N GLU B 44 -9.98 -4.55 18.61
CA GLU B 44 -9.77 -5.61 19.60
C GLU B 44 -8.43 -5.50 20.32
N ARG B 45 -7.62 -4.57 19.84
CA ARG B 45 -6.30 -4.24 20.40
C ARG B 45 -6.31 -2.75 20.81
N ASP B 46 -5.13 -2.16 20.90
CA ASP B 46 -5.06 -0.77 21.24
C ASP B 46 -5.25 0.11 19.96
N TRP B 47 -6.54 0.34 19.71
CA TRP B 47 -7.08 1.11 18.58
C TRP B 47 -6.61 2.59 18.59
N GLU B 48 -6.40 3.14 19.80
CA GLU B 48 -5.96 4.52 20.03
C GLU B 48 -4.61 4.83 19.39
N GLN B 49 -3.71 3.88 19.47
CA GLN B 49 -2.37 3.95 18.90
C GLN B 49 -2.53 3.86 17.35
N PHE B 50 -3.52 3.08 16.91
CA PHE B 50 -3.77 2.89 15.49
C PHE B 50 -4.55 4.03 14.85
N HIS B 51 -4.97 4.97 15.67
CA HIS B 51 -5.77 6.11 15.30
C HIS B 51 -5.03 7.39 14.91
N GLN B 52 -3.82 7.59 15.44
CA GLN B 52 -3.02 8.77 15.17
C GLN B 52 -2.63 8.68 13.69
N PRO B 53 -3.12 9.65 12.85
CA PRO B 53 -2.84 9.65 11.41
C PRO B 53 -1.48 9.18 11.03
N ARG B 54 -0.50 9.61 11.84
CA ARG B 54 0.95 9.37 11.65
C ARG B 54 1.50 8.00 12.05
N ASN B 55 1.13 7.49 13.23
CA ASN B 55 1.57 6.15 13.59
C ASN B 55 1.24 5.22 12.42
N LEU B 56 0.19 5.52 11.64
CA LEU B 56 -0.11 4.67 10.48
C LEU B 56 0.97 5.02 9.43
N LEU B 57 1.47 6.27 9.46
CA LEU B 57 2.45 6.65 8.48
C LEU B 57 3.83 6.03 8.69
N LEU B 58 4.27 5.92 9.94
CA LEU B 58 5.59 5.33 10.15
C LEU B 58 5.54 3.84 9.94
N ALA B 59 4.52 3.17 10.47
CA ALA B 59 4.44 1.71 10.25
C ALA B 59 4.57 1.42 8.74
N LEU B 60 3.91 2.27 7.94
CA LEU B 60 3.93 2.17 6.48
C LEU B 60 5.38 2.31 6.03
N VAL B 61 6.10 3.30 6.58
CA VAL B 61 7.49 3.44 6.23
C VAL B 61 8.31 2.21 6.57
N GLY B 62 8.14 1.66 7.76
CA GLY B 62 8.94 0.48 8.14
C GLY B 62 8.67 -0.76 7.28
N GLU B 63 7.41 -0.97 6.94
CA GLU B 63 7.06 -2.12 6.12
C GLU B 63 7.69 -1.91 4.75
N VAL B 64 7.83 -0.67 4.30
CA VAL B 64 8.49 -0.43 2.99
C VAL B 64 10.01 -0.70 3.06
N GLY B 65 10.60 -0.44 4.23
CA GLY B 65 12.00 -0.72 4.41
C GLY B 65 12.27 -2.23 4.34
N GLU B 66 11.39 -3.05 4.91
CA GLU B 66 11.56 -4.51 4.90
C GLU B 66 11.60 -4.99 3.43
N LEU B 67 10.67 -4.45 2.66
CA LEU B 67 10.49 -4.74 1.24
C LEU B 67 11.79 -4.36 0.51
N ALA B 68 12.24 -3.12 0.70
CA ALA B 68 13.46 -2.65 0.08
C ALA B 68 14.56 -3.66 0.37
N GLU B 69 14.67 -4.07 1.64
CA GLU B 69 15.71 -5.01 2.05
C GLU B 69 15.67 -6.25 1.15
N LEU B 70 14.46 -6.80 0.91
CA LEU B 70 14.37 -7.95 -0.02
C LEU B 70 14.96 -7.55 -1.41
N PHE B 71 14.60 -6.37 -1.91
CA PHE B 71 15.07 -5.98 -3.22
C PHE B 71 16.49 -5.43 -3.31
N GLN B 72 16.94 -4.71 -2.28
CA GLN B 72 18.26 -4.02 -2.22
C GLN B 72 19.42 -4.79 -2.86
N TRP B 73 19.37 -6.11 -2.76
CA TRP B 73 20.40 -6.96 -3.32
C TRP B 73 20.01 -7.67 -4.62
N LYS B 74 18.74 -7.99 -4.79
CA LYS B 74 18.29 -8.65 -6.01
C LYS B 74 18.59 -7.83 -7.29
N SER B 75 19.78 -8.07 -7.85
CA SER B 75 20.21 -7.40 -9.06
C SER B 75 19.06 -7.57 -10.04
N ASP B 76 18.84 -6.57 -10.91
CA ASP B 76 17.75 -6.70 -11.84
C ASP B 76 18.16 -7.74 -12.92
N THR B 77 19.43 -8.15 -12.82
CA THR B 77 20.00 -9.21 -13.69
C THR B 77 19.27 -10.47 -13.27
N GLU B 78 19.76 -11.08 -12.18
CA GLU B 78 19.22 -12.34 -11.66
C GLU B 78 17.72 -12.65 -11.88
N PRO B 79 17.23 -13.82 -11.40
CA PRO B 79 15.83 -14.14 -11.60
C PRO B 79 14.92 -13.16 -10.87
N GLY B 80 14.02 -12.55 -11.65
CA GLY B 80 13.05 -11.59 -11.12
C GLY B 80 12.31 -12.12 -9.90
N PRO B 81 11.59 -11.26 -9.15
CA PRO B 81 10.86 -11.67 -7.95
C PRO B 81 10.06 -12.93 -8.18
N GLN B 82 9.61 -13.14 -9.43
CA GLN B 82 8.81 -14.33 -9.70
C GLN B 82 9.54 -15.67 -9.74
N ALA B 83 10.87 -15.65 -9.73
CA ALA B 83 11.66 -16.89 -9.72
C ALA B 83 12.35 -16.97 -8.35
N TRP B 84 11.93 -16.13 -7.41
CA TRP B 84 12.49 -16.09 -6.05
C TRP B 84 12.13 -17.38 -5.26
N PRO B 85 13.00 -17.79 -4.32
CA PRO B 85 12.72 -19.02 -3.55
C PRO B 85 11.47 -18.90 -2.68
N PRO B 86 10.92 -20.05 -2.26
CA PRO B 86 9.71 -20.12 -1.42
C PRO B 86 9.49 -19.08 -0.34
N LYS B 87 10.04 -19.31 0.86
CA LYS B 87 9.86 -18.37 1.99
C LYS B 87 10.06 -16.93 1.55
N GLU B 88 11.24 -16.60 1.01
CA GLU B 88 11.51 -15.25 0.52
C GLU B 88 10.27 -14.75 -0.22
N ARG B 89 9.76 -15.56 -1.15
CA ARG B 89 8.54 -15.16 -1.87
C ARG B 89 7.39 -14.91 -0.88
N ALA B 90 7.35 -15.70 0.19
CA ALA B 90 6.32 -15.53 1.22
C ALA B 90 6.47 -14.19 1.97
N ALA B 91 7.71 -13.84 2.33
CA ALA B 91 7.97 -12.58 3.04
C ALA B 91 7.55 -11.39 2.16
N LEU B 92 8.00 -11.42 0.90
CA LEU B 92 7.69 -10.39 -0.07
C LEU B 92 6.19 -10.14 -0.11
N GLN B 93 5.45 -11.23 -0.22
CA GLN B 93 4.00 -11.20 -0.25
C GLN B 93 3.50 -10.68 1.11
N GLU B 94 4.07 -11.21 2.19
CA GLU B 94 3.65 -10.79 3.55
C GLU B 94 3.87 -9.31 3.79
N GLU B 95 5.03 -8.82 3.35
CA GLU B 95 5.43 -7.42 3.53
C GLU B 95 4.67 -6.50 2.57
N LEU B 96 4.45 -6.98 1.34
CA LEU B 96 3.70 -6.16 0.41
C LEU B 96 2.34 -5.92 1.08
N SER B 97 1.86 -6.95 1.78
CA SER B 97 0.54 -6.97 2.48
C SER B 97 0.15 -5.82 3.51
N ASP B 98 0.84 -5.69 4.66
CA ASP B 98 0.51 -4.61 5.64
C ASP B 98 0.81 -3.24 4.99
N VAL B 99 1.73 -3.20 4.00
CA VAL B 99 2.02 -1.94 3.29
C VAL B 99 0.70 -1.26 2.81
N LEU B 100 -0.23 -2.04 2.24
CA LEU B 100 -1.48 -1.47 1.79
C LEU B 100 -2.44 -1.40 3.01
N ILE B 101 -2.47 -2.44 3.84
CA ILE B 101 -3.34 -2.45 5.05
C ILE B 101 -3.15 -1.09 5.78
N TYR B 102 -1.87 -0.76 6.02
CA TYR B 102 -1.55 0.51 6.67
C TYR B 102 -1.97 1.68 5.81
N LEU B 103 -1.58 1.65 4.53
CA LEU B 103 -1.95 2.75 3.65
C LEU B 103 -3.47 3.03 3.84
N VAL B 104 -4.36 2.03 3.64
CA VAL B 104 -5.83 2.24 3.80
C VAL B 104 -6.14 2.75 5.21
N ALA B 105 -5.57 2.13 6.24
CA ALA B 105 -5.85 2.60 7.59
C ALA B 105 -5.41 4.05 7.58
N LEU B 106 -4.21 4.28 7.05
CA LEU B 106 -3.70 5.64 6.98
C LEU B 106 -4.67 6.55 6.23
N ALA B 107 -5.03 6.16 5.00
CA ALA B 107 -5.96 7.02 4.25
C ALA B 107 -7.21 7.29 5.10
N ALA B 108 -8.05 6.29 5.29
CA ALA B 108 -9.29 6.44 6.13
C ALA B 108 -9.12 7.36 7.37
N ARG B 109 -8.07 7.13 8.19
CA ARG B 109 -7.83 7.99 9.35
C ARG B 109 -7.78 9.45 8.89
N CYS B 110 -7.34 9.63 7.66
CA CYS B 110 -7.22 10.93 6.97
C CYS B 110 -8.49 11.23 6.19
N HIS B 111 -9.53 10.43 6.43
CA HIS B 111 -10.79 10.55 5.68
C HIS B 111 -10.43 10.76 4.21
N VAL B 112 -9.83 9.70 3.66
CA VAL B 112 -9.39 9.67 2.27
C VAL B 112 -10.05 8.47 1.56
N ASP B 113 -11.00 8.72 0.65
CA ASP B 113 -11.62 7.58 -0.03
C ASP B 113 -10.58 7.02 -1.03
N LEU B 114 -9.58 6.34 -0.46
CA LEU B 114 -8.44 5.79 -1.21
C LEU B 114 -8.75 5.18 -2.55
N PRO B 115 -9.83 4.40 -2.66
CA PRO B 115 -10.08 3.84 -3.99
C PRO B 115 -10.48 4.91 -5.00
N GLN B 116 -11.30 5.89 -4.56
CA GLN B 116 -11.76 6.94 -5.48
C GLN B 116 -10.65 7.94 -5.84
N ALA B 117 -9.76 8.19 -4.87
CA ALA B 117 -8.67 9.09 -5.03
C ALA B 117 -7.78 8.46 -6.10
N VAL B 118 -8.09 7.21 -6.43
CA VAL B 118 -7.31 6.55 -7.45
C VAL B 118 -7.70 7.06 -8.82
N ILE B 119 -8.99 7.38 -9.02
CA ILE B 119 -9.41 7.89 -10.32
C ILE B 119 -9.19 9.37 -10.40
N SER B 120 -9.66 10.10 -9.41
CA SER B 120 -9.49 11.55 -9.38
C SER B 120 -8.11 11.89 -9.96
N LYS B 121 -7.10 11.29 -9.35
CA LYS B 121 -5.67 11.40 -9.68
C LYS B 121 -5.41 10.97 -11.12
N MSE B 122 -6.08 9.88 -11.52
CA MSE B 122 -5.95 9.35 -12.87
C MSE B 122 -6.19 10.49 -13.83
O MSE B 122 -6.37 10.26 -15.01
CB MSE B 122 -7.01 8.27 -13.14
CG MSE B 122 -6.83 7.00 -12.41
SE MSE B 122 -5.14 6.31 -12.88
CE MSE B 122 -4.08 7.26 -11.54
N ASP B 123 -6.21 11.70 -13.31
CA ASP B 123 -6.43 12.89 -14.12
C ASP B 123 -5.22 13.80 -14.04
N THR B 124 -4.18 13.29 -13.39
CA THR B 124 -2.94 14.04 -13.19
C THR B 124 -1.68 13.32 -13.67
N ASN B 125 -1.72 11.99 -13.55
CA ASN B 125 -0.65 11.09 -13.95
C ASN B 125 -0.59 10.92 -15.49
N ARG B 126 -1.72 11.14 -16.18
CA ARG B 126 -1.80 11.04 -17.65
C ARG B 126 -1.11 12.28 -18.30
N GLN B 127 -0.89 13.33 -17.50
CA GLN B 127 -0.21 14.57 -17.90
C GLN B 127 1.20 14.55 -17.27
N ARG B 128 1.36 13.80 -16.19
CA ARG B 128 2.65 13.71 -15.52
C ARG B 128 3.51 12.68 -16.27
N TYR B 129 2.84 11.93 -17.14
CA TYR B 129 3.44 10.88 -17.95
C TYR B 129 2.55 10.92 -19.19
N PRO B 130 2.92 11.67 -20.24
CA PRO B 130 2.10 11.74 -21.44
C PRO B 130 1.88 10.39 -22.15
N PRO A 22 -19.68 8.20 9.22
CA PRO A 22 -19.49 6.75 9.09
C PRO A 22 -18.70 6.31 7.88
N PHE A 23 -17.81 7.21 7.45
CA PHE A 23 -16.87 7.06 6.33
C PHE A 23 -16.73 5.66 5.73
N ARG A 24 -16.70 5.57 4.41
CA ARG A 24 -16.47 4.28 3.83
C ARG A 24 -15.75 4.42 2.47
N PHE A 25 -14.98 3.39 2.07
CA PHE A 25 -14.34 3.47 0.74
C PHE A 25 -15.44 3.11 -0.28
N SER A 26 -15.49 3.86 -1.36
CA SER A 26 -16.45 3.60 -2.42
C SER A 26 -16.25 2.13 -2.67
N PRO A 27 -17.19 1.51 -3.39
CA PRO A 27 -16.91 0.09 -3.58
C PRO A 27 -15.94 -0.02 -4.73
N GLU A 28 -15.77 1.08 -5.44
CA GLU A 28 -14.82 1.10 -6.57
C GLU A 28 -13.84 2.23 -6.29
N PRO A 29 -12.63 2.16 -6.89
CA PRO A 29 -12.36 1.04 -7.75
C PRO A 29 -11.79 -0.16 -7.00
N THR A 30 -12.01 -1.34 -7.56
CA THR A 30 -11.41 -2.53 -7.03
C THR A 30 -9.87 -2.41 -7.26
N LEU A 31 -9.14 -3.22 -6.49
CA LEU A 31 -7.68 -3.27 -6.61
C LEU A 31 -7.33 -3.84 -8.00
N GLU A 32 -8.13 -4.83 -8.41
CA GLU A 32 -7.99 -5.43 -9.72
C GLU A 32 -8.28 -4.31 -10.74
N ASP A 33 -9.28 -3.45 -10.47
CA ASP A 33 -9.61 -2.35 -11.37
C ASP A 33 -8.32 -1.50 -11.55
N ILE A 34 -7.71 -1.15 -10.40
CA ILE A 34 -6.52 -0.32 -10.39
C ILE A 34 -5.38 -0.97 -11.16
N ARG A 35 -5.17 -2.27 -11.01
CA ARG A 35 -4.06 -2.90 -11.72
C ARG A 35 -4.25 -2.80 -13.26
N ARG A 36 -5.52 -2.74 -13.69
CA ARG A 36 -5.91 -2.63 -15.10
C ARG A 36 -5.84 -1.20 -15.67
N LEU A 37 -6.68 -0.30 -15.17
CA LEU A 37 -6.69 1.07 -15.66
C LEU A 37 -5.28 1.56 -15.84
N HIS A 38 -4.45 1.13 -14.87
CA HIS A 38 -3.05 1.47 -14.87
C HIS A 38 -2.36 0.71 -16.02
N ALA A 39 -2.69 -0.58 -16.19
CA ALA A 39 -2.09 -1.42 -17.23
C ALA A 39 -2.44 -0.99 -18.67
N GLU A 40 -3.19 0.10 -18.74
CA GLU A 40 -3.57 0.70 -19.97
C GLU A 40 -2.71 2.00 -19.90
N PHE A 41 -2.58 2.56 -18.69
CA PHE A 41 -1.75 3.73 -18.48
C PHE A 41 -0.27 3.42 -18.96
N ALA A 42 0.33 2.42 -18.32
CA ALA A 42 1.69 1.93 -18.56
C ALA A 42 1.95 1.48 -19.98
N ALA A 43 0.97 0.79 -20.54
CA ALA A 43 1.08 0.29 -21.90
C ALA A 43 1.06 1.53 -22.84
N GLU A 44 1.31 2.70 -22.22
CA GLU A 44 1.33 3.98 -22.94
C GLU A 44 2.57 4.83 -22.67
N ARG A 45 3.04 4.81 -21.42
CA ARG A 45 4.24 5.57 -21.01
C ARG A 45 5.56 4.82 -21.30
N ASP A 46 6.70 5.26 -20.76
CA ASP A 46 7.90 4.48 -21.10
C ASP A 46 7.96 3.04 -20.61
N TRP A 47 8.52 2.18 -21.46
CA TRP A 47 8.65 0.79 -21.16
C TRP A 47 9.38 0.59 -19.84
N GLU A 48 10.52 -0.08 -19.88
CA GLU A 48 11.34 -0.36 -18.71
C GLU A 48 11.22 0.57 -17.51
N GLN A 49 10.67 1.76 -17.67
CA GLN A 49 10.55 2.71 -16.58
C GLN A 49 9.35 2.49 -15.62
N PHE A 50 8.15 2.34 -16.18
CA PHE A 50 6.98 2.16 -15.32
C PHE A 50 6.59 0.69 -15.38
N HIS A 51 7.51 -0.10 -15.95
CA HIS A 51 7.32 -1.53 -16.06
C HIS A 51 8.37 -2.27 -15.24
N GLN A 52 9.61 -1.80 -15.16
CA GLN A 52 10.52 -2.52 -14.30
C GLN A 52 10.07 -2.31 -12.80
N PRO A 53 9.87 -3.45 -12.08
CA PRO A 53 9.45 -3.42 -10.68
C PRO A 53 10.26 -2.41 -9.90
N ARG A 54 11.53 -2.76 -9.72
CA ARG A 54 12.46 -1.99 -8.94
C ARG A 54 12.43 -0.47 -9.17
N ASN A 55 11.94 -0.04 -10.36
CA ASN A 55 11.75 1.39 -10.62
C ASN A 55 10.49 1.88 -9.87
N LEU A 56 9.36 1.19 -10.17
CA LEU A 56 8.00 1.35 -9.66
C LEU A 56 8.04 1.39 -8.13
N LEU A 57 8.86 0.49 -7.60
CA LEU A 57 9.14 0.36 -6.17
C LEU A 57 9.70 1.74 -5.77
N LEU A 58 10.84 2.08 -6.38
CA LEU A 58 11.46 3.35 -6.11
C LEU A 58 10.48 4.46 -6.46
N ALA A 59 9.53 4.19 -7.31
CA ALA A 59 8.55 5.21 -7.60
C ALA A 59 7.92 5.53 -6.24
N LEU A 60 7.41 4.42 -5.61
CA LEU A 60 6.72 4.25 -4.29
C LEU A 60 7.50 4.67 -3.04
N VAL A 61 8.70 4.14 -2.87
CA VAL A 61 9.49 4.50 -1.68
C VAL A 61 9.58 6.01 -1.62
N GLY A 62 9.72 6.62 -2.80
CA GLY A 62 9.81 8.07 -2.83
C GLY A 62 8.43 8.56 -2.48
N GLU A 63 7.42 7.80 -2.93
CA GLU A 63 6.03 8.11 -2.63
C GLU A 63 5.79 7.95 -1.10
N VAL A 64 6.24 6.85 -0.50
CA VAL A 64 6.02 6.69 0.91
C VAL A 64 6.85 7.79 1.51
N GLY A 65 8.02 8.01 0.89
CA GLY A 65 8.87 9.09 1.36
C GLY A 65 8.16 10.42 1.18
N GLU A 66 7.52 10.65 0.03
CA GLU A 66 6.87 11.93 -0.19
C GLU A 66 5.74 12.01 0.82
N LEU A 67 5.25 10.81 1.21
CA LEU A 67 4.20 10.72 2.20
C LEU A 67 4.82 10.99 3.58
N ALA A 68 5.94 10.32 3.91
CA ALA A 68 6.60 10.51 5.23
C ALA A 68 6.54 11.96 5.74
N GLU A 69 7.21 12.83 4.96
CA GLU A 69 7.36 14.26 5.21
C GLU A 69 6.09 14.92 5.62
N LEU A 70 5.04 14.64 4.84
CA LEU A 70 3.80 15.29 5.20
C LEU A 70 3.71 15.25 6.72
N PHE A 71 3.83 14.04 7.28
CA PHE A 71 3.75 13.81 8.70
C PHE A 71 4.89 14.41 9.61
N GLN A 72 6.13 14.45 9.09
CA GLN A 72 7.36 14.91 9.79
C GLN A 72 7.36 16.06 10.85
N TRP A 73 6.79 17.24 10.53
CA TRP A 73 6.73 18.34 11.53
C TRP A 73 5.36 18.30 12.22
N LYS A 74 4.57 17.29 11.80
CA LYS A 74 3.19 17.09 12.27
C LYS A 74 3.00 16.36 13.60
N SER A 75 2.73 17.12 14.66
CA SER A 75 2.48 16.60 16.00
C SER A 75 1.60 15.35 16.02
N ASP A 76 1.66 14.61 17.13
CA ASP A 76 0.89 13.38 17.28
C ASP A 76 -0.23 13.56 18.28
N THR A 77 -0.67 14.80 18.38
CA THR A 77 -1.69 15.25 19.30
C THR A 77 -2.97 15.57 18.59
N GLU A 78 -2.82 15.90 17.31
CA GLU A 78 -3.98 16.27 16.51
C GLU A 78 -4.50 15.14 15.63
N PRO A 79 -5.81 14.83 15.75
CA PRO A 79 -6.53 13.79 14.98
C PRO A 79 -6.40 14.12 13.51
N GLY A 80 -6.07 13.09 12.71
CA GLY A 80 -5.84 13.13 11.26
C GLY A 80 -5.78 14.37 10.37
N PRO A 81 -5.00 14.32 9.24
CA PRO A 81 -4.80 15.39 8.25
C PRO A 81 -6.15 15.98 7.80
N GLN A 82 -7.13 15.61 8.58
CA GLN A 82 -8.50 15.98 8.45
C GLN A 82 -8.63 17.37 9.07
N ALA A 83 -7.78 17.70 10.05
CA ALA A 83 -7.82 19.02 10.72
C ALA A 83 -6.62 19.86 10.29
N TRP A 84 -5.88 19.28 9.33
CA TRP A 84 -4.71 19.90 8.72
C TRP A 84 -5.47 20.61 7.59
N PRO A 85 -4.92 21.69 6.98
CA PRO A 85 -5.70 22.34 5.90
C PRO A 85 -6.07 21.48 4.67
N PRO A 86 -7.23 21.80 4.04
CA PRO A 86 -7.73 21.10 2.86
C PRO A 86 -7.10 21.75 1.62
N LYS A 87 -7.22 23.09 1.48
CA LYS A 87 -6.59 23.73 0.32
C LYS A 87 -5.16 23.26 0.43
N GLU A 88 -4.91 22.43 1.45
CA GLU A 88 -3.62 21.80 1.62
C GLU A 88 -3.64 20.37 2.17
N ARG A 89 -4.82 19.73 2.16
CA ARG A 89 -5.00 18.36 2.64
C ARG A 89 -4.70 17.36 1.55
N ALA A 90 -4.74 17.82 0.29
CA ALA A 90 -4.55 16.91 -0.84
C ALA A 90 -3.24 16.12 -0.98
N ALA A 91 -2.08 16.79 -0.99
CA ALA A 91 -0.79 16.04 -1.10
C ALA A 91 -0.96 14.62 -0.56
N LEU A 92 -1.51 14.51 0.67
CA LEU A 92 -1.75 13.20 1.26
C LEU A 92 -2.71 12.32 0.41
N GLN A 93 -3.83 12.90 -0.04
CA GLN A 93 -4.82 12.17 -0.86
C GLN A 93 -4.11 11.68 -2.13
N GLU A 94 -3.56 12.65 -2.87
CA GLU A 94 -2.85 12.37 -4.14
C GLU A 94 -1.77 11.32 -4.00
N GLU A 95 -0.91 11.46 -3.00
CA GLU A 95 0.13 10.48 -2.86
C GLU A 95 -0.48 9.11 -2.53
N LEU A 96 -1.41 9.05 -1.57
CA LEU A 96 -2.04 7.78 -1.22
C LEU A 96 -2.47 7.05 -2.52
N SER A 97 -3.07 7.81 -3.43
CA SER A 97 -3.45 7.27 -4.73
C SER A 97 -2.18 6.67 -5.31
N ASP A 98 -1.17 7.51 -5.52
CA ASP A 98 0.12 7.07 -6.09
C ASP A 98 0.83 5.98 -5.30
N VAL A 99 0.87 6.11 -3.97
CA VAL A 99 1.54 5.08 -3.16
C VAL A 99 0.87 3.76 -3.46
N LEU A 100 -0.46 3.80 -3.50
CA LEU A 100 -1.27 2.62 -3.76
C LEU A 100 -1.22 2.22 -5.23
N ILE A 101 -1.35 3.21 -6.11
CA ILE A 101 -1.34 2.93 -7.54
C ILE A 101 -0.08 2.16 -7.88
N TYR A 102 1.05 2.83 -7.61
CA TYR A 102 2.35 2.28 -7.84
C TYR A 102 2.37 1.00 -6.98
N LEU A 103 1.80 1.07 -5.75
CA LEU A 103 1.81 -0.11 -4.87
C LEU A 103 1.28 -1.35 -5.57
N VAL A 104 0.20 -1.18 -6.33
CA VAL A 104 -0.42 -2.25 -7.08
C VAL A 104 0.43 -2.68 -8.30
N ALA A 105 0.98 -1.68 -9.00
CA ALA A 105 1.80 -1.92 -10.19
C ALA A 105 2.93 -2.85 -9.80
N LEU A 106 3.63 -2.46 -8.72
CA LEU A 106 4.70 -3.26 -8.20
C LEU A 106 4.13 -4.60 -7.83
N ALA A 107 2.86 -4.61 -7.39
CA ALA A 107 2.22 -5.85 -6.98
C ALA A 107 2.23 -6.78 -8.16
N ALA A 108 1.06 -6.89 -8.77
CA ALA A 108 0.82 -7.75 -9.93
C ALA A 108 2.07 -8.01 -10.72
N ARG A 109 2.84 -6.97 -10.96
CA ARG A 109 4.08 -7.07 -11.75
C ARG A 109 5.01 -8.09 -11.11
N CYS A 110 4.60 -8.62 -9.95
CA CYS A 110 5.35 -9.65 -9.21
C CYS A 110 4.61 -10.99 -9.09
N HIS A 111 3.33 -11.01 -9.49
CA HIS A 111 2.41 -12.15 -9.43
C HIS A 111 1.93 -12.43 -7.97
N VAL A 112 1.52 -11.35 -7.28
CA VAL A 112 0.99 -11.39 -5.93
C VAL A 112 -0.43 -10.88 -6.01
N ASP A 113 -1.35 -11.72 -5.52
CA ASP A 113 -2.78 -11.43 -5.46
C ASP A 113 -2.90 -10.58 -4.21
N LEU A 114 -2.60 -9.29 -4.39
CA LEU A 114 -2.56 -8.38 -3.26
C LEU A 114 -3.76 -8.59 -2.37
N PRO A 115 -5.01 -8.36 -2.86
CA PRO A 115 -6.24 -8.52 -2.05
C PRO A 115 -6.14 -9.79 -1.22
N GLN A 116 -6.26 -10.96 -1.85
CA GLN A 116 -6.13 -12.21 -1.06
C GLN A 116 -4.89 -12.14 -0.16
N ALA A 117 -3.75 -11.62 -0.67
CA ALA A 117 -2.55 -11.52 0.17
C ALA A 117 -2.88 -10.72 1.43
N VAL A 118 -3.80 -9.79 1.32
CA VAL A 118 -4.18 -8.98 2.47
C VAL A 118 -5.13 -9.72 3.42
N ILE A 119 -5.97 -10.64 2.90
CA ILE A 119 -6.85 -11.34 3.82
C ILE A 119 -6.01 -12.34 4.56
N SER A 120 -4.94 -12.78 3.90
CA SER A 120 -4.08 -13.76 4.52
C SER A 120 -3.27 -13.10 5.62
N LYS A 121 -2.52 -12.06 5.23
CA LYS A 121 -1.67 -11.34 6.16
C LYS A 121 -2.38 -10.96 7.49
N MSE A 122 -3.71 -11.06 7.50
CA MSE A 122 -4.46 -10.79 8.71
C MSE A 122 -4.37 -12.03 9.60
O MSE A 122 -4.34 -11.90 10.82
CB MSE A 122 -5.91 -10.46 8.36
CG MSE A 122 -6.08 -9.10 7.70
SE MSE A 122 -5.02 -7.73 8.60
CE MSE A 122 -6.38 -6.80 9.62
N ASP A 123 -4.27 -13.20 8.99
CA ASP A 123 -4.15 -14.44 9.77
C ASP A 123 -2.75 -14.48 10.42
N THR A 124 -1.70 -14.25 9.63
CA THR A 124 -0.36 -14.23 10.25
C THR A 124 -0.19 -13.06 11.26
N ASN A 125 -0.63 -11.85 10.91
CA ASN A 125 -0.50 -10.73 11.87
C ASN A 125 -1.21 -11.18 13.17
N ARG A 126 -2.36 -11.86 12.99
CA ARG A 126 -3.17 -12.33 14.09
C ARG A 126 -2.43 -13.34 15.00
N GLN A 127 -1.61 -14.23 14.42
CA GLN A 127 -0.88 -15.16 15.27
C GLN A 127 0.27 -14.46 16.00
N ARG A 128 0.74 -13.34 15.47
CA ARG A 128 1.87 -12.63 16.08
C ARG A 128 1.44 -11.53 17.07
N TYR A 129 0.27 -10.94 16.85
CA TYR A 129 -0.20 -9.87 17.75
C TYR A 129 -1.31 -10.40 18.72
N PRO A 130 -0.97 -11.38 19.62
CA PRO A 130 -2.00 -11.86 20.55
C PRO A 130 -2.65 -10.77 21.40
N VAL A 131 -3.93 -11.02 21.64
CA VAL A 131 -4.87 -10.20 22.40
C VAL A 131 -5.07 -10.76 23.82
N HIS A 132 -5.32 -9.88 24.77
CA HIS A 132 -5.51 -10.32 26.14
C HIS A 132 -6.90 -9.92 26.52
N LEU A 133 -7.63 -10.83 27.16
CA LEU A 133 -9.00 -10.53 27.58
C LEU A 133 -8.89 -9.92 28.96
N SER A 134 -9.99 -10.01 29.71
CA SER A 134 -10.03 -9.52 31.10
C SER A 134 -9.04 -10.38 31.93
N PRO B 22 -3.18 -16.83 -17.16
CA PRO B 22 -3.75 -15.47 -17.00
C PRO B 22 -3.88 -14.83 -15.54
N PHE B 23 -2.93 -13.93 -15.20
CA PHE B 23 -2.93 -13.24 -13.88
C PHE B 23 -3.61 -11.86 -13.83
N ARG B 24 -4.77 -11.82 -13.21
CA ARG B 24 -5.46 -10.57 -13.02
C ARG B 24 -5.89 -10.67 -11.57
N PHE B 25 -5.66 -9.62 -10.79
CA PHE B 25 -6.05 -9.60 -9.36
C PHE B 25 -7.48 -10.12 -9.26
N SER B 26 -7.84 -10.31 -8.00
CA SER B 26 -9.14 -10.75 -7.54
C SER B 26 -9.96 -9.51 -7.07
N PRO B 27 -11.29 -9.66 -7.11
CA PRO B 27 -12.46 -8.83 -6.78
C PRO B 27 -12.76 -8.79 -5.30
N GLU B 28 -11.76 -9.05 -4.46
CA GLU B 28 -12.01 -9.02 -3.00
C GLU B 28 -10.85 -9.65 -2.25
N PRO B 29 -10.62 -9.20 -1.00
CA PRO B 29 -11.37 -8.16 -0.30
C PRO B 29 -11.46 -6.86 -1.12
N THR B 30 -12.29 -5.88 -0.73
CA THR B 30 -12.39 -4.59 -1.44
C THR B 30 -11.41 -3.77 -0.64
N LEU B 31 -11.19 -2.53 -1.06
CA LEU B 31 -10.36 -1.65 -0.24
C LEU B 31 -11.37 -1.32 0.88
N GLU B 32 -12.59 -1.82 0.74
CA GLU B 32 -13.59 -1.59 1.77
C GLU B 32 -13.61 -2.88 2.55
N ASP B 33 -13.28 -3.99 1.88
CA ASP B 33 -13.25 -5.25 2.60
C ASP B 33 -11.99 -5.23 3.46
N ILE B 34 -10.87 -4.92 2.80
CA ILE B 34 -9.57 -4.83 3.50
C ILE B 34 -9.62 -3.80 4.63
N ARG B 35 -10.45 -2.78 4.44
CA ARG B 35 -10.55 -1.80 5.47
C ARG B 35 -11.33 -2.38 6.67
N ARG B 36 -12.06 -3.48 6.44
CA ARG B 36 -12.85 -4.11 7.53
C ARG B 36 -11.96 -4.98 8.40
N LEU B 37 -11.02 -5.74 7.80
CA LEU B 37 -10.15 -6.53 8.68
C LEU B 37 -9.21 -5.57 9.48
N HIS B 38 -8.75 -4.48 8.85
CA HIS B 38 -7.90 -3.48 9.49
C HIS B 38 -8.57 -3.15 10.84
N ALA B 39 -9.86 -2.82 10.72
CA ALA B 39 -10.69 -2.44 11.86
C ALA B 39 -11.00 -3.54 12.87
N GLU B 40 -11.01 -4.80 12.45
CA GLU B 40 -11.26 -5.88 13.44
C GLU B 40 -9.95 -6.13 14.22
N PHE B 41 -8.80 -5.85 13.60
CA PHE B 41 -7.54 -6.10 14.28
C PHE B 41 -7.24 -5.05 15.36
N ALA B 42 -7.08 -3.81 14.91
CA ALA B 42 -6.80 -2.63 15.77
C ALA B 42 -7.82 -2.49 16.94
N ALA B 43 -9.10 -2.81 16.73
CA ALA B 43 -10.06 -2.67 17.84
C ALA B 43 -9.82 -3.62 18.98
N GLU B 44 -9.66 -4.91 18.66
CA GLU B 44 -9.46 -6.00 19.64
C GLU B 44 -8.07 -5.96 20.33
N ARG B 45 -7.34 -4.90 20.00
CA ARG B 45 -5.99 -4.62 20.49
C ARG B 45 -5.91 -3.17 20.99
N ASP B 46 -4.81 -2.48 20.72
CA ASP B 46 -4.72 -1.10 21.13
C ASP B 46 -5.03 -0.16 19.93
N TRP B 47 -6.34 0.04 19.78
CA TRP B 47 -6.96 0.84 18.72
C TRP B 47 -6.51 2.31 18.63
N GLU B 48 -6.24 2.91 19.81
CA GLU B 48 -5.80 4.29 20.01
C GLU B 48 -4.39 4.51 19.45
N GLN B 49 -3.57 3.47 19.52
CA GLN B 49 -2.21 3.52 19.00
C GLN B 49 -2.32 3.46 17.43
N PHE B 50 -3.29 2.65 16.95
CA PHE B 50 -3.53 2.46 15.52
C PHE B 50 -4.27 3.62 14.87
N HIS B 51 -4.62 4.58 15.71
CA HIS B 51 -5.37 5.74 15.33
C HIS B 51 -4.48 6.95 15.12
N GLN B 52 -3.22 6.83 15.49
CA GLN B 52 -2.31 7.98 15.32
C GLN B 52 -2.02 8.12 13.83
N PRO B 53 -2.49 9.23 13.19
CA PRO B 53 -2.23 9.36 11.74
C PRO B 53 -0.82 8.97 11.42
N ARG B 54 0.13 9.56 12.18
CA ARG B 54 1.56 9.36 11.98
C ARG B 54 2.12 8.01 12.44
N ASN B 55 1.47 7.36 13.40
CA ASN B 55 1.92 6.04 13.76
C ASN B 55 1.64 5.11 12.56
N LEU B 56 0.52 5.33 11.84
CA LEU B 56 0.19 4.49 10.68
C LEU B 56 1.27 4.67 9.60
N LEU B 57 1.65 5.92 9.30
CA LEU B 57 2.63 6.12 8.26
C LEU B 57 4.00 5.52 8.57
N LEU B 58 4.47 5.61 9.82
CA LEU B 58 5.75 5.03 10.10
C LEU B 58 5.69 3.52 10.05
N ALA B 59 4.52 2.95 10.33
CA ALA B 59 4.40 1.49 10.25
C ALA B 59 4.64 1.13 8.78
N LEU B 60 4.07 2.00 7.92
CA LEU B 60 4.15 1.90 6.47
C LEU B 60 5.63 1.96 6.04
N VAL B 61 6.29 3.04 6.41
CA VAL B 61 7.69 3.20 6.10
C VAL B 61 8.53 2.02 6.55
N GLY B 62 8.33 1.54 7.77
CA GLY B 62 9.11 0.40 8.28
C GLY B 62 9.14 -0.89 7.45
N GLU B 63 7.97 -1.39 7.08
CA GLU B 63 7.84 -2.64 6.31
C GLU B 63 8.37 -2.51 4.90
N VAL B 64 8.13 -1.34 4.27
CA VAL B 64 8.66 -1.14 2.92
C VAL B 64 10.20 -1.14 3.02
N GLY B 65 10.75 -0.56 4.07
CA GLY B 65 12.18 -0.63 4.25
C GLY B 65 12.50 -2.12 4.14
N GLU B 66 11.70 -2.97 4.78
CA GLU B 66 11.90 -4.43 4.73
C GLU B 66 11.80 -4.92 3.27
N LEU B 67 10.77 -4.43 2.60
CA LEU B 67 10.49 -4.73 1.20
C LEU B 67 11.76 -4.33 0.43
N ALA B 68 12.26 -3.12 0.69
CA ALA B 68 13.47 -2.65 0.06
C ALA B 68 14.51 -3.68 0.43
N GLU B 69 14.53 -4.08 1.71
CA GLU B 69 15.50 -5.07 2.18
C GLU B 69 15.31 -6.37 1.37
N LEU B 70 14.06 -6.76 1.08
CA LEU B 70 13.83 -7.94 0.23
C LEU B 70 14.43 -7.75 -1.18
N PHE B 71 14.66 -6.50 -1.63
CA PHE B 71 15.21 -6.32 -2.96
C PHE B 71 16.64 -5.80 -3.00
N GLN B 72 17.09 -5.17 -1.92
CA GLN B 72 18.41 -4.55 -1.89
C GLN B 72 19.52 -5.24 -2.66
N TRP B 73 19.59 -6.56 -2.52
CA TRP B 73 20.64 -7.26 -3.23
C TRP B 73 20.05 -8.09 -4.37
N LYS B 74 19.22 -7.47 -5.21
CA LYS B 74 18.63 -8.18 -6.35
C LYS B 74 18.75 -7.45 -7.69
N SER B 75 19.79 -7.85 -8.42
CA SER B 75 20.14 -7.32 -9.75
C SER B 75 18.96 -7.14 -10.71
N ASP B 76 19.06 -6.16 -11.58
CA ASP B 76 18.01 -5.95 -12.54
C ASP B 76 18.19 -7.00 -13.69
N THR B 77 19.42 -7.56 -13.79
CA THR B 77 19.78 -8.56 -14.82
C THR B 77 19.12 -9.91 -14.58
N GLU B 78 18.76 -10.19 -13.33
CA GLU B 78 18.14 -11.48 -13.00
C GLU B 78 16.69 -11.55 -13.27
N PRO B 79 16.05 -12.65 -12.87
CA PRO B 79 14.60 -12.81 -13.08
C PRO B 79 13.92 -12.20 -11.83
N GLY B 80 12.81 -11.48 -12.02
CA GLY B 80 12.13 -10.81 -10.91
C GLY B 80 11.50 -11.66 -9.82
N PRO B 81 10.98 -11.03 -8.75
CA PRO B 81 10.34 -11.69 -7.58
C PRO B 81 9.37 -12.75 -8.06
N GLN B 82 9.24 -12.84 -9.37
CA GLN B 82 8.36 -13.80 -10.00
C GLN B 82 8.93 -15.23 -9.92
N ALA B 83 10.25 -15.34 -9.87
CA ALA B 83 10.92 -16.65 -9.77
C ALA B 83 11.65 -16.80 -8.42
N TRP B 84 11.17 -16.08 -7.41
CA TRP B 84 11.75 -16.12 -6.07
C TRP B 84 11.34 -17.37 -5.30
N PRO B 85 12.32 -18.03 -4.63
CA PRO B 85 12.09 -19.25 -3.84
C PRO B 85 10.82 -19.22 -2.96
N PRO B 86 10.49 -20.34 -2.31
CA PRO B 86 9.27 -20.37 -1.47
C PRO B 86 9.16 -19.37 -0.31
N LYS B 87 10.33 -18.98 0.22
CA LYS B 87 10.40 -18.06 1.35
C LYS B 87 10.42 -16.59 0.90
N GLU B 88 10.52 -16.36 -0.41
CA GLU B 88 10.58 -14.99 -0.90
C GLU B 88 9.28 -14.30 -1.25
N ARG B 89 8.55 -14.90 -2.19
CA ARG B 89 7.26 -14.40 -2.66
C ARG B 89 6.29 -14.18 -1.53
N ALA B 90 6.51 -14.89 -0.43
CA ALA B 90 5.64 -14.81 0.74
C ALA B 90 6.17 -13.69 1.62
N ALA B 91 7.49 -13.62 1.77
CA ALA B 91 8.03 -12.53 2.55
C ALA B 91 7.52 -11.29 1.78
N LEU B 92 7.67 -11.31 0.44
CA LEU B 92 7.21 -10.21 -0.43
C LEU B 92 5.77 -9.82 -0.18
N GLN B 93 4.91 -10.80 -0.35
CA GLN B 93 3.48 -10.61 -0.15
C GLN B 93 3.10 -10.07 1.25
N GLU B 94 3.74 -10.58 2.31
CA GLU B 94 3.44 -10.13 3.70
C GLU B 94 3.60 -8.62 3.61
N GLU B 95 4.80 -8.23 3.16
CA GLU B 95 5.22 -6.83 3.00
C GLU B 95 4.26 -5.98 2.19
N LEU B 96 4.12 -6.36 0.92
CA LEU B 96 3.19 -5.68 0.01
C LEU B 96 1.83 -5.51 0.68
N SER B 97 1.37 -6.57 1.36
CA SER B 97 0.08 -6.60 2.05
C SER B 97 0.09 -5.71 3.33
N ASP B 98 1.26 -5.57 3.99
CA ASP B 98 1.30 -4.71 5.18
C ASP B 98 1.30 -3.26 4.69
N VAL B 99 1.74 -3.04 3.45
CA VAL B 99 1.77 -1.66 2.86
C VAL B 99 0.40 -1.03 2.50
N LEU B 100 -0.55 -1.84 1.99
CA LEU B 100 -1.83 -1.27 1.63
C LEU B 100 -2.70 -1.24 2.95
N ILE B 101 -2.84 -2.35 3.66
CA ILE B 101 -3.61 -2.40 4.96
C ILE B 101 -3.35 -1.02 5.65
N TYR B 102 -2.05 -0.76 5.84
CA TYR B 102 -1.63 0.49 6.43
C TYR B 102 -2.05 1.71 5.63
N LEU B 103 -1.69 1.73 4.35
CA LEU B 103 -2.07 2.86 3.53
C LEU B 103 -3.57 3.14 3.78
N VAL B 104 -4.47 2.19 3.47
CA VAL B 104 -5.93 2.36 3.69
C VAL B 104 -6.21 2.81 5.14
N ALA B 105 -5.59 2.17 6.13
CA ALA B 105 -5.84 2.62 7.50
C ALA B 105 -5.51 4.08 7.49
N LEU B 106 -4.34 4.40 6.91
CA LEU B 106 -3.92 5.79 6.86
C LEU B 106 -4.93 6.62 6.03
N ALA B 107 -5.22 6.25 4.77
CA ALA B 107 -6.19 7.06 4.03
C ALA B 107 -7.56 7.11 4.76
N ALA B 108 -8.06 5.96 5.19
CA ALA B 108 -9.35 5.96 5.94
C ALA B 108 -9.25 6.93 7.16
N ARG B 109 -8.14 6.83 7.90
CA ARG B 109 -7.89 7.67 9.07
C ARG B 109 -7.55 9.12 8.73
N CYS B 110 -7.33 9.40 7.45
CA CYS B 110 -7.03 10.75 6.94
C CYS B 110 -8.22 11.30 6.17
N HIS B 111 -9.38 10.70 6.39
CA HIS B 111 -10.58 11.11 5.65
C HIS B 111 -10.26 11.49 4.22
N VAL B 112 -9.78 10.46 3.54
CA VAL B 112 -9.40 10.52 2.15
C VAL B 112 -9.88 9.14 1.77
N ASP B 113 -10.68 9.02 0.71
CA ASP B 113 -11.13 7.70 0.35
C ASP B 113 -10.11 7.06 -0.59
N LEU B 114 -9.27 6.16 -0.05
CA LEU B 114 -8.21 5.56 -0.85
C LEU B 114 -8.56 5.21 -2.28
N PRO B 115 -9.68 4.49 -2.49
CA PRO B 115 -10.06 4.14 -3.86
C PRO B 115 -10.45 5.30 -4.78
N GLN B 116 -11.30 6.24 -4.32
CA GLN B 116 -11.67 7.36 -5.21
C GLN B 116 -10.42 8.17 -5.56
N ALA B 117 -9.63 8.46 -4.51
CA ALA B 117 -8.39 9.20 -4.58
C ALA B 117 -7.60 8.71 -5.78
N VAL B 118 -7.63 7.41 -5.99
CA VAL B 118 -6.91 6.83 -7.11
C VAL B 118 -7.50 7.39 -8.43
N ILE B 119 -8.77 7.11 -8.75
CA ILE B 119 -9.27 7.64 -10.02
C ILE B 119 -9.20 9.15 -10.07
N SER B 120 -8.92 9.79 -8.95
CA SER B 120 -8.82 11.24 -8.95
C SER B 120 -7.42 11.65 -9.48
N LYS B 121 -6.38 11.10 -8.84
CA LYS B 121 -4.96 11.35 -9.17
C LYS B 121 -4.51 10.58 -10.40
N MSE B 122 -5.13 9.42 -10.59
CA MSE B 122 -4.82 8.58 -11.71
C MSE B 122 -5.41 9.08 -12.99
O MSE B 122 -4.91 8.75 -14.05
CB MSE B 122 -5.32 7.18 -11.47
CG MSE B 122 -4.28 6.12 -11.79
SE MSE B 122 -4.99 4.59 -12.68
CE MSE B 122 -3.70 4.54 -14.17
N ASP B 123 -6.50 9.82 -12.94
CA ASP B 123 -7.08 10.32 -14.17
C ASP B 123 -6.28 11.62 -14.36
N THR B 124 -5.37 11.83 -13.41
CA THR B 124 -4.47 12.99 -13.35
C THR B 124 -3.05 12.65 -13.82
N ASN B 125 -2.40 11.76 -13.09
CA ASN B 125 -1.04 11.31 -13.41
C ASN B 125 -0.99 10.94 -14.93
N ARG B 126 -2.15 10.76 -15.55
CA ARG B 126 -2.18 10.48 -17.01
C ARG B 126 -1.63 11.69 -17.85
N GLN B 127 -1.02 12.67 -17.18
CA GLN B 127 -0.40 13.85 -17.80
C GLN B 127 0.98 14.08 -17.18
N ARG B 128 1.26 13.41 -16.05
CA ARG B 128 2.57 13.56 -15.42
C ARG B 128 3.53 12.64 -16.17
N TYR B 129 2.97 11.80 -17.04
CA TYR B 129 3.72 10.85 -17.84
C TYR B 129 2.86 10.68 -19.08
N PRO B 130 2.91 11.65 -20.03
CA PRO B 130 2.15 11.69 -21.29
C PRO B 130 2.07 10.35 -22.07
N PRO A 22 -17.89 8.53 10.89
CA PRO A 22 -18.05 7.34 10.07
C PRO A 22 -17.56 7.41 8.61
N PHE A 23 -16.23 7.25 8.39
CA PHE A 23 -15.64 7.27 7.03
C PHE A 23 -15.37 5.84 6.50
N ARG A 24 -15.80 5.56 5.28
CA ARG A 24 -15.60 4.24 4.72
C ARG A 24 -15.10 4.35 3.28
N PHE A 25 -14.53 3.25 2.74
CA PHE A 25 -14.06 3.26 1.34
C PHE A 25 -15.24 3.00 0.42
N SER A 26 -15.26 3.68 -0.72
CA SER A 26 -16.28 3.50 -1.74
C SER A 26 -16.17 2.06 -2.20
N PRO A 27 -17.21 1.54 -2.85
CA PRO A 27 -17.04 0.14 -3.27
C PRO A 27 -15.88 0.01 -4.23
N GLU A 28 -16.01 0.51 -5.45
CA GLU A 28 -14.85 0.38 -6.34
C GLU A 28 -13.90 1.56 -6.07
N PRO A 29 -12.67 1.50 -6.60
CA PRO A 29 -12.21 0.39 -7.41
C PRO A 29 -11.44 -0.73 -6.66
N THR A 30 -11.63 -1.96 -7.11
CA THR A 30 -10.89 -3.08 -6.53
C THR A 30 -9.40 -2.93 -6.89
N LEU A 31 -8.59 -3.62 -6.11
CA LEU A 31 -7.15 -3.67 -6.34
C LEU A 31 -6.96 -4.13 -7.80
N GLU A 32 -8.00 -4.81 -8.26
CA GLU A 32 -8.13 -5.34 -9.58
C GLU A 32 -8.55 -4.25 -10.62
N ASP A 33 -9.60 -3.48 -10.33
CA ASP A 33 -10.03 -2.43 -11.24
C ASP A 33 -8.77 -1.60 -11.43
N ILE A 34 -8.25 -1.19 -10.26
CA ILE A 34 -7.09 -0.35 -10.19
C ILE A 34 -6.06 -0.93 -11.06
N ARG A 35 -5.64 -2.13 -10.68
CA ARG A 35 -4.60 -2.92 -11.36
C ARG A 35 -4.68 -2.86 -12.92
N ARG A 36 -5.91 -2.89 -13.45
CA ARG A 36 -6.15 -2.80 -14.88
C ARG A 36 -5.68 -1.43 -15.39
N LEU A 37 -5.89 -0.39 -14.58
CA LEU A 37 -5.48 0.95 -14.94
C LEU A 37 -3.99 1.10 -15.03
N HIS A 38 -3.32 0.72 -13.94
CA HIS A 38 -1.88 0.78 -13.92
C HIS A 38 -1.36 0.10 -15.22
N ALA A 39 -2.05 -0.94 -15.68
CA ALA A 39 -1.60 -1.65 -16.85
C ALA A 39 -1.93 -0.95 -18.16
N GLU A 40 -2.96 -0.11 -18.15
CA GLU A 40 -3.35 0.63 -19.34
C GLU A 40 -2.53 1.94 -19.39
N PHE A 41 -2.66 2.75 -18.34
CA PHE A 41 -1.92 4.00 -18.25
C PHE A 41 -0.45 3.87 -18.71
N ALA A 42 0.15 2.75 -18.29
CA ALA A 42 1.53 2.39 -18.55
C ALA A 42 1.70 1.79 -19.93
N ALA A 43 0.75 0.94 -20.31
CA ALA A 43 0.81 0.35 -21.63
C ALA A 43 1.15 1.65 -22.33
N GLU A 44 0.21 2.59 -22.16
CA GLU A 44 0.24 3.93 -22.69
C GLU A 44 1.64 4.56 -22.80
N ARG A 45 2.26 4.85 -21.65
CA ARG A 45 3.58 5.47 -21.63
C ARG A 45 4.76 4.52 -21.98
N ASP A 46 5.80 4.44 -21.14
CA ASP A 46 6.99 3.57 -21.40
C ASP A 46 6.95 2.21 -20.70
N TRP A 47 6.73 1.18 -21.51
CA TRP A 47 6.62 -0.21 -21.10
C TRP A 47 7.79 -0.59 -20.18
N GLU A 48 9.01 -0.49 -20.69
CA GLU A 48 10.18 -0.82 -19.89
C GLU A 48 10.36 0.14 -18.74
N GLN A 49 9.50 1.17 -18.66
CA GLN A 49 9.56 2.17 -17.60
C GLN A 49 8.41 2.07 -16.56
N PHE A 50 7.49 1.15 -16.70
CA PHE A 50 6.39 1.00 -15.73
C PHE A 50 6.22 -0.45 -15.30
N HIS A 51 7.26 -1.23 -15.68
CA HIS A 51 7.44 -2.66 -15.46
C HIS A 51 8.66 -3.07 -14.59
N GLN A 52 9.86 -2.50 -14.78
CA GLN A 52 10.93 -2.96 -13.89
C GLN A 52 10.51 -2.84 -12.39
N PRO A 53 10.51 -3.98 -11.66
CA PRO A 53 10.15 -4.06 -10.25
C PRO A 53 10.86 -3.02 -9.39
N ARG A 54 12.19 -3.15 -9.28
CA ARG A 54 12.98 -2.25 -8.42
C ARG A 54 12.77 -0.73 -8.61
N ASN A 55 12.48 -0.27 -9.84
CA ASN A 55 12.19 1.17 -10.05
C ASN A 55 10.89 1.41 -9.27
N LEU A 56 9.88 0.60 -9.71
CA LEU A 56 8.51 0.53 -9.24
C LEU A 56 8.37 0.56 -7.73
N LEU A 57 9.41 -0.01 -7.11
CA LEU A 57 9.62 -0.13 -5.67
C LEU A 57 10.19 1.25 -5.25
N LEU A 58 11.11 1.77 -6.06
CA LEU A 58 11.68 3.08 -5.81
C LEU A 58 10.62 4.13 -6.07
N ALA A 59 9.75 3.91 -7.05
CA ALA A 59 8.70 4.89 -7.32
C ALA A 59 7.76 4.94 -6.10
N LEU A 60 7.60 3.79 -5.42
CA LEU A 60 6.77 3.67 -4.22
C LEU A 60 7.47 4.27 -3.00
N VAL A 61 8.74 3.92 -2.83
CA VAL A 61 9.53 4.44 -1.70
C VAL A 61 9.56 5.95 -1.72
N GLY A 62 9.67 6.51 -2.91
CA GLY A 62 9.71 7.96 -3.04
C GLY A 62 8.29 8.47 -2.84
N GLU A 63 7.35 7.52 -2.92
CA GLU A 63 5.95 7.84 -2.70
C GLU A 63 5.74 7.76 -1.16
N VAL A 64 6.33 6.77 -0.50
CA VAL A 64 6.15 6.68 0.94
C VAL A 64 6.98 7.79 1.55
N GLY A 65 8.16 8.02 0.97
CA GLY A 65 8.97 9.11 1.47
C GLY A 65 8.20 10.40 1.22
N GLU A 66 7.57 10.55 0.05
CA GLU A 66 6.86 11.79 -0.21
C GLU A 66 5.65 11.79 0.72
N LEU A 67 5.20 10.58 1.04
CA LEU A 67 4.08 10.44 1.96
C LEU A 67 4.55 11.09 3.25
N ALA A 68 5.80 10.79 3.63
CA ALA A 68 6.36 11.37 4.86
C ALA A 68 6.47 12.93 4.80
N GLU A 69 6.57 13.49 3.61
CA GLU A 69 6.75 14.93 3.56
C GLU A 69 5.62 15.76 4.21
N LEU A 70 4.37 15.37 3.99
CA LEU A 70 3.22 16.09 4.53
C LEU A 70 3.17 16.11 6.05
N PHE A 71 3.59 14.98 6.60
CA PHE A 71 3.60 14.71 8.03
C PHE A 71 4.79 15.25 8.76
N GLN A 72 5.93 15.29 8.05
CA GLN A 72 7.22 15.70 8.64
C GLN A 72 7.18 16.84 9.63
N TRP A 73 6.22 17.76 9.50
CA TRP A 73 6.20 18.84 10.46
C TRP A 73 4.90 18.93 11.25
N LYS A 74 4.07 17.87 11.12
CA LYS A 74 2.76 17.73 11.79
C LYS A 74 2.92 17.29 13.24
N SER A 75 2.70 18.24 14.15
CA SER A 75 2.79 18.04 15.60
C SER A 75 1.57 17.25 16.02
N ASP A 76 1.70 16.38 17.01
CA ASP A 76 0.55 15.60 17.45
C ASP A 76 -0.72 16.30 18.02
N THR A 77 -0.59 17.51 18.60
CA THR A 77 -1.74 18.23 19.18
C THR A 77 -2.50 19.09 18.18
N GLU A 78 -1.76 19.59 17.18
CA GLU A 78 -2.30 20.44 16.14
C GLU A 78 -3.27 19.63 15.27
N PRO A 79 -3.72 20.23 14.14
CA PRO A 79 -4.63 19.44 13.30
C PRO A 79 -4.07 18.04 13.11
N GLY A 80 -4.95 17.08 12.88
CA GLY A 80 -4.53 15.70 12.68
C GLY A 80 -4.98 15.19 11.34
N PRO A 81 -4.36 14.11 10.83
CA PRO A 81 -4.72 13.54 9.54
C PRO A 81 -6.00 14.11 8.93
N GLN A 82 -7.13 13.62 9.44
CA GLN A 82 -8.47 13.95 8.97
C GLN A 82 -8.91 15.43 8.79
N ALA A 83 -8.14 16.43 9.23
CA ALA A 83 -8.58 17.83 9.02
C ALA A 83 -7.53 18.81 8.49
N TRP A 84 -6.55 18.30 7.77
CA TRP A 84 -5.52 19.15 7.19
C TRP A 84 -6.07 20.29 6.32
N PRO A 85 -5.23 21.31 6.01
CA PRO A 85 -5.70 22.44 5.17
C PRO A 85 -5.79 22.09 3.67
N PRO A 86 -6.76 22.68 2.95
CA PRO A 86 -6.97 22.45 1.52
C PRO A 86 -5.78 21.93 0.76
N LYS A 87 -4.85 22.81 0.43
CA LYS A 87 -3.70 22.38 -0.35
C LYS A 87 -3.01 21.13 0.24
N GLU A 88 -3.20 20.86 1.54
CA GLU A 88 -2.61 19.67 2.16
C GLU A 88 -3.44 18.35 2.20
N ARG A 89 -4.75 18.47 2.44
CA ARG A 89 -5.64 17.29 2.54
C ARG A 89 -5.67 16.41 1.31
N ALA A 90 -5.06 16.88 0.22
CA ALA A 90 -5.03 16.14 -1.03
C ALA A 90 -3.69 15.50 -1.38
N ALA A 91 -2.57 16.05 -0.89
CA ALA A 91 -1.25 15.40 -1.17
C ALA A 91 -1.32 14.18 -0.24
N LEU A 92 -2.18 14.29 0.77
CA LEU A 92 -2.39 13.13 1.61
C LEU A 92 -2.95 12.05 0.65
N GLN A 93 -4.12 12.38 0.09
CA GLN A 93 -4.86 11.52 -0.84
C GLN A 93 -4.11 11.31 -2.17
N GLU A 94 -3.67 12.42 -2.77
CA GLU A 94 -2.95 12.38 -4.08
C GLU A 94 -1.83 11.37 -4.01
N GLU A 95 -1.01 11.43 -2.96
CA GLU A 95 0.08 10.47 -2.90
C GLU A 95 -0.48 9.07 -2.57
N LEU A 96 -1.40 8.97 -1.60
CA LEU A 96 -1.97 7.67 -1.27
C LEU A 96 -2.42 6.93 -2.54
N SER A 97 -3.06 7.67 -3.44
CA SER A 97 -3.47 7.12 -4.72
C SER A 97 -2.19 6.56 -5.34
N ASP A 98 -1.20 7.41 -5.56
CA ASP A 98 0.09 6.99 -6.15
C ASP A 98 0.79 5.91 -5.35
N VAL A 99 0.83 6.04 -4.01
CA VAL A 99 1.50 5.04 -3.20
C VAL A 99 0.86 3.69 -3.45
N LEU A 100 -0.48 3.68 -3.51
CA LEU A 100 -1.22 2.45 -3.72
C LEU A 100 -1.08 1.95 -5.15
N ILE A 101 -1.30 2.86 -6.10
CA ILE A 101 -1.24 2.52 -7.53
C ILE A 101 0.07 1.80 -7.78
N TYR A 102 1.12 2.41 -7.25
CA TYR A 102 2.45 1.91 -7.38
C TYR A 102 2.62 0.64 -6.57
N LEU A 103 2.08 0.64 -5.35
CA LEU A 103 2.15 -0.53 -4.51
C LEU A 103 1.57 -1.68 -5.32
N VAL A 104 0.49 -1.42 -6.05
CA VAL A 104 -0.17 -2.43 -6.86
C VAL A 104 0.63 -2.87 -8.12
N ALA A 105 1.25 -1.89 -8.78
CA ALA A 105 2.02 -2.14 -9.99
C ALA A 105 3.10 -3.18 -9.69
N LEU A 106 3.72 -3.01 -8.52
CA LEU A 106 4.75 -3.89 -8.02
C LEU A 106 4.19 -5.27 -7.72
N ALA A 107 3.12 -5.32 -6.92
CA ALA A 107 2.52 -6.58 -6.54
C ALA A 107 2.22 -7.28 -7.83
N ALA A 108 1.82 -6.50 -8.80
CA ALA A 108 1.53 -7.03 -10.12
C ALA A 108 2.85 -7.42 -10.74
N ARG A 109 3.72 -6.47 -11.04
CA ARG A 109 5.02 -6.80 -11.63
C ARG A 109 5.62 -8.05 -10.97
N CYS A 110 5.35 -8.26 -9.69
CA CYS A 110 5.91 -9.45 -9.00
C CYS A 110 5.06 -10.73 -9.10
N HIS A 111 3.98 -10.65 -9.90
CA HIS A 111 3.01 -11.74 -10.12
C HIS A 111 2.96 -12.64 -8.92
N VAL A 112 2.75 -11.98 -7.76
CA VAL A 112 2.67 -12.57 -6.40
C VAL A 112 1.20 -12.72 -5.90
N ASP A 113 0.78 -13.86 -5.28
CA ASP A 113 -0.60 -13.96 -4.86
C ASP A 113 -0.87 -13.01 -3.63
N LEU A 114 -0.74 -11.69 -3.83
CA LEU A 114 -0.95 -10.69 -2.80
C LEU A 114 -2.27 -10.75 -2.00
N PRO A 115 -3.43 -10.73 -2.70
CA PRO A 115 -4.68 -10.78 -1.94
C PRO A 115 -4.69 -11.97 -1.03
N GLN A 116 -4.15 -13.08 -1.52
CA GLN A 116 -4.09 -14.23 -0.66
C GLN A 116 -3.02 -14.07 0.44
N ALA A 117 -1.91 -13.42 0.08
CA ALA A 117 -0.76 -13.19 0.92
C ALA A 117 -1.17 -12.42 2.19
N VAL A 118 -1.83 -11.27 1.98
CA VAL A 118 -2.27 -10.40 3.06
C VAL A 118 -3.30 -11.07 4.00
N ILE A 119 -4.31 -11.74 3.46
CA ILE A 119 -5.23 -12.41 4.35
C ILE A 119 -4.39 -13.43 5.11
N SER A 120 -3.41 -13.99 4.42
CA SER A 120 -2.49 -14.93 5.08
C SER A 120 -1.65 -14.17 6.12
N LYS A 121 -1.60 -12.84 5.97
CA LYS A 121 -0.83 -12.01 6.89
C LYS A 121 -1.54 -11.34 8.12
N MSE A 122 -2.53 -10.46 7.92
CA MSE A 122 -3.19 -9.81 9.07
C MSE A 122 -3.89 -10.85 9.94
O MSE A 122 -4.26 -10.58 11.07
CB MSE A 122 -4.17 -8.68 8.64
CG MSE A 122 -3.67 -7.18 8.76
SE MSE A 122 -3.15 -6.24 10.43
CE MSE A 122 -4.67 -5.17 10.68
N ASP A 123 -4.06 -12.03 9.36
CA ASP A 123 -4.63 -13.15 10.09
C ASP A 123 -3.43 -13.90 10.73
N THR A 124 -2.54 -14.50 9.91
CA THR A 124 -1.42 -15.22 10.51
C THR A 124 -0.83 -14.36 11.62
N ASN A 125 -0.90 -13.03 11.44
CA ASN A 125 -0.42 -12.10 12.45
C ASN A 125 -1.32 -12.42 13.64
N ARG A 126 -2.64 -12.19 13.48
CA ARG A 126 -3.59 -12.47 14.54
C ARG A 126 -2.99 -13.69 15.24
N GLN A 127 -2.68 -14.75 14.49
CA GLN A 127 -2.06 -15.91 15.14
C GLN A 127 -0.91 -15.40 15.99
N ARG A 128 0.25 -15.13 15.39
CA ARG A 128 1.42 -14.63 16.12
C ARG A 128 1.06 -13.74 17.33
N TYR A 129 -0.01 -12.98 17.21
CA TYR A 129 -0.38 -12.12 18.32
C TYR A 129 -1.79 -12.45 18.88
N PRO A 130 -1.82 -13.14 20.02
CA PRO A 130 -3.02 -13.57 20.76
C PRO A 130 -3.64 -12.41 21.47
N VAL A 131 -4.81 -12.64 22.11
CA VAL A 131 -5.54 -11.65 22.91
C VAL A 131 -5.11 -11.73 24.38
N HIS A 132 -5.64 -10.83 25.20
CA HIS A 132 -5.24 -10.85 26.60
C HIS A 132 -5.92 -12.03 27.19
N LEU A 133 -5.72 -12.33 28.47
CA LEU A 133 -6.40 -13.46 29.16
C LEU A 133 -5.90 -13.69 30.64
N SER A 134 -6.83 -13.98 31.56
CA SER A 134 -6.52 -14.26 32.98
C SER A 134 -7.68 -15.09 33.54
N PRO B 22 -2.71 -15.24 -18.24
CA PRO B 22 -2.62 -13.79 -18.00
C PRO B 22 -2.82 -13.57 -16.51
N PHE B 23 -1.75 -13.20 -15.81
CA PHE B 23 -1.77 -13.02 -14.35
C PHE B 23 -2.72 -11.97 -13.74
N ARG B 24 -3.17 -12.28 -12.54
CA ARG B 24 -4.02 -11.39 -11.79
C ARG B 24 -4.14 -11.78 -10.32
N PHE B 25 -4.69 -10.87 -9.54
CA PHE B 25 -4.81 -11.16 -8.11
C PHE B 25 -6.06 -11.94 -7.90
N SER B 26 -6.13 -12.70 -6.79
CA SER B 26 -7.32 -13.45 -6.48
C SER B 26 -8.35 -12.40 -6.37
N PRO B 27 -9.59 -12.81 -6.34
CA PRO B 27 -10.63 -11.80 -6.24
C PRO B 27 -10.73 -11.18 -4.87
N GLU B 28 -10.17 -11.83 -3.87
CA GLU B 28 -10.25 -11.28 -2.49
C GLU B 28 -9.17 -11.76 -1.53
N PRO B 29 -8.98 -11.01 -0.43
CA PRO B 29 -9.72 -9.81 -0.14
C PRO B 29 -9.57 -8.67 -1.11
N THR B 30 -10.48 -7.76 -0.87
CA THR B 30 -10.63 -6.52 -1.53
C THR B 30 -9.98 -5.63 -0.45
N LEU B 31 -9.78 -4.36 -0.76
CA LEU B 31 -9.22 -3.46 0.25
C LEU B 31 -10.27 -3.32 1.36
N GLU B 32 -11.47 -2.86 1.01
CA GLU B 32 -12.57 -2.68 1.95
C GLU B 32 -12.51 -3.85 2.91
N ASP B 33 -12.35 -5.06 2.34
CA ASP B 33 -12.25 -6.24 3.17
C ASP B 33 -11.14 -5.99 4.20
N ILE B 34 -9.91 -5.90 3.66
CA ILE B 34 -8.71 -5.68 4.40
C ILE B 34 -8.75 -4.71 5.63
N ARG B 35 -9.25 -3.49 5.46
CA ARG B 35 -9.31 -2.57 6.58
C ARG B 35 -10.29 -3.03 7.61
N ARG B 36 -11.50 -3.40 7.16
CA ARG B 36 -12.53 -3.90 8.10
C ARG B 36 -11.75 -4.96 8.86
N LEU B 37 -10.93 -5.75 8.15
CA LEU B 37 -10.11 -6.73 8.86
C LEU B 37 -9.11 -5.97 9.78
N HIS B 38 -8.32 -5.07 9.19
CA HIS B 38 -7.37 -4.30 9.98
C HIS B 38 -8.04 -3.75 11.29
N ALA B 39 -9.29 -3.26 11.12
CA ALA B 39 -10.06 -2.68 12.21
C ALA B 39 -10.16 -3.63 13.40
N GLU B 40 -10.61 -4.83 13.10
CA GLU B 40 -10.82 -5.94 14.04
C GLU B 40 -9.57 -6.26 14.85
N PHE B 41 -8.54 -6.70 14.14
CA PHE B 41 -7.25 -7.05 14.73
C PHE B 41 -6.93 -5.96 15.76
N ALA B 42 -6.40 -4.83 15.29
CA ALA B 42 -6.04 -3.68 16.13
C ALA B 42 -7.10 -3.42 17.18
N ALA B 43 -8.37 -3.68 16.85
CA ALA B 43 -9.45 -3.43 17.73
C ALA B 43 -9.38 -4.35 18.90
N GLU B 44 -8.50 -5.34 18.81
CA GLU B 44 -8.39 -6.35 19.89
C GLU B 44 -7.04 -6.56 20.61
N ARG B 45 -5.91 -6.10 20.04
CA ARG B 45 -4.61 -6.31 20.70
C ARG B 45 -3.91 -5.13 21.42
N ASP B 46 -3.06 -4.32 20.74
CA ASP B 46 -2.42 -3.08 21.33
C ASP B 46 -2.93 -1.96 20.42
N TRP B 47 -4.23 -1.80 20.50
CA TRP B 47 -4.99 -0.83 19.74
C TRP B 47 -4.41 0.60 19.57
N GLU B 48 -4.41 1.40 20.63
CA GLU B 48 -3.85 2.73 20.46
C GLU B 48 -2.37 2.70 20.00
N GLN B 49 -1.70 1.55 20.08
CA GLN B 49 -0.30 1.41 19.60
C GLN B 49 -0.47 1.50 18.08
N PHE B 50 -1.43 0.75 17.55
CA PHE B 50 -1.71 0.83 16.13
C PHE B 50 -2.86 1.88 15.99
N HIS B 51 -2.69 3.03 16.64
CA HIS B 51 -3.62 4.15 16.59
C HIS B 51 -2.93 5.46 16.15
N GLN B 52 -2.18 6.08 17.05
CA GLN B 52 -1.50 7.34 16.76
C GLN B 52 -1.17 7.34 15.29
N PRO B 53 -1.45 8.43 14.62
CA PRO B 53 -1.14 8.43 13.19
C PRO B 53 0.30 8.04 12.79
N ARG B 54 1.29 8.82 13.26
CA ARG B 54 2.71 8.51 12.90
C ARG B 54 3.15 7.03 13.06
N ASN B 55 2.60 6.30 14.04
CA ASN B 55 2.96 4.90 14.22
C ASN B 55 2.83 4.11 12.90
N LEU B 56 1.57 3.89 12.51
CA LEU B 56 1.25 3.18 11.28
C LEU B 56 2.14 3.74 10.12
N LEU B 57 2.58 5.00 10.22
CA LEU B 57 3.41 5.54 9.16
C LEU B 57 4.79 4.92 9.21
N LEU B 58 5.36 4.94 10.42
CA LEU B 58 6.70 4.39 10.69
C LEU B 58 6.74 2.84 10.51
N ALA B 59 5.65 2.16 10.79
CA ALA B 59 5.62 0.71 10.67
C ALA B 59 5.56 0.54 9.17
N LEU B 60 4.72 1.37 8.54
CA LEU B 60 4.60 1.34 7.10
C LEU B 60 6.04 1.62 6.56
N VAL B 61 6.78 2.58 7.16
CA VAL B 61 8.13 2.82 6.75
C VAL B 61 8.96 1.59 7.08
N GLY B 62 8.82 0.99 8.26
CA GLY B 62 9.59 -0.22 8.50
C GLY B 62 9.21 -1.26 7.44
N GLU B 63 7.95 -1.22 7.05
CA GLU B 63 7.49 -2.18 6.08
C GLU B 63 8.02 -1.96 4.67
N VAL B 64 7.96 -0.71 4.18
CA VAL B 64 8.50 -0.44 2.83
C VAL B 64 10.02 -0.71 2.82
N GLY B 65 10.69 -0.40 3.92
CA GLY B 65 12.10 -0.69 4.01
C GLY B 65 12.29 -2.20 4.15
N GLU B 66 11.32 -2.91 4.73
CA GLU B 66 11.44 -4.36 4.85
C GLU B 66 11.45 -4.89 3.40
N LEU B 67 10.55 -4.33 2.61
CA LEU B 67 10.37 -4.64 1.19
C LEU B 67 11.64 -4.30 0.40
N ALA B 68 12.16 -3.08 0.57
CA ALA B 68 13.36 -2.67 -0.12
C ALA B 68 14.39 -3.71 0.27
N GLU B 69 14.31 -4.19 1.51
CA GLU B 69 15.24 -5.21 2.00
C GLU B 69 15.04 -6.58 1.31
N LEU B 70 13.80 -6.89 0.89
CA LEU B 70 13.56 -8.14 0.14
C LEU B 70 14.42 -8.18 -1.14
N PHE B 71 15.03 -7.05 -1.54
CA PHE B 71 15.84 -7.00 -2.77
C PHE B 71 17.32 -6.66 -2.59
N GLN B 72 17.57 -5.54 -1.92
CA GLN B 72 18.91 -4.99 -1.67
C GLN B 72 20.03 -5.95 -1.98
N TRP B 73 20.49 -6.63 -0.93
CA TRP B 73 21.53 -7.62 -1.03
C TRP B 73 21.38 -8.34 -2.35
N LYS B 74 20.15 -8.76 -2.67
CA LYS B 74 19.89 -9.55 -3.89
C LYS B 74 19.58 -8.73 -5.12
N SER B 75 20.59 -8.59 -5.97
CA SER B 75 20.51 -7.86 -7.24
C SER B 75 19.27 -8.33 -7.96
N ASP B 76 19.43 -8.68 -9.23
CA ASP B 76 18.38 -9.23 -10.08
C ASP B 76 19.25 -9.92 -11.18
N THR B 77 20.58 -9.90 -11.00
CA THR B 77 21.53 -10.52 -11.94
C THR B 77 21.62 -12.02 -11.62
N GLU B 78 20.68 -12.44 -10.77
CA GLU B 78 20.45 -13.82 -10.29
C GLU B 78 18.95 -14.03 -10.59
N PRO B 79 18.29 -15.04 -9.96
CA PRO B 79 16.85 -15.26 -10.23
C PRO B 79 15.87 -14.21 -9.64
N GLY B 80 14.74 -14.04 -10.33
CA GLY B 80 13.73 -13.05 -9.96
C GLY B 80 12.66 -13.36 -8.93
N PRO B 81 11.91 -12.32 -8.45
CA PRO B 81 10.85 -12.53 -7.44
C PRO B 81 10.04 -13.79 -7.72
N GLN B 82 9.49 -13.93 -8.92
CA GLN B 82 8.70 -15.13 -9.26
C GLN B 82 9.50 -16.40 -9.03
N ALA B 83 10.78 -16.36 -9.45
CA ALA B 83 11.72 -17.48 -9.28
C ALA B 83 12.47 -17.43 -7.93
N TRP B 84 11.92 -16.68 -6.95
CA TRP B 84 12.56 -16.59 -5.62
C TRP B 84 12.36 -17.90 -4.89
N PRO B 85 13.39 -18.35 -4.13
CA PRO B 85 13.32 -19.60 -3.38
C PRO B 85 12.16 -19.44 -2.37
N PRO B 86 11.97 -20.41 -1.46
CA PRO B 86 10.86 -20.25 -0.51
C PRO B 86 10.99 -19.05 0.40
N LYS B 87 11.26 -19.33 1.67
CA LYS B 87 11.40 -18.32 2.72
C LYS B 87 11.51 -16.86 2.25
N GLU B 88 12.14 -16.62 1.09
CA GLU B 88 12.23 -15.26 0.58
C GLU B 88 10.88 -14.86 -0.08
N ARG B 89 10.27 -15.75 -0.89
CA ARG B 89 8.95 -15.38 -1.41
C ARG B 89 8.19 -15.27 -0.11
N ALA B 90 8.11 -16.39 0.59
CA ALA B 90 7.47 -16.46 1.89
C ALA B 90 7.75 -15.16 2.65
N ALA B 91 8.90 -14.55 2.42
CA ALA B 91 9.24 -13.33 3.12
C ALA B 91 8.61 -12.15 2.38
N LEU B 92 8.65 -12.26 1.04
CA LEU B 92 8.09 -11.27 0.13
C LEU B 92 6.59 -11.13 0.25
N GLN B 93 5.87 -12.23 0.10
CA GLN B 93 4.41 -12.19 0.22
C GLN B 93 4.16 -11.40 1.50
N GLU B 94 5.05 -11.56 2.47
CA GLU B 94 4.85 -10.85 3.73
C GLU B 94 5.01 -9.33 3.76
N GLU B 95 6.18 -8.80 3.41
CA GLU B 95 6.36 -7.33 3.48
C GLU B 95 5.33 -6.69 2.57
N LEU B 96 5.14 -7.33 1.41
CA LEU B 96 4.18 -6.82 0.47
C LEU B 96 2.83 -6.83 1.19
N SER B 97 2.62 -7.83 2.02
CA SER B 97 1.38 -7.91 2.75
C SER B 97 1.27 -6.82 3.83
N ASP B 98 2.27 -6.68 4.68
CA ASP B 98 2.22 -5.65 5.76
C ASP B 98 2.29 -4.23 5.20
N VAL B 99 3.08 -4.01 4.16
CA VAL B 99 3.14 -2.71 3.59
C VAL B 99 1.70 -2.44 3.13
N LEU B 100 1.04 -3.45 2.57
CA LEU B 100 -0.33 -3.25 2.11
C LEU B 100 -1.12 -2.96 3.34
N ILE B 101 -1.06 -3.87 4.31
CA ILE B 101 -1.75 -3.66 5.56
C ILE B 101 -1.58 -2.28 6.17
N TYR B 102 -0.37 -1.89 6.51
CA TYR B 102 -0.23 -0.58 7.12
C TYR B 102 -0.70 0.51 6.21
N LEU B 103 -0.60 0.28 4.89
CA LEU B 103 -1.01 1.33 3.95
C LEU B 103 -2.50 1.61 4.10
N VAL B 104 -3.32 0.56 4.06
CA VAL B 104 -4.78 0.71 4.23
C VAL B 104 -5.09 1.29 5.60
N ALA B 105 -4.46 0.76 6.63
CA ALA B 105 -4.73 1.30 7.99
C ALA B 105 -4.47 2.81 8.12
N LEU B 106 -3.40 3.31 7.48
CA LEU B 106 -3.06 4.73 7.53
C LEU B 106 -4.00 5.57 6.68
N ALA B 107 -4.42 5.04 5.54
CA ALA B 107 -5.32 5.79 4.66
C ALA B 107 -6.58 5.96 5.49
N ALA B 108 -6.89 4.92 6.27
CA ALA B 108 -8.08 4.98 7.16
C ALA B 108 -7.80 5.86 8.34
N ARG B 109 -6.68 5.71 9.00
CA ARG B 109 -6.45 6.63 10.10
C ARG B 109 -6.40 8.09 9.59
N CYS B 110 -6.47 8.25 8.27
CA CYS B 110 -6.42 9.56 7.59
C CYS B 110 -7.61 9.86 6.69
N HIS B 111 -8.72 9.24 7.04
CA HIS B 111 -9.97 9.37 6.32
C HIS B 111 -9.82 9.53 4.80
N VAL B 112 -9.00 8.67 4.24
CA VAL B 112 -8.77 8.68 2.82
C VAL B 112 -9.36 7.40 2.18
N ASP B 113 -10.25 7.58 1.21
CA ASP B 113 -10.86 6.45 0.55
C ASP B 113 -9.89 5.90 -0.50
N LEU B 114 -8.85 5.19 -0.05
CA LEU B 114 -7.83 4.69 -0.94
C LEU B 114 -8.25 4.26 -2.36
N PRO B 115 -9.26 3.37 -2.49
CA PRO B 115 -9.69 2.94 -3.83
C PRO B 115 -10.08 4.12 -4.73
N GLN B 116 -11.22 4.74 -4.44
CA GLN B 116 -11.69 5.86 -5.24
C GLN B 116 -10.55 6.84 -5.48
N ALA B 117 -9.75 7.06 -4.44
CA ALA B 117 -8.59 7.96 -4.51
C ALA B 117 -7.77 7.67 -5.76
N VAL B 118 -7.57 6.39 -6.01
CA VAL B 118 -6.80 5.97 -7.17
C VAL B 118 -7.62 6.04 -8.45
N ILE B 119 -8.90 5.71 -8.34
CA ILE B 119 -9.78 5.70 -9.49
C ILE B 119 -10.10 7.12 -9.97
N SER B 120 -9.66 8.05 -9.14
CA SER B 120 -9.84 9.45 -9.40
C SER B 120 -8.50 10.09 -9.70
N LYS B 121 -7.46 9.68 -8.97
CA LYS B 121 -6.12 10.27 -9.18
C LYS B 121 -5.61 10.07 -10.60
N MSE B 122 -5.51 8.82 -11.00
CA MSE B 122 -5.06 8.51 -12.32
C MSE B 122 -5.75 9.41 -13.33
O MSE B 122 -5.38 9.42 -14.49
CB MSE B 122 -5.32 7.03 -12.62
CG MSE B 122 -4.37 6.12 -11.83
SE MSE B 122 -4.80 4.25 -11.89
CE MSE B 122 -3.42 3.68 -13.12
N ASP B 123 -6.77 10.13 -12.92
CA ASP B 123 -7.38 11.02 -13.88
C ASP B 123 -6.26 12.07 -14.03
N THR B 124 -5.83 12.65 -12.91
CA THR B 124 -4.75 13.62 -12.96
C THR B 124 -3.46 13.00 -13.51
N ASN B 125 -3.06 11.87 -12.93
CA ASN B 125 -1.83 11.17 -13.37
C ASN B 125 -1.94 10.82 -14.87
N ARG B 126 -3.06 11.17 -15.49
CA ARG B 126 -3.23 10.97 -16.94
C ARG B 126 -2.69 12.26 -17.61
N GLN B 127 -2.44 13.30 -16.80
CA GLN B 127 -1.92 14.59 -17.25
C GLN B 127 -0.41 14.72 -17.06
N ARG B 128 0.07 14.29 -15.89
CA ARG B 128 1.50 14.29 -15.53
C ARG B 128 2.32 13.61 -16.62
N TYR B 129 1.70 12.69 -17.36
CA TYR B 129 2.42 11.95 -18.39
C TYR B 129 1.70 11.93 -19.77
N PRO B 130 2.36 12.38 -20.83
CA PRO B 130 1.68 12.35 -22.12
C PRO B 130 1.25 10.92 -22.48
N PRO A 22 -17.63 5.86 11.50
CA PRO A 22 -16.94 4.82 10.69
C PRO A 22 -16.67 5.34 9.28
N PHE A 23 -15.43 5.65 8.95
CA PHE A 23 -15.12 6.14 7.59
C PHE A 23 -14.94 4.98 6.59
N ARG A 24 -15.66 5.03 5.48
CA ARG A 24 -15.58 3.99 4.47
C ARG A 24 -15.06 4.48 3.09
N PHE A 25 -14.40 3.56 2.35
CA PHE A 25 -13.88 3.81 0.99
C PHE A 25 -15.06 3.76 -0.01
N SER A 26 -14.79 3.70 -1.30
CA SER A 26 -15.85 3.62 -2.29
C SER A 26 -15.88 2.15 -2.70
N PRO A 27 -16.82 1.78 -3.57
CA PRO A 27 -16.76 0.34 -3.89
C PRO A 27 -15.73 -0.12 -4.89
N GLU A 28 -15.85 0.33 -6.12
CA GLU A 28 -14.91 0.04 -7.22
C GLU A 28 -13.86 1.19 -7.10
N PRO A 29 -12.56 0.99 -7.52
CA PRO A 29 -12.04 -0.27 -8.07
C PRO A 29 -11.44 -1.33 -7.06
N THR A 30 -11.31 -2.61 -7.48
CA THR A 30 -10.65 -3.67 -6.68
C THR A 30 -9.12 -3.55 -6.89
N LEU A 31 -8.37 -4.31 -6.11
CA LEU A 31 -6.93 -4.39 -6.29
C LEU A 31 -6.62 -5.01 -7.69
N GLU A 32 -7.44 -5.99 -8.07
CA GLU A 32 -7.32 -6.67 -9.35
C GLU A 32 -7.68 -5.62 -10.40
N ASP A 33 -8.67 -4.78 -10.10
CA ASP A 33 -9.07 -3.72 -11.05
C ASP A 33 -7.89 -2.80 -11.16
N ILE A 34 -7.36 -2.37 -10.01
CA ILE A 34 -6.17 -1.58 -10.06
C ILE A 34 -5.07 -2.49 -10.63
N ARG A 35 -5.22 -3.80 -10.54
CA ARG A 35 -4.12 -4.58 -11.14
C ARG A 35 -4.16 -4.55 -12.68
N ARG A 36 -5.30 -4.91 -13.25
CA ARG A 36 -5.37 -4.93 -14.71
C ARG A 36 -5.23 -3.54 -15.23
N LEU A 37 -5.16 -2.63 -14.29
CA LEU A 37 -4.96 -1.28 -14.69
C LEU A 37 -3.46 -0.93 -14.80
N HIS A 38 -2.64 -1.13 -13.75
CA HIS A 38 -1.23 -0.76 -13.94
C HIS A 38 -0.60 -1.39 -15.17
N ALA A 39 -0.86 -2.70 -15.36
CA ALA A 39 -0.27 -3.51 -16.41
C ALA A 39 -0.78 -2.99 -17.71
N GLU A 40 -1.93 -2.28 -17.61
CA GLU A 40 -2.53 -1.59 -18.76
C GLU A 40 -1.83 -0.20 -18.92
N PHE A 41 -1.77 0.60 -17.85
CA PHE A 41 -1.09 1.91 -17.88
C PHE A 41 0.45 1.74 -18.22
N ALA A 42 1.09 0.71 -17.67
CA ALA A 42 2.50 0.47 -17.95
C ALA A 42 2.55 0.21 -19.44
N ALA A 43 1.61 -0.62 -19.90
CA ALA A 43 1.55 -1.00 -21.29
C ALA A 43 1.61 0.32 -22.08
N GLU A 44 0.96 1.36 -21.56
CA GLU A 44 1.02 2.56 -22.36
C GLU A 44 2.19 3.49 -22.14
N ARG A 45 3.22 3.00 -21.46
CA ARG A 45 4.39 3.85 -21.28
C ARG A 45 5.64 3.27 -21.95
N ASP A 46 6.70 3.12 -21.18
CA ASP A 46 7.94 2.54 -21.59
C ASP A 46 7.90 1.17 -20.91
N TRP A 47 7.29 0.19 -21.57
CA TRP A 47 7.13 -1.14 -21.03
C TRP A 47 8.33 -1.63 -20.23
N GLU A 48 9.46 -1.92 -20.91
CA GLU A 48 10.63 -2.36 -20.14
C GLU A 48 10.97 -1.13 -19.29
N GLN A 49 10.32 -1.02 -18.16
CA GLN A 49 10.53 0.08 -17.24
C GLN A 49 9.58 -0.30 -16.13
N PHE A 50 8.37 0.24 -16.18
CA PHE A 50 7.41 -0.08 -15.13
C PHE A 50 7.41 -1.55 -14.82
N HIS A 51 8.13 -2.32 -15.62
CA HIS A 51 8.24 -3.74 -15.37
C HIS A 51 9.46 -4.12 -14.50
N GLN A 52 10.45 -3.24 -14.38
CA GLN A 52 11.58 -3.53 -13.47
C GLN A 52 11.12 -3.49 -11.98
N PRO A 53 11.38 -4.57 -11.24
CA PRO A 53 10.95 -4.61 -9.83
C PRO A 53 11.51 -3.43 -9.02
N ARG A 54 12.84 -3.37 -8.88
CA ARG A 54 13.47 -2.29 -8.14
C ARG A 54 12.90 -0.97 -8.67
N ASN A 55 12.69 -0.88 -10.01
CA ASN A 55 12.10 0.35 -10.63
C ASN A 55 10.85 0.76 -9.80
N LEU A 56 9.84 -0.15 -9.81
CA LEU A 56 8.61 0.10 -9.10
C LEU A 56 8.82 0.28 -7.60
N LEU A 57 9.77 -0.51 -7.07
CA LEU A 57 10.12 -0.51 -5.66
C LEU A 57 10.80 0.81 -5.28
N LEU A 58 11.26 1.57 -6.26
CA LEU A 58 11.84 2.84 -5.93
C LEU A 58 10.79 3.93 -5.93
N ALA A 59 9.88 3.88 -6.90
CA ALA A 59 8.83 4.88 -6.92
C ALA A 59 7.93 4.68 -5.68
N LEU A 60 7.66 3.41 -5.34
CA LEU A 60 6.88 3.06 -4.15
C LEU A 60 7.61 3.79 -3.04
N VAL A 61 8.88 3.43 -2.84
CA VAL A 61 9.69 4.07 -1.82
C VAL A 61 9.73 5.56 -2.06
N GLY A 62 9.21 6.00 -3.21
CA GLY A 62 9.21 7.42 -3.50
C GLY A 62 8.15 8.22 -2.71
N GLU A 63 6.86 7.99 -3.04
CA GLU A 63 5.81 8.71 -2.31
C GLU A 63 5.84 8.32 -0.77
N VAL A 64 6.39 7.14 -0.48
CA VAL A 64 6.49 6.68 0.89
C VAL A 64 7.49 7.47 1.74
N GLY A 65 8.59 7.96 1.13
CA GLY A 65 9.47 8.81 1.90
C GLY A 65 8.77 10.15 1.93
N GLU A 66 7.87 10.37 0.97
CA GLU A 66 7.15 11.63 0.95
C GLU A 66 6.15 11.69 2.15
N LEU A 67 5.43 10.58 2.37
CA LEU A 67 4.42 10.52 3.44
C LEU A 67 5.04 11.16 4.69
N ALA A 68 6.28 10.76 4.90
CA ALA A 68 7.11 11.24 5.98
C ALA A 68 7.33 12.78 5.86
N GLU A 69 7.49 13.26 4.63
CA GLU A 69 7.79 14.67 4.39
C GLU A 69 6.53 15.36 4.79
N LEU A 70 5.44 14.64 4.54
CA LEU A 70 4.15 15.17 4.89
C LEU A 70 3.92 15.29 6.39
N PHE A 71 4.14 14.18 7.11
CA PHE A 71 3.89 14.15 8.54
C PHE A 71 5.07 14.52 9.50
N GLN A 72 6.23 14.87 8.92
CA GLN A 72 7.44 15.16 9.70
C GLN A 72 7.41 16.27 10.79
N TRP A 73 6.86 17.47 10.50
CA TRP A 73 6.81 18.58 11.49
C TRP A 73 5.47 18.65 12.27
N LYS A 74 4.58 17.70 11.98
CA LYS A 74 3.24 17.60 12.60
C LYS A 74 3.33 17.16 14.05
N SER A 75 3.13 18.12 14.96
CA SER A 75 3.15 17.87 16.40
C SER A 75 2.07 16.82 16.61
N ASP A 76 2.35 15.74 17.33
CA ASP A 76 1.29 14.77 17.54
C ASP A 76 0.20 15.40 18.44
N THR A 77 0.46 16.66 18.86
CA THR A 77 -0.43 17.48 19.74
C THR A 77 -1.42 18.42 19.05
N GLU A 78 -1.48 18.32 17.73
CA GLU A 78 -2.39 19.18 16.96
C GLU A 78 -3.47 18.48 16.13
N PRO A 79 -4.24 19.25 15.35
CA PRO A 79 -5.24 18.55 14.56
C PRO A 79 -4.54 17.33 13.93
N GLY A 80 -5.33 16.34 13.50
CA GLY A 80 -4.75 15.20 12.86
C GLY A 80 -5.04 15.32 11.40
N PRO A 81 -4.54 14.38 10.60
CA PRO A 81 -4.76 14.41 9.14
C PRO A 81 -6.17 14.84 8.69
N GLN A 82 -7.20 14.35 9.39
CA GLN A 82 -8.58 14.67 9.07
C GLN A 82 -8.80 16.18 9.07
N ALA A 83 -8.37 16.84 10.13
CA ALA A 83 -8.54 18.31 10.21
C ALA A 83 -7.51 19.11 9.41
N TRP A 84 -6.51 18.43 8.86
CA TRP A 84 -5.47 19.15 8.16
C TRP A 84 -6.05 19.86 6.94
N PRO A 85 -5.42 20.95 6.47
CA PRO A 85 -6.05 21.58 5.31
C PRO A 85 -5.92 20.76 3.99
N PRO A 86 -6.95 20.83 3.10
CA PRO A 86 -7.20 20.23 1.79
C PRO A 86 -6.01 20.07 0.84
N LYS A 87 -5.28 21.15 0.63
CA LYS A 87 -4.10 21.14 -0.23
C LYS A 87 -3.15 20.01 0.24
N GLU A 88 -3.28 19.60 1.51
CA GLU A 88 -2.44 18.53 2.09
C GLU A 88 -3.09 17.16 1.93
N ARG A 89 -4.42 17.14 2.07
CA ARG A 89 -5.13 15.87 1.92
C ARG A 89 -4.91 15.37 0.51
N ALA A 90 -5.40 16.12 -0.47
CA ALA A 90 -5.25 15.83 -1.88
C ALA A 90 -4.00 15.05 -2.30
N ALA A 91 -2.84 15.69 -2.17
CA ALA A 91 -1.51 15.10 -2.47
C ALA A 91 -1.28 13.78 -1.71
N LEU A 92 -1.69 13.81 -0.44
CA LEU A 92 -1.63 12.67 0.52
C LEU A 92 -2.43 11.45 -0.01
N GLN A 93 -3.69 11.75 -0.35
CA GLN A 93 -4.68 10.81 -0.92
C GLN A 93 -3.87 10.18 -2.11
N GLU A 94 -3.54 11.01 -3.09
CA GLU A 94 -2.77 10.62 -4.28
C GLU A 94 -1.47 9.87 -3.94
N GLU A 95 -0.80 10.38 -2.90
CA GLU A 95 0.43 9.81 -2.40
C GLU A 95 0.35 8.47 -1.70
N LEU A 96 -0.58 8.35 -0.73
CA LEU A 96 -0.77 7.06 -0.02
C LEU A 96 -1.06 5.98 -1.09
N SER A 97 -1.77 6.41 -2.11
CA SER A 97 -2.17 5.54 -3.19
C SER A 97 -1.00 5.19 -4.10
N ASP A 98 -0.12 6.17 -4.38
CA ASP A 98 1.06 5.86 -5.24
C ASP A 98 1.95 4.90 -4.43
N VAL A 99 1.75 4.82 -3.12
CA VAL A 99 2.51 3.84 -2.35
C VAL A 99 1.85 2.51 -2.81
N LEU A 100 0.54 2.59 -3.05
CA LEU A 100 -0.25 1.38 -3.40
C LEU A 100 -0.29 0.89 -4.84
N ILE A 101 -0.19 1.77 -5.83
CA ILE A 101 -0.20 1.34 -7.27
C ILE A 101 1.13 0.54 -7.53
N TYR A 102 2.20 1.07 -6.95
CA TYR A 102 3.54 0.45 -6.97
C TYR A 102 3.72 -0.73 -6.00
N LEU A 103 2.86 -0.89 -4.98
CA LEU A 103 3.04 -2.06 -4.11
C LEU A 103 2.52 -3.34 -4.84
N VAL A 104 1.46 -3.17 -5.61
CA VAL A 104 0.75 -4.20 -6.40
C VAL A 104 1.59 -4.65 -7.61
N ALA A 105 2.07 -3.67 -8.37
CA ALA A 105 2.92 -3.85 -9.58
C ALA A 105 3.98 -4.83 -9.14
N LEU A 106 4.79 -4.32 -8.23
CA LEU A 106 5.82 -5.11 -7.63
C LEU A 106 5.28 -6.50 -7.23
N ALA A 107 4.22 -6.52 -6.41
CA ALA A 107 3.66 -7.82 -5.92
C ALA A 107 3.54 -8.97 -6.94
N ALA A 108 2.59 -8.80 -7.87
CA ALA A 108 2.32 -9.78 -8.92
C ALA A 108 3.61 -10.17 -9.69
N ARG A 109 4.47 -9.17 -9.94
CA ARG A 109 5.76 -9.29 -10.67
C ARG A 109 6.75 -10.28 -9.99
N CYS A 110 6.67 -10.30 -8.67
CA CYS A 110 7.46 -11.18 -7.84
C CYS A 110 6.60 -12.39 -7.90
N HIS A 111 5.35 -12.08 -8.14
CA HIS A 111 4.34 -13.08 -8.27
C HIS A 111 3.42 -13.16 -7.09
N VAL A 112 2.77 -12.01 -6.77
CA VAL A 112 1.83 -11.90 -5.65
C VAL A 112 0.41 -11.37 -5.89
N ASP A 113 -0.56 -12.22 -5.53
CA ASP A 113 -1.97 -11.85 -5.62
C ASP A 113 -2.08 -10.90 -4.42
N LEU A 114 -2.20 -9.60 -4.72
CA LEU A 114 -2.15 -8.60 -3.65
C LEU A 114 -3.18 -8.80 -2.52
N PRO A 115 -4.48 -8.74 -2.83
CA PRO A 115 -5.53 -8.93 -1.82
C PRO A 115 -5.45 -10.35 -1.31
N GLN A 116 -4.87 -11.27 -2.11
CA GLN A 116 -4.84 -12.61 -1.58
C GLN A 116 -3.79 -12.77 -0.49
N ALA A 117 -2.56 -12.28 -0.73
CA ALA A 117 -1.49 -12.41 0.27
C ALA A 117 -1.82 -11.61 1.54
N VAL A 118 -2.65 -10.58 1.37
CA VAL A 118 -3.10 -9.77 2.51
C VAL A 118 -4.00 -10.70 3.34
N ILE A 119 -4.76 -11.58 2.70
CA ILE A 119 -5.52 -12.47 3.55
C ILE A 119 -4.41 -13.13 4.42
N SER A 120 -3.59 -14.04 3.93
CA SER A 120 -2.52 -14.63 4.78
C SER A 120 -1.99 -13.71 5.86
N LYS A 121 -1.65 -12.50 5.42
CA LYS A 121 -1.10 -11.55 6.31
C LYS A 121 -2.06 -11.14 7.45
N MSE A 122 -3.27 -10.69 7.10
CA MSE A 122 -4.26 -10.31 8.09
C MSE A 122 -4.59 -11.56 8.88
O MSE A 122 -5.00 -11.47 10.03
CB MSE A 122 -5.55 -9.77 7.45
CG MSE A 122 -5.60 -8.24 7.32
SE MSE A 122 -7.40 -7.46 7.38
CE MSE A 122 -7.52 -6.99 9.24
N ASP A 123 -4.41 -12.73 8.28
CA ASP A 123 -4.67 -13.94 9.05
C ASP A 123 -3.44 -14.12 9.93
N THR A 124 -2.32 -13.49 9.58
CA THR A 124 -1.15 -13.51 10.44
C THR A 124 -1.15 -12.28 11.38
N ASN A 125 -1.94 -11.23 11.07
CA ASN A 125 -2.04 -10.03 11.98
C ASN A 125 -2.77 -10.43 13.34
N ARG A 126 -3.85 -11.23 13.25
CA ARG A 126 -4.61 -11.57 14.44
C ARG A 126 -3.94 -12.57 15.42
N GLN A 127 -3.27 -13.61 14.90
CA GLN A 127 -2.60 -14.49 15.82
C GLN A 127 -1.26 -13.85 16.28
N ARG A 128 -0.87 -12.74 15.63
CA ARG A 128 0.33 -11.92 15.97
C ARG A 128 -0.16 -10.78 16.86
N TYR A 129 -1.48 -10.72 16.95
CA TYR A 129 -2.20 -9.74 17.73
C TYR A 129 -3.56 -10.33 18.15
N PRO A 130 -3.60 -11.06 19.29
CA PRO A 130 -4.95 -11.55 19.65
C PRO A 130 -5.53 -10.45 20.55
N VAL A 131 -6.64 -9.83 20.17
CA VAL A 131 -7.30 -8.76 20.97
C VAL A 131 -7.10 -8.89 22.50
N HIS A 132 -6.66 -7.84 23.19
CA HIS A 132 -6.59 -7.98 24.63
C HIS A 132 -8.03 -8.09 25.18
N LEU A 133 -8.23 -8.98 26.16
CA LEU A 133 -9.50 -9.26 26.85
C LEU A 133 -9.50 -8.70 28.27
N SER A 134 -10.33 -9.33 29.14
CA SER A 134 -10.59 -9.01 30.58
C SER A 134 -9.68 -9.57 31.69
N PRO B 22 -2.73 -17.01 -17.02
CA PRO B 22 -2.54 -15.54 -17.10
C PRO B 22 -2.83 -14.73 -15.75
N PHE B 23 -1.83 -14.60 -14.85
CA PHE B 23 -1.90 -13.93 -13.51
C PHE B 23 -2.74 -12.68 -13.29
N ARG B 24 -3.70 -12.78 -12.40
CA ARG B 24 -4.49 -11.61 -12.11
C ARG B 24 -4.99 -11.83 -10.67
N PHE B 25 -5.53 -10.78 -10.03
CA PHE B 25 -6.00 -10.90 -8.64
C PHE B 25 -7.41 -11.52 -8.29
N SER B 26 -7.44 -12.01 -7.04
CA SER B 26 -8.65 -12.52 -6.44
C SER B 26 -9.42 -11.23 -6.47
N PRO B 27 -10.70 -11.33 -6.69
CA PRO B 27 -11.36 -10.04 -6.70
C PRO B 27 -11.53 -9.52 -5.30
N GLU B 28 -11.16 -10.35 -4.32
CA GLU B 28 -11.35 -10.07 -2.87
C GLU B 28 -10.18 -10.54 -1.97
N PRO B 29 -9.87 -9.83 -0.88
CA PRO B 29 -10.54 -8.59 -0.42
C PRO B 29 -10.31 -7.42 -1.35
N THR B 30 -11.28 -6.51 -1.52
CA THR B 30 -11.02 -5.29 -2.33
C THR B 30 -10.33 -4.34 -1.34
N LEU B 31 -10.64 -3.03 -1.42
CA LEU B 31 -10.11 -2.06 -0.47
C LEU B 31 -11.16 -1.54 0.50
N GLU B 32 -12.40 -1.25 0.06
CA GLU B 32 -13.28 -0.74 1.15
C GLU B 32 -13.23 -1.95 2.04
N ASP B 33 -13.12 -3.06 1.33
CA ASP B 33 -13.01 -4.39 1.83
C ASP B 33 -12.04 -4.46 3.01
N ILE B 34 -10.76 -4.34 2.70
CA ILE B 34 -9.68 -4.35 3.72
C ILE B 34 -9.86 -3.19 4.73
N ARG B 35 -10.59 -2.16 4.32
CA ARG B 35 -10.75 -1.05 5.22
C ARG B 35 -11.53 -1.50 6.45
N ARG B 36 -12.48 -2.42 6.24
CA ARG B 36 -13.32 -2.90 7.37
C ARG B 36 -12.63 -3.99 8.15
N LEU B 37 -11.80 -4.83 7.52
CA LEU B 37 -11.15 -5.80 8.37
C LEU B 37 -10.11 -5.02 9.23
N HIS B 38 -9.67 -3.86 8.75
CA HIS B 38 -8.75 -3.12 9.56
C HIS B 38 -9.35 -2.45 10.81
N ALA B 39 -10.42 -1.73 10.65
CA ALA B 39 -11.03 -1.03 11.77
C ALA B 39 -11.27 -1.88 13.03
N GLU B 40 -12.08 -2.90 12.72
CA GLU B 40 -12.62 -3.97 13.56
C GLU B 40 -11.38 -4.41 14.23
N PHE B 41 -10.47 -4.76 13.34
CA PHE B 41 -9.19 -5.25 13.76
C PHE B 41 -8.57 -4.19 14.65
N ALA B 42 -9.21 -3.02 14.82
CA ALA B 42 -8.63 -1.96 15.64
C ALA B 42 -9.45 -1.26 16.71
N ALA B 43 -10.78 -1.28 16.66
CA ALA B 43 -11.60 -0.60 17.69
C ALA B 43 -11.53 -1.39 18.94
N GLU B 44 -11.02 -2.61 18.78
CA GLU B 44 -10.86 -3.55 19.87
C GLU B 44 -9.34 -3.61 20.10
N ARG B 45 -8.64 -2.48 19.93
CA ARG B 45 -7.16 -2.52 20.06
C ARG B 45 -6.51 -1.18 20.38
N ASP B 46 -5.30 -1.21 20.91
CA ASP B 46 -4.59 0.03 21.21
C ASP B 46 -5.16 1.13 20.29
N TRP B 47 -5.92 2.05 20.87
CA TRP B 47 -6.57 3.07 20.07
C TRP B 47 -5.72 4.04 19.32
N GLU B 48 -4.99 4.90 20.05
CA GLU B 48 -4.17 5.96 19.44
C GLU B 48 -2.88 5.50 18.77
N GLN B 49 -2.68 4.19 18.80
CA GLN B 49 -1.54 3.59 18.11
C GLN B 49 -2.16 3.75 16.72
N PHE B 50 -3.16 2.90 16.47
CA PHE B 50 -3.85 2.88 15.20
C PHE B 50 -4.61 4.11 14.73
N HIS B 51 -4.98 4.97 15.67
CA HIS B 51 -5.72 6.18 15.38
C HIS B 51 -4.82 7.40 15.08
N GLN B 52 -3.60 7.42 15.61
CA GLN B 52 -2.69 8.56 15.40
C GLN B 52 -1.89 8.27 14.18
N PRO B 53 -2.16 9.01 13.03
CA PRO B 53 -1.44 8.80 11.75
C PRO B 53 0.09 8.74 11.70
N ARG B 54 0.81 9.49 12.56
CA ARG B 54 2.27 9.43 12.48
C ARG B 54 2.69 7.96 12.74
N ASN B 55 1.95 7.26 13.61
CA ASN B 55 2.25 5.87 13.89
C ASN B 55 2.01 5.02 12.64
N LEU B 56 0.80 5.17 12.06
CA LEU B 56 0.43 4.41 10.88
C LEU B 56 1.43 4.78 9.80
N LEU B 57 1.72 6.08 9.70
CA LEU B 57 2.62 6.49 8.67
C LEU B 57 4.01 5.91 8.91
N LEU B 58 4.45 5.90 10.16
CA LEU B 58 5.77 5.34 10.38
C LEU B 58 5.60 3.88 10.05
N ALA B 59 4.46 3.31 10.42
CA ALA B 59 4.24 1.90 10.06
C ALA B 59 4.31 1.66 8.54
N LEU B 60 3.66 2.53 7.77
CA LEU B 60 3.70 2.38 6.34
C LEU B 60 5.15 2.67 5.90
N VAL B 61 5.76 3.75 6.42
CA VAL B 61 7.15 3.98 6.00
C VAL B 61 7.93 2.70 6.17
N GLY B 62 7.82 2.10 7.35
CA GLY B 62 8.57 0.87 7.60
C GLY B 62 8.25 -0.35 6.70
N GLU B 63 6.99 -0.58 6.47
CA GLU B 63 6.57 -1.71 5.66
C GLU B 63 7.21 -1.59 4.31
N VAL B 64 7.10 -0.41 3.70
CA VAL B 64 7.72 -0.12 2.38
C VAL B 64 9.25 -0.45 2.45
N GLY B 65 9.78 -0.36 3.67
CA GLY B 65 11.16 -0.71 3.89
C GLY B 65 11.54 -2.15 4.22
N GLU B 66 10.68 -3.00 4.80
CA GLU B 66 11.14 -4.39 5.11
C GLU B 66 11.15 -5.23 3.82
N LEU B 67 11.00 -4.53 2.70
CA LEU B 67 11.02 -5.11 1.36
C LEU B 67 12.43 -4.83 0.85
N ALA B 68 12.78 -3.54 0.87
CA ALA B 68 14.10 -3.07 0.45
C ALA B 68 15.22 -4.04 0.90
N GLU B 69 15.09 -4.61 2.09
CA GLU B 69 16.12 -5.52 2.62
C GLU B 69 16.31 -6.73 1.66
N LEU B 70 15.19 -7.18 1.09
CA LEU B 70 15.13 -8.26 0.09
C LEU B 70 15.78 -7.89 -1.26
N PHE B 71 15.38 -6.74 -1.79
CA PHE B 71 15.83 -6.35 -3.10
C PHE B 71 17.19 -5.65 -3.16
N GLN B 72 17.62 -5.06 -2.05
CA GLN B 72 18.88 -4.29 -1.96
C GLN B 72 20.13 -4.85 -2.66
N TRP B 73 20.25 -6.17 -2.70
CA TRP B 73 21.40 -6.78 -3.33
C TRP B 73 21.05 -7.32 -4.70
N LYS B 74 19.80 -7.11 -5.11
CA LYS B 74 19.32 -7.58 -6.40
C LYS B 74 19.49 -6.54 -7.51
N SER B 75 20.77 -6.29 -7.75
CA SER B 75 21.31 -5.42 -8.77
C SER B 75 20.67 -5.99 -9.99
N ASP B 76 19.97 -5.17 -10.71
CA ASP B 76 19.22 -5.69 -11.84
C ASP B 76 19.80 -6.83 -12.75
N THR B 77 21.08 -7.25 -12.64
CA THR B 77 21.63 -8.36 -13.49
C THR B 77 21.38 -9.82 -13.00
N GLU B 78 20.28 -10.03 -12.28
CA GLU B 78 19.91 -11.31 -11.69
C GLU B 78 18.44 -11.86 -11.96
N PRO B 79 18.17 -13.09 -11.48
CA PRO B 79 16.83 -13.69 -11.65
C PRO B 79 15.79 -12.80 -11.01
N GLY B 80 14.65 -12.64 -11.69
CA GLY B 80 13.55 -11.81 -11.19
C GLY B 80 12.86 -12.33 -9.93
N PRO B 81 12.03 -11.49 -9.24
CA PRO B 81 11.36 -11.97 -8.02
C PRO B 81 10.73 -13.35 -8.21
N GLN B 82 10.45 -13.72 -9.46
CA GLN B 82 9.85 -15.05 -9.71
C GLN B 82 10.90 -16.18 -9.86
N ALA B 83 11.21 -16.78 -8.70
CA ALA B 83 12.17 -17.86 -8.60
C ALA B 83 12.57 -17.89 -7.12
N TRP B 84 12.98 -16.71 -6.64
CA TRP B 84 13.37 -16.44 -5.24
C TRP B 84 12.88 -17.53 -4.31
N PRO B 85 13.79 -18.45 -3.90
CA PRO B 85 13.39 -19.55 -3.03
C PRO B 85 12.33 -19.18 -1.97
N PRO B 86 11.53 -20.19 -1.56
CA PRO B 86 10.45 -20.12 -0.58
C PRO B 86 10.48 -19.02 0.48
N LYS B 87 11.48 -19.07 1.35
CA LYS B 87 11.58 -18.05 2.39
C LYS B 87 11.47 -16.63 1.85
N GLU B 88 12.15 -16.36 0.73
CA GLU B 88 12.12 -15.03 0.11
C GLU B 88 10.74 -14.75 -0.43
N ARG B 89 10.22 -15.67 -1.24
CA ARG B 89 8.90 -15.45 -1.79
C ARG B 89 7.91 -15.29 -0.64
N ALA B 90 7.98 -16.20 0.33
CA ALA B 90 7.13 -16.12 1.49
C ALA B 90 7.38 -14.76 2.15
N ALA B 91 8.65 -14.42 2.32
CA ALA B 91 9.01 -13.17 2.96
C ALA B 91 8.60 -11.96 2.13
N LEU B 92 8.73 -12.10 0.80
CA LEU B 92 8.40 -11.07 -0.15
C LEU B 92 6.89 -10.89 -0.24
N GLN B 93 6.19 -11.94 0.16
CA GLN B 93 4.73 -11.93 0.15
C GLN B 93 4.25 -11.35 1.49
N GLU B 94 4.73 -11.87 2.62
CA GLU B 94 4.27 -11.29 3.90
C GLU B 94 4.64 -9.80 3.93
N GLU B 95 5.76 -9.47 3.27
CA GLU B 95 6.25 -8.10 3.25
C GLU B 95 5.30 -7.20 2.50
N LEU B 96 5.08 -7.49 1.23
CA LEU B 96 4.21 -6.65 0.44
C LEU B 96 2.94 -6.44 1.25
N SER B 97 2.47 -7.52 1.87
CA SER B 97 1.29 -7.38 2.69
C SER B 97 1.58 -6.44 3.85
N ASP B 98 2.68 -6.61 4.56
CA ASP B 98 3.00 -5.69 5.68
C ASP B 98 2.63 -4.23 5.33
N VAL B 99 2.98 -3.79 4.12
CA VAL B 99 2.70 -2.43 3.66
C VAL B 99 1.21 -2.12 3.48
N LEU B 100 0.61 -2.90 2.58
CA LEU B 100 -0.76 -2.67 2.21
C LEU B 100 -1.65 -2.53 3.43
N ILE B 101 -1.38 -3.34 4.46
CA ILE B 101 -2.16 -3.29 5.71
C ILE B 101 -1.86 -2.06 6.51
N TYR B 102 -0.75 -1.38 6.24
CA TYR B 102 -0.48 -0.16 7.03
C TYR B 102 -0.92 0.99 6.16
N LEU B 103 -1.05 0.71 4.84
CA LEU B 103 -1.48 1.78 3.93
C LEU B 103 -3.02 1.90 3.92
N VAL B 104 -3.75 0.81 4.21
CA VAL B 104 -5.21 0.96 4.31
C VAL B 104 -5.39 1.73 5.63
N ALA B 105 -4.73 1.24 6.68
CA ALA B 105 -4.86 1.90 8.01
C ALA B 105 -4.54 3.43 8.05
N LEU B 106 -3.68 3.93 7.15
CA LEU B 106 -3.44 5.37 7.16
C LEU B 106 -4.61 5.96 6.31
N ALA B 107 -4.76 5.42 5.10
CA ALA B 107 -5.78 5.81 4.14
C ALA B 107 -7.18 5.88 4.84
N ALA B 108 -7.61 4.78 5.49
CA ALA B 108 -8.91 4.76 6.28
C ALA B 108 -8.92 5.89 7.35
N ARG B 109 -7.87 5.94 8.19
CA ARG B 109 -7.75 7.02 9.19
C ARG B 109 -7.96 8.45 8.64
N CYS B 110 -7.02 8.95 7.84
CA CYS B 110 -7.17 10.31 7.25
C CYS B 110 -8.46 10.45 6.47
N HIS B 111 -9.35 9.49 6.68
CA HIS B 111 -10.62 9.39 5.99
C HIS B 111 -10.41 9.60 4.50
N VAL B 112 -9.33 9.05 3.97
CA VAL B 112 -9.10 9.18 2.56
C VAL B 112 -9.74 7.96 1.87
N ASP B 113 -10.73 8.22 1.00
CA ASP B 113 -11.40 7.12 0.32
C ASP B 113 -10.40 6.58 -0.72
N LEU B 114 -9.61 5.58 -0.33
CA LEU B 114 -8.56 5.11 -1.21
C LEU B 114 -8.85 4.51 -2.60
N PRO B 115 -9.89 3.65 -2.76
CA PRO B 115 -10.05 3.14 -4.14
C PRO B 115 -10.10 4.30 -5.11
N GLN B 116 -10.97 5.28 -4.83
CA GLN B 116 -11.08 6.45 -5.68
C GLN B 116 -9.74 7.20 -5.58
N ALA B 117 -9.11 7.11 -4.40
CA ALA B 117 -7.83 7.75 -4.17
C ALA B 117 -6.88 7.26 -5.26
N VAL B 118 -7.38 6.35 -6.08
CA VAL B 118 -6.66 5.80 -7.24
C VAL B 118 -7.32 6.33 -8.51
N ILE B 119 -8.64 6.52 -8.48
CA ILE B 119 -9.32 7.06 -9.66
C ILE B 119 -8.77 8.44 -9.98
N SER B 120 -8.61 9.22 -8.93
CA SER B 120 -8.06 10.57 -9.07
C SER B 120 -6.55 10.61 -9.41
N LYS B 121 -5.77 9.71 -8.77
CA LYS B 121 -4.33 9.67 -8.99
C LYS B 121 -3.88 8.78 -10.13
N MSE B 122 -4.64 7.77 -10.50
CA MSE B 122 -4.20 6.97 -11.64
C MSE B 122 -4.64 7.92 -12.71
O MSE B 122 -4.51 7.62 -13.91
CB MSE B 122 -4.96 5.63 -11.82
CG MSE B 122 -4.35 4.57 -12.82
SE MSE B 122 -2.98 4.91 -14.19
CE MSE B 122 -1.45 4.15 -13.20
N ASP B 123 -5.19 9.05 -12.29
CA ASP B 123 -5.55 10.02 -13.28
C ASP B 123 -4.27 10.81 -13.42
N THR B 124 -3.54 10.91 -12.31
CA THR B 124 -2.23 11.57 -12.37
C THR B 124 -1.11 10.54 -12.61
N ASN B 125 -1.45 9.44 -13.32
CA ASN B 125 -0.48 8.41 -13.73
C ASN B 125 -0.96 8.11 -15.16
N ARG B 126 -2.24 8.39 -15.42
CA ARG B 126 -2.76 8.21 -16.79
C ARG B 126 -2.65 9.54 -17.57
N GLN B 127 -1.63 10.30 -17.20
CA GLN B 127 -1.31 11.60 -17.79
C GLN B 127 0.04 12.11 -17.23
N ARG B 128 0.63 11.38 -16.26
CA ARG B 128 1.93 11.71 -15.59
C ARG B 128 3.16 11.46 -16.50
N TYR B 129 3.02 10.51 -17.44
CA TYR B 129 4.04 10.16 -18.43
C TYR B 129 3.14 9.75 -19.63
N PRO B 130 2.99 10.58 -20.72
CA PRO B 130 2.09 10.12 -21.82
C PRO B 130 2.49 9.45 -23.23
N PRO A 22 -19.41 6.85 10.40
CA PRO A 22 -19.11 5.51 9.86
C PRO A 22 -18.43 5.70 8.51
N PHE A 23 -17.09 5.61 8.46
CA PHE A 23 -16.34 5.79 7.21
C PHE A 23 -15.66 4.54 6.67
N ARG A 24 -15.86 4.26 5.39
CA ARG A 24 -15.22 3.08 4.81
C ARG A 24 -14.74 3.36 3.38
N PHE A 25 -14.12 2.41 2.71
CA PHE A 25 -13.66 2.67 1.32
C PHE A 25 -14.83 2.29 0.43
N SER A 26 -14.56 2.33 -0.89
CA SER A 26 -15.52 1.96 -1.92
C SER A 26 -15.25 0.52 -2.44
N PRO A 27 -16.36 -0.16 -2.86
CA PRO A 27 -16.68 -1.49 -3.42
C PRO A 27 -16.04 -1.90 -4.75
N GLU A 28 -15.01 -1.11 -5.09
CA GLU A 28 -14.10 -1.18 -6.26
C GLU A 28 -13.26 0.13 -6.37
N PRO A 29 -12.05 0.08 -6.99
CA PRO A 29 -11.32 -1.06 -7.61
C PRO A 29 -10.67 -2.14 -6.71
N THR A 30 -10.82 -3.42 -7.11
CA THR A 30 -10.22 -4.60 -6.45
C THR A 30 -8.73 -4.20 -6.31
N LEU A 31 -7.90 -5.18 -5.95
CA LEU A 31 -6.43 -5.10 -5.85
C LEU A 31 -6.04 -5.60 -7.28
N GLU A 32 -6.75 -6.64 -7.70
CA GLU A 32 -6.63 -7.27 -9.00
C GLU A 32 -6.86 -6.09 -9.91
N ASP A 33 -7.93 -5.35 -9.60
CA ASP A 33 -8.29 -4.20 -10.45
C ASP A 33 -7.05 -3.33 -10.70
N ILE A 34 -6.47 -2.78 -9.64
CA ILE A 34 -5.31 -1.95 -9.84
C ILE A 34 -4.19 -2.60 -10.63
N ARG A 35 -3.99 -3.90 -10.49
CA ARG A 35 -2.92 -4.56 -11.19
C ARG A 35 -3.15 -4.46 -12.70
N ARG A 36 -4.42 -4.63 -13.05
CA ARG A 36 -4.92 -4.63 -14.40
C ARG A 36 -4.92 -3.26 -14.99
N LEU A 37 -4.80 -2.27 -14.13
CA LEU A 37 -4.76 -0.94 -14.64
C LEU A 37 -3.30 -0.49 -14.71
N HIS A 38 -2.50 -0.63 -13.63
CA HIS A 38 -1.08 -0.25 -13.73
C HIS A 38 -0.51 -0.81 -15.03
N ALA A 39 -1.01 -1.99 -15.40
CA ALA A 39 -0.49 -2.70 -16.57
C ALA A 39 -0.71 -1.90 -17.87
N GLU A 40 -1.97 -1.44 -18.06
CA GLU A 40 -2.35 -0.62 -19.26
C GLU A 40 -1.43 0.61 -19.14
N PHE A 41 -1.21 1.02 -17.90
CA PHE A 41 -0.29 2.12 -17.64
C PHE A 41 1.18 1.73 -17.94
N ALA A 42 1.55 0.43 -17.91
CA ALA A 42 2.95 -0.01 -18.18
C ALA A 42 3.14 -0.60 -19.60
N ALA A 43 2.00 -1.00 -20.18
CA ALA A 43 2.01 -1.58 -21.50
C ALA A 43 2.66 -0.48 -22.37
N GLU A 44 2.37 0.80 -22.06
CA GLU A 44 2.91 1.94 -22.83
C GLU A 44 4.04 2.86 -22.33
N ARG A 45 4.78 2.49 -21.28
CA ARG A 45 5.90 3.36 -20.83
C ARG A 45 7.28 2.71 -20.89
N ASP A 46 8.11 2.74 -19.83
CA ASP A 46 9.39 2.04 -19.98
C ASP A 46 9.05 0.64 -19.57
N TRP A 47 9.94 -0.33 -19.77
CA TRP A 47 9.50 -1.67 -19.44
C TRP A 47 10.14 -2.47 -18.31
N GLU A 48 11.43 -2.32 -18.09
CA GLU A 48 12.06 -3.09 -17.01
C GLU A 48 12.39 -2.05 -15.98
N GLN A 49 11.74 -0.92 -16.26
CA GLN A 49 11.75 0.28 -15.43
C GLN A 49 10.57 -0.16 -14.54
N PHE A 50 9.65 -0.93 -15.12
CA PHE A 50 8.51 -1.39 -14.34
C PHE A 50 8.57 -2.90 -14.06
N HIS A 51 9.23 -3.61 -14.96
CA HIS A 51 9.32 -5.07 -14.85
C HIS A 51 10.48 -5.42 -13.87
N GLN A 52 11.53 -4.62 -13.84
CA GLN A 52 12.64 -4.91 -12.94
C GLN A 52 12.22 -4.42 -11.58
N PRO A 53 11.64 -5.31 -10.79
CA PRO A 53 11.12 -5.08 -9.44
C PRO A 53 11.79 -4.03 -8.54
N ARG A 54 13.13 -4.03 -8.53
CA ARG A 54 13.90 -3.13 -7.74
C ARG A 54 13.51 -1.74 -8.13
N ASN A 55 12.94 -1.62 -9.34
CA ASN A 55 12.46 -0.30 -9.70
C ASN A 55 11.22 0.01 -8.82
N LEU A 56 10.09 -0.71 -9.07
CA LEU A 56 8.88 -0.54 -8.28
C LEU A 56 9.17 -0.74 -6.75
N LEU A 57 10.41 -1.09 -6.46
CA LEU A 57 10.81 -1.23 -5.09
C LEU A 57 11.48 0.07 -4.62
N LEU A 58 11.73 0.98 -5.56
CA LEU A 58 12.37 2.24 -5.19
C LEU A 58 11.44 3.40 -5.36
N ALA A 59 10.48 3.27 -6.29
CA ALA A 59 9.51 4.34 -6.49
C ALA A 59 8.49 4.35 -5.30
N LEU A 60 7.91 3.18 -5.01
CA LEU A 60 6.99 3.01 -3.87
C LEU A 60 7.44 4.07 -2.87
N VAL A 61 8.71 3.94 -2.54
CA VAL A 61 9.50 4.78 -1.60
C VAL A 61 9.29 6.29 -1.63
N GLY A 62 9.47 6.82 -2.83
CA GLY A 62 9.35 8.26 -3.02
C GLY A 62 7.94 8.90 -3.00
N GLU A 63 6.89 8.20 -3.47
CA GLU A 63 5.56 8.79 -3.40
C GLU A 63 5.26 8.87 -1.90
N VAL A 64 5.69 7.81 -1.20
CA VAL A 64 5.61 7.63 0.26
C VAL A 64 6.44 8.73 0.90
N GLY A 65 7.62 8.95 0.28
CA GLY A 65 8.52 9.93 0.83
C GLY A 65 7.74 11.18 0.86
N GLU A 66 7.03 11.42 -0.22
CA GLU A 66 6.18 12.59 -0.28
C GLU A 66 5.23 12.57 0.97
N LEU A 67 4.75 11.37 1.33
CA LEU A 67 3.88 11.14 2.50
C LEU A 67 4.57 11.72 3.74
N ALA A 68 5.70 11.12 4.11
CA ALA A 68 6.48 11.57 5.28
C ALA A 68 6.66 13.11 5.18
N GLU A 69 6.63 13.66 3.99
CA GLU A 69 6.85 15.10 3.89
C GLU A 69 5.63 15.92 4.35
N LEU A 70 4.43 15.36 4.19
CA LEU A 70 3.20 16.06 4.60
C LEU A 70 3.03 16.06 6.10
N PHE A 71 3.49 14.94 6.66
CA PHE A 71 3.40 14.59 8.06
C PHE A 71 4.51 15.05 8.95
N GLN A 72 5.73 15.10 8.37
CA GLN A 72 6.94 15.44 9.13
C GLN A 72 6.70 16.55 10.14
N TRP A 73 6.01 17.62 9.70
CA TRP A 73 5.74 18.69 10.64
C TRP A 73 4.34 18.58 11.30
N LYS A 74 3.55 17.58 10.92
CA LYS A 74 2.22 17.42 11.52
C LYS A 74 2.23 16.70 12.85
N SER A 75 2.44 17.46 13.91
CA SER A 75 2.46 16.94 15.27
C SER A 75 1.27 16.03 15.50
N ASP A 76 1.34 15.25 16.57
CA ASP A 76 0.21 14.39 16.82
C ASP A 76 -0.82 15.36 17.44
N THR A 77 -0.47 16.65 17.43
CA THR A 77 -1.28 17.76 18.00
C THR A 77 -2.13 18.52 16.97
N GLU A 78 -1.53 19.52 16.31
CA GLU A 78 -2.22 20.33 15.30
C GLU A 78 -3.22 19.50 14.49
N PRO A 79 -4.03 20.17 13.64
CA PRO A 79 -5.01 19.40 12.87
C PRO A 79 -4.65 17.95 12.52
N GLY A 80 -5.68 17.11 12.49
CA GLY A 80 -5.53 15.70 12.15
C GLY A 80 -5.99 15.57 10.70
N PRO A 81 -5.17 14.91 9.87
CA PRO A 81 -5.34 14.65 8.41
C PRO A 81 -6.64 15.18 7.71
N GLN A 82 -7.75 14.47 7.83
CA GLN A 82 -9.00 14.85 7.19
C GLN A 82 -9.35 16.34 7.28
N ALA A 83 -8.90 16.96 8.39
CA ALA A 83 -9.10 18.38 8.67
C ALA A 83 -7.94 19.21 8.12
N TRP A 84 -7.00 18.55 7.46
CA TRP A 84 -5.91 19.23 6.79
C TRP A 84 -6.48 19.99 5.61
N PRO A 85 -5.73 21.01 5.14
CA PRO A 85 -6.18 21.83 3.99
C PRO A 85 -6.69 21.09 2.77
N PRO A 86 -7.76 21.61 2.14
CA PRO A 86 -8.42 21.05 0.94
C PRO A 86 -7.42 20.44 -0.07
N LYS A 87 -6.28 21.13 -0.08
CA LYS A 87 -5.09 20.97 -0.91
C LYS A 87 -4.15 19.84 -0.47
N GLU A 88 -4.24 19.42 0.79
CA GLU A 88 -3.33 18.39 1.33
C GLU A 88 -3.92 17.03 1.22
N ARG A 89 -5.01 16.81 1.94
CA ARG A 89 -5.74 15.56 1.85
C ARG A 89 -5.52 15.10 0.42
N ALA A 90 -5.72 16.03 -0.48
CA ALA A 90 -5.59 15.86 -1.91
C ALA A 90 -4.35 15.17 -2.47
N ALA A 91 -3.23 15.87 -2.47
CA ALA A 91 -1.95 15.34 -2.95
C ALA A 91 -1.47 14.28 -1.98
N LEU A 92 -1.79 14.53 -0.70
CA LEU A 92 -1.52 13.67 0.43
C LEU A 92 -2.34 12.38 0.09
N GLN A 93 -3.39 12.58 -0.71
CA GLN A 93 -4.28 11.50 -1.18
C GLN A 93 -3.64 10.84 -2.44
N GLU A 94 -3.33 11.65 -3.46
CA GLU A 94 -2.72 11.17 -4.72
C GLU A 94 -1.56 10.25 -4.31
N GLU A 95 -0.89 10.72 -3.25
CA GLU A 95 0.24 10.09 -2.62
C GLU A 95 -0.10 8.64 -2.21
N LEU A 96 -0.81 8.50 -1.06
CA LEU A 96 -1.16 7.16 -0.55
C LEU A 96 -1.51 6.14 -1.66
N SER A 97 -2.20 6.61 -2.69
CA SER A 97 -2.58 5.81 -3.86
C SER A 97 -1.37 5.14 -4.48
N ASP A 98 -0.83 5.78 -5.54
CA ASP A 98 0.37 5.30 -6.22
C ASP A 98 1.30 4.43 -5.32
N VAL A 99 1.44 4.71 -4.01
CA VAL A 99 2.25 3.88 -3.14
C VAL A 99 1.73 2.41 -3.30
N LEU A 100 0.41 2.30 -3.52
CA LEU A 100 -0.25 1.00 -3.64
C LEU A 100 -0.44 0.59 -5.08
N ILE A 101 -0.46 1.54 -5.99
CA ILE A 101 -0.53 1.22 -7.44
C ILE A 101 0.86 0.51 -7.68
N TYR A 102 1.91 1.14 -7.16
CA TYR A 102 3.28 0.57 -7.21
C TYR A 102 3.50 -0.66 -6.37
N LEU A 103 2.92 -0.71 -5.14
CA LEU A 103 3.06 -1.88 -4.24
C LEU A 103 2.46 -3.13 -4.94
N VAL A 104 1.33 -2.95 -5.60
CA VAL A 104 0.65 -4.03 -6.33
C VAL A 104 1.49 -4.36 -7.59
N ALA A 105 1.93 -3.30 -8.28
CA ALA A 105 2.76 -3.37 -9.51
C ALA A 105 3.91 -4.26 -9.14
N LEU A 106 4.64 -3.85 -8.12
CA LEU A 106 5.74 -4.66 -7.62
C LEU A 106 5.12 -6.03 -7.44
N ALA A 107 4.07 -6.09 -6.60
CA ALA A 107 3.39 -7.34 -6.30
C ALA A 107 2.97 -8.13 -7.54
N ALA A 108 2.26 -7.47 -8.44
CA ALA A 108 1.82 -8.08 -9.70
C ALA A 108 2.99 -8.71 -10.39
N ARG A 109 4.02 -7.88 -10.59
CA ARG A 109 5.29 -8.26 -11.24
C ARG A 109 6.03 -9.43 -10.58
N CYS A 110 5.93 -9.52 -9.23
CA CYS A 110 6.57 -10.57 -8.44
C CYS A 110 5.79 -11.89 -8.39
N HIS A 111 4.64 -11.93 -9.05
CA HIS A 111 3.80 -13.14 -9.04
C HIS A 111 3.67 -13.73 -7.63
N VAL A 112 2.98 -12.97 -6.81
CA VAL A 112 2.69 -13.34 -5.45
C VAL A 112 1.22 -12.93 -5.45
N ASP A 113 0.28 -13.77 -4.98
CA ASP A 113 -1.05 -13.18 -5.04
C ASP A 113 -1.47 -12.32 -3.79
N LEU A 114 -0.93 -11.10 -3.76
CA LEU A 114 -1.14 -10.10 -2.71
C LEU A 114 -2.48 -10.10 -1.97
N PRO A 115 -3.59 -9.96 -2.71
CA PRO A 115 -4.88 -9.97 -2.01
C PRO A 115 -4.95 -11.18 -1.14
N GLN A 116 -4.52 -12.32 -1.69
CA GLN A 116 -4.58 -13.49 -0.82
C GLN A 116 -3.48 -13.43 0.24
N ALA A 117 -2.31 -12.92 -0.14
CA ALA A 117 -1.15 -12.82 0.71
C ALA A 117 -1.50 -12.00 1.99
N VAL A 118 -2.28 -10.92 1.78
CA VAL A 118 -2.73 -10.03 2.85
C VAL A 118 -3.67 -10.77 3.86
N ILE A 119 -4.54 -11.62 3.34
CA ILE A 119 -5.44 -12.36 4.23
C ILE A 119 -4.52 -13.30 5.07
N SER A 120 -3.61 -14.01 4.41
CA SER A 120 -2.69 -14.94 5.11
C SER A 120 -1.79 -14.37 6.24
N LYS A 121 -0.80 -13.58 5.86
CA LYS A 121 0.10 -12.97 6.85
C LYS A 121 -0.71 -12.30 7.94
N MSE A 122 -1.98 -12.03 7.65
CA MSE A 122 -2.90 -11.40 8.59
C MSE A 122 -3.15 -12.41 9.71
O MSE A 122 -3.21 -12.06 10.88
CB MSE A 122 -4.24 -11.08 7.93
CG MSE A 122 -4.81 -9.72 8.29
SE MSE A 122 -6.59 -9.70 9.13
CE MSE A 122 -6.54 -7.88 9.90
N ASP A 123 -3.33 -13.68 9.32
CA ASP A 123 -3.55 -14.70 10.33
C ASP A 123 -2.33 -14.71 11.26
N THR A 124 -1.16 -14.53 10.64
CA THR A 124 0.11 -14.43 11.37
C THR A 124 0.02 -13.28 12.40
N ASN A 125 -0.44 -12.13 11.92
CA ASN A 125 -0.66 -10.92 12.74
C ASN A 125 -1.77 -11.29 13.77
N ARG A 126 -2.79 -12.03 13.32
CA ARG A 126 -3.81 -12.45 14.22
C ARG A 126 -3.07 -13.46 15.16
N GLN A 127 -2.63 -14.58 14.64
CA GLN A 127 -1.93 -15.54 15.48
C GLN A 127 -0.56 -15.07 16.03
N ARG A 128 -0.31 -13.76 16.09
CA ARG A 128 0.97 -13.27 16.66
C ARG A 128 0.74 -12.25 17.76
N TYR A 129 0.25 -11.07 17.38
CA TYR A 129 -0.06 -9.94 18.29
C TYR A 129 -1.53 -9.94 18.85
N PRO A 130 -1.71 -10.18 20.18
CA PRO A 130 -3.13 -10.18 20.57
C PRO A 130 -3.85 -8.89 21.00
N VAL A 131 -5.21 -9.03 21.10
CA VAL A 131 -6.27 -8.01 21.50
C VAL A 131 -6.56 -7.58 22.95
N HIS A 132 -6.49 -8.48 23.93
CA HIS A 132 -6.77 -8.17 25.38
C HIS A 132 -8.09 -8.63 26.05
N LEU A 133 -8.11 -9.74 26.78
CA LEU A 133 -9.30 -10.09 27.54
C LEU A 133 -8.88 -9.64 28.94
N SER A 134 -9.71 -9.95 29.93
CA SER A 134 -9.48 -9.60 31.35
C SER A 134 -8.20 -10.16 32.08
N PRO B 22 -1.78 -17.00 -17.01
CA PRO B 22 -1.56 -15.56 -17.16
C PRO B 22 -1.65 -14.95 -15.73
N PHE B 23 -0.53 -14.60 -15.11
CA PHE B 23 -0.64 -14.11 -13.73
C PHE B 23 -1.72 -13.11 -13.39
N ARG B 24 -2.38 -13.33 -12.25
CA ARG B 24 -3.26 -12.29 -11.72
C ARG B 24 -3.75 -12.45 -10.23
N PHE B 25 -4.36 -11.43 -9.67
CA PHE B 25 -4.76 -11.54 -8.24
C PHE B 25 -6.09 -12.16 -7.96
N SER B 26 -6.21 -12.92 -6.86
CA SER B 26 -7.46 -13.49 -6.44
C SER B 26 -8.36 -12.33 -6.39
N PRO B 27 -9.65 -12.60 -6.49
CA PRO B 27 -10.67 -11.58 -6.48
C PRO B 27 -11.10 -10.94 -5.17
N GLU B 28 -10.53 -11.39 -4.06
CA GLU B 28 -10.90 -10.89 -2.71
C GLU B 28 -9.88 -11.47 -1.73
N PRO B 29 -9.52 -10.76 -0.66
CA PRO B 29 -10.00 -9.46 -0.25
C PRO B 29 -9.72 -8.31 -1.18
N THR B 30 -10.59 -7.34 -1.00
CA THR B 30 -10.57 -6.09 -1.64
C THR B 30 -10.07 -5.10 -0.57
N LEU B 31 -9.89 -3.83 -0.96
CA LEU B 31 -9.39 -2.81 -0.03
C LEU B 31 -10.41 -2.36 1.02
N GLU B 32 -11.66 -2.14 0.60
CA GLU B 32 -12.72 -1.77 1.53
C GLU B 32 -12.71 -2.90 2.52
N ASP B 33 -12.67 -4.08 1.92
CA ASP B 33 -12.70 -5.30 2.66
C ASP B 33 -11.56 -5.30 3.69
N ILE B 34 -10.35 -4.94 3.23
CA ILE B 34 -9.20 -4.87 4.11
C ILE B 34 -9.38 -3.82 5.22
N ARG B 35 -9.98 -2.69 4.89
CA ARG B 35 -10.15 -1.65 5.89
C ARG B 35 -10.97 -2.20 7.07
N ARG B 36 -12.04 -2.93 6.77
CA ARG B 36 -12.92 -3.50 7.83
C ARG B 36 -12.22 -4.63 8.55
N LEU B 37 -11.50 -5.51 7.84
CA LEU B 37 -10.83 -6.56 8.58
C LEU B 37 -9.82 -5.82 9.50
N HIS B 38 -9.27 -4.73 8.97
CA HIS B 38 -8.37 -4.04 9.81
C HIS B 38 -8.99 -3.00 10.75
N ALA B 39 -10.13 -2.42 10.37
CA ALA B 39 -10.76 -1.46 11.29
C ALA B 39 -11.13 -2.22 12.61
N GLU B 40 -11.76 -3.38 12.38
CA GLU B 40 -12.24 -4.32 13.41
C GLU B 40 -11.01 -4.81 14.07
N PHE B 41 -10.03 -5.12 13.23
CA PHE B 41 -8.79 -5.61 13.69
C PHE B 41 -8.39 -4.65 14.78
N ALA B 42 -8.17 -3.40 14.41
CA ALA B 42 -7.76 -2.38 15.38
C ALA B 42 -8.83 -2.42 16.49
N ALA B 43 -9.84 -1.56 16.43
CA ALA B 43 -10.93 -1.61 17.46
C ALA B 43 -10.67 -2.62 18.56
N GLU B 44 -10.57 -3.89 18.18
CA GLU B 44 -10.31 -4.99 19.12
C GLU B 44 -8.93 -4.95 19.79
N ARG B 45 -8.06 -4.07 19.29
CA ARG B 45 -6.68 -3.90 19.87
C ARG B 45 -6.39 -2.51 20.51
N ASP B 46 -5.11 -2.29 20.86
CA ASP B 46 -4.65 -1.03 21.37
C ASP B 46 -4.89 -0.01 20.23
N TRP B 47 -6.14 0.42 20.21
CA TRP B 47 -6.69 1.36 19.23
C TRP B 47 -5.92 2.68 19.12
N GLU B 48 -5.38 3.13 20.25
CA GLU B 48 -4.58 4.35 20.29
C GLU B 48 -3.33 4.23 19.41
N GLN B 49 -2.52 3.23 19.73
CA GLN B 49 -1.28 2.91 19.01
C GLN B 49 -1.51 2.80 17.50
N PHE B 50 -2.66 2.22 17.11
CA PHE B 50 -2.98 2.07 15.67
C PHE B 50 -3.55 3.37 15.14
N HIS B 51 -4.43 3.97 15.96
CA HIS B 51 -5.11 5.21 15.64
C HIS B 51 -4.16 6.25 15.07
N GLN B 52 -3.21 6.74 15.86
CA GLN B 52 -2.34 7.84 15.39
C GLN B 52 -1.66 7.63 14.07
N PRO B 53 -1.96 8.51 13.08
CA PRO B 53 -1.42 8.49 11.70
C PRO B 53 0.09 8.32 11.63
N ARG B 54 0.84 9.04 12.47
CA ARG B 54 2.30 8.88 12.40
C ARG B 54 2.78 7.42 12.60
N ASN B 55 2.44 6.80 13.73
CA ASN B 55 2.87 5.43 14.00
C ASN B 55 2.61 4.60 12.74
N LEU B 56 1.35 4.68 12.29
CA LEU B 56 0.92 3.99 11.09
C LEU B 56 1.85 4.41 9.97
N LEU B 57 2.10 5.72 9.90
CA LEU B 57 2.94 6.22 8.89
C LEU B 57 4.33 5.59 9.09
N LEU B 58 4.80 5.54 10.34
CA LEU B 58 6.10 4.94 10.62
C LEU B 58 5.95 3.43 10.36
N ALA B 59 4.76 2.88 10.57
CA ALA B 59 4.56 1.45 10.32
C ALA B 59 4.68 1.24 8.80
N LEU B 60 4.04 2.17 8.06
CA LEU B 60 4.02 2.18 6.60
C LEU B 60 5.35 2.76 6.01
N VAL B 61 6.37 2.90 6.87
CA VAL B 61 7.71 3.26 6.52
C VAL B 61 8.52 2.01 6.66
N GLY B 62 8.48 1.37 7.84
CA GLY B 62 9.26 0.15 8.05
C GLY B 62 8.79 -0.98 7.10
N GLU B 63 7.53 -0.89 6.73
CA GLU B 63 6.98 -1.89 5.85
C GLU B 63 7.37 -1.58 4.42
N VAL B 64 7.18 -0.35 3.94
CA VAL B 64 7.67 0.00 2.58
C VAL B 64 9.20 -0.12 2.79
N GLY B 65 9.56 -0.08 4.07
CA GLY B 65 10.94 -0.28 4.41
C GLY B 65 11.20 -1.76 4.12
N GLU B 66 10.84 -2.63 5.06
CA GLU B 66 11.05 -4.07 4.90
C GLU B 66 10.82 -4.54 3.44
N LEU B 67 9.87 -3.95 2.74
CA LEU B 67 9.60 -4.37 1.33
C LEU B 67 10.80 -4.13 0.38
N ALA B 68 11.38 -2.92 0.44
CA ALA B 68 12.51 -2.52 -0.39
C ALA B 68 13.69 -3.35 -0.05
N GLU B 69 13.60 -3.92 1.14
CA GLU B 69 14.63 -4.77 1.65
C GLU B 69 14.91 -6.00 0.82
N LEU B 70 13.89 -6.88 0.75
CA LEU B 70 14.02 -8.13 -0.03
C LEU B 70 15.02 -7.99 -1.21
N PHE B 71 15.18 -6.76 -1.72
CA PHE B 71 16.06 -6.61 -2.85
C PHE B 71 17.46 -6.01 -2.55
N GLN B 72 17.80 -5.92 -1.26
CA GLN B 72 19.08 -5.38 -0.80
C GLN B 72 20.34 -5.77 -1.63
N TRP B 73 20.54 -7.05 -1.95
CA TRP B 73 21.77 -7.39 -2.70
C TRP B 73 21.46 -8.16 -3.98
N LYS B 74 20.23 -8.05 -4.47
CA LYS B 74 19.83 -8.77 -5.67
C LYS B 74 20.30 -8.23 -7.04
N SER B 75 21.07 -9.05 -7.78
CA SER B 75 21.54 -8.67 -9.12
C SER B 75 20.22 -8.55 -9.86
N ASP B 76 20.09 -7.57 -10.75
CA ASP B 76 18.83 -7.48 -11.47
C ASP B 76 18.91 -8.39 -12.72
N THR B 77 20.10 -9.03 -12.83
CA THR B 77 20.47 -9.98 -13.88
C THR B 77 20.07 -11.39 -13.44
N GLU B 78 19.82 -11.57 -12.12
CA GLU B 78 19.42 -12.90 -11.57
C GLU B 78 17.89 -13.18 -11.62
N PRO B 79 17.42 -14.35 -11.08
CA PRO B 79 15.97 -14.63 -11.12
C PRO B 79 15.25 -13.60 -10.29
N GLY B 80 14.19 -13.07 -10.90
CA GLY B 80 13.35 -12.05 -10.28
C GLY B 80 12.48 -12.61 -9.20
N PRO B 81 11.74 -11.73 -8.47
CA PRO B 81 10.87 -12.15 -7.37
C PRO B 81 10.10 -13.40 -7.75
N GLN B 82 9.62 -13.44 -9.00
CA GLN B 82 8.83 -14.57 -9.47
C GLN B 82 9.50 -15.94 -9.47
N ALA B 83 10.83 -15.98 -9.50
CA ALA B 83 11.57 -17.25 -9.45
C ALA B 83 12.10 -17.43 -8.02
N TRP B 84 12.28 -16.32 -7.28
CA TRP B 84 12.76 -16.41 -5.88
C TRP B 84 12.40 -17.74 -5.21
N PRO B 85 13.39 -18.35 -4.52
CA PRO B 85 13.16 -19.64 -3.84
C PRO B 85 12.00 -19.56 -2.85
N PRO B 86 11.43 -20.71 -2.45
CA PRO B 86 10.31 -20.65 -1.51
C PRO B 86 10.35 -19.59 -0.44
N LYS B 87 11.19 -19.79 0.57
CA LYS B 87 11.30 -18.82 1.67
C LYS B 87 10.96 -17.38 1.25
N GLU B 88 11.88 -16.74 0.52
CA GLU B 88 11.76 -15.35 0.04
C GLU B 88 10.48 -15.06 -0.70
N ARG B 89 9.70 -16.10 -0.89
CA ARG B 89 8.45 -15.89 -1.56
C ARG B 89 7.45 -15.44 -0.51
N ALA B 90 7.32 -16.20 0.56
CA ALA B 90 6.41 -15.82 1.63
C ALA B 90 6.79 -14.43 2.19
N ALA B 91 8.08 -14.27 2.48
CA ALA B 91 8.60 -13.02 3.03
C ALA B 91 8.16 -11.83 2.18
N LEU B 92 8.34 -11.99 0.86
CA LEU B 92 7.98 -11.01 -0.12
C LEU B 92 6.49 -10.72 -0.09
N GLN B 93 5.72 -11.78 0.02
CA GLN B 93 4.27 -11.72 0.08
C GLN B 93 3.91 -11.02 1.38
N GLU B 94 4.65 -11.36 2.43
CA GLU B 94 4.40 -10.78 3.76
C GLU B 94 4.66 -9.29 3.88
N GLU B 95 5.85 -8.84 3.44
CA GLU B 95 6.19 -7.43 3.59
C GLU B 95 5.32 -6.61 2.66
N LEU B 96 5.14 -7.11 1.44
CA LEU B 96 4.29 -6.42 0.51
C LEU B 96 2.93 -6.25 1.21
N SER B 97 2.40 -7.37 1.70
CA SER B 97 1.10 -7.39 2.35
C SER B 97 1.05 -6.48 3.57
N ASP B 98 2.08 -6.54 4.43
CA ASP B 98 2.13 -5.67 5.62
C ASP B 98 2.28 -4.19 5.25
N VAL B 99 2.73 -3.89 4.04
CA VAL B 99 2.82 -2.50 3.65
C VAL B 99 1.35 -2.09 3.37
N LEU B 100 0.68 -2.91 2.54
CA LEU B 100 -0.68 -2.62 2.16
C LEU B 100 -1.53 -2.40 3.38
N ILE B 101 -1.39 -3.27 4.37
CA ILE B 101 -2.17 -3.15 5.61
C ILE B 101 -1.99 -1.81 6.25
N TYR B 102 -0.79 -1.27 6.24
CA TYR B 102 -0.58 0.03 6.90
C TYR B 102 -1.01 1.17 6.02
N LEU B 103 -0.98 0.91 4.70
CA LEU B 103 -1.39 1.91 3.73
C LEU B 103 -2.93 1.94 3.63
N VAL B 104 -3.61 0.78 3.71
CA VAL B 104 -5.07 0.84 3.70
C VAL B 104 -5.44 1.35 5.08
N ALA B 105 -4.73 0.94 6.13
CA ALA B 105 -5.07 1.52 7.44
C ALA B 105 -4.86 3.06 7.50
N LEU B 106 -3.69 3.55 7.06
CA LEU B 106 -3.42 4.99 7.14
C LEU B 106 -4.46 5.81 6.39
N ALA B 107 -4.73 5.38 5.15
CA ALA B 107 -5.70 6.04 4.32
C ALA B 107 -6.92 6.19 5.25
N ALA B 108 -7.48 5.06 5.69
CA ALA B 108 -8.67 5.06 6.65
C ALA B 108 -8.55 6.07 7.82
N ARG B 109 -7.51 5.94 8.64
CA ARG B 109 -7.27 6.90 9.74
C ARG B 109 -7.34 8.38 9.38
N CYS B 110 -6.71 8.75 8.28
CA CYS B 110 -6.67 10.13 7.81
C CYS B 110 -7.91 10.35 7.00
N HIS B 111 -8.58 9.24 6.80
CA HIS B 111 -9.78 9.19 6.05
C HIS B 111 -9.55 9.27 4.55
N VAL B 112 -8.79 8.31 4.01
CA VAL B 112 -8.60 8.27 2.58
C VAL B 112 -9.33 7.03 2.09
N ASP B 113 -10.41 7.21 1.35
CA ASP B 113 -11.11 6.07 0.80
C ASP B 113 -10.21 5.65 -0.35
N LEU B 114 -9.31 4.71 -0.15
CA LEU B 114 -8.37 4.33 -1.20
C LEU B 114 -8.87 3.83 -2.59
N PRO B 115 -9.47 2.62 -2.69
CA PRO B 115 -9.93 2.11 -4.00
C PRO B 115 -10.15 3.19 -5.05
N GLN B 116 -10.83 4.25 -4.65
CA GLN B 116 -11.11 5.38 -5.53
C GLN B 116 -9.89 6.27 -5.81
N ALA B 117 -9.03 6.43 -4.80
CA ALA B 117 -7.81 7.22 -4.90
C ALA B 117 -7.07 6.71 -6.14
N VAL B 118 -6.97 5.39 -6.22
CA VAL B 118 -6.37 4.60 -7.32
C VAL B 118 -6.75 5.24 -8.64
N ILE B 119 -8.06 5.45 -8.82
CA ILE B 119 -8.59 6.09 -10.03
C ILE B 119 -8.03 7.51 -9.95
N SER B 120 -8.32 8.21 -8.85
CA SER B 120 -7.82 9.57 -8.63
C SER B 120 -6.45 9.61 -9.33
N LYS B 121 -5.41 9.15 -8.65
CA LYS B 121 -4.04 9.12 -9.20
C LYS B 121 -3.95 8.44 -10.57
N MSE B 122 -5.07 8.20 -11.22
CA MSE B 122 -5.05 7.52 -12.52
C MSE B 122 -5.79 8.34 -13.52
O MSE B 122 -6.15 7.84 -14.61
CB MSE B 122 -5.69 6.13 -12.42
CG MSE B 122 -4.82 5.00 -12.91
SE MSE B 122 -5.24 4.42 -14.71
CE MSE B 122 -3.92 5.51 -15.70
N ASP B 123 -6.03 9.58 -13.15
CA ASP B 123 -6.73 10.48 -14.02
C ASP B 123 -5.72 11.62 -14.05
N THR B 124 -4.87 11.68 -13.03
CA THR B 124 -3.80 12.68 -12.96
C THR B 124 -2.60 12.10 -13.71
N ASN B 125 -2.13 10.93 -13.24
CA ASN B 125 -1.04 10.23 -13.87
C ASN B 125 -1.54 9.73 -15.23
N ARG B 126 -0.88 10.21 -16.29
CA ARG B 126 -1.17 9.87 -17.71
C ARG B 126 -0.52 10.76 -18.84
N GLN B 127 -0.29 12.07 -18.60
CA GLN B 127 0.31 12.97 -19.63
C GLN B 127 1.76 13.40 -19.39
N ARG B 128 2.62 12.45 -18.98
CA ARG B 128 4.04 12.72 -18.66
C ARG B 128 5.11 11.75 -19.20
N TYR B 129 4.81 10.47 -19.38
CA TYR B 129 5.80 9.54 -19.96
C TYR B 129 5.50 9.83 -21.50
N PRO B 130 5.56 8.81 -22.45
CA PRO B 130 5.29 8.93 -23.94
C PRO B 130 3.99 8.28 -24.39
N PRO A 22 -18.41 6.64 10.68
CA PRO A 22 -17.64 5.39 10.58
C PRO A 22 -17.06 5.34 9.15
N PHE A 23 -15.74 5.54 8.98
CA PHE A 23 -15.14 5.55 7.63
C PHE A 23 -15.05 4.24 6.87
N ARG A 24 -15.13 4.37 5.55
CA ARG A 24 -15.06 3.21 4.66
C ARG A 24 -14.52 3.58 3.28
N PHE A 25 -13.79 2.67 2.65
CA PHE A 25 -13.23 2.93 1.29
C PHE A 25 -14.44 2.87 0.39
N SER A 26 -14.28 3.22 -0.89
CA SER A 26 -15.37 3.10 -1.86
C SER A 26 -15.41 1.65 -2.38
N PRO A 27 -16.55 1.25 -2.96
CA PRO A 27 -16.77 -0.10 -3.50
C PRO A 27 -16.21 -0.35 -4.89
N GLU A 28 -14.93 -0.02 -5.07
CA GLU A 28 -14.15 -0.18 -6.33
C GLU A 28 -13.46 1.15 -6.73
N PRO A 29 -12.20 1.11 -7.22
CA PRO A 29 -11.36 -0.08 -7.45
C PRO A 29 -11.00 -1.11 -6.34
N THR A 30 -10.79 -2.32 -6.87
CA THR A 30 -10.37 -3.54 -6.18
C THR A 30 -8.87 -3.52 -6.52
N LEU A 31 -8.10 -4.30 -5.78
CA LEU A 31 -6.69 -4.43 -6.05
C LEU A 31 -6.48 -4.90 -7.53
N GLU A 32 -7.40 -5.76 -7.97
CA GLU A 32 -7.43 -6.29 -9.30
C GLU A 32 -7.69 -5.17 -10.33
N ASP A 33 -8.67 -4.30 -10.05
CA ASP A 33 -8.95 -3.23 -11.01
C ASP A 33 -7.75 -2.26 -11.07
N ILE A 34 -7.12 -1.94 -9.94
CA ILE A 34 -5.95 -1.10 -10.06
C ILE A 34 -4.84 -1.75 -10.95
N ARG A 35 -4.38 -2.94 -10.58
CA ARG A 35 -3.29 -3.66 -11.28
C ARG A 35 -3.42 -3.60 -12.81
N ARG A 36 -4.62 -3.99 -13.22
CA ARG A 36 -5.07 -4.04 -14.58
C ARG A 36 -5.00 -2.67 -15.20
N LEU A 37 -5.45 -1.66 -14.46
CA LEU A 37 -5.38 -0.31 -14.98
C LEU A 37 -3.91 0.02 -15.00
N HIS A 38 -3.20 -0.37 -13.93
CA HIS A 38 -1.78 -0.11 -13.93
C HIS A 38 -1.22 -0.69 -15.23
N ALA A 39 -1.18 -2.02 -15.33
CA ALA A 39 -0.55 -2.70 -16.48
C ALA A 39 -0.62 -1.92 -17.83
N GLU A 40 -1.85 -1.49 -18.16
CA GLU A 40 -2.14 -0.72 -19.39
C GLU A 40 -1.44 0.64 -19.28
N PHE A 41 -1.46 1.23 -18.09
CA PHE A 41 -0.72 2.45 -17.88
C PHE A 41 0.73 2.14 -18.35
N ALA A 42 1.21 0.93 -18.03
CA ALA A 42 2.55 0.46 -18.38
C ALA A 42 2.74 -0.14 -19.79
N ALA A 43 1.66 -0.67 -20.40
CA ALA A 43 1.76 -1.31 -21.72
C ALA A 43 2.69 -0.40 -22.60
N GLU A 44 2.34 0.89 -22.76
CA GLU A 44 3.13 1.90 -23.51
C GLU A 44 4.26 2.56 -22.69
N ARG A 45 4.94 1.73 -21.90
CA ARG A 45 6.08 2.03 -20.99
C ARG A 45 7.24 1.03 -21.25
N ASP A 46 8.45 1.55 -21.39
CA ASP A 46 9.69 0.80 -21.58
C ASP A 46 9.62 -0.39 -20.64
N TRP A 47 10.04 -1.56 -21.07
CA TRP A 47 9.87 -2.74 -20.22
C TRP A 47 10.36 -2.78 -18.76
N GLU A 48 11.56 -3.31 -18.57
CA GLU A 48 12.18 -3.44 -17.26
C GLU A 48 12.13 -2.08 -16.55
N GLN A 49 11.40 -1.15 -17.17
CA GLN A 49 11.19 0.17 -16.59
C GLN A 49 10.06 -0.08 -15.59
N PHE A 50 8.81 -0.07 -16.07
CA PHE A 50 7.71 -0.31 -15.13
C PHE A 50 7.52 -1.78 -14.94
N HIS A 51 8.40 -2.56 -15.57
CA HIS A 51 8.26 -4.00 -15.47
C HIS A 51 9.32 -4.70 -14.63
N GLN A 52 10.31 -3.93 -14.17
CA GLN A 52 11.36 -4.45 -13.29
C GLN A 52 10.84 -4.27 -11.84
N PRO A 53 11.40 -5.01 -10.88
CA PRO A 53 11.00 -4.94 -9.47
C PRO A 53 11.54 -3.69 -8.67
N ARG A 54 12.88 -3.58 -8.57
CA ARG A 54 13.62 -2.55 -7.83
C ARG A 54 13.34 -1.05 -8.04
N ASN A 55 13.24 -0.59 -9.30
CA ASN A 55 12.89 0.84 -9.56
C ASN A 55 11.49 0.98 -8.98
N LEU A 56 10.66 -0.04 -9.31
CA LEU A 56 9.31 -0.15 -8.86
C LEU A 56 9.42 -0.23 -7.33
N LEU A 57 10.42 -0.95 -6.80
CA LEU A 57 10.62 -1.00 -5.35
C LEU A 57 11.18 0.36 -4.92
N LEU A 58 11.50 1.21 -5.90
CA LEU A 58 11.98 2.52 -5.58
C LEU A 58 10.87 3.52 -5.74
N ALA A 59 10.08 3.40 -6.80
CA ALA A 59 8.99 4.36 -6.99
C ALA A 59 8.03 4.26 -5.78
N LEU A 60 7.93 3.07 -5.18
CA LEU A 60 7.11 2.86 -3.99
C LEU A 60 7.72 3.73 -2.90
N VAL A 61 9.03 3.51 -2.66
CA VAL A 61 9.77 4.25 -1.63
C VAL A 61 9.73 5.79 -1.64
N GLY A 62 9.71 6.40 -2.83
CA GLY A 62 9.71 7.87 -2.87
C GLY A 62 8.37 8.44 -2.43
N GLU A 63 7.32 8.09 -3.20
CA GLU A 63 5.94 8.49 -2.97
C GLU A 63 5.65 8.36 -1.44
N VAL A 64 6.23 7.32 -0.82
CA VAL A 64 6.10 7.06 0.61
C VAL A 64 6.92 8.06 1.44
N GLY A 65 8.22 8.17 1.12
CA GLY A 65 9.07 9.12 1.84
C GLY A 65 8.39 10.45 1.68
N GLU A 66 7.69 10.67 0.57
CA GLU A 66 7.06 11.98 0.42
C GLU A 66 5.97 11.93 1.54
N LEU A 67 5.37 10.76 1.71
CA LEU A 67 4.36 10.60 2.76
C LEU A 67 5.08 10.96 4.06
N ALA A 68 6.22 10.29 4.33
CA ALA A 68 6.98 10.63 5.56
C ALA A 68 7.08 12.16 5.53
N GLU A 69 7.33 12.66 4.30
CA GLU A 69 7.48 14.07 4.06
C GLU A 69 6.11 14.66 3.91
N LEU A 70 5.26 14.35 4.87
CA LEU A 70 3.90 14.90 4.95
C LEU A 70 3.39 14.81 6.40
N PHE A 71 4.27 14.44 7.32
CA PHE A 71 3.91 14.29 8.74
C PHE A 71 4.93 14.62 9.88
N GLN A 72 6.21 14.43 9.55
CA GLN A 72 7.41 14.61 10.38
C GLN A 72 7.53 15.76 11.40
N TRP A 73 6.75 16.82 11.24
CA TRP A 73 6.80 17.97 12.15
C TRP A 73 5.45 18.30 12.75
N LYS A 74 4.54 17.35 12.52
CA LYS A 74 3.21 17.49 13.09
C LYS A 74 3.40 17.11 14.54
N SER A 75 3.21 18.08 15.42
CA SER A 75 3.34 17.94 16.86
C SER A 75 2.39 16.84 17.33
N ASP A 76 1.38 17.27 18.04
CA ASP A 76 0.32 16.40 18.55
C ASP A 76 -0.76 17.14 19.36
N THR A 77 -0.95 18.41 19.06
CA THR A 77 -1.99 19.24 19.69
C THR A 77 -2.73 19.81 18.50
N GLU A 78 -1.94 20.29 17.52
CA GLU A 78 -2.39 20.90 16.27
C GLU A 78 -3.38 20.10 15.41
N PRO A 79 -3.97 20.76 14.37
CA PRO A 79 -4.94 20.09 13.49
C PRO A 79 -4.40 18.74 13.01
N GLY A 80 -5.33 17.83 12.70
CA GLY A 80 -5.02 16.48 12.25
C GLY A 80 -5.48 16.27 10.81
N PRO A 81 -5.14 15.12 10.22
CA PRO A 81 -5.47 14.71 8.83
C PRO A 81 -6.74 15.27 8.10
N GLN A 82 -7.90 14.60 8.16
CA GLN A 82 -9.07 15.09 7.45
C GLN A 82 -9.56 16.52 7.71
N ALA A 83 -8.98 17.20 8.71
CA ALA A 83 -9.31 18.58 9.08
C ALA A 83 -8.32 19.56 8.46
N TRP A 84 -7.26 18.99 7.90
CA TRP A 84 -6.24 19.72 7.22
C TRP A 84 -6.79 20.57 6.06
N PRO A 85 -6.14 21.73 5.77
CA PRO A 85 -6.57 22.61 4.67
C PRO A 85 -6.72 21.77 3.38
N PRO A 86 -7.76 22.03 2.60
CA PRO A 86 -8.01 21.29 1.36
C PRO A 86 -6.75 20.81 0.61
N LYS A 87 -5.77 21.71 0.60
CA LYS A 87 -4.50 21.49 -0.07
C LYS A 87 -3.48 20.72 0.77
N GLU A 88 -3.40 21.00 2.07
CA GLU A 88 -2.47 20.21 2.89
C GLU A 88 -2.93 18.75 2.69
N ARG A 89 -4.23 18.52 2.85
CA ARG A 89 -4.72 17.16 2.69
C ARG A 89 -4.42 16.69 1.28
N ALA A 90 -4.17 17.64 0.38
CA ALA A 90 -3.81 17.30 -1.00
C ALA A 90 -2.70 16.23 -0.99
N ALA A 91 -1.42 16.67 -0.95
CA ALA A 91 -0.27 15.73 -0.91
C ALA A 91 -0.58 14.32 -0.33
N LEU A 92 -0.99 14.26 0.95
CA LEU A 92 -1.25 12.94 1.55
C LEU A 92 -2.06 11.91 0.74
N GLN A 93 -3.29 12.28 0.41
CA GLN A 93 -4.15 11.40 -0.37
C GLN A 93 -3.18 10.92 -1.48
N GLU A 94 -2.76 11.88 -2.30
CA GLU A 94 -1.88 11.56 -3.42
C GLU A 94 -0.66 10.65 -3.14
N GLU A 95 0.09 10.85 -2.05
CA GLU A 95 1.22 9.92 -1.77
C GLU A 95 0.74 8.49 -1.44
N LEU A 96 -0.17 8.35 -0.44
CA LEU A 96 -0.69 7.03 -0.06
C LEU A 96 -1.24 6.31 -1.30
N SER A 97 -1.97 7.03 -2.15
CA SER A 97 -2.50 6.41 -3.39
C SER A 97 -1.39 5.66 -4.17
N ASP A 98 -0.51 6.41 -4.86
CA ASP A 98 0.58 5.77 -5.62
C ASP A 98 1.52 4.89 -4.76
N VAL A 99 1.48 4.99 -3.41
CA VAL A 99 2.31 4.09 -2.63
C VAL A 99 1.63 2.74 -3.00
N LEU A 100 0.31 2.82 -3.16
CA LEU A 100 -0.50 1.62 -3.44
C LEU A 100 -0.48 1.10 -4.86
N ILE A 101 -0.72 1.98 -5.83
CA ILE A 101 -0.69 1.62 -7.28
C ILE A 101 0.71 1.03 -7.58
N TYR A 102 1.76 1.68 -7.07
CA TYR A 102 3.13 1.14 -7.24
C TYR A 102 3.33 -0.19 -6.53
N LEU A 103 2.94 -0.27 -5.24
CA LEU A 103 3.05 -1.52 -4.49
C LEU A 103 2.18 -2.53 -5.24
N VAL A 104 1.04 -2.08 -5.77
CA VAL A 104 0.17 -3.00 -6.53
C VAL A 104 1.07 -3.47 -7.74
N ALA A 105 1.98 -2.56 -8.14
CA ALA A 105 2.95 -2.78 -9.22
C ALA A 105 4.15 -3.60 -8.73
N LEU A 106 4.62 -3.39 -7.51
CA LEU A 106 5.72 -4.23 -7.05
C LEU A 106 5.23 -5.68 -6.95
N ALA A 107 4.11 -5.91 -6.25
CA ALA A 107 3.57 -7.25 -6.08
C ALA A 107 3.38 -7.85 -7.46
N ALA A 108 3.03 -6.97 -8.39
CA ALA A 108 2.82 -7.31 -9.79
C ALA A 108 4.04 -7.97 -10.43
N ARG A 109 5.18 -7.30 -10.51
CA ARG A 109 6.30 -7.99 -11.13
C ARG A 109 6.71 -9.30 -10.44
N CYS A 110 6.33 -9.43 -9.15
CA CYS A 110 6.65 -10.61 -8.34
C CYS A 110 5.54 -11.65 -8.28
N HIS A 111 4.60 -11.57 -9.21
CA HIS A 111 3.42 -12.47 -9.28
C HIS A 111 2.95 -12.86 -7.86
N VAL A 112 2.74 -11.86 -7.01
CA VAL A 112 2.22 -12.17 -5.69
C VAL A 112 0.76 -11.76 -5.64
N ASP A 113 -0.10 -12.67 -5.13
CA ASP A 113 -1.53 -12.37 -5.07
C ASP A 113 -1.97 -11.60 -3.81
N LEU A 114 -1.40 -10.40 -3.75
CA LEU A 114 -1.57 -9.39 -2.76
C LEU A 114 -2.88 -9.52 -2.01
N PRO A 115 -4.04 -9.54 -2.71
CA PRO A 115 -5.30 -9.68 -1.96
C PRO A 115 -5.20 -10.93 -1.12
N GLN A 116 -4.69 -12.01 -1.72
CA GLN A 116 -4.61 -13.23 -0.91
C GLN A 116 -3.47 -13.25 0.09
N ALA A 117 -2.29 -12.69 -0.29
CA ALA A 117 -1.11 -12.68 0.54
C ALA A 117 -1.42 -12.05 1.92
N VAL A 118 -2.23 -11.00 1.88
CA VAL A 118 -2.62 -10.29 3.09
C VAL A 118 -3.29 -11.25 4.11
N ILE A 119 -3.90 -12.30 3.57
CA ILE A 119 -4.57 -13.33 4.34
C ILE A 119 -3.65 -14.27 5.11
N SER A 120 -2.60 -14.78 4.48
CA SER A 120 -1.64 -15.71 5.14
C SER A 120 -0.80 -15.00 6.21
N LYS A 121 -0.57 -13.70 6.02
CA LYS A 121 0.19 -12.90 6.96
C LYS A 121 -0.76 -12.30 8.00
N MSE A 122 -2.02 -12.09 7.62
CA MSE A 122 -2.98 -11.53 8.57
C MSE A 122 -3.38 -12.54 9.61
O MSE A 122 -3.91 -12.18 10.65
CB MSE A 122 -4.22 -11.02 7.87
CG MSE A 122 -4.21 -9.53 7.71
SE MSE A 122 -5.97 -8.95 7.14
CE MSE A 122 -6.89 -8.71 8.87
N ASP A 123 -3.15 -13.82 9.33
CA ASP A 123 -3.47 -14.80 10.35
C ASP A 123 -2.33 -14.77 11.36
N THR A 124 -1.12 -14.56 10.87
CA THR A 124 0.01 -14.43 11.78
C THR A 124 -0.41 -13.28 12.76
N ASN A 125 -1.50 -12.60 12.36
CA ASN A 125 -2.16 -11.45 13.05
C ASN A 125 -3.27 -11.86 13.99
N ARG A 126 -3.75 -13.06 13.70
CA ARG A 126 -4.75 -13.70 14.50
C ARG A 126 -3.98 -15.02 14.85
N GLN A 127 -2.68 -14.83 15.13
CA GLN A 127 -1.77 -15.92 15.51
C GLN A 127 -0.45 -15.47 16.18
N ARG A 128 -0.24 -14.16 16.28
CA ARG A 128 0.97 -13.62 16.91
C ARG A 128 0.64 -12.28 17.55
N TYR A 129 -0.62 -11.88 17.37
CA TYR A 129 -1.15 -10.64 17.94
C TYR A 129 -2.69 -10.88 18.28
N PRO A 130 -2.99 -11.62 19.37
CA PRO A 130 -4.39 -11.90 19.76
C PRO A 130 -5.02 -10.83 20.68
N VAL A 131 -6.35 -10.69 20.63
CA VAL A 131 -7.03 -9.73 21.51
C VAL A 131 -6.85 -10.24 22.96
N HIS A 132 -6.39 -9.40 23.90
CA HIS A 132 -6.27 -9.90 25.29
C HIS A 132 -7.67 -10.02 25.95
N LEU A 133 -7.73 -10.56 27.17
CA LEU A 133 -9.02 -10.71 27.85
C LEU A 133 -8.86 -10.24 29.28
N SER A 134 -9.99 -10.26 30.00
CA SER A 134 -10.05 -9.87 31.43
C SER A 134 -8.89 -10.52 32.24
N PRO B 22 -1.50 -15.80 -17.35
CA PRO B 22 -1.62 -14.32 -17.42
C PRO B 22 -1.94 -13.91 -15.96
N PHE B 23 -0.95 -13.49 -15.17
CA PHE B 23 -1.17 -13.16 -13.76
C PHE B 23 -2.23 -12.09 -13.40
N ARG B 24 -3.23 -12.48 -12.64
CA ARG B 24 -4.20 -11.47 -12.23
C ARG B 24 -4.54 -11.56 -10.71
N PHE B 25 -4.89 -10.41 -10.11
CA PHE B 25 -5.24 -10.40 -8.66
C PHE B 25 -6.62 -10.87 -8.47
N SER B 26 -6.79 -11.68 -7.41
CA SER B 26 -8.08 -12.16 -7.02
C SER B 26 -9.02 -10.99 -6.69
N PRO B 27 -10.30 -11.24 -6.92
CA PRO B 27 -11.34 -10.26 -6.68
C PRO B 27 -11.43 -9.75 -5.28
N GLU B 28 -11.05 -10.59 -4.31
CA GLU B 28 -11.18 -10.27 -2.87
C GLU B 28 -10.01 -10.79 -2.03
N PRO B 29 -9.68 -10.15 -0.90
CA PRO B 29 -10.36 -8.96 -0.35
C PRO B 29 -10.27 -7.68 -1.16
N THR B 30 -11.33 -6.90 -1.17
CA THR B 30 -11.35 -5.58 -1.77
C THR B 30 -10.54 -4.74 -0.75
N LEU B 31 -10.12 -3.51 -1.10
CA LEU B 31 -9.35 -2.73 -0.11
C LEU B 31 -10.19 -2.56 1.16
N GLU B 32 -11.50 -2.69 0.91
CA GLU B 32 -12.56 -2.66 1.89
C GLU B 32 -12.31 -3.78 2.90
N ASP B 33 -12.21 -5.00 2.36
CA ASP B 33 -12.02 -6.19 3.18
C ASP B 33 -10.68 -6.21 3.94
N ILE B 34 -9.92 -5.17 3.63
CA ILE B 34 -8.71 -4.97 4.28
C ILE B 34 -8.92 -3.87 5.35
N ARG B 35 -9.78 -2.89 5.07
CA ARG B 35 -10.01 -1.85 6.05
C ARG B 35 -10.79 -2.45 7.22
N ARG B 36 -11.82 -3.26 6.91
CA ARG B 36 -12.64 -3.90 7.99
C ARG B 36 -11.81 -4.95 8.70
N LEU B 37 -11.08 -5.80 7.94
CA LEU B 37 -10.26 -6.79 8.61
C LEU B 37 -9.37 -5.99 9.64
N HIS B 38 -8.89 -4.80 9.25
CA HIS B 38 -8.04 -4.07 10.20
C HIS B 38 -8.57 -3.12 11.31
N ALA B 39 -9.69 -2.41 11.09
CA ALA B 39 -10.34 -1.47 12.05
C ALA B 39 -10.58 -1.99 13.51
N GLU B 40 -11.27 -3.12 13.43
CA GLU B 40 -11.67 -3.89 14.57
C GLU B 40 -10.39 -4.59 14.99
N PHE B 41 -9.70 -5.11 13.99
CA PHE B 41 -8.47 -5.76 14.26
C PHE B 41 -7.84 -4.81 15.26
N ALA B 42 -7.91 -3.53 14.92
CA ALA B 42 -7.40 -2.42 15.75
C ALA B 42 -8.43 -2.10 16.88
N ALA B 43 -9.69 -2.39 16.66
CA ALA B 43 -10.70 -2.10 17.72
C ALA B 43 -10.43 -2.90 18.97
N GLU B 44 -10.05 -4.17 18.82
CA GLU B 44 -9.84 -5.03 20.00
C GLU B 44 -8.45 -5.06 20.62
N ARG B 45 -7.56 -4.25 20.06
CA ARG B 45 -6.18 -4.12 20.53
C ARG B 45 -5.94 -2.61 20.90
N ASP B 46 -4.70 -2.28 21.24
CA ASP B 46 -4.32 -0.92 21.55
C ASP B 46 -4.72 -0.03 20.34
N TRP B 47 -6.01 0.31 20.34
CA TRP B 47 -6.66 1.12 19.31
C TRP B 47 -6.03 2.52 19.16
N GLU B 48 -5.61 3.12 20.28
CA GLU B 48 -4.97 4.41 20.23
C GLU B 48 -3.64 4.33 19.47
N GLN B 49 -2.85 3.29 19.77
CA GLN B 49 -1.59 3.06 19.07
C GLN B 49 -1.85 2.89 17.55
N PHE B 50 -2.77 2.00 17.18
CA PHE B 50 -3.10 1.75 15.76
C PHE B 50 -3.86 2.89 15.22
N HIS B 51 -4.06 3.87 16.07
CA HIS B 51 -4.79 5.02 15.62
C HIS B 51 -3.93 6.15 15.12
N GLN B 52 -2.99 6.61 15.93
CA GLN B 52 -2.18 7.79 15.57
C GLN B 52 -1.75 7.90 14.14
N PRO B 53 -2.11 9.02 13.46
CA PRO B 53 -1.72 9.17 12.03
C PRO B 53 -0.28 8.83 11.76
N ARG B 54 0.65 9.59 12.37
CA ARG B 54 2.06 9.40 12.13
C ARG B 54 2.51 7.97 12.50
N ASN B 55 1.69 7.33 13.34
CA ASN B 55 1.95 5.96 13.69
C ASN B 55 1.75 5.09 12.45
N LEU B 56 0.71 5.40 11.65
CA LEU B 56 0.45 4.66 10.42
C LEU B 56 1.22 5.26 9.21
N LEU B 57 1.56 6.54 9.27
CA LEU B 57 2.25 7.02 8.11
C LEU B 57 3.54 6.25 8.14
N LEU B 58 4.10 6.21 9.38
CA LEU B 58 5.35 5.56 9.66
C LEU B 58 5.27 4.08 9.47
N ALA B 59 4.23 3.44 10.01
CA ALA B 59 4.13 2.01 9.79
C ALA B 59 4.10 1.68 8.29
N LEU B 60 3.47 2.52 7.48
CA LEU B 60 3.41 2.20 6.09
C LEU B 60 4.72 2.52 5.38
N VAL B 61 5.44 3.52 5.92
CA VAL B 61 6.73 3.89 5.36
C VAL B 61 7.73 2.81 5.74
N GLY B 62 7.62 2.35 6.97
CA GLY B 62 8.55 1.32 7.42
C GLY B 62 8.34 0.08 6.55
N GLU B 63 7.08 -0.28 6.37
CA GLU B 63 6.87 -1.44 5.57
C GLU B 63 7.47 -1.28 4.23
N VAL B 64 7.43 -0.05 3.72
CA VAL B 64 8.03 0.31 2.44
C VAL B 64 9.57 0.28 2.68
N GLY B 65 9.91 -0.25 3.85
CA GLY B 65 11.28 -0.47 4.27
C GLY B 65 11.57 -1.98 4.39
N GLU B 66 10.75 -2.74 5.11
CA GLU B 66 11.01 -4.19 5.25
C GLU B 66 10.84 -4.85 3.89
N LEU B 67 10.25 -4.12 2.95
CA LEU B 67 10.00 -4.59 1.57
C LEU B 67 11.19 -4.37 0.60
N ALA B 68 11.88 -3.24 0.74
CA ALA B 68 13.02 -2.90 -0.09
C ALA B 68 14.21 -3.68 0.41
N GLU B 69 14.16 -4.05 1.69
CA GLU B 69 15.23 -4.82 2.32
C GLU B 69 15.54 -6.13 1.59
N LEU B 70 14.61 -7.10 1.64
CA LEU B 70 14.83 -8.36 0.92
C LEU B 70 15.15 -8.03 -0.58
N PHE B 71 14.61 -6.90 -1.09
CA PHE B 71 14.80 -6.52 -2.47
C PHE B 71 16.11 -5.88 -2.67
N GLN B 72 16.81 -5.59 -1.56
CA GLN B 72 18.11 -4.93 -1.67
C GLN B 72 19.04 -5.68 -2.62
N TRP B 73 19.17 -7.01 -2.48
CA TRP B 73 20.00 -7.70 -3.43
C TRP B 73 19.14 -8.53 -4.42
N LYS B 74 18.74 -7.84 -5.49
CA LYS B 74 17.95 -8.38 -6.59
C LYS B 74 18.07 -7.50 -7.84
N SER B 75 19.27 -7.41 -8.38
CA SER B 75 19.40 -6.65 -9.62
C SER B 75 18.73 -7.56 -10.71
N ASP B 76 19.04 -7.34 -11.97
CA ASP B 76 18.43 -8.21 -12.99
C ASP B 76 19.57 -9.20 -13.38
N THR B 77 20.47 -9.39 -12.40
CA THR B 77 21.63 -10.28 -12.48
C THR B 77 21.40 -11.26 -11.32
N GLU B 78 20.12 -11.51 -11.06
CA GLU B 78 19.63 -12.41 -10.00
C GLU B 78 18.13 -12.77 -10.26
N PRO B 79 17.84 -14.08 -10.48
CA PRO B 79 16.47 -14.55 -10.74
C PRO B 79 15.37 -13.66 -10.21
N GLY B 80 14.69 -13.00 -11.14
CA GLY B 80 13.57 -12.12 -10.83
C GLY B 80 12.64 -12.64 -9.75
N PRO B 81 11.76 -11.77 -9.19
CA PRO B 81 10.80 -12.09 -8.14
C PRO B 81 9.99 -13.39 -8.22
N GLN B 82 9.15 -13.55 -9.26
CA GLN B 82 8.30 -14.78 -9.38
C GLN B 82 8.98 -15.98 -8.73
N ALA B 83 10.19 -16.26 -9.23
CA ALA B 83 11.05 -17.33 -8.73
C ALA B 83 11.62 -17.10 -7.31
N TRP B 84 12.82 -16.53 -7.20
CA TRP B 84 13.48 -16.35 -5.87
C TRP B 84 13.53 -17.68 -5.11
N PRO B 85 14.47 -17.84 -4.15
CA PRO B 85 14.47 -19.13 -3.44
C PRO B 85 13.35 -19.15 -2.42
N PRO B 86 12.93 -20.36 -2.02
CA PRO B 86 11.86 -20.54 -1.05
C PRO B 86 11.86 -19.49 0.04
N LYS B 87 12.50 -19.83 1.15
CA LYS B 87 12.51 -18.92 2.31
C LYS B 87 12.50 -17.44 2.01
N GLU B 88 12.91 -17.06 0.79
CA GLU B 88 12.91 -15.64 0.43
C GLU B 88 11.55 -15.17 -0.03
N ARG B 89 11.02 -15.85 -1.04
CA ARG B 89 9.74 -15.44 -1.57
C ARG B 89 8.64 -16.00 -0.64
N ALA B 90 8.93 -17.13 -0.03
CA ALA B 90 7.98 -17.71 0.88
C ALA B 90 7.89 -16.68 1.98
N ALA B 91 8.91 -15.85 2.03
CA ALA B 91 8.98 -14.78 3.01
C ALA B 91 9.12 -13.45 2.34
N LEU B 92 8.70 -13.36 1.08
CA LEU B 92 8.74 -12.09 0.34
C LEU B 92 7.37 -11.51 0.12
N GLN B 93 6.35 -12.38 0.07
CA GLN B 93 4.98 -11.90 -0.12
C GLN B 93 4.59 -11.28 1.23
N GLU B 94 4.91 -11.95 2.35
CA GLU B 94 4.51 -11.42 3.67
C GLU B 94 5.04 -10.01 3.91
N GLU B 95 6.26 -9.73 3.43
CA GLU B 95 6.83 -8.41 3.62
C GLU B 95 5.91 -7.53 2.80
N LEU B 96 5.46 -8.03 1.65
CA LEU B 96 4.52 -7.31 0.80
C LEU B 96 3.19 -7.42 1.53
N SER B 97 3.11 -8.37 2.42
CA SER B 97 1.90 -8.48 3.20
C SER B 97 2.04 -7.43 4.27
N ASP B 98 3.21 -7.32 4.87
CA ASP B 98 3.31 -6.35 5.95
C ASP B 98 3.06 -4.90 5.55
N VAL B 99 3.41 -4.60 4.29
CA VAL B 99 3.24 -3.32 3.64
C VAL B 99 1.80 -3.18 3.20
N LEU B 100 1.25 -4.21 2.61
CA LEU B 100 -0.15 -4.12 2.19
C LEU B 100 -1.00 -3.91 3.40
N ILE B 101 -0.85 -4.70 4.46
CA ILE B 101 -1.66 -4.44 5.63
C ILE B 101 -1.47 -3.06 6.22
N TYR B 102 -0.26 -2.55 6.37
CA TYR B 102 -0.21 -1.21 6.99
C TYR B 102 -0.70 -0.06 6.15
N LEU B 103 -0.54 -0.12 4.82
CA LEU B 103 -0.98 1.03 4.03
C LEU B 103 -2.44 1.32 4.27
N VAL B 104 -3.30 0.32 4.04
CA VAL B 104 -4.74 0.47 4.26
C VAL B 104 -4.94 0.84 5.71
N ALA B 105 -4.18 0.24 6.60
CA ALA B 105 -4.32 0.58 8.06
C ALA B 105 -3.97 2.02 8.32
N LEU B 106 -3.25 2.62 7.37
CA LEU B 106 -2.88 4.02 7.47
C LEU B 106 -3.87 4.90 6.78
N ALA B 107 -4.32 4.49 5.60
CA ALA B 107 -5.28 5.35 4.86
C ALA B 107 -6.62 5.33 5.61
N ALA B 108 -7.25 4.17 5.79
CA ALA B 108 -8.55 4.11 6.59
C ALA B 108 -8.43 5.14 7.73
N ARG B 109 -7.39 5.05 8.55
CA ARG B 109 -7.20 6.11 9.57
C ARG B 109 -7.10 7.53 8.99
N CYS B 110 -6.20 7.73 8.03
CA CYS B 110 -5.98 9.06 7.43
C CYS B 110 -7.34 9.54 6.98
N HIS B 111 -8.11 8.56 6.51
CA HIS B 111 -9.46 8.78 5.98
C HIS B 111 -9.18 9.29 4.55
N VAL B 112 -9.11 8.35 3.62
CA VAL B 112 -8.90 8.63 2.20
C VAL B 112 -9.90 7.72 1.54
N ASP B 113 -10.80 8.24 0.69
CA ASP B 113 -11.72 7.35 -0.04
C ASP B 113 -10.76 6.84 -1.16
N LEU B 114 -9.70 6.16 -0.69
CA LEU B 114 -8.59 5.66 -1.52
C LEU B 114 -8.92 5.01 -2.87
N PRO B 115 -10.01 4.22 -2.94
CA PRO B 115 -10.22 3.68 -4.28
C PRO B 115 -10.52 4.80 -5.27
N GLN B 116 -11.16 5.88 -4.80
CA GLN B 116 -11.46 7.04 -5.69
C GLN B 116 -10.13 7.68 -6.09
N ALA B 117 -9.38 8.05 -5.04
CA ALA B 117 -8.07 8.65 -5.13
C ALA B 117 -7.38 8.03 -6.33
N VAL B 118 -7.12 6.73 -6.22
CA VAL B 118 -6.49 6.00 -7.30
C VAL B 118 -7.16 6.33 -8.65
N ILE B 119 -8.49 6.48 -8.65
CA ILE B 119 -9.16 6.81 -9.91
C ILE B 119 -8.67 8.16 -10.44
N SER B 120 -8.30 9.04 -9.54
CA SER B 120 -7.80 10.35 -9.97
C SER B 120 -6.25 10.47 -10.20
N LYS B 121 -5.47 9.47 -9.75
CA LYS B 121 -4.01 9.51 -9.92
C LYS B 121 -3.46 8.79 -11.16
N MSE B 122 -3.94 7.58 -11.46
CA MSE B 122 -3.45 6.86 -12.66
C MSE B 122 -3.57 7.81 -13.86
O MSE B 122 -2.79 7.78 -14.82
CB MSE B 122 -4.26 5.58 -12.90
CG MSE B 122 -3.71 4.27 -12.29
SE MSE B 122 -2.74 3.08 -13.48
CE MSE B 122 -3.03 4.09 -15.16
N ASP B 123 -4.57 8.68 -13.73
CA ASP B 123 -4.94 9.68 -14.73
C ASP B 123 -4.17 11.03 -14.61
N THR B 124 -3.51 11.24 -13.47
CA THR B 124 -2.73 12.45 -13.13
C THR B 124 -1.21 12.48 -13.51
N ASN B 125 -0.44 11.46 -13.07
CA ASN B 125 1.00 11.36 -13.45
C ASN B 125 0.92 10.60 -14.86
N ARG B 126 -0.24 10.69 -15.55
CA ARG B 126 -0.55 10.03 -16.87
C ARG B 126 -0.15 10.84 -18.14
N GLN B 127 -0.18 12.17 -18.00
CA GLN B 127 0.30 13.09 -19.05
C GLN B 127 1.53 13.67 -18.34
N ARG B 128 2.66 13.02 -18.56
CA ARG B 128 3.94 13.44 -18.02
C ARG B 128 4.85 13.08 -19.18
N TYR B 129 5.12 11.78 -19.31
CA TYR B 129 5.96 11.22 -20.34
C TYR B 129 5.29 11.18 -21.73
N PRO B 130 6.03 10.70 -22.78
CA PRO B 130 5.63 10.51 -24.22
C PRO B 130 5.01 9.09 -24.49
N PRO A 22 -17.40 8.87 10.92
CA PRO A 22 -16.88 7.73 10.18
C PRO A 22 -16.41 8.08 8.77
N PHE A 23 -16.39 7.10 7.85
CA PHE A 23 -15.96 7.33 6.45
C PHE A 23 -16.01 6.18 5.38
N ARG A 24 -16.66 6.45 4.24
CA ARG A 24 -16.65 5.49 3.16
C ARG A 24 -15.70 5.86 1.99
N PHE A 25 -15.04 4.78 1.53
CA PHE A 25 -14.09 4.69 0.39
C PHE A 25 -14.96 4.39 -0.84
N SER A 26 -14.73 3.20 -1.41
CA SER A 26 -15.46 2.71 -2.53
C SER A 26 -15.30 1.19 -2.71
N PRO A 27 -16.39 0.55 -3.09
CA PRO A 27 -16.45 -0.89 -3.32
C PRO A 27 -15.50 -1.09 -4.47
N GLU A 28 -15.34 -0.03 -5.25
CA GLU A 28 -14.45 -0.02 -6.40
C GLU A 28 -14.13 1.46 -6.71
N PRO A 29 -13.00 1.75 -7.36
CA PRO A 29 -12.05 0.75 -7.78
C PRO A 29 -11.40 -0.21 -6.79
N THR A 30 -11.73 -1.47 -6.98
CA THR A 30 -11.06 -2.47 -6.24
C THR A 30 -9.59 -2.30 -6.65
N LEU A 31 -8.75 -3.04 -5.97
CA LEU A 31 -7.34 -3.08 -6.22
C LEU A 31 -7.18 -3.45 -7.69
N GLU A 32 -8.32 -3.94 -8.20
CA GLU A 32 -8.47 -4.45 -9.54
C GLU A 32 -9.07 -3.54 -10.63
N ASP A 33 -10.11 -2.78 -10.38
CA ASP A 33 -10.60 -1.86 -11.42
C ASP A 33 -9.33 -1.03 -11.67
N ILE A 34 -8.77 -0.62 -10.50
CA ILE A 34 -7.58 0.18 -10.36
C ILE A 34 -6.48 -0.29 -11.18
N ARG A 35 -6.06 -1.50 -10.89
CA ARG A 35 -4.95 -2.18 -11.56
C ARG A 35 -5.11 -2.20 -13.13
N ARG A 36 -6.33 -2.50 -13.59
CA ARG A 36 -6.63 -2.58 -15.02
C ARG A 36 -6.36 -1.24 -15.70
N LEU A 37 -6.39 -0.20 -14.90
CA LEU A 37 -6.11 1.10 -15.41
C LEU A 37 -4.63 1.28 -15.65
N HIS A 38 -3.84 0.72 -14.73
CA HIS A 38 -2.38 0.84 -14.75
C HIS A 38 -1.53 -0.11 -15.60
N ALA A 39 -1.92 -1.37 -15.79
CA ALA A 39 -1.04 -2.22 -16.60
C ALA A 39 -1.17 -1.63 -17.99
N GLU A 40 -2.44 -1.35 -18.33
CA GLU A 40 -2.88 -0.77 -19.61
C GLU A 40 -2.37 0.68 -19.73
N PHE A 41 -2.38 1.39 -18.60
CA PHE A 41 -1.86 2.74 -18.53
C PHE A 41 -0.37 2.59 -19.00
N ALA A 42 0.27 1.59 -18.40
CA ALA A 42 1.62 1.16 -18.65
C ALA A 42 1.73 0.56 -20.05
N ALA A 43 0.76 -0.31 -20.38
CA ALA A 43 0.64 -1.00 -21.68
C ALA A 43 0.79 0.07 -22.78
N GLU A 44 0.21 1.26 -22.53
CA GLU A 44 0.33 2.37 -23.48
C GLU A 44 0.56 3.78 -22.92
N ARG A 45 1.73 3.94 -22.27
CA ARG A 45 2.21 5.21 -21.69
C ARG A 45 3.69 5.07 -21.14
N ASP A 46 4.61 4.77 -22.10
CA ASP A 46 6.10 4.66 -21.87
C ASP A 46 6.61 3.37 -21.10
N TRP A 47 6.14 2.25 -21.66
CA TRP A 47 6.29 0.81 -21.24
C TRP A 47 7.46 0.13 -20.49
N GLU A 48 8.58 -0.17 -21.14
CA GLU A 48 9.64 -0.84 -20.39
C GLU A 48 10.37 0.14 -19.50
N GLN A 49 10.32 -0.13 -18.20
CA GLN A 49 10.87 0.70 -17.13
C GLN A 49 9.90 0.34 -16.00
N PHE A 50 8.76 -0.16 -16.42
CA PHE A 50 7.74 -0.53 -15.47
C PHE A 50 7.90 -1.96 -14.99
N HIS A 51 9.07 -2.57 -15.21
CA HIS A 51 9.26 -3.97 -14.79
C HIS A 51 10.64 -4.37 -14.16
N GLN A 52 11.55 -3.40 -13.98
CA GLN A 52 12.84 -3.69 -13.32
C GLN A 52 12.56 -3.94 -11.84
N PRO A 53 12.78 -5.17 -11.34
CA PRO A 53 12.50 -5.35 -9.90
C PRO A 53 12.85 -4.04 -9.09
N ARG A 54 14.03 -3.93 -8.50
CA ARG A 54 14.43 -2.79 -7.74
C ARG A 54 13.78 -1.43 -8.04
N ASN A 55 13.41 -1.17 -9.29
CA ASN A 55 12.77 0.14 -9.60
C ASN A 55 11.50 0.40 -8.77
N LEU A 56 10.50 -0.49 -9.02
CA LEU A 56 9.24 -0.46 -8.35
C LEU A 56 9.51 -0.64 -6.84
N LEU A 57 10.40 -1.53 -6.42
CA LEU A 57 10.64 -1.56 -5.00
C LEU A 57 10.81 -0.14 -4.54
N LEU A 58 12.02 0.30 -4.87
CA LEU A 58 12.64 1.60 -4.62
C LEU A 58 11.72 2.72 -4.89
N ALA A 59 10.86 2.50 -5.89
CA ALA A 59 9.87 3.48 -6.25
C ALA A 59 8.84 3.50 -5.12
N LEU A 60 8.52 2.32 -4.58
CA LEU A 60 7.57 2.25 -3.46
C LEU A 60 8.21 3.19 -2.47
N VAL A 61 9.54 3.11 -2.37
CA VAL A 61 10.25 3.98 -1.44
C VAL A 61 10.14 5.44 -1.83
N GLY A 62 9.71 5.69 -3.06
CA GLY A 62 9.62 7.06 -3.52
C GLY A 62 8.38 7.81 -3.10
N GLU A 63 7.25 7.11 -3.18
CA GLU A 63 5.99 7.74 -2.82
C GLU A 63 5.69 7.85 -1.30
N VAL A 64 6.20 6.91 -0.51
CA VAL A 64 5.93 6.95 0.93
C VAL A 64 6.66 8.15 1.44
N GLY A 65 7.76 8.43 0.74
CA GLY A 65 8.52 9.59 1.13
C GLY A 65 7.78 10.74 0.53
N GLU A 66 7.30 10.57 -0.69
CA GLU A 66 6.58 11.66 -1.34
C GLU A 66 5.43 12.01 -0.51
N LEU A 67 4.94 11.02 0.25
CA LEU A 67 3.80 11.18 1.15
C LEU A 67 4.20 11.44 2.59
N ALA A 68 5.47 11.14 2.92
CA ALA A 68 5.91 11.41 4.28
C ALA A 68 5.95 12.95 4.37
N GLU A 69 6.72 13.54 3.50
CA GLU A 69 6.86 14.98 3.48
C GLU A 69 5.61 15.75 4.03
N LEU A 70 4.39 15.20 3.91
CA LEU A 70 3.19 15.92 4.40
C LEU A 70 3.05 16.01 5.91
N PHE A 71 3.64 15.01 6.56
CA PHE A 71 3.54 14.78 7.99
C PHE A 71 4.66 15.16 8.92
N GLN A 72 5.88 15.19 8.35
CA GLN A 72 7.12 15.44 9.08
C GLN A 72 7.07 16.39 10.30
N TRP A 73 6.33 17.51 10.20
CA TRP A 73 6.34 18.46 11.33
C TRP A 73 5.04 18.80 12.11
N LYS A 74 3.96 18.06 11.81
CA LYS A 74 2.66 18.18 12.45
C LYS A 74 2.69 17.54 13.84
N SER A 75 1.64 17.79 14.62
CA SER A 75 1.50 17.19 15.93
C SER A 75 0.16 16.49 15.88
N ASP A 76 -0.37 16.43 17.09
CA ASP A 76 -1.67 15.86 17.39
C ASP A 76 -2.38 16.92 18.24
N THR A 77 -1.97 18.20 18.12
CA THR A 77 -2.65 19.32 18.80
C THR A 77 -3.12 20.27 17.68
N GLU A 78 -2.38 20.26 16.57
CA GLU A 78 -2.78 21.06 15.40
C GLU A 78 -3.76 20.17 14.60
N PRO A 79 -4.62 20.78 13.75
CA PRO A 79 -5.56 19.95 12.97
C PRO A 79 -4.82 18.91 12.20
N GLY A 80 -5.57 18.09 11.44
CA GLY A 80 -4.98 17.04 10.63
C GLY A 80 -5.44 16.95 9.19
N PRO A 81 -5.14 15.79 8.53
CA PRO A 81 -5.47 15.48 7.15
C PRO A 81 -6.86 15.88 6.70
N GLN A 82 -7.78 14.93 6.52
CA GLN A 82 -9.14 15.21 6.08
C GLN A 82 -9.38 16.72 5.94
N ALA A 83 -9.57 17.37 7.07
CA ALA A 83 -9.76 18.82 7.20
C ALA A 83 -8.69 19.62 6.47
N TRP A 84 -7.97 19.05 5.53
CA TRP A 84 -6.91 19.86 4.98
C TRP A 84 -7.36 20.96 4.04
N PRO A 85 -6.65 22.12 4.11
CA PRO A 85 -6.95 23.24 3.25
C PRO A 85 -7.12 22.51 1.92
N PRO A 86 -7.91 23.11 1.04
CA PRO A 86 -8.40 22.86 -0.33
C PRO A 86 -7.32 22.47 -1.29
N LYS A 87 -6.08 22.65 -0.79
CA LYS A 87 -4.81 22.33 -1.49
C LYS A 87 -4.04 21.14 -0.88
N GLU A 88 -3.45 21.37 0.30
CA GLU A 88 -2.66 20.35 0.98
C GLU A 88 -3.27 18.94 1.12
N ARG A 89 -4.59 18.86 1.29
CA ARG A 89 -5.24 17.57 1.39
C ARG A 89 -5.14 16.99 -0.01
N ALA A 90 -5.08 17.86 -0.98
CA ALA A 90 -4.97 17.39 -2.37
C ALA A 90 -3.63 16.66 -2.32
N ALA A 91 -2.67 17.27 -1.63
CA ALA A 91 -1.32 16.74 -1.42
C ALA A 91 -1.34 15.34 -0.71
N LEU A 92 -1.74 15.28 0.57
CA LEU A 92 -1.79 14.02 1.28
C LEU A 92 -2.87 13.10 0.69
N GLN A 93 -3.48 13.53 -0.39
CA GLN A 93 -4.44 12.69 -1.05
C GLN A 93 -3.60 12.03 -2.15
N GLU A 94 -3.05 12.86 -3.03
CA GLU A 94 -2.23 12.36 -4.13
C GLU A 94 -1.14 11.41 -3.59
N GLU A 95 -0.51 11.81 -2.49
CA GLU A 95 0.53 11.01 -1.92
C GLU A 95 0.10 9.56 -1.56
N LEU A 96 -1.03 9.39 -0.85
CA LEU A 96 -1.50 8.03 -0.52
C LEU A 96 -1.84 7.19 -1.75
N SER A 97 -2.61 7.77 -2.66
CA SER A 97 -2.98 7.08 -3.88
C SER A 97 -1.72 6.62 -4.66
N ASP A 98 -0.65 7.42 -4.65
CA ASP A 98 0.57 7.07 -5.39
C ASP A 98 1.27 5.84 -4.82
N VAL A 99 1.29 5.71 -3.47
CA VAL A 99 1.91 4.56 -2.86
C VAL A 99 1.07 3.40 -3.39
N LEU A 100 -0.24 3.58 -3.30
CA LEU A 100 -1.21 2.57 -3.69
C LEU A 100 -1.11 2.32 -5.18
N ILE A 101 -0.92 3.37 -5.94
CA ILE A 101 -0.78 3.15 -7.37
C ILE A 101 0.60 2.55 -7.72
N TYR A 102 1.57 2.56 -6.79
CA TYR A 102 2.86 1.92 -7.05
C TYR A 102 2.59 0.52 -6.61
N LEU A 103 2.11 0.42 -5.36
CA LEU A 103 1.79 -0.82 -4.72
C LEU A 103 1.01 -1.75 -5.63
N VAL A 104 0.00 -1.25 -6.32
CA VAL A 104 -0.76 -2.10 -7.20
C VAL A 104 0.14 -2.52 -8.37
N ALA A 105 0.76 -1.53 -9.05
CA ALA A 105 1.65 -1.78 -10.19
C ALA A 105 2.74 -2.74 -9.77
N LEU A 106 3.50 -2.34 -8.74
CA LEU A 106 4.56 -3.15 -8.21
C LEU A 106 4.14 -4.53 -7.90
N ALA A 107 3.01 -4.67 -7.20
CA ALA A 107 2.55 -5.99 -6.78
C ALA A 107 2.10 -6.70 -8.00
N ALA A 108 1.42 -5.98 -8.85
CA ALA A 108 0.96 -6.60 -10.09
C ALA A 108 2.16 -7.23 -10.76
N ARG A 109 3.26 -6.50 -10.88
CA ARG A 109 4.49 -7.00 -11.53
C ARG A 109 5.02 -8.26 -10.89
N CYS A 110 4.93 -8.34 -9.56
CA CYS A 110 5.40 -9.53 -8.83
C CYS A 110 4.27 -10.56 -8.75
N HIS A 111 3.53 -10.66 -9.87
CA HIS A 111 2.37 -11.50 -9.98
C HIS A 111 1.93 -12.04 -8.65
N VAL A 112 2.00 -11.16 -7.64
CA VAL A 112 1.52 -11.48 -6.29
C VAL A 112 0.13 -10.90 -6.31
N ASP A 113 -0.83 -11.81 -6.42
CA ASP A 113 -2.26 -11.52 -6.40
C ASP A 113 -2.25 -10.81 -5.04
N LEU A 114 -2.52 -9.50 -4.99
CA LEU A 114 -2.32 -8.85 -3.70
C LEU A 114 -3.42 -8.89 -2.63
N PRO A 115 -4.72 -8.81 -3.02
CA PRO A 115 -5.97 -8.83 -2.22
C PRO A 115 -6.05 -10.14 -1.46
N GLN A 116 -5.56 -11.21 -2.06
CA GLN A 116 -5.56 -12.49 -1.34
C GLN A 116 -4.40 -12.54 -0.34
N ALA A 117 -3.25 -11.92 -0.67
CA ALA A 117 -2.10 -11.92 0.24
C ALA A 117 -2.38 -11.24 1.56
N VAL A 118 -3.13 -10.15 1.50
CA VAL A 118 -3.50 -9.40 2.69
C VAL A 118 -4.25 -10.37 3.63
N ILE A 119 -4.95 -11.35 3.07
CA ILE A 119 -5.68 -12.23 3.97
C ILE A 119 -4.61 -13.04 4.72
N SER A 120 -3.63 -13.56 4.00
CA SER A 120 -2.52 -14.30 4.63
C SER A 120 -1.95 -13.64 5.87
N LYS A 121 -1.26 -12.54 5.61
CA LYS A 121 -0.59 -11.81 6.65
C LYS A 121 -1.56 -11.29 7.73
N MSE A 122 -2.74 -10.82 7.32
CA MSE A 122 -3.73 -10.30 8.27
C MSE A 122 -4.17 -11.42 9.15
O MSE A 122 -4.32 -11.26 10.36
CB MSE A 122 -4.91 -9.66 7.57
CG MSE A 122 -4.78 -8.18 7.53
SE MSE A 122 -6.36 -7.26 7.14
CE MSE A 122 -6.67 -6.32 8.88
N ASP A 123 -4.35 -12.59 8.55
CA ASP A 123 -4.71 -13.71 9.36
C ASP A 123 -3.46 -13.86 10.29
N THR A 124 -2.26 -13.55 9.78
CA THR A 124 -1.02 -13.56 10.60
C THR A 124 -0.93 -12.33 11.53
N ASN A 125 -1.71 -11.27 11.26
CA ASN A 125 -1.77 -10.05 12.13
C ASN A 125 -2.39 -10.40 13.56
N ARG A 126 -3.60 -10.95 13.57
CA ARG A 126 -4.32 -11.23 14.81
C ARG A 126 -3.60 -12.15 15.85
N GLN A 127 -2.86 -13.12 15.32
CA GLN A 127 -2.09 -14.10 16.08
C GLN A 127 -0.77 -13.47 16.55
N ARG A 128 -0.29 -12.52 15.75
CA ARG A 128 0.94 -11.74 15.98
C ARG A 128 0.67 -10.66 17.04
N TYR A 129 -0.55 -10.15 16.96
CA TYR A 129 -1.06 -9.10 17.81
C TYR A 129 -2.22 -9.61 18.77
N PRO A 130 -2.00 -10.71 19.54
CA PRO A 130 -3.01 -11.28 20.46
C PRO A 130 -3.91 -10.30 21.24
N VAL A 131 -5.22 -10.58 21.19
CA VAL A 131 -6.20 -9.78 21.92
C VAL A 131 -6.34 -10.25 23.37
N HIS A 132 -6.25 -9.30 24.31
CA HIS A 132 -6.34 -9.62 25.74
C HIS A 132 -7.80 -9.62 26.31
N LEU A 133 -8.16 -10.65 27.07
CA LEU A 133 -9.51 -10.79 27.66
C LEU A 133 -9.52 -10.22 29.04
N SER A 134 -10.28 -10.85 29.95
CA SER A 134 -10.42 -10.42 31.37
C SER A 134 -9.08 -10.27 32.15
N PRO B 22 -3.05 -16.86 -17.15
CA PRO B 22 -3.14 -15.37 -17.13
C PRO B 22 -3.18 -14.65 -15.68
N PHE B 23 -2.42 -13.54 -15.49
CA PHE B 23 -2.39 -12.81 -14.18
C PHE B 23 -3.38 -11.63 -13.90
N ARG B 24 -3.68 -11.44 -12.62
CA ARG B 24 -4.53 -10.35 -12.12
C ARG B 24 -5.12 -10.65 -10.77
N PHE B 25 -5.12 -9.68 -9.88
CA PHE B 25 -5.65 -9.84 -8.51
C PHE B 25 -7.03 -10.35 -8.46
N SER B 26 -7.38 -10.69 -7.21
CA SER B 26 -8.71 -11.13 -6.89
C SER B 26 -9.53 -9.79 -6.71
N PRO B 27 -10.83 -9.94 -6.79
CA PRO B 27 -11.89 -8.94 -6.71
C PRO B 27 -12.19 -8.42 -5.33
N GLU B 28 -12.38 -9.40 -4.44
CA GLU B 28 -12.78 -9.22 -3.04
C GLU B 28 -11.50 -9.55 -2.25
N PRO B 29 -11.05 -8.66 -1.36
CA PRO B 29 -11.48 -7.34 -0.94
C PRO B 29 -10.89 -6.04 -1.50
N THR B 30 -11.69 -5.06 -2.00
CA THR B 30 -11.04 -3.83 -2.50
C THR B 30 -10.43 -2.99 -1.40
N LEU B 31 -10.71 -1.72 -1.49
CA LEU B 31 -10.20 -0.77 -0.53
C LEU B 31 -11.30 -0.63 0.54
N GLU B 32 -12.57 -0.65 0.15
CA GLU B 32 -13.53 -0.54 1.24
C GLU B 32 -13.45 -1.79 2.08
N ASP B 33 -13.33 -2.95 1.43
CA ASP B 33 -13.30 -4.19 2.21
C ASP B 33 -12.22 -4.11 3.28
N ILE B 34 -11.02 -3.82 2.78
CA ILE B 34 -9.86 -3.66 3.66
C ILE B 34 -10.08 -2.44 4.58
N ARG B 35 -10.88 -1.46 4.16
CA ARG B 35 -11.08 -0.34 5.03
C ARG B 35 -11.89 -0.96 6.12
N ARG B 36 -13.00 -1.59 5.70
CA ARG B 36 -13.90 -2.24 6.69
C ARG B 36 -13.10 -3.14 7.61
N LEU B 37 -12.16 -3.93 7.09
CA LEU B 37 -11.41 -4.85 7.95
C LEU B 37 -10.50 -4.19 9.03
N HIS B 38 -9.89 -3.07 8.67
CA HIS B 38 -9.03 -2.53 9.65
C HIS B 38 -9.48 -1.90 10.97
N ALA B 39 -10.57 -1.16 10.97
CA ALA B 39 -11.06 -0.38 12.11
C ALA B 39 -11.14 -0.80 13.61
N GLU B 40 -11.75 -1.97 13.55
CA GLU B 40 -12.25 -2.98 14.44
C GLU B 40 -11.02 -3.56 14.93
N PHE B 41 -10.27 -3.94 13.93
CA PHE B 41 -9.00 -4.44 14.19
C PHE B 41 -8.27 -3.12 14.62
N ALA B 42 -8.92 -1.93 14.52
CA ALA B 42 -8.23 -0.67 14.93
C ALA B 42 -8.83 -0.28 16.35
N ALA B 43 -10.15 -0.49 16.53
CA ALA B 43 -10.88 -0.18 17.81
C ALA B 43 -11.15 -1.27 18.84
N GLU B 44 -10.51 -2.43 18.66
CA GLU B 44 -10.57 -3.54 19.60
C GLU B 44 -9.15 -3.48 20.13
N ARG B 45 -8.32 -2.64 19.50
CA ARG B 45 -6.90 -2.54 19.87
C ARG B 45 -6.44 -1.17 20.34
N ASP B 46 -5.27 -1.06 20.97
CA ASP B 46 -4.84 0.26 21.42
C ASP B 46 -5.36 1.27 20.39
N TRP B 47 -6.27 2.12 20.87
CA TRP B 47 -6.93 3.09 20.01
C TRP B 47 -5.97 4.07 19.45
N GLU B 48 -5.30 4.79 20.34
CA GLU B 48 -4.38 5.88 20.01
C GLU B 48 -3.17 5.46 19.21
N GLN B 49 -2.74 4.25 19.47
CA GLN B 49 -1.59 3.79 18.76
C GLN B 49 -2.07 3.67 17.28
N PHE B 50 -3.26 3.07 17.04
CA PHE B 50 -3.74 2.95 15.66
C PHE B 50 -4.48 4.14 15.00
N HIS B 51 -5.39 4.76 15.72
CA HIS B 51 -6.17 5.85 15.23
C HIS B 51 -5.48 7.12 14.76
N GLN B 52 -4.16 7.13 14.83
CA GLN B 52 -3.41 8.33 14.44
C GLN B 52 -2.90 8.36 13.00
N PRO B 53 -2.81 9.60 12.43
CA PRO B 53 -2.28 9.62 11.06
C PRO B 53 -0.80 9.31 11.21
N ARG B 54 -0.02 10.31 11.71
CA ARG B 54 1.47 10.33 11.87
C ARG B 54 1.99 9.05 12.42
N ASN B 55 1.02 8.22 12.84
CA ASN B 55 1.17 6.83 13.32
C ASN B 55 0.90 5.83 12.15
N LEU B 56 -0.11 6.03 11.33
CA LEU B 56 -0.28 5.10 10.21
C LEU B 56 0.67 5.57 9.02
N LEU B 57 1.28 6.75 9.11
CA LEU B 57 2.11 7.08 7.96
C LEU B 57 3.34 6.26 8.05
N LEU B 58 3.91 6.32 9.27
CA LEU B 58 5.14 5.66 9.62
C LEU B 58 5.11 4.17 9.50
N ALA B 59 4.17 3.51 10.18
CA ALA B 59 4.14 2.07 9.97
C ALA B 59 4.14 1.75 8.46
N LEU B 60 3.53 2.61 7.66
CA LEU B 60 3.50 2.35 6.24
C LEU B 60 4.92 2.53 5.68
N VAL B 61 5.70 3.43 6.29
CA VAL B 61 7.10 3.64 5.87
C VAL B 61 7.95 2.48 6.34
N GLY B 62 7.75 2.05 7.57
CA GLY B 62 8.53 0.93 8.11
C GLY B 62 8.38 -0.36 7.31
N GLU B 63 7.16 -0.79 7.05
CA GLU B 63 7.12 -2.02 6.32
C GLU B 63 7.69 -1.79 4.93
N VAL B 64 8.03 -0.53 4.61
CA VAL B 64 8.67 -0.31 3.31
C VAL B 64 10.18 -0.62 3.33
N GLY B 65 10.83 -0.40 4.44
CA GLY B 65 12.23 -0.80 4.51
C GLY B 65 12.14 -2.33 4.55
N GLU B 66 10.91 -2.83 4.69
CA GLU B 66 10.67 -4.26 4.70
C GLU B 66 10.62 -4.64 3.24
N LEU B 67 9.58 -4.17 2.58
CA LEU B 67 9.36 -4.39 1.15
C LEU B 67 10.41 -3.68 0.31
N ALA B 68 11.64 -3.52 0.86
CA ALA B 68 12.83 -2.86 0.26
C ALA B 68 14.17 -3.61 0.34
N GLU B 69 14.55 -4.14 1.51
CA GLU B 69 15.86 -4.85 1.64
C GLU B 69 15.80 -5.86 0.45
N LEU B 70 14.60 -6.07 -0.13
CA LEU B 70 14.43 -7.05 -1.21
C LEU B 70 14.71 -6.59 -2.58
N PHE B 71 14.48 -5.37 -2.89
CA PHE B 71 14.85 -5.18 -4.25
C PHE B 71 16.24 -4.66 -4.31
N GLN B 72 16.68 -3.97 -3.22
CA GLN B 72 18.03 -3.30 -3.02
C GLN B 72 19.14 -4.04 -3.74
N TRP B 73 19.65 -5.07 -3.09
CA TRP B 73 20.73 -5.93 -3.57
C TRP B 73 20.41 -6.74 -4.83
N LYS B 74 19.16 -6.75 -5.29
CA LYS B 74 18.82 -7.54 -6.49
C LYS B 74 19.75 -7.25 -7.66
N SER B 75 20.37 -8.33 -8.12
CA SER B 75 21.32 -8.37 -9.26
C SER B 75 20.43 -8.61 -10.45
N ASP B 76 20.33 -7.65 -11.34
CA ASP B 76 19.44 -7.81 -12.48
C ASP B 76 19.51 -9.02 -13.42
N THR B 77 20.49 -9.88 -13.16
CA THR B 77 20.76 -11.06 -13.95
C THR B 77 20.08 -12.34 -13.39
N GLU B 78 19.92 -12.39 -12.04
CA GLU B 78 19.29 -13.52 -11.36
C GLU B 78 17.75 -13.50 -11.53
N PRO B 79 17.04 -14.58 -11.08
CA PRO B 79 15.58 -14.66 -11.18
C PRO B 79 14.97 -13.31 -10.84
N GLY B 80 13.84 -13.03 -11.49
CA GLY B 80 13.06 -11.82 -11.28
C GLY B 80 12.13 -12.06 -10.11
N PRO B 81 11.42 -11.04 -9.61
CA PRO B 81 10.52 -11.24 -8.47
C PRO B 81 9.72 -12.52 -8.58
N GLN B 82 9.37 -12.93 -9.81
CA GLN B 82 8.59 -14.16 -9.92
C GLN B 82 9.37 -15.48 -9.96
N ALA B 83 10.64 -15.45 -10.31
CA ALA B 83 11.46 -16.66 -10.34
C ALA B 83 12.14 -16.78 -8.97
N TRP B 84 11.97 -15.72 -8.16
CA TRP B 84 12.51 -15.66 -6.82
C TRP B 84 12.18 -16.98 -6.08
N PRO B 85 13.13 -17.50 -5.28
CA PRO B 85 12.83 -18.76 -4.58
C PRO B 85 11.53 -18.69 -3.80
N PRO B 86 11.03 -19.87 -3.37
CA PRO B 86 9.78 -20.01 -2.61
C PRO B 86 9.67 -18.93 -1.56
N LYS B 87 10.52 -19.04 -0.56
CA LYS B 87 10.55 -18.12 0.55
C LYS B 87 10.19 -16.67 0.20
N GLU B 88 11.14 -16.02 -0.48
CA GLU B 88 11.07 -14.59 -0.85
C GLU B 88 9.74 -14.09 -1.35
N ARG B 89 9.21 -14.81 -2.33
CA ARG B 89 7.93 -14.60 -3.00
C ARG B 89 6.73 -14.10 -2.14
N ALA B 90 6.71 -14.45 -0.86
CA ALA B 90 5.62 -14.02 0.04
C ALA B 90 6.23 -13.05 1.03
N ALA B 91 7.54 -13.10 1.17
CA ALA B 91 8.11 -12.14 2.09
C ALA B 91 7.51 -10.94 1.37
N LEU B 92 7.60 -10.98 0.03
CA LEU B 92 7.03 -9.93 -0.82
C LEU B 92 5.61 -9.62 -0.43
N GLN B 93 4.74 -10.58 -0.72
CA GLN B 93 3.36 -10.39 -0.39
C GLN B 93 3.08 -9.98 1.07
N GLU B 94 3.96 -10.34 2.02
CA GLU B 94 3.79 -9.93 3.44
C GLU B 94 3.82 -8.42 3.36
N GLU B 95 4.98 -7.96 2.88
CA GLU B 95 5.32 -6.55 2.71
C GLU B 95 4.23 -5.74 2.05
N LEU B 96 4.11 -5.98 0.76
CA LEU B 96 3.07 -5.38 -0.07
C LEU B 96 1.65 -5.33 0.54
N SER B 97 1.24 -6.39 1.25
CA SER B 97 -0.10 -6.45 1.91
C SER B 97 -0.17 -5.33 3.00
N ASP B 98 0.51 -5.54 4.13
CA ASP B 98 0.57 -4.56 5.23
C ASP B 98 0.92 -3.16 4.72
N VAL B 99 1.76 -3.07 3.66
CA VAL B 99 2.02 -1.72 3.08
C VAL B 99 0.61 -1.31 2.62
N LEU B 100 -0.13 -2.32 2.21
CA LEU B 100 -1.46 -2.09 1.75
C LEU B 100 -2.42 -2.06 2.99
N ILE B 101 -2.10 -2.80 4.03
CA ILE B 101 -2.96 -2.86 5.26
C ILE B 101 -2.77 -1.54 5.98
N TYR B 102 -1.50 -1.18 6.08
CA TYR B 102 -1.19 0.04 6.77
C TYR B 102 -1.47 1.26 5.93
N LEU B 103 -1.61 1.05 4.60
CA LEU B 103 -1.95 2.20 3.74
C LEU B 103 -3.50 2.35 3.77
N VAL B 104 -4.24 1.27 4.10
CA VAL B 104 -5.71 1.43 4.25
C VAL B 104 -5.80 2.11 5.60
N ALA B 105 -5.22 1.47 6.61
CA ALA B 105 -5.27 2.06 7.95
C ALA B 105 -4.93 3.57 7.83
N LEU B 106 -4.07 3.98 6.89
CA LEU B 106 -3.80 5.42 6.80
C LEU B 106 -4.90 6.17 5.96
N ALA B 107 -5.18 5.76 4.72
CA ALA B 107 -6.21 6.46 3.95
C ALA B 107 -7.63 6.37 4.58
N ALA B 108 -7.99 5.20 5.17
CA ALA B 108 -9.31 5.06 5.89
C ALA B 108 -9.40 6.17 6.97
N ARG B 109 -8.47 6.16 7.93
CA ARG B 109 -8.44 7.22 8.93
C ARG B 109 -8.36 8.52 8.17
N CYS B 110 -7.48 8.58 7.18
CA CYS B 110 -7.37 9.82 6.44
C CYS B 110 -8.65 10.30 5.83
N HIS B 111 -9.65 9.43 5.85
CA HIS B 111 -10.98 9.74 5.29
C HIS B 111 -10.77 10.26 3.90
N VAL B 112 -9.93 9.53 3.18
CA VAL B 112 -9.65 9.88 1.81
C VAL B 112 -10.41 8.89 0.93
N ASP B 113 -11.26 9.34 0.02
CA ASP B 113 -11.98 8.34 -0.83
C ASP B 113 -11.04 7.48 -1.74
N LEU B 114 -9.98 6.91 -1.13
CA LEU B 114 -8.92 6.09 -1.78
C LEU B 114 -9.21 5.36 -3.09
N PRO B 115 -10.25 4.51 -3.14
CA PRO B 115 -10.40 3.91 -4.47
C PRO B 115 -10.66 5.05 -5.45
N GLN B 116 -11.43 6.06 -5.01
CA GLN B 116 -11.78 7.24 -5.82
C GLN B 116 -10.63 8.25 -6.06
N ALA B 117 -9.77 8.37 -5.03
CA ALA B 117 -8.64 9.26 -5.02
C ALA B 117 -7.65 8.66 -6.00
N VAL B 118 -7.50 7.35 -5.93
CA VAL B 118 -6.61 6.69 -6.87
C VAL B 118 -7.22 6.92 -8.25
N ILE B 119 -8.52 6.63 -8.40
CA ILE B 119 -9.13 6.85 -9.71
C ILE B 119 -8.68 8.20 -10.22
N SER B 120 -9.14 9.21 -9.51
CA SER B 120 -8.76 10.56 -9.85
C SER B 120 -7.29 10.57 -10.27
N LYS B 121 -6.42 9.97 -9.43
CA LYS B 121 -4.98 9.97 -9.71
C LYS B 121 -4.53 9.13 -10.90
N MSE B 122 -5.19 8.05 -11.26
CA MSE B 122 -4.66 7.34 -12.43
C MSE B 122 -5.30 7.97 -13.66
O MSE B 122 -4.92 7.67 -14.79
CB MSE B 122 -4.90 5.82 -12.38
CG MSE B 122 -4.51 5.12 -13.70
SE MSE B 122 -3.77 3.29 -13.65
CE MSE B 122 -4.09 2.84 -11.83
N ASP B 123 -6.27 8.84 -13.41
CA ASP B 123 -6.99 9.57 -14.45
C ASP B 123 -6.18 10.84 -14.44
N THR B 124 -5.61 11.10 -13.27
CA THR B 124 -4.75 12.26 -13.11
C THR B 124 -3.43 11.76 -13.72
N ASN B 125 -3.13 10.48 -13.50
CA ASN B 125 -1.92 9.90 -14.01
C ASN B 125 -2.00 9.77 -15.51
N ARG B 126 -3.20 9.71 -16.10
CA ARG B 126 -3.26 9.68 -17.55
C ARG B 126 -2.27 10.74 -17.98
N GLN B 127 -2.26 11.83 -17.19
CA GLN B 127 -1.45 13.05 -17.34
C GLN B 127 0.01 13.01 -16.80
N ARG B 128 0.32 12.16 -15.80
CA ARG B 128 1.70 12.02 -15.30
C ARG B 128 2.29 10.88 -16.13
N TYR B 129 2.02 10.95 -17.46
CA TYR B 129 2.43 10.04 -18.54
C TYR B 129 1.43 10.05 -19.75
N PRO B 130 1.33 11.16 -20.52
CA PRO B 130 0.37 11.01 -21.62
C PRO B 130 0.88 9.97 -22.70
#